data_2IIJ
#
_entry.id   2IIJ
#
_cell.length_a   1.000
_cell.length_b   1.000
_cell.length_c   1.000
_cell.angle_alpha   90.00
_cell.angle_beta   90.00
_cell.angle_gamma   90.00
#
_symmetry.space_group_name_H-M   'P 1'
#
loop_
_entity.id
_entity.type
_entity.pdbx_description
1 polymer 'ASF1A protein'
2 polymer 'Histone H3'
#
loop_
_entity_poly.entity_id
_entity_poly.type
_entity_poly.pdbx_seq_one_letter_code
_entity_poly.pdbx_strand_id
1 'polypeptide(L)'
;GAMAKVQVNNVVVLDNPSPFYNPFQFEITFECIEDLSEDLEWKIIYVGSAESEEYDQVLDSVLVGPVPAGRHMFVFQADA
PNPGLIPDADAVGVTVVLITCTYRGQEFIRVGYYVNNEYTETELRENPPVKPDFSKLQRNILASNPRVTRFHINWEDN
;
A
2 'polypeptide(L)' GAMGKDIQLARRIRGERA B
#
# COMPACT_ATOMS: atom_id res chain seq x y z
N MET A 3 16.42 -5.94 17.56
CA MET A 3 16.56 -7.29 16.99
C MET A 3 15.48 -7.57 15.94
N ALA A 4 15.40 -6.73 14.94
CA ALA A 4 14.58 -7.04 13.78
C ALA A 4 15.49 -7.48 12.66
N LYS A 5 14.97 -8.24 11.71
CA LYS A 5 15.81 -8.78 10.63
C LYS A 5 15.74 -7.91 9.39
N VAL A 6 14.70 -7.09 9.31
CA VAL A 6 14.55 -6.19 8.19
C VAL A 6 13.98 -4.87 8.64
N GLN A 7 14.71 -3.82 8.31
CA GLN A 7 14.28 -2.48 8.57
C GLN A 7 14.15 -1.75 7.25
N VAL A 8 12.94 -1.62 6.74
CA VAL A 8 12.78 -0.90 5.50
C VAL A 8 12.86 0.59 5.77
N ASN A 9 13.64 1.25 4.96
CA ASN A 9 14.06 2.61 5.22
C ASN A 9 13.44 3.52 4.22
N ASN A 10 13.87 3.35 2.99
CA ASN A 10 13.42 4.22 1.92
C ASN A 10 12.38 3.51 1.10
N VAL A 11 11.55 4.29 0.48
CA VAL A 11 10.58 3.78 -0.42
C VAL A 11 10.37 4.77 -1.56
N VAL A 12 11.01 4.48 -2.66
CA VAL A 12 10.89 5.35 -3.81
C VAL A 12 9.75 4.84 -4.68
N VAL A 13 8.59 5.42 -4.49
CA VAL A 13 7.41 5.03 -5.22
C VAL A 13 7.49 5.54 -6.64
N LEU A 14 7.32 4.63 -7.56
CA LEU A 14 7.42 4.90 -8.97
C LEU A 14 6.05 5.14 -9.50
N ASP A 15 5.15 4.33 -8.99
CA ASP A 15 3.72 4.55 -9.18
C ASP A 15 3.29 5.78 -8.39
N ASN A 16 3.83 6.88 -8.82
CA ASN A 16 3.33 8.19 -8.49
C ASN A 16 2.24 8.47 -9.50
N PRO A 17 1.45 9.56 -9.40
CA PRO A 17 0.15 9.61 -10.06
C PRO A 17 0.20 9.21 -11.53
N SER A 18 -0.23 7.96 -11.74
CA SER A 18 -0.31 7.33 -13.05
C SER A 18 -1.63 6.59 -13.17
N PRO A 19 -2.00 6.13 -14.37
CA PRO A 19 -3.23 5.34 -14.58
C PRO A 19 -3.52 4.36 -13.46
N PHE A 20 -4.78 4.29 -13.07
CA PHE A 20 -5.24 3.34 -12.08
C PHE A 20 -5.05 1.91 -12.56
N TYR A 21 -4.92 1.73 -13.86
CA TYR A 21 -4.64 0.40 -14.40
C TYR A 21 -3.14 0.19 -14.61
N ASN A 22 -2.34 1.17 -14.17
CA ASN A 22 -0.91 0.99 -14.07
C ASN A 22 -0.65 0.27 -12.77
N PRO A 23 0.29 -0.65 -12.74
CA PRO A 23 0.59 -1.46 -11.56
C PRO A 23 1.33 -0.66 -10.49
N PHE A 24 1.00 -0.91 -9.22
CA PHE A 24 1.63 -0.24 -8.09
C PHE A 24 3.11 -0.53 -8.07
N GLN A 25 3.89 0.50 -8.22
CA GLN A 25 5.33 0.34 -8.34
C GLN A 25 6.03 0.99 -7.14
N PHE A 26 6.62 0.15 -6.30
CA PHE A 26 7.27 0.60 -5.07
C PHE A 26 8.73 0.20 -5.04
N GLU A 27 9.61 1.14 -5.19
CA GLU A 27 11.02 0.82 -5.14
C GLU A 27 11.49 0.97 -3.69
N ILE A 28 11.30 -0.09 -2.92
CA ILE A 28 11.62 -0.04 -1.50
C ILE A 28 13.06 -0.39 -1.23
N THR A 29 13.68 0.43 -0.42
CA THR A 29 15.03 0.19 0.03
C THR A 29 15.01 -0.20 1.51
N PHE A 30 15.23 -1.47 1.79
CA PHE A 30 15.19 -1.92 3.15
C PHE A 30 16.54 -2.47 3.53
N GLU A 31 16.84 -2.36 4.79
CA GLU A 31 18.07 -2.84 5.30
C GLU A 31 17.83 -4.08 6.09
N CYS A 32 18.28 -5.20 5.58
CA CYS A 32 18.15 -6.42 6.31
C CYS A 32 19.14 -6.36 7.42
N ILE A 33 18.60 -6.19 8.58
CA ILE A 33 19.38 -5.96 9.74
C ILE A 33 20.05 -7.22 10.21
N GLU A 34 19.45 -8.37 9.91
CA GLU A 34 20.02 -9.63 10.40
C GLU A 34 19.86 -10.73 9.38
N ASP A 35 20.34 -11.91 9.70
CA ASP A 35 20.14 -13.06 8.84
C ASP A 35 18.70 -13.53 8.94
N LEU A 36 18.15 -14.03 7.85
CA LEU A 36 16.76 -14.39 7.81
C LEU A 36 16.61 -15.91 7.85
N SER A 37 15.45 -16.38 8.28
CA SER A 37 15.19 -17.81 8.38
C SER A 37 14.11 -18.23 7.40
N GLU A 38 13.09 -17.40 7.32
CA GLU A 38 11.91 -17.67 6.53
C GLU A 38 11.87 -16.66 5.38
N ASP A 39 10.75 -16.54 4.71
CA ASP A 39 10.62 -15.57 3.65
C ASP A 39 9.92 -14.32 4.15
N LEU A 40 10.39 -13.20 3.63
CA LEU A 40 9.87 -11.89 3.94
C LEU A 40 8.62 -11.62 3.09
N GLU A 41 7.50 -11.31 3.71
CA GLU A 41 6.28 -11.12 2.90
C GLU A 41 5.88 -9.65 2.81
N TRP A 42 6.37 -8.96 1.81
CA TRP A 42 5.91 -7.60 1.54
C TRP A 42 4.63 -7.68 0.77
N LYS A 43 3.58 -7.10 1.28
CA LYS A 43 2.31 -7.15 0.60
C LYS A 43 1.77 -5.74 0.43
N ILE A 44 1.16 -5.50 -0.71
CA ILE A 44 0.52 -4.23 -0.95
C ILE A 44 -0.97 -4.41 -0.79
N ILE A 45 -1.52 -3.67 0.15
CA ILE A 45 -2.92 -3.80 0.47
C ILE A 45 -3.63 -2.51 0.11
N TYR A 46 -4.39 -2.57 -0.97
CA TYR A 46 -5.14 -1.43 -1.42
C TYR A 46 -6.49 -1.44 -0.75
N VAL A 47 -6.75 -0.44 0.05
CA VAL A 47 -8.04 -0.30 0.69
C VAL A 47 -9.14 -0.33 -0.37
N GLY A 48 -9.85 -1.45 -0.41
CA GLY A 48 -10.85 -1.66 -1.44
C GLY A 48 -11.98 -0.68 -1.34
N SER A 49 -12.33 -0.32 -0.11
CA SER A 49 -13.22 0.76 0.10
C SER A 49 -12.74 1.57 1.27
N ALA A 50 -12.39 2.80 1.01
CA ALA A 50 -12.18 3.74 2.08
C ALA A 50 -13.51 4.09 2.73
N GLU A 51 -14.59 3.50 2.18
CA GLU A 51 -15.89 3.60 2.78
C GLU A 51 -16.14 2.34 3.64
N SER A 52 -15.48 1.24 3.27
CA SER A 52 -15.46 0.05 4.07
C SER A 52 -14.12 -0.66 3.99
N GLU A 53 -13.40 -0.59 5.08
CA GLU A 53 -11.99 -0.94 5.12
C GLU A 53 -11.75 -2.44 4.96
N GLU A 54 -12.77 -3.22 5.29
CA GLU A 54 -12.70 -4.68 5.18
C GLU A 54 -12.59 -5.16 3.74
N TYR A 55 -12.64 -4.23 2.81
CA TYR A 55 -12.51 -4.54 1.39
C TYR A 55 -11.05 -4.59 0.97
N ASP A 56 -10.14 -4.28 1.91
CA ASP A 56 -8.72 -4.21 1.63
C ASP A 56 -8.25 -5.37 0.74
N GLN A 57 -7.86 -4.99 -0.48
CA GLN A 57 -7.40 -5.92 -1.50
C GLN A 57 -5.89 -6.09 -1.43
N VAL A 58 -5.39 -7.07 -2.16
CA VAL A 58 -4.00 -7.47 -2.11
C VAL A 58 -3.49 -7.54 -3.54
N LEU A 59 -2.57 -6.67 -3.85
CA LEU A 59 -2.09 -6.55 -5.21
C LEU A 59 -1.02 -7.59 -5.50
N ASP A 60 -0.05 -7.67 -4.61
CA ASP A 60 0.99 -8.68 -4.73
C ASP A 60 1.73 -8.82 -3.42
N SER A 61 2.46 -9.90 -3.26
CA SER A 61 3.25 -10.12 -2.09
C SER A 61 4.56 -10.77 -2.51
N VAL A 62 5.65 -10.06 -2.25
CA VAL A 62 6.96 -10.52 -2.69
C VAL A 62 7.68 -11.16 -1.53
N LEU A 63 8.25 -12.32 -1.79
CA LEU A 63 8.86 -13.10 -0.74
C LEU A 63 10.38 -13.07 -0.87
N VAL A 64 11.01 -12.31 0.01
CA VAL A 64 12.47 -12.26 0.08
C VAL A 64 12.96 -13.28 1.09
N GLY A 65 13.67 -14.29 0.63
CA GLY A 65 13.97 -15.44 1.47
C GLY A 65 15.01 -15.15 2.52
N PRO A 66 15.55 -16.19 3.16
CA PRO A 66 16.57 -16.01 4.16
C PRO A 66 17.83 -15.45 3.52
N VAL A 67 18.16 -14.25 3.93
CA VAL A 67 19.32 -13.55 3.42
C VAL A 67 20.12 -12.98 4.59
N PRO A 68 21.46 -13.02 4.50
CA PRO A 68 22.32 -12.56 5.58
C PRO A 68 22.51 -11.06 5.60
N ALA A 69 21.51 -10.43 6.12
CA ALA A 69 21.42 -8.97 6.23
C ALA A 69 21.72 -8.27 4.90
N GLY A 70 21.83 -6.95 4.95
CA GLY A 70 22.18 -6.19 3.78
C GLY A 70 21.19 -5.09 3.50
N ARG A 71 21.67 -3.88 3.44
CA ARG A 71 20.83 -2.74 3.09
C ARG A 71 20.81 -2.58 1.58
N HIS A 72 19.62 -2.71 1.00
CA HIS A 72 19.49 -2.70 -0.45
C HIS A 72 18.06 -2.41 -0.86
N MET A 73 17.90 -2.10 -2.14
CA MET A 73 16.61 -1.73 -2.69
C MET A 73 16.08 -2.84 -3.60
N PHE A 74 14.78 -3.07 -3.49
CA PHE A 74 14.07 -3.97 -4.39
C PHE A 74 12.91 -3.22 -4.96
N VAL A 75 12.38 -3.70 -6.05
CA VAL A 75 11.43 -2.93 -6.77
C VAL A 75 10.11 -3.69 -6.97
N PHE A 76 9.16 -3.24 -6.19
CA PHE A 76 7.82 -3.80 -6.10
C PHE A 76 6.97 -3.34 -7.27
N GLN A 77 6.16 -4.23 -7.80
CA GLN A 77 5.09 -3.85 -8.71
C GLN A 77 3.96 -4.85 -8.56
N ALA A 78 2.75 -4.39 -8.78
CA ALA A 78 1.59 -5.23 -8.58
C ALA A 78 0.41 -4.71 -9.36
N ASP A 79 -0.26 -5.59 -10.08
CA ASP A 79 -1.35 -5.18 -10.96
C ASP A 79 -2.52 -4.65 -10.14
N ALA A 80 -3.17 -3.63 -10.69
CA ALA A 80 -4.23 -2.88 -10.04
C ALA A 80 -5.35 -3.76 -9.48
N PRO A 81 -6.08 -3.20 -8.50
CA PRO A 81 -7.21 -3.87 -7.83
C PRO A 81 -8.43 -4.02 -8.73
N ASN A 82 -9.48 -4.62 -8.17
CA ASN A 82 -10.74 -4.76 -8.87
C ASN A 82 -11.55 -3.48 -8.76
N PRO A 83 -11.85 -2.87 -9.90
CA PRO A 83 -12.61 -1.63 -9.98
C PRO A 83 -14.01 -1.76 -9.39
N GLY A 84 -14.53 -2.97 -9.38
CA GLY A 84 -15.87 -3.20 -8.84
C GLY A 84 -15.88 -3.21 -7.33
N LEU A 85 -14.70 -3.34 -6.72
CA LEU A 85 -14.58 -3.39 -5.28
C LEU A 85 -14.66 -2.00 -4.68
N ILE A 86 -14.30 -1.02 -5.48
CA ILE A 86 -14.27 0.36 -5.01
C ILE A 86 -15.60 1.07 -5.19
N PRO A 87 -16.09 1.69 -4.11
CA PRO A 87 -17.26 2.54 -4.14
C PRO A 87 -16.98 3.95 -4.65
N ASP A 88 -18.03 4.66 -5.01
CA ASP A 88 -17.95 6.02 -5.54
C ASP A 88 -17.01 6.91 -4.75
N ALA A 89 -17.24 7.00 -3.46
CA ALA A 89 -16.58 8.01 -2.64
C ALA A 89 -15.11 7.67 -2.47
N ASP A 90 -14.78 6.43 -2.71
CA ASP A 90 -13.41 5.98 -2.60
C ASP A 90 -12.69 6.07 -3.94
N ALA A 91 -13.42 5.80 -5.01
CA ALA A 91 -12.82 5.66 -6.33
C ALA A 91 -12.33 7.00 -6.85
N VAL A 92 -13.16 8.00 -6.71
CA VAL A 92 -12.80 9.33 -7.07
C VAL A 92 -12.41 10.16 -5.85
N GLY A 93 -11.59 9.56 -5.00
CA GLY A 93 -11.32 10.09 -3.69
C GLY A 93 -10.02 9.56 -3.14
N VAL A 94 -9.89 9.64 -1.85
CA VAL A 94 -8.72 9.22 -1.15
C VAL A 94 -8.89 7.80 -0.64
N THR A 95 -7.80 7.09 -0.67
CA THR A 95 -7.72 5.68 -0.40
C THR A 95 -6.33 5.44 0.15
N VAL A 96 -6.04 4.26 0.67
CA VAL A 96 -4.69 3.98 1.12
C VAL A 96 -4.24 2.64 0.62
N VAL A 97 -2.95 2.55 0.29
CA VAL A 97 -2.41 1.31 -0.14
C VAL A 97 -1.17 1.06 0.70
N LEU A 98 -1.31 0.14 1.63
CA LEU A 98 -0.30 -0.05 2.64
C LEU A 98 0.53 -1.29 2.35
N ILE A 99 1.83 -1.15 2.49
CA ILE A 99 2.71 -2.28 2.32
C ILE A 99 3.14 -2.78 3.66
N THR A 100 2.49 -3.81 4.08
CA THR A 100 2.76 -4.42 5.32
C THR A 100 3.74 -5.55 5.11
N CYS A 101 4.92 -5.37 5.63
CA CYS A 101 5.89 -6.42 5.56
C CYS A 101 5.56 -7.41 6.65
N THR A 102 5.35 -8.62 6.23
CA THR A 102 4.76 -9.64 7.04
C THR A 102 5.70 -10.83 7.13
N TYR A 103 6.37 -10.96 8.25
CA TYR A 103 7.27 -12.08 8.43
C TYR A 103 6.68 -13.05 9.43
N ARG A 104 6.46 -14.28 8.97
CA ARG A 104 5.85 -15.34 9.79
C ARG A 104 4.37 -15.07 10.06
N GLY A 105 3.76 -14.26 9.22
CA GLY A 105 2.36 -13.91 9.39
C GLY A 105 2.19 -12.75 10.34
N GLN A 106 3.32 -12.21 10.75
CA GLN A 106 3.36 -11.09 11.64
C GLN A 106 3.83 -9.85 10.89
N GLU A 107 2.97 -8.85 10.82
CA GLU A 107 3.31 -7.64 10.09
C GLU A 107 4.15 -6.73 10.95
N PHE A 108 5.24 -6.22 10.39
CA PHE A 108 6.17 -5.42 11.15
C PHE A 108 6.38 -4.03 10.53
N ILE A 109 5.68 -3.73 9.43
CA ILE A 109 5.70 -2.39 8.88
C ILE A 109 4.49 -2.21 8.01
N ARG A 110 4.10 -0.97 7.80
CA ARG A 110 2.94 -0.67 7.01
C ARG A 110 3.11 0.68 6.36
N VAL A 111 3.46 0.71 5.09
CA VAL A 111 3.50 2.00 4.41
C VAL A 111 2.08 2.33 3.92
N GLY A 112 1.38 3.12 4.68
CA GLY A 112 0.06 3.51 4.27
C GLY A 112 0.13 4.68 3.34
N TYR A 113 0.49 4.38 2.13
CA TYR A 113 0.55 5.38 1.10
C TYR A 113 -0.84 5.74 0.68
N TYR A 114 -1.19 6.97 0.91
CA TYR A 114 -2.49 7.44 0.53
C TYR A 114 -2.57 7.44 -0.97
N VAL A 115 -3.49 6.72 -1.53
CA VAL A 115 -3.66 6.72 -2.96
C VAL A 115 -4.86 7.57 -3.28
N ASN A 116 -4.57 8.71 -3.87
CA ASN A 116 -5.59 9.65 -4.24
C ASN A 116 -6.01 9.38 -5.68
N ASN A 117 -7.23 8.90 -5.85
CA ASN A 117 -7.68 8.48 -7.15
C ASN A 117 -8.48 9.59 -7.77
N GLU A 118 -7.88 10.21 -8.75
CA GLU A 118 -8.47 11.33 -9.41
C GLU A 118 -8.21 11.23 -10.89
N TYR A 119 -9.21 11.61 -11.65
CA TYR A 119 -9.22 11.47 -13.10
C TYR A 119 -7.96 11.98 -13.79
N THR A 120 -7.68 11.36 -14.93
CA THR A 120 -6.46 11.59 -15.67
C THR A 120 -6.68 12.77 -16.58
N GLU A 121 -7.89 12.82 -17.11
CA GLU A 121 -8.27 13.85 -18.02
C GLU A 121 -8.68 15.10 -17.26
N THR A 122 -8.14 16.23 -17.70
CA THR A 122 -8.32 17.51 -17.02
C THR A 122 -9.79 17.85 -16.87
N GLU A 123 -10.60 17.49 -17.86
CA GLU A 123 -12.03 17.75 -17.86
C GLU A 123 -12.67 17.10 -16.65
N LEU A 124 -12.21 15.91 -16.37
CA LEU A 124 -12.79 15.10 -15.33
C LEU A 124 -12.31 15.56 -13.96
N ARG A 125 -11.18 16.24 -13.93
CA ARG A 125 -10.69 16.86 -12.70
C ARG A 125 -11.42 18.18 -12.48
N GLU A 126 -11.67 18.86 -13.59
CA GLU A 126 -12.45 20.10 -13.58
C GLU A 126 -13.82 19.87 -12.96
N ASN A 127 -14.43 18.76 -13.32
CA ASN A 127 -15.73 18.40 -12.76
C ASN A 127 -15.90 16.89 -12.77
N PRO A 128 -15.45 16.24 -11.68
CA PRO A 128 -15.50 14.79 -11.53
C PRO A 128 -16.88 14.21 -11.82
N PRO A 129 -16.97 13.39 -12.86
CA PRO A 129 -18.19 12.66 -13.21
C PRO A 129 -18.73 11.89 -12.01
N VAL A 130 -20.05 11.98 -11.85
CA VAL A 130 -20.76 11.44 -10.71
C VAL A 130 -20.40 9.99 -10.45
N LYS A 131 -20.29 9.21 -11.52
CA LYS A 131 -19.85 7.84 -11.42
C LYS A 131 -18.36 7.74 -11.65
N PRO A 132 -17.69 6.93 -10.83
CA PRO A 132 -16.24 6.73 -10.88
C PRO A 132 -15.81 5.96 -12.13
N ASP A 133 -14.92 6.56 -12.90
CA ASP A 133 -14.35 5.93 -14.07
C ASP A 133 -12.94 5.47 -13.77
N PHE A 134 -12.82 4.20 -13.44
CA PHE A 134 -11.55 3.60 -13.03
C PHE A 134 -10.57 3.55 -14.21
N SER A 135 -11.14 3.69 -15.39
CA SER A 135 -10.39 3.71 -16.63
C SER A 135 -9.82 5.10 -16.90
N LYS A 136 -10.43 6.11 -16.28
CA LYS A 136 -9.98 7.49 -16.41
C LYS A 136 -9.27 7.86 -15.14
N LEU A 137 -9.12 6.89 -14.29
CA LEU A 137 -8.69 7.13 -12.95
C LEU A 137 -7.18 7.13 -12.87
N GLN A 138 -6.64 8.07 -12.13
CA GLN A 138 -5.21 8.19 -11.95
C GLN A 138 -4.89 8.05 -10.48
N ARG A 139 -3.99 7.16 -10.14
CA ARG A 139 -3.63 6.95 -8.77
C ARG A 139 -2.47 7.86 -8.39
N ASN A 140 -2.78 8.90 -7.65
CA ASN A 140 -1.75 9.77 -7.10
C ASN A 140 -1.36 9.23 -5.75
N ILE A 141 -0.26 8.50 -5.73
CA ILE A 141 0.21 7.91 -4.52
C ILE A 141 0.90 9.00 -3.71
N LEU A 142 0.20 9.53 -2.72
CA LEU A 142 0.68 10.66 -1.93
C LEU A 142 1.94 10.30 -1.18
N ALA A 143 3.06 10.58 -1.81
CA ALA A 143 4.36 10.35 -1.23
C ALA A 143 4.66 11.46 -0.25
N SER A 144 3.81 12.47 -0.26
CA SER A 144 3.86 13.55 0.70
C SER A 144 3.18 13.10 2.01
N ASN A 145 2.51 11.96 1.96
CA ASN A 145 1.78 11.47 3.11
C ASN A 145 1.87 9.94 3.24
N PRO A 146 3.09 9.40 3.43
CA PRO A 146 3.26 7.97 3.71
C PRO A 146 3.00 7.67 5.18
N ARG A 147 1.90 7.00 5.46
CA ARG A 147 1.59 6.63 6.82
C ARG A 147 2.34 5.36 7.21
N VAL A 148 3.58 5.54 7.59
CA VAL A 148 4.45 4.42 7.91
C VAL A 148 4.23 3.96 9.35
N THR A 149 3.56 2.82 9.50
CA THR A 149 3.37 2.25 10.83
C THR A 149 4.06 0.91 10.88
N ARG A 150 5.18 0.90 11.58
CA ARG A 150 5.99 -0.28 11.67
C ARG A 150 5.95 -0.81 13.08
N PHE A 151 6.06 -2.10 13.19
CA PHE A 151 5.92 -2.79 14.44
C PHE A 151 7.09 -3.74 14.65
N HIS A 152 7.23 -4.25 15.86
CA HIS A 152 8.30 -5.19 16.18
C HIS A 152 7.74 -6.59 16.32
N ILE A 153 8.26 -7.51 15.54
CA ILE A 153 7.76 -8.87 15.53
C ILE A 153 8.86 -9.84 15.89
N ASN A 154 8.45 -11.01 16.34
CA ASN A 154 9.37 -12.08 16.58
C ASN A 154 9.56 -12.90 15.31
N TRP A 155 10.70 -12.67 14.70
CA TRP A 155 11.11 -13.33 13.47
C TRP A 155 11.55 -14.75 13.81
N GLU A 156 11.54 -15.03 15.10
CA GLU A 156 11.99 -16.28 15.64
C GLU A 156 10.81 -16.99 16.25
N ASP A 157 11.07 -18.10 16.90
CA ASP A 157 10.04 -18.79 17.65
C ASP A 157 10.38 -18.73 19.13
N ASN A 158 10.24 -17.54 19.71
CA ASN A 158 10.50 -17.36 21.12
C ASN A 158 9.20 -17.11 21.88
N GLY B 1 -23.09 8.32 6.49
CA GLY B 1 -22.24 7.40 5.69
C GLY B 1 -20.78 7.59 5.99
N ALA B 2 -19.93 6.82 5.33
CA ALA B 2 -18.49 6.93 5.52
C ALA B 2 -17.95 8.09 4.67
N MET B 3 -18.11 9.29 5.19
CA MET B 3 -17.64 10.48 4.51
C MET B 3 -16.19 10.75 4.90
N GLY B 4 -15.85 10.42 6.14
CA GLY B 4 -14.50 10.57 6.61
C GLY B 4 -13.60 9.46 6.10
N LYS B 5 -13.09 9.65 4.90
CA LYS B 5 -12.29 8.65 4.23
C LYS B 5 -10.95 8.47 4.94
N ASP B 6 -10.29 9.60 5.17
CA ASP B 6 -9.04 9.68 5.92
C ASP B 6 -9.03 8.77 7.16
N ILE B 7 -10.02 8.92 8.04
CA ILE B 7 -10.03 8.19 9.30
C ILE B 7 -10.24 6.69 9.07
N GLN B 8 -11.01 6.37 8.03
CA GLN B 8 -11.21 4.98 7.61
C GLN B 8 -9.86 4.33 7.28
N LEU B 9 -9.07 5.06 6.51
CA LEU B 9 -7.75 4.63 6.10
C LEU B 9 -6.82 4.59 7.30
N ALA B 10 -6.89 5.62 8.12
CA ALA B 10 -6.09 5.69 9.34
C ALA B 10 -6.31 4.45 10.20
N ARG B 11 -7.57 4.00 10.28
CA ARG B 11 -7.88 2.76 10.97
C ARG B 11 -7.03 1.63 10.43
N ARG B 12 -7.15 1.40 9.12
CA ARG B 12 -6.53 0.23 8.50
C ARG B 12 -5.01 0.26 8.67
N ILE B 13 -4.42 1.45 8.63
CA ILE B 13 -2.97 1.59 8.74
C ILE B 13 -2.50 1.43 10.18
N ARG B 14 -3.15 2.14 11.11
CA ARG B 14 -2.74 2.12 12.51
C ARG B 14 -2.64 0.70 13.05
N GLY B 15 -3.64 -0.10 12.74
CA GLY B 15 -3.64 -1.48 13.18
C GLY B 15 -4.95 -2.15 12.87
N GLU B 16 -5.31 -2.19 11.59
CA GLU B 16 -6.59 -2.77 11.22
C GLU B 16 -6.38 -3.81 10.13
N ARG B 17 -5.38 -3.57 9.30
CA ARG B 17 -4.87 -4.61 8.43
C ARG B 17 -4.43 -5.80 9.29
N ALA B 18 -3.66 -5.48 10.31
CA ALA B 18 -3.27 -6.44 11.34
C ALA B 18 -2.96 -5.67 12.61
N MET A 3 17.03 -9.16 17.53
CA MET A 3 15.65 -9.70 17.50
C MET A 3 15.01 -9.49 16.14
N ALA A 4 15.00 -8.26 15.66
CA ALA A 4 14.38 -7.95 14.38
C ALA A 4 15.32 -8.27 13.22
N LYS A 5 14.80 -8.98 12.23
CA LYS A 5 15.61 -9.42 11.11
C LYS A 5 15.52 -8.47 9.92
N VAL A 6 14.46 -7.65 9.85
CA VAL A 6 14.34 -6.63 8.82
C VAL A 6 13.82 -5.33 9.39
N GLN A 7 14.55 -4.29 9.07
CA GLN A 7 14.12 -2.94 9.32
C GLN A 7 13.93 -2.25 7.98
N VAL A 8 12.70 -2.15 7.54
CA VAL A 8 12.42 -1.46 6.31
C VAL A 8 12.55 0.02 6.55
N ASN A 9 13.39 0.64 5.77
CA ASN A 9 13.77 2.01 6.02
C ASN A 9 13.12 2.90 5.00
N ASN A 10 13.53 2.71 3.78
CA ASN A 10 13.11 3.58 2.71
C ASN A 10 12.10 2.91 1.83
N VAL A 11 11.26 3.71 1.23
CA VAL A 11 10.36 3.24 0.23
C VAL A 11 10.13 4.35 -0.80
N VAL A 12 10.82 4.26 -1.91
CA VAL A 12 10.68 5.27 -2.93
C VAL A 12 9.64 4.85 -3.94
N VAL A 13 8.49 5.50 -3.86
CA VAL A 13 7.37 5.17 -4.71
C VAL A 13 7.58 5.76 -6.08
N LEU A 14 7.29 4.96 -7.06
CA LEU A 14 7.57 5.28 -8.44
C LEU A 14 6.30 5.52 -9.19
N ASP A 15 5.35 4.67 -8.91
CA ASP A 15 4.02 4.75 -9.51
C ASP A 15 3.24 5.96 -8.99
N ASN A 16 3.95 7.06 -8.94
CA ASN A 16 3.42 8.36 -8.62
C ASN A 16 2.74 8.88 -9.89
N PRO A 17 1.97 9.98 -9.82
CA PRO A 17 0.70 10.06 -10.54
C PRO A 17 0.79 9.73 -12.01
N SER A 18 0.39 8.50 -12.27
CA SER A 18 0.28 7.94 -13.60
C SER A 18 -1.03 7.16 -13.66
N PRO A 19 -1.46 6.69 -14.84
CA PRO A 19 -2.69 5.89 -14.98
C PRO A 19 -2.89 4.90 -13.84
N PHE A 20 -4.13 4.75 -13.42
CA PHE A 20 -4.48 3.80 -12.38
C PHE A 20 -4.13 2.39 -12.82
N TYR A 21 -4.19 2.14 -14.12
CA TYR A 21 -3.85 0.85 -14.66
C TYR A 21 -2.34 0.67 -14.75
N ASN A 22 -1.60 1.72 -14.47
CA ASN A 22 -0.17 1.60 -14.27
C ASN A 22 0.06 1.03 -12.90
N PRO A 23 0.70 -0.13 -12.85
CA PRO A 23 0.85 -0.93 -11.63
C PRO A 23 1.61 -0.20 -10.52
N PHE A 24 1.34 -0.61 -9.28
CA PHE A 24 2.01 -0.05 -8.12
C PHE A 24 3.46 -0.35 -8.21
N GLN A 25 4.27 0.65 -7.98
CA GLN A 25 5.70 0.49 -8.12
C GLN A 25 6.38 1.07 -6.89
N PHE A 26 6.57 0.22 -5.90
CA PHE A 26 7.23 0.58 -4.67
C PHE A 26 8.65 0.14 -4.67
N GLU A 27 9.57 1.06 -4.78
CA GLU A 27 10.96 0.70 -4.73
C GLU A 27 11.42 0.78 -3.29
N ILE A 28 11.23 -0.29 -2.54
CA ILE A 28 11.59 -0.29 -1.13
C ILE A 28 13.07 -0.56 -0.90
N THR A 29 13.62 0.17 0.06
CA THR A 29 14.96 -0.10 0.55
C THR A 29 14.88 -0.52 2.01
N PHE A 30 15.10 -1.79 2.30
CA PHE A 30 15.03 -2.25 3.65
C PHE A 30 16.34 -2.87 4.05
N GLU A 31 16.61 -2.83 5.32
CA GLU A 31 17.84 -3.38 5.82
C GLU A 31 17.54 -4.62 6.59
N CYS A 32 18.07 -5.71 6.12
CA CYS A 32 17.96 -6.91 6.89
C CYS A 32 18.91 -6.77 8.03
N ILE A 33 18.33 -6.61 9.18
CA ILE A 33 19.10 -6.36 10.37
C ILE A 33 19.83 -7.61 10.79
N GLU A 34 19.21 -8.75 10.52
CA GLU A 34 19.84 -10.01 10.84
C GLU A 34 19.52 -11.02 9.74
N ASP A 35 20.24 -12.14 9.74
CA ASP A 35 20.03 -13.19 8.75
C ASP A 35 18.61 -13.73 8.85
N LEU A 36 17.93 -13.83 7.72
CA LEU A 36 16.54 -14.25 7.73
C LEU A 36 16.50 -15.76 7.70
N SER A 37 15.44 -16.32 8.25
CA SER A 37 15.30 -17.76 8.32
C SER A 37 14.16 -18.24 7.44
N GLU A 38 13.12 -17.43 7.42
CA GLU A 38 11.91 -17.76 6.68
C GLU A 38 11.72 -16.70 5.60
N ASP A 39 10.56 -16.68 5.00
CA ASP A 39 10.30 -15.80 3.88
C ASP A 39 9.62 -14.52 4.34
N LEU A 40 10.07 -13.43 3.77
CA LEU A 40 9.53 -12.12 4.04
C LEU A 40 8.39 -11.84 3.09
N GLU A 41 7.20 -11.60 3.60
CA GLU A 41 6.04 -11.45 2.70
C GLU A 41 5.59 -9.99 2.61
N TRP A 42 6.16 -9.26 1.68
CA TRP A 42 5.72 -7.89 1.42
C TRP A 42 4.43 -7.94 0.67
N LYS A 43 3.45 -7.22 1.13
CA LYS A 43 2.18 -7.21 0.45
C LYS A 43 1.66 -5.81 0.29
N ILE A 44 1.04 -5.53 -0.84
CA ILE A 44 0.40 -4.24 -1.04
C ILE A 44 -1.10 -4.42 -0.89
N ILE A 45 -1.65 -3.68 0.05
CA ILE A 45 -3.05 -3.78 0.37
C ILE A 45 -3.74 -2.47 0.02
N TYR A 46 -4.48 -2.52 -1.06
CA TYR A 46 -5.22 -1.38 -1.53
C TYR A 46 -6.59 -1.39 -0.88
N VAL A 47 -6.95 -0.33 -0.21
CA VAL A 47 -8.28 -0.22 0.34
C VAL A 47 -9.32 -0.26 -0.78
N GLY A 48 -10.09 -1.35 -0.82
CA GLY A 48 -10.99 -1.58 -1.92
C GLY A 48 -12.16 -0.64 -1.92
N SER A 49 -12.63 -0.30 -0.74
CA SER A 49 -13.56 0.77 -0.60
C SER A 49 -13.14 1.63 0.55
N ALA A 50 -12.85 2.88 0.28
CA ALA A 50 -12.68 3.87 1.33
C ALA A 50 -14.01 4.10 2.05
N GLU A 51 -15.04 3.38 1.61
CA GLU A 51 -16.30 3.37 2.30
C GLU A 51 -16.44 2.08 3.12
N SER A 52 -15.61 1.08 2.81
CA SER A 52 -15.60 -0.17 3.52
C SER A 52 -14.20 -0.49 4.04
N GLU A 53 -14.04 -1.68 4.55
CA GLU A 53 -12.74 -2.14 5.02
C GLU A 53 -12.53 -3.60 4.68
N GLU A 54 -13.55 -4.20 4.09
CA GLU A 54 -13.53 -5.62 3.75
C GLU A 54 -13.06 -5.80 2.32
N TYR A 55 -13.05 -4.68 1.60
CA TYR A 55 -12.79 -4.70 0.17
C TYR A 55 -11.31 -4.70 -0.15
N ASP A 56 -10.48 -4.36 0.83
CA ASP A 56 -9.04 -4.24 0.64
C ASP A 56 -8.47 -5.37 -0.22
N GLN A 57 -7.97 -4.97 -1.38
CA GLN A 57 -7.40 -5.89 -2.34
C GLN A 57 -5.90 -6.06 -2.12
N VAL A 58 -5.34 -7.07 -2.76
CA VAL A 58 -3.97 -7.48 -2.58
C VAL A 58 -3.31 -7.54 -3.94
N LEU A 59 -2.47 -6.59 -4.20
CA LEU A 59 -1.91 -6.42 -5.52
C LEU A 59 -0.87 -7.49 -5.79
N ASP A 60 -0.06 -7.77 -4.78
CA ASP A 60 0.87 -8.88 -4.84
C ASP A 60 1.53 -9.06 -3.50
N SER A 61 2.36 -10.09 -3.40
CA SER A 61 3.10 -10.34 -2.19
C SER A 61 4.40 -11.04 -2.54
N VAL A 62 5.49 -10.37 -2.29
CA VAL A 62 6.81 -10.88 -2.67
C VAL A 62 7.48 -11.50 -1.47
N LEU A 63 8.03 -12.70 -1.68
CA LEU A 63 8.69 -13.38 -0.59
C LEU A 63 10.20 -13.27 -0.74
N VAL A 64 10.82 -12.45 0.09
CA VAL A 64 12.26 -12.36 0.16
C VAL A 64 12.74 -13.31 1.24
N GLY A 65 13.58 -14.27 0.87
CA GLY A 65 13.83 -15.38 1.75
C GLY A 65 14.89 -15.09 2.78
N PRO A 66 15.53 -16.13 3.29
CA PRO A 66 16.63 -15.96 4.23
C PRO A 66 17.80 -15.28 3.54
N VAL A 67 18.14 -14.13 4.07
CA VAL A 67 19.14 -13.28 3.50
C VAL A 67 20.07 -12.77 4.61
N PRO A 68 21.38 -12.66 4.33
CA PRO A 68 22.37 -12.32 5.35
C PRO A 68 22.56 -10.84 5.58
N ALA A 69 21.58 -10.31 6.27
CA ALA A 69 21.50 -8.89 6.61
C ALA A 69 21.75 -7.95 5.42
N GLY A 70 21.70 -6.65 5.68
CA GLY A 70 22.15 -5.71 4.69
C GLY A 70 21.01 -4.88 4.19
N ARG A 71 21.19 -3.58 4.21
CA ARG A 71 20.21 -2.70 3.61
C ARG A 71 20.35 -2.76 2.11
N HIS A 72 19.27 -3.05 1.45
CA HIS A 72 19.25 -3.20 0.02
C HIS A 72 17.88 -2.89 -0.53
N MET A 73 17.87 -2.24 -1.67
CA MET A 73 16.64 -1.82 -2.28
C MET A 73 16.19 -2.83 -3.31
N PHE A 74 14.89 -3.10 -3.30
CA PHE A 74 14.27 -3.94 -4.29
C PHE A 74 13.00 -3.27 -4.73
N VAL A 75 12.67 -3.45 -5.97
CA VAL A 75 11.55 -2.76 -6.51
C VAL A 75 10.36 -3.69 -6.66
N PHE A 76 9.27 -3.25 -6.07
CA PHE A 76 8.13 -4.08 -5.78
C PHE A 76 6.89 -3.54 -6.49
N GLN A 77 6.39 -4.29 -7.45
CA GLN A 77 5.38 -3.77 -8.39
C GLN A 77 4.30 -4.81 -8.62
N ALA A 78 3.10 -4.32 -8.91
CA ALA A 78 1.95 -5.18 -9.19
C ALA A 78 0.81 -4.33 -9.72
N ASP A 79 0.01 -4.89 -10.62
CA ASP A 79 -1.06 -4.13 -11.26
C ASP A 79 -2.08 -3.64 -10.24
N ALA A 80 -2.98 -2.79 -10.69
CA ALA A 80 -3.89 -2.07 -9.84
C ALA A 80 -4.95 -2.95 -9.22
N PRO A 81 -5.62 -2.45 -8.17
CA PRO A 81 -6.71 -3.15 -7.50
C PRO A 81 -7.87 -3.43 -8.44
N ASN A 82 -8.78 -4.27 -7.98
CA ASN A 82 -9.89 -4.70 -8.79
C ASN A 82 -10.88 -3.58 -9.02
N PRO A 83 -11.02 -3.18 -10.29
CA PRO A 83 -11.92 -2.11 -10.71
C PRO A 83 -13.38 -2.43 -10.38
N GLY A 84 -13.70 -3.72 -10.33
CA GLY A 84 -15.04 -4.14 -9.99
C GLY A 84 -15.23 -4.26 -8.48
N LEU A 85 -14.31 -3.69 -7.72
CA LEU A 85 -14.37 -3.73 -6.26
C LEU A 85 -14.51 -2.33 -5.70
N ILE A 86 -13.88 -1.35 -6.35
CA ILE A 86 -13.95 0.03 -5.88
C ILE A 86 -15.32 0.66 -6.14
N PRO A 87 -15.91 1.26 -5.10
CA PRO A 87 -17.15 2.01 -5.21
C PRO A 87 -16.93 3.42 -5.75
N ASP A 88 -18.00 4.03 -6.22
CA ASP A 88 -17.99 5.37 -6.79
C ASP A 88 -17.20 6.36 -5.94
N ALA A 89 -17.54 6.41 -4.65
CA ALA A 89 -17.03 7.45 -3.78
C ALA A 89 -15.55 7.28 -3.52
N ASP A 90 -15.09 6.04 -3.58
CA ASP A 90 -13.70 5.74 -3.31
C ASP A 90 -12.82 6.00 -4.53
N ALA A 91 -13.34 5.67 -5.70
CA ALA A 91 -12.53 5.58 -6.90
C ALA A 91 -11.96 6.92 -7.33
N VAL A 92 -12.76 7.95 -7.18
CA VAL A 92 -12.41 9.25 -7.68
C VAL A 92 -11.93 10.20 -6.59
N GLY A 93 -11.04 9.70 -5.76
CA GLY A 93 -10.58 10.43 -4.60
C GLY A 93 -9.51 9.69 -3.85
N VAL A 94 -9.59 9.72 -2.54
CA VAL A 94 -8.55 9.19 -1.72
C VAL A 94 -8.83 7.78 -1.25
N THR A 95 -7.78 6.99 -1.35
CA THR A 95 -7.75 5.64 -0.87
C THR A 95 -6.38 5.44 -0.26
N VAL A 96 -6.16 4.37 0.44
CA VAL A 96 -4.85 4.06 0.96
C VAL A 96 -4.39 2.68 0.53
N VAL A 97 -3.11 2.56 0.26
CA VAL A 97 -2.55 1.31 -0.15
C VAL A 97 -1.31 1.06 0.72
N LEU A 98 -1.41 0.10 1.62
CA LEU A 98 -0.38 -0.11 2.61
C LEU A 98 0.48 -1.28 2.24
N ILE A 99 1.70 -1.28 2.72
CA ILE A 99 2.58 -2.41 2.51
C ILE A 99 2.94 -3.02 3.83
N THR A 100 2.33 -4.15 4.12
CA THR A 100 2.58 -4.84 5.33
C THR A 100 3.53 -5.98 5.07
N CYS A 101 4.70 -5.89 5.64
CA CYS A 101 5.65 -6.98 5.54
C CYS A 101 5.29 -8.05 6.54
N THR A 102 4.93 -9.19 6.02
CA THR A 102 4.47 -10.30 6.81
C THR A 102 5.52 -11.39 6.85
N TYR A 103 6.24 -11.48 7.94
CA TYR A 103 7.25 -12.50 8.07
C TYR A 103 6.72 -13.56 9.01
N ARG A 104 6.77 -14.82 8.57
CA ARG A 104 6.30 -15.95 9.36
C ARG A 104 4.79 -15.93 9.56
N GLY A 105 4.09 -15.09 8.79
CA GLY A 105 2.65 -15.00 8.93
C GLY A 105 2.25 -13.91 9.90
N GLN A 106 3.23 -13.16 10.37
CA GLN A 106 2.99 -12.05 11.26
C GLN A 106 3.49 -10.76 10.62
N GLU A 107 2.65 -9.74 10.58
CA GLU A 107 2.97 -8.49 9.91
C GLU A 107 3.79 -7.60 10.83
N PHE A 108 4.87 -7.02 10.29
CA PHE A 108 5.78 -6.24 11.11
C PHE A 108 5.94 -4.80 10.63
N ILE A 109 5.35 -4.43 9.51
CA ILE A 109 5.38 -3.04 9.09
C ILE A 109 4.21 -2.78 8.17
N ARG A 110 3.83 -1.53 8.06
CA ARG A 110 2.67 -1.13 7.32
C ARG A 110 2.89 0.27 6.78
N VAL A 111 3.10 0.38 5.48
CA VAL A 111 3.29 1.70 4.88
C VAL A 111 2.01 2.11 4.17
N GLY A 112 1.25 2.97 4.81
CA GLY A 112 0.01 3.41 4.22
C GLY A 112 0.20 4.63 3.38
N TYR A 113 0.55 4.37 2.14
CA TYR A 113 0.61 5.42 1.15
C TYR A 113 -0.76 5.68 0.62
N TYR A 114 -1.19 6.90 0.74
CA TYR A 114 -2.47 7.28 0.21
C TYR A 114 -2.42 7.24 -1.31
N VAL A 115 -3.39 6.61 -1.90
CA VAL A 115 -3.50 6.67 -3.34
C VAL A 115 -4.63 7.61 -3.69
N ASN A 116 -4.26 8.72 -4.25
CA ASN A 116 -5.21 9.71 -4.70
C ASN A 116 -5.58 9.41 -6.14
N ASN A 117 -6.80 8.98 -6.37
CA ASN A 117 -7.21 8.52 -7.66
C ASN A 117 -8.02 9.60 -8.30
N GLU A 118 -7.44 10.25 -9.27
CA GLU A 118 -8.07 11.37 -9.89
C GLU A 118 -8.00 11.22 -11.39
N TYR A 119 -9.14 11.39 -12.04
CA TYR A 119 -9.27 11.30 -13.48
C TYR A 119 -8.11 11.96 -14.23
N THR A 120 -7.81 11.41 -15.40
CA THR A 120 -6.66 11.79 -16.17
C THR A 120 -7.01 12.92 -17.10
N GLU A 121 -8.26 12.93 -17.50
CA GLU A 121 -8.74 13.93 -18.42
C GLU A 121 -9.29 15.14 -17.66
N THR A 122 -9.02 16.35 -18.14
CA THR A 122 -9.49 17.55 -17.45
C THR A 122 -10.99 17.48 -17.19
N GLU A 123 -11.75 17.11 -18.21
CA GLU A 123 -13.20 17.12 -18.15
C GLU A 123 -13.68 16.33 -16.97
N LEU A 124 -13.01 15.21 -16.75
CA LEU A 124 -13.42 14.27 -15.75
C LEU A 124 -13.04 14.74 -14.34
N ARG A 125 -11.96 15.49 -14.23
CA ARG A 125 -11.55 16.06 -12.94
C ARG A 125 -12.44 17.26 -12.63
N GLU A 126 -12.74 18.02 -13.66
CA GLU A 126 -13.45 19.27 -13.51
C GLU A 126 -14.95 19.04 -13.38
N ASN A 127 -15.40 17.88 -13.84
CA ASN A 127 -16.78 17.44 -13.59
C ASN A 127 -16.85 15.92 -13.53
N PRO A 128 -16.41 15.37 -12.38
CA PRO A 128 -16.39 13.92 -12.14
C PRO A 128 -17.75 13.26 -12.31
N PRO A 129 -17.85 12.33 -13.27
CA PRO A 129 -19.04 11.51 -13.45
C PRO A 129 -19.14 10.49 -12.32
N VAL A 130 -20.39 10.15 -11.96
CA VAL A 130 -20.66 9.31 -10.80
C VAL A 130 -20.11 7.90 -10.97
N LYS A 131 -19.99 7.44 -12.21
CA LYS A 131 -19.38 6.15 -12.46
C LYS A 131 -17.89 6.28 -12.65
N PRO A 132 -17.15 5.57 -11.80
CA PRO A 132 -15.68 5.57 -11.79
C PRO A 132 -15.10 5.01 -13.07
N ASP A 133 -14.14 5.73 -13.63
CA ASP A 133 -13.41 5.23 -14.79
C ASP A 133 -11.97 4.98 -14.40
N PHE A 134 -11.62 3.71 -14.23
CA PHE A 134 -10.33 3.31 -13.71
C PHE A 134 -9.24 3.44 -14.78
N SER A 135 -9.71 3.46 -16.01
CA SER A 135 -8.85 3.66 -17.18
C SER A 135 -8.54 5.15 -17.34
N LYS A 136 -9.48 5.98 -16.90
CA LYS A 136 -9.33 7.42 -16.94
C LYS A 136 -8.91 7.89 -15.59
N LEU A 137 -8.50 6.95 -14.78
CA LEU A 137 -8.15 7.23 -13.44
C LEU A 137 -6.64 7.35 -13.33
N GLN A 138 -6.18 8.23 -12.48
CA GLN A 138 -4.75 8.44 -12.30
C GLN A 138 -4.41 8.29 -10.83
N ARG A 139 -3.40 7.48 -10.52
CA ARG A 139 -3.01 7.27 -9.16
C ARG A 139 -1.87 8.19 -8.78
N ASN A 140 -2.18 9.21 -8.01
CA ASN A 140 -1.15 10.06 -7.42
C ASN A 140 -0.88 9.57 -6.02
N ILE A 141 0.21 8.83 -5.90
CA ILE A 141 0.63 8.28 -4.62
C ILE A 141 1.09 9.40 -3.70
N LEU A 142 0.41 9.59 -2.59
CA LEU A 142 0.77 10.64 -1.66
C LEU A 142 2.03 10.26 -0.90
N ALA A 143 3.15 10.38 -1.59
CA ALA A 143 4.46 10.13 -1.02
C ALA A 143 4.79 11.22 -0.02
N SER A 144 4.01 12.28 -0.05
CA SER A 144 4.12 13.36 0.91
C SER A 144 3.52 12.94 2.25
N ASN A 145 2.79 11.83 2.24
CA ASN A 145 2.13 11.36 3.46
C ASN A 145 2.34 9.85 3.68
N PRO A 146 3.60 9.37 3.83
CA PRO A 146 3.84 7.99 4.22
C PRO A 146 3.41 7.72 5.65
N ARG A 147 2.30 7.04 5.81
CA ARG A 147 1.86 6.65 7.12
C ARG A 147 2.49 5.31 7.48
N VAL A 148 3.66 5.36 8.07
CA VAL A 148 4.41 4.15 8.40
C VAL A 148 4.11 3.68 9.82
N THR A 149 3.67 2.44 9.93
CA THR A 149 3.45 1.83 11.22
C THR A 149 4.08 0.45 11.24
N ARG A 150 5.16 0.35 11.98
CA ARG A 150 5.86 -0.90 12.08
C ARG A 150 5.63 -1.53 13.44
N PHE A 151 5.48 -2.83 13.41
CA PHE A 151 5.23 -3.62 14.61
C PHE A 151 6.25 -4.74 14.71
N HIS A 152 7.05 -4.75 15.78
CA HIS A 152 8.04 -5.81 15.95
C HIS A 152 7.36 -7.18 16.07
N ILE A 153 8.00 -8.18 15.51
CA ILE A 153 7.45 -9.53 15.48
C ILE A 153 8.52 -10.51 15.94
N ASN A 154 8.15 -11.77 16.01
CA ASN A 154 9.10 -12.80 16.37
C ASN A 154 9.60 -13.48 15.12
N TRP A 155 10.73 -12.97 14.65
CA TRP A 155 11.38 -13.47 13.46
C TRP A 155 11.97 -14.83 13.76
N GLU A 156 11.70 -15.30 14.97
CA GLU A 156 12.28 -16.49 15.49
C GLU A 156 11.19 -17.33 16.12
N ASP A 157 11.38 -18.62 16.12
CA ASP A 157 10.40 -19.51 16.67
C ASP A 157 10.56 -19.60 18.18
N ASN A 158 10.22 -18.51 18.86
CA ASN A 158 10.26 -18.45 20.32
C ASN A 158 9.63 -17.16 20.83
N GLY B 1 -19.36 4.75 4.84
CA GLY B 1 -19.76 5.86 5.73
C GLY B 1 -18.60 6.46 6.50
N ALA B 2 -18.30 7.71 6.21
CA ALA B 2 -17.25 8.44 6.91
C ALA B 2 -17.45 9.94 6.67
N MET B 3 -16.52 10.76 7.14
CA MET B 3 -16.57 12.18 6.84
C MET B 3 -16.22 12.40 5.38
N GLY B 4 -14.98 12.09 5.04
CA GLY B 4 -14.57 12.07 3.66
C GLY B 4 -13.86 10.78 3.33
N LYS B 5 -12.71 10.58 3.96
CA LYS B 5 -11.87 9.41 3.74
C LYS B 5 -11.14 9.09 5.04
N ASP B 6 -10.34 10.04 5.47
CA ASP B 6 -9.78 10.15 6.83
C ASP B 6 -9.92 8.89 7.71
N ILE B 7 -10.99 8.83 8.51
CA ILE B 7 -11.13 7.82 9.56
C ILE B 7 -11.18 6.40 8.99
N GLN B 8 -11.64 6.28 7.76
CA GLN B 8 -11.68 5.00 7.07
C GLN B 8 -10.27 4.46 6.86
N LEU B 9 -9.45 5.25 6.18
CA LEU B 9 -8.08 4.87 5.94
C LEU B 9 -7.34 4.80 7.27
N ALA B 10 -7.79 5.61 8.23
CA ALA B 10 -7.23 5.59 9.57
C ALA B 10 -7.45 4.25 10.24
N ARG B 11 -8.62 3.66 10.04
CA ARG B 11 -8.89 2.30 10.54
C ARG B 11 -7.78 1.36 10.10
N ARG B 12 -7.52 1.34 8.80
CA ARG B 12 -6.51 0.43 8.26
C ARG B 12 -5.11 0.89 8.67
N ILE B 13 -4.97 2.18 8.91
CA ILE B 13 -3.71 2.77 9.30
C ILE B 13 -3.23 2.27 10.67
N ARG B 14 -4.14 2.11 11.63
CA ARG B 14 -3.73 1.58 12.92
C ARG B 14 -4.55 0.36 13.30
N GLY B 15 -4.98 -0.41 12.30
CA GLY B 15 -5.68 -1.64 12.55
C GLY B 15 -6.11 -2.36 11.29
N GLU B 16 -5.27 -2.31 10.26
CA GLU B 16 -5.53 -3.04 9.03
C GLU B 16 -5.64 -4.54 9.26
N ARG B 17 -4.56 -5.12 9.72
CA ARG B 17 -4.45 -6.54 9.88
C ARG B 17 -3.83 -6.90 11.22
N ALA B 18 -2.96 -6.04 11.72
CA ALA B 18 -2.31 -6.27 13.00
C ALA B 18 -2.91 -5.34 14.06
N MET A 3 16.55 -7.18 16.95
CA MET A 3 15.48 -8.19 17.04
C MET A 3 14.75 -8.32 15.70
N ALA A 4 14.72 -7.23 14.93
CA ALA A 4 14.10 -7.24 13.62
C ALA A 4 15.14 -7.54 12.55
N LYS A 5 14.76 -8.30 11.55
CA LYS A 5 15.70 -8.73 10.52
C LYS A 5 15.54 -7.90 9.26
N VAL A 6 14.51 -7.07 9.21
CA VAL A 6 14.32 -6.16 8.07
C VAL A 6 13.75 -4.85 8.54
N GLN A 7 14.43 -3.79 8.15
CA GLN A 7 13.99 -2.45 8.39
C GLN A 7 13.91 -1.73 7.07
N VAL A 8 12.71 -1.60 6.51
CA VAL A 8 12.60 -0.92 5.25
C VAL A 8 12.57 0.57 5.52
N ASN A 9 13.38 1.28 4.78
CA ASN A 9 13.77 2.63 5.12
C ASN A 9 13.28 3.60 4.09
N ASN A 10 13.79 3.44 2.89
CA ASN A 10 13.43 4.31 1.81
C ASN A 10 12.41 3.64 0.95
N VAL A 11 11.54 4.42 0.37
CA VAL A 11 10.57 3.90 -0.52
C VAL A 11 10.30 4.91 -1.63
N VAL A 12 10.86 4.65 -2.79
CA VAL A 12 10.64 5.54 -3.91
C VAL A 12 9.55 4.97 -4.81
N VAL A 13 8.35 5.46 -4.59
CA VAL A 13 7.21 4.99 -5.34
C VAL A 13 7.22 5.54 -6.73
N LEU A 14 7.07 4.64 -7.66
CA LEU A 14 7.13 4.94 -9.07
C LEU A 14 5.74 5.07 -9.59
N ASP A 15 4.88 4.24 -9.03
CA ASP A 15 3.43 4.29 -9.20
C ASP A 15 2.86 5.54 -8.51
N ASN A 16 3.58 6.62 -8.63
CA ASN A 16 3.11 7.94 -8.26
C ASN A 16 2.23 8.43 -9.39
N PRO A 17 1.52 9.59 -9.26
CA PRO A 17 0.27 9.78 -10.00
C PRO A 17 0.40 9.49 -11.48
N SER A 18 -0.09 8.31 -11.79
CA SER A 18 -0.11 7.78 -13.15
C SER A 18 -1.41 7.05 -13.33
N PRO A 19 -1.75 6.60 -14.56
CA PRO A 19 -2.94 5.79 -14.80
C PRO A 19 -3.19 4.78 -13.69
N PHE A 20 -4.43 4.73 -13.25
CA PHE A 20 -4.87 3.77 -12.26
C PHE A 20 -4.56 2.33 -12.67
N TYR A 21 -4.49 2.08 -13.97
CA TYR A 21 -4.18 0.74 -14.45
C TYR A 21 -2.67 0.54 -14.55
N ASN A 22 -1.91 1.59 -14.26
CA ASN A 22 -0.48 1.46 -14.06
C ASN A 22 -0.27 0.78 -12.71
N PRO A 23 0.38 -0.37 -12.74
CA PRO A 23 0.56 -1.24 -11.57
C PRO A 23 1.37 -0.59 -10.46
N PHE A 24 1.03 -0.92 -9.21
CA PHE A 24 1.68 -0.37 -8.04
C PHE A 24 3.14 -0.72 -8.04
N GLN A 25 3.96 0.31 -8.14
CA GLN A 25 5.39 0.16 -8.25
C GLN A 25 6.07 0.85 -7.07
N PHE A 26 6.48 0.06 -6.11
CA PHE A 26 7.17 0.55 -4.94
C PHE A 26 8.61 0.14 -4.97
N GLU A 27 9.50 1.07 -5.14
CA GLU A 27 10.90 0.74 -5.11
C GLU A 27 11.39 0.96 -3.68
N ILE A 28 11.22 -0.06 -2.84
CA ILE A 28 11.58 0.05 -1.44
C ILE A 28 13.02 -0.34 -1.17
N THR A 29 13.68 0.51 -0.43
CA THR A 29 15.04 0.26 0.02
C THR A 29 15.02 -0.14 1.48
N PHE A 30 15.27 -1.41 1.75
CA PHE A 30 15.25 -1.85 3.10
C PHE A 30 16.60 -2.36 3.51
N GLU A 31 16.89 -2.18 4.76
CA GLU A 31 18.11 -2.64 5.33
C GLU A 31 17.79 -3.89 6.08
N CYS A 32 18.27 -5.00 5.58
CA CYS A 32 18.05 -6.23 6.26
C CYS A 32 18.91 -6.21 7.47
N ILE A 33 18.26 -6.08 8.57
CA ILE A 33 18.95 -5.87 9.80
C ILE A 33 19.58 -7.16 10.27
N GLU A 34 19.03 -8.28 9.81
CA GLU A 34 19.52 -9.58 10.22
C GLU A 34 19.20 -10.64 9.17
N ASP A 35 20.07 -11.62 9.05
CA ASP A 35 19.90 -12.69 8.07
C ASP A 35 18.63 -13.46 8.36
N LEU A 36 17.83 -13.67 7.33
CA LEU A 36 16.48 -14.17 7.50
C LEU A 36 16.47 -15.70 7.54
N SER A 37 15.47 -16.26 8.19
CA SER A 37 15.35 -17.70 8.31
C SER A 37 14.14 -18.22 7.55
N GLU A 38 13.12 -17.37 7.47
CA GLU A 38 11.90 -17.66 6.77
C GLU A 38 11.76 -16.66 5.62
N ASP A 39 10.60 -16.58 5.01
CA ASP A 39 10.40 -15.70 3.89
C ASP A 39 9.68 -14.43 4.31
N LEU A 40 10.17 -13.33 3.78
CA LEU A 40 9.63 -12.00 4.04
C LEU A 40 8.44 -11.76 3.14
N GLU A 41 7.29 -11.47 3.73
CA GLU A 41 6.07 -11.32 2.95
C GLU A 41 5.67 -9.84 2.85
N TRP A 42 6.16 -9.18 1.84
CA TRP A 42 5.71 -7.81 1.58
C TRP A 42 4.37 -7.88 0.91
N LYS A 43 3.45 -7.05 1.31
CA LYS A 43 2.16 -7.08 0.67
C LYS A 43 1.64 -5.67 0.44
N ILE A 44 1.08 -5.47 -0.74
CA ILE A 44 0.45 -4.20 -1.07
C ILE A 44 -1.04 -4.38 -0.95
N ILE A 45 -1.60 -3.76 0.05
CA ILE A 45 -2.99 -3.96 0.39
C ILE A 45 -3.78 -2.74 0.03
N TYR A 46 -4.53 -2.87 -1.04
CA TYR A 46 -5.32 -1.76 -1.53
C TYR A 46 -6.68 -1.79 -0.88
N VAL A 47 -6.88 -0.83 -0.01
CA VAL A 47 -8.16 -0.61 0.63
C VAL A 47 -9.25 -0.48 -0.44
N GLY A 48 -10.04 -1.54 -0.58
CA GLY A 48 -11.03 -1.60 -1.63
C GLY A 48 -12.07 -0.52 -1.49
N SER A 49 -12.51 -0.29 -0.28
CA SER A 49 -13.35 0.84 -0.01
C SER A 49 -12.81 1.56 1.19
N ALA A 50 -12.63 2.82 1.05
CA ALA A 50 -12.26 3.67 2.14
C ALA A 50 -13.47 3.91 3.03
N GLU A 51 -14.62 3.41 2.56
CA GLU A 51 -15.83 3.48 3.33
C GLU A 51 -16.07 2.12 3.99
N SER A 52 -15.70 1.06 3.27
CA SER A 52 -15.64 -0.25 3.85
C SER A 52 -14.25 -0.83 3.71
N GLU A 53 -13.50 -0.68 4.78
CA GLU A 53 -12.08 -1.02 4.81
C GLU A 53 -11.87 -2.52 4.68
N GLU A 54 -12.95 -3.25 4.78
CA GLU A 54 -12.93 -4.70 4.73
C GLU A 54 -12.67 -5.17 3.31
N TYR A 55 -12.76 -4.23 2.38
CA TYR A 55 -12.62 -4.54 0.98
C TYR A 55 -11.17 -4.47 0.55
N ASP A 56 -10.27 -4.36 1.51
CA ASP A 56 -8.84 -4.34 1.22
C ASP A 56 -8.42 -5.56 0.39
N GLN A 57 -8.08 -5.28 -0.85
CA GLN A 57 -7.60 -6.29 -1.79
C GLN A 57 -6.07 -6.35 -1.75
N VAL A 58 -5.51 -7.36 -2.39
CA VAL A 58 -4.12 -7.68 -2.28
C VAL A 58 -3.56 -7.81 -3.68
N LEU A 59 -2.69 -6.88 -4.01
CA LEU A 59 -2.16 -6.80 -5.35
C LEU A 59 -1.11 -7.88 -5.56
N ASP A 60 -0.27 -8.05 -4.57
CA ASP A 60 0.67 -9.14 -4.56
C ASP A 60 1.33 -9.22 -3.20
N SER A 61 2.12 -10.26 -3.01
CA SER A 61 2.94 -10.37 -1.84
C SER A 61 4.23 -11.05 -2.26
N VAL A 62 5.32 -10.35 -2.11
CA VAL A 62 6.60 -10.83 -2.61
C VAL A 62 7.37 -11.45 -1.47
N LEU A 63 7.83 -12.66 -1.69
CA LEU A 63 8.52 -13.37 -0.66
C LEU A 63 10.02 -13.34 -0.92
N VAL A 64 10.71 -12.51 -0.16
CA VAL A 64 12.16 -12.48 -0.17
C VAL A 64 12.61 -13.35 0.99
N GLY A 65 13.36 -14.40 0.72
CA GLY A 65 13.56 -15.42 1.71
C GLY A 65 14.62 -15.03 2.66
N PRO A 66 15.31 -16.01 3.24
CA PRO A 66 16.51 -15.75 3.98
C PRO A 66 17.39 -14.82 3.17
N VAL A 67 17.61 -13.68 3.72
CA VAL A 67 18.25 -12.62 3.03
C VAL A 67 19.32 -12.00 3.90
N PRO A 68 20.57 -12.01 3.42
CA PRO A 68 21.69 -11.48 4.16
C PRO A 68 21.46 -10.02 4.54
N ALA A 69 21.69 -9.71 5.81
CA ALA A 69 21.62 -8.33 6.28
C ALA A 69 22.34 -7.40 5.33
N GLY A 70 21.84 -6.18 5.22
CA GLY A 70 22.37 -5.26 4.28
C GLY A 70 21.29 -4.40 3.70
N ARG A 71 21.55 -3.11 3.72
CA ARG A 71 20.65 -2.16 3.14
C ARG A 71 20.72 -2.19 1.63
N HIS A 72 19.60 -2.54 1.04
CA HIS A 72 19.52 -2.69 -0.40
C HIS A 72 18.11 -2.39 -0.88
N MET A 73 18.01 -1.94 -2.12
CA MET A 73 16.73 -1.55 -2.67
C MET A 73 16.14 -2.65 -3.53
N PHE A 74 14.91 -3.00 -3.23
CA PHE A 74 14.18 -3.99 -3.98
C PHE A 74 12.97 -3.32 -4.57
N VAL A 75 12.74 -3.55 -5.84
CA VAL A 75 11.68 -2.87 -6.53
C VAL A 75 10.47 -3.80 -6.67
N PHE A 76 9.35 -3.27 -6.24
CA PHE A 76 8.15 -4.03 -5.97
C PHE A 76 7.04 -3.56 -6.90
N GLN A 77 6.31 -4.48 -7.52
CA GLN A 77 5.21 -4.10 -8.41
C GLN A 77 4.15 -5.18 -8.43
N ALA A 78 2.93 -4.75 -8.65
CA ALA A 78 1.80 -5.64 -8.84
C ALA A 78 0.70 -4.87 -9.55
N ASP A 79 -0.32 -5.57 -10.01
CA ASP A 79 -1.38 -4.94 -10.80
C ASP A 79 -2.14 -3.87 -10.02
N ALA A 80 -3.17 -3.33 -10.64
CA ALA A 80 -4.04 -2.39 -9.99
C ALA A 80 -5.18 -3.13 -9.31
N PRO A 81 -5.80 -2.49 -8.31
CA PRO A 81 -6.94 -3.07 -7.58
C PRO A 81 -8.15 -3.25 -8.48
N ASN A 82 -9.13 -3.97 -7.97
CA ASN A 82 -10.31 -4.32 -8.75
C ASN A 82 -11.28 -3.16 -8.80
N PRO A 83 -11.49 -2.63 -10.01
CA PRO A 83 -12.35 -1.48 -10.26
C PRO A 83 -13.81 -1.74 -9.89
N GLY A 84 -14.17 -3.01 -9.81
CA GLY A 84 -15.52 -3.36 -9.44
C GLY A 84 -15.69 -3.47 -7.93
N LEU A 85 -14.60 -3.33 -7.20
CA LEU A 85 -14.64 -3.46 -5.74
C LEU A 85 -14.77 -2.09 -5.09
N ILE A 86 -14.26 -1.06 -5.75
CA ILE A 86 -14.28 0.28 -5.18
C ILE A 86 -15.63 0.98 -5.39
N PRO A 87 -16.18 1.55 -4.30
CA PRO A 87 -17.35 2.40 -4.38
C PRO A 87 -16.98 3.83 -4.78
N ASP A 88 -17.94 4.55 -5.32
CA ASP A 88 -17.74 5.89 -5.86
C ASP A 88 -16.96 6.80 -4.91
N ALA A 89 -17.37 6.82 -3.66
CA ALA A 89 -16.86 7.80 -2.70
C ALA A 89 -15.35 7.68 -2.53
N ASP A 90 -14.87 6.45 -2.56
CA ASP A 90 -13.46 6.17 -2.34
C ASP A 90 -12.68 6.11 -3.65
N ALA A 91 -13.39 5.96 -4.77
CA ALA A 91 -12.75 5.74 -6.05
C ALA A 91 -12.06 6.98 -6.55
N VAL A 92 -12.77 8.09 -6.45
CA VAL A 92 -12.31 9.33 -6.99
C VAL A 92 -11.73 10.24 -5.91
N GLY A 93 -10.89 9.65 -5.08
CA GLY A 93 -10.35 10.32 -3.92
C GLY A 93 -9.31 9.50 -3.22
N VAL A 94 -9.41 9.45 -1.91
CA VAL A 94 -8.38 8.85 -1.12
C VAL A 94 -8.71 7.45 -0.71
N THR A 95 -7.72 6.61 -0.85
CA THR A 95 -7.77 5.25 -0.45
C THR A 95 -6.37 4.90 -0.04
N VAL A 96 -6.20 3.78 0.60
CA VAL A 96 -4.86 3.40 1.00
C VAL A 96 -4.40 2.18 0.26
N VAL A 97 -3.13 2.17 -0.09
CA VAL A 97 -2.51 0.94 -0.38
C VAL A 97 -1.26 0.86 0.52
N LEU A 98 -1.41 0.09 1.59
CA LEU A 98 -0.36 -0.04 2.58
C LEU A 98 0.49 -1.25 2.28
N ILE A 99 1.76 -1.17 2.64
CA ILE A 99 2.65 -2.30 2.45
C ILE A 99 3.09 -2.82 3.78
N THR A 100 2.49 -3.90 4.18
CA THR A 100 2.82 -4.54 5.42
C THR A 100 3.75 -5.68 5.13
N CYS A 101 4.95 -5.58 5.65
CA CYS A 101 5.87 -6.70 5.57
C CYS A 101 5.56 -7.67 6.68
N THR A 102 5.20 -8.87 6.30
CA THR A 102 4.75 -9.90 7.19
C THR A 102 5.83 -10.95 7.32
N TYR A 103 6.21 -11.27 8.54
CA TYR A 103 7.17 -12.32 8.74
C TYR A 103 6.68 -13.27 9.82
N ARG A 104 6.54 -14.54 9.45
CA ARG A 104 6.05 -15.59 10.33
C ARG A 104 4.59 -15.38 10.68
N GLY A 105 3.88 -14.70 9.80
CA GLY A 105 2.46 -14.46 9.98
C GLY A 105 2.22 -13.22 10.81
N GLN A 106 3.31 -12.53 11.11
CA GLN A 106 3.26 -11.32 11.91
C GLN A 106 3.72 -10.13 11.09
N GLU A 107 2.81 -9.20 10.86
CA GLU A 107 3.14 -8.01 10.08
C GLU A 107 3.92 -7.05 10.94
N PHE A 108 5.09 -6.65 10.47
CA PHE A 108 6.01 -5.87 11.28
C PHE A 108 6.21 -4.45 10.76
N ILE A 109 5.63 -4.11 9.62
CA ILE A 109 5.74 -2.76 9.13
C ILE A 109 4.59 -2.52 8.18
N ARG A 110 4.27 -1.27 7.96
CA ARG A 110 3.19 -0.93 7.09
C ARG A 110 3.45 0.43 6.47
N VAL A 111 3.79 0.46 5.20
CA VAL A 111 3.89 1.74 4.53
C VAL A 111 2.52 2.08 3.91
N GLY A 112 1.77 2.91 4.59
CA GLY A 112 0.52 3.32 4.06
C GLY A 112 0.69 4.41 3.04
N TYR A 113 0.73 4.01 1.81
CA TYR A 113 0.78 4.95 0.71
C TYR A 113 -0.61 5.21 0.22
N TYR A 114 -1.05 6.41 0.49
CA TYR A 114 -2.40 6.80 0.22
C TYR A 114 -2.58 7.05 -1.25
N VAL A 115 -3.39 6.24 -1.85
CA VAL A 115 -3.61 6.36 -3.26
C VAL A 115 -4.76 7.34 -3.46
N ASN A 116 -4.39 8.50 -3.95
CA ASN A 116 -5.34 9.53 -4.25
C ASN A 116 -5.72 9.47 -5.70
N ASN A 117 -6.89 8.94 -5.97
CA ASN A 117 -7.32 8.71 -7.33
C ASN A 117 -8.09 9.90 -7.85
N GLU A 118 -7.59 10.48 -8.92
CA GLU A 118 -8.25 11.59 -9.55
C GLU A 118 -8.10 11.46 -11.06
N TYR A 119 -9.17 11.77 -11.76
CA TYR A 119 -9.25 11.59 -13.20
C TYR A 119 -8.07 12.15 -13.99
N THR A 120 -7.88 11.58 -15.18
CA THR A 120 -6.79 11.93 -16.04
C THR A 120 -7.22 13.03 -16.97
N GLU A 121 -8.51 13.02 -17.28
CA GLU A 121 -9.10 14.00 -18.14
C GLU A 121 -9.41 15.25 -17.33
N THR A 122 -8.97 16.40 -17.81
CA THR A 122 -9.19 17.66 -17.11
C THR A 122 -10.67 17.85 -16.80
N GLU A 123 -11.52 17.49 -17.77
CA GLU A 123 -12.96 17.65 -17.64
C GLU A 123 -13.47 16.92 -16.41
N LEU A 124 -12.83 15.81 -16.14
CA LEU A 124 -13.23 14.95 -15.05
C LEU A 124 -12.61 15.39 -13.72
N ARG A 125 -11.50 16.14 -13.78
CA ARG A 125 -10.87 16.63 -12.57
C ARG A 125 -11.57 17.89 -12.12
N GLU A 126 -11.91 18.70 -13.10
CA GLU A 126 -12.57 19.97 -12.85
C GLU A 126 -13.99 19.75 -12.37
N ASN A 127 -14.59 18.68 -12.84
CA ASN A 127 -15.91 18.28 -12.36
C ASN A 127 -16.07 16.77 -12.38
N PRO A 128 -15.56 16.12 -11.32
CA PRO A 128 -15.66 14.68 -11.14
C PRO A 128 -17.11 14.21 -11.02
N PRO A 129 -17.53 13.37 -11.97
CA PRO A 129 -18.89 12.81 -11.99
C PRO A 129 -19.10 11.84 -10.84
N VAL A 130 -20.36 11.58 -10.52
CA VAL A 130 -20.70 10.71 -9.39
C VAL A 130 -20.33 9.27 -9.71
N LYS A 131 -20.29 8.93 -10.99
CA LYS A 131 -19.79 7.64 -11.41
C LYS A 131 -18.29 7.70 -11.65
N PRO A 132 -17.56 6.77 -11.03
CA PRO A 132 -16.12 6.66 -11.13
C PRO A 132 -15.67 5.93 -12.37
N ASP A 133 -14.60 6.40 -12.98
CA ASP A 133 -14.02 5.70 -14.11
C ASP A 133 -12.55 5.41 -13.83
N PHE A 134 -12.26 4.14 -13.68
CA PHE A 134 -10.96 3.68 -13.23
C PHE A 134 -9.93 3.71 -14.36
N SER A 135 -10.39 3.73 -15.58
CA SER A 135 -9.52 3.82 -16.74
C SER A 135 -9.15 5.26 -17.01
N LYS A 136 -9.99 6.18 -16.56
CA LYS A 136 -9.73 7.61 -16.66
C LYS A 136 -9.19 8.08 -15.36
N LEU A 137 -8.85 7.14 -14.53
CA LEU A 137 -8.45 7.44 -13.19
C LEU A 137 -6.94 7.51 -13.11
N GLN A 138 -6.45 8.54 -12.46
CA GLN A 138 -5.02 8.71 -12.27
C GLN A 138 -4.73 8.63 -10.78
N ARG A 139 -3.90 7.70 -10.38
CA ARG A 139 -3.70 7.48 -8.97
C ARG A 139 -2.41 8.12 -8.48
N ASN A 140 -2.58 9.19 -7.71
CA ASN A 140 -1.49 9.86 -7.04
C ASN A 140 -1.22 9.19 -5.72
N ILE A 141 -0.23 8.35 -5.75
CA ILE A 141 0.23 7.65 -4.59
C ILE A 141 0.96 8.67 -3.71
N LEU A 142 0.36 9.04 -2.60
CA LEU A 142 0.86 10.14 -1.79
C LEU A 142 2.22 9.83 -1.20
N ALA A 143 3.24 10.22 -1.92
CA ALA A 143 4.60 10.03 -1.49
C ALA A 143 4.98 11.13 -0.49
N SER A 144 4.13 12.15 -0.43
CA SER A 144 4.27 13.20 0.55
C SER A 144 3.71 12.74 1.89
N ASN A 145 3.00 11.62 1.89
CA ASN A 145 2.44 11.06 3.11
C ASN A 145 2.61 9.54 3.15
N PRO A 146 3.85 9.03 3.30
CA PRO A 146 4.06 7.61 3.50
C PRO A 146 3.81 7.26 4.95
N ARG A 147 2.69 6.64 5.22
CA ARG A 147 2.32 6.36 6.58
C ARG A 147 2.98 5.07 7.05
N VAL A 148 4.23 5.20 7.46
CA VAL A 148 5.04 4.04 7.84
C VAL A 148 4.82 3.68 9.30
N THR A 149 4.07 2.63 9.54
CA THR A 149 3.87 2.11 10.88
C THR A 149 4.53 0.75 11.03
N ARG A 150 5.63 0.73 11.75
CA ARG A 150 6.36 -0.48 11.96
C ARG A 150 6.21 -0.98 13.39
N PHE A 151 6.02 -2.26 13.50
CA PHE A 151 5.83 -2.92 14.78
C PHE A 151 6.90 -3.97 14.95
N HIS A 152 7.48 -4.05 16.14
CA HIS A 152 8.44 -5.11 16.40
C HIS A 152 7.71 -6.44 16.56
N ILE A 153 8.29 -7.51 16.05
CA ILE A 153 7.71 -8.83 16.16
C ILE A 153 8.82 -9.81 16.48
N ASN A 154 8.44 -11.04 16.77
CA ASN A 154 9.43 -12.09 16.90
C ASN A 154 9.65 -12.78 15.57
N TRP A 155 10.79 -12.47 14.98
CA TRP A 155 11.21 -13.05 13.71
C TRP A 155 11.80 -14.42 13.96
N GLU A 156 11.71 -14.83 15.22
CA GLU A 156 12.32 -16.02 15.70
C GLU A 156 11.28 -16.80 16.46
N ASP A 157 11.71 -17.85 17.10
CA ASP A 157 10.80 -18.67 17.84
C ASP A 157 10.81 -18.24 19.30
N ASN A 158 10.25 -17.07 19.55
CA ASN A 158 10.21 -16.49 20.87
C ASN A 158 8.79 -16.07 21.22
N GLY B 1 -18.68 7.59 11.87
CA GLY B 1 -19.43 8.00 10.67
C GLY B 1 -18.74 7.57 9.40
N ALA B 2 -19.50 7.44 8.33
CA ALA B 2 -18.94 6.99 7.06
C ALA B 2 -18.99 8.10 6.02
N MET B 3 -18.53 9.27 6.41
CA MET B 3 -18.47 10.42 5.51
C MET B 3 -17.05 10.67 5.07
N GLY B 4 -16.21 11.01 6.04
CA GLY B 4 -14.83 11.32 5.76
C GLY B 4 -13.96 10.08 5.68
N LYS B 5 -13.09 10.05 4.69
CA LYS B 5 -12.24 8.89 4.47
C LYS B 5 -10.92 9.05 5.20
N ASP B 6 -10.45 10.28 5.33
CA ASP B 6 -9.19 10.58 6.00
C ASP B 6 -9.04 9.80 7.32
N ILE B 7 -10.10 9.77 8.11
CA ILE B 7 -10.09 9.01 9.37
C ILE B 7 -10.11 7.50 9.10
N GLN B 8 -10.95 7.07 8.17
CA GLN B 8 -11.08 5.66 7.79
C GLN B 8 -9.72 5.06 7.44
N LEU B 9 -9.03 5.70 6.51
CA LEU B 9 -7.73 5.25 6.08
C LEU B 9 -6.74 5.28 7.23
N ALA B 10 -6.85 6.30 8.08
CA ALA B 10 -6.01 6.41 9.25
C ALA B 10 -6.20 5.22 10.18
N ARG B 11 -7.44 4.71 10.26
CA ARG B 11 -7.71 3.53 11.08
C ARG B 11 -6.87 2.36 10.61
N ARG B 12 -6.85 2.13 9.30
CA ARG B 12 -6.13 1.00 8.73
C ARG B 12 -4.63 1.04 9.05
N ILE B 13 -4.00 2.20 8.98
CA ILE B 13 -2.56 2.25 9.27
C ILE B 13 -2.33 2.53 10.76
N ARG B 14 -3.39 2.80 11.49
CA ARG B 14 -3.29 2.94 12.94
C ARG B 14 -2.95 1.59 13.55
N GLY B 15 -3.65 0.55 13.10
CA GLY B 15 -3.38 -0.78 13.61
C GLY B 15 -4.18 -1.85 12.91
N GLU B 16 -4.60 -1.61 11.66
CA GLU B 16 -5.37 -2.59 10.93
C GLU B 16 -4.54 -3.08 9.76
N ARG B 17 -3.59 -3.92 10.10
CA ARG B 17 -2.67 -4.51 9.14
C ARG B 17 -3.43 -5.19 8.00
N ALA B 18 -3.98 -6.35 8.31
CA ALA B 18 -4.67 -7.14 7.32
C ALA B 18 -6.08 -7.48 7.82
N MET A 3 11.63 -4.61 12.87
CA MET A 3 12.30 -4.37 14.18
C MET A 3 13.62 -5.12 14.27
N ALA A 4 13.56 -6.45 14.16
CA ALA A 4 14.73 -7.26 14.41
C ALA A 4 15.55 -7.51 13.14
N LYS A 5 14.94 -8.15 12.17
CA LYS A 5 15.67 -8.66 11.01
C LYS A 5 15.52 -7.74 9.80
N VAL A 6 14.47 -6.95 9.76
CA VAL A 6 14.28 -5.99 8.68
C VAL A 6 13.78 -4.66 9.22
N GLN A 7 14.43 -3.61 8.77
CA GLN A 7 14.03 -2.26 9.04
C GLN A 7 13.90 -1.54 7.72
N VAL A 8 12.68 -1.39 7.24
CA VAL A 8 12.46 -0.70 5.99
C VAL A 8 12.73 0.77 6.20
N ASN A 9 13.24 1.42 5.18
CA ASN A 9 13.68 2.80 5.32
C ASN A 9 13.12 3.61 4.20
N ASN A 10 13.57 3.30 3.01
CA ASN A 10 13.18 4.06 1.85
C ASN A 10 12.17 3.30 1.04
N VAL A 11 11.30 4.01 0.42
CA VAL A 11 10.38 3.45 -0.51
C VAL A 11 10.10 4.46 -1.62
N VAL A 12 10.67 4.22 -2.78
CA VAL A 12 10.43 5.13 -3.88
C VAL A 12 9.34 4.58 -4.79
N VAL A 13 8.14 5.09 -4.57
CA VAL A 13 6.97 4.72 -5.35
C VAL A 13 7.06 5.29 -6.76
N LEU A 14 7.13 4.38 -7.71
CA LEU A 14 7.26 4.74 -9.09
C LEU A 14 5.93 5.10 -9.64
N ASP A 15 4.92 4.47 -9.10
CA ASP A 15 3.56 4.73 -9.49
C ASP A 15 3.02 5.95 -8.77
N ASN A 16 3.86 6.95 -8.74
CA ASN A 16 3.39 8.30 -8.51
C ASN A 16 2.70 8.75 -9.79
N PRO A 17 1.97 9.87 -9.78
CA PRO A 17 0.65 9.91 -10.42
C PRO A 17 0.66 9.38 -11.84
N SER A 18 0.20 8.14 -11.92
CA SER A 18 0.13 7.39 -13.16
C SER A 18 -1.26 6.79 -13.31
N PRO A 19 -1.62 6.28 -14.50
CA PRO A 19 -2.87 5.58 -14.70
C PRO A 19 -3.14 4.56 -13.60
N PHE A 20 -4.37 4.57 -13.08
CA PHE A 20 -4.78 3.63 -12.07
C PHE A 20 -4.57 2.19 -12.52
N TYR A 21 -4.54 1.98 -13.83
CA TYR A 21 -4.37 0.65 -14.36
C TYR A 21 -2.92 0.32 -14.63
N ASN A 22 -1.98 1.20 -14.26
CA ASN A 22 -0.60 0.81 -14.30
C ASN A 22 -0.23 0.34 -12.91
N PRO A 23 0.19 -0.90 -12.80
CA PRO A 23 0.33 -1.57 -11.51
C PRO A 23 1.23 -0.81 -10.54
N PHE A 24 0.86 -0.88 -9.26
CA PHE A 24 1.60 -0.23 -8.18
C PHE A 24 3.03 -0.65 -8.26
N GLN A 25 3.91 0.25 -7.96
CA GLN A 25 5.31 -0.02 -8.09
C GLN A 25 6.07 0.64 -6.97
N PHE A 26 6.57 -0.19 -6.08
CA PHE A 26 7.28 0.23 -4.90
C PHE A 26 8.72 -0.17 -4.97
N GLU A 27 9.58 0.76 -5.26
CA GLU A 27 10.99 0.46 -5.21
C GLU A 27 11.44 0.63 -3.76
N ILE A 28 11.27 -0.43 -2.98
CA ILE A 28 11.59 -0.38 -1.57
C ILE A 28 13.07 -0.59 -1.28
N THR A 29 13.55 0.16 -0.31
CA THR A 29 14.88 -0.02 0.24
C THR A 29 14.78 -0.35 1.73
N PHE A 30 15.08 -1.59 2.08
CA PHE A 30 15.00 -1.99 3.46
C PHE A 30 16.36 -2.40 3.94
N GLU A 31 16.60 -2.14 5.19
CA GLU A 31 17.84 -2.50 5.79
C GLU A 31 17.63 -3.72 6.59
N CYS A 32 18.18 -4.79 6.11
CA CYS A 32 18.07 -6.01 6.80
C CYS A 32 18.98 -5.90 7.98
N ILE A 33 18.40 -6.02 9.11
CA ILE A 33 19.09 -5.73 10.31
C ILE A 33 19.76 -6.97 10.79
N GLU A 34 19.15 -8.09 10.43
CA GLU A 34 19.70 -9.38 10.73
C GLU A 34 19.35 -10.37 9.61
N ASP A 35 19.98 -11.52 9.64
CA ASP A 35 19.73 -12.57 8.65
C ASP A 35 18.34 -13.16 8.81
N LEU A 36 17.58 -13.19 7.72
CA LEU A 36 16.22 -13.74 7.76
C LEU A 36 16.29 -15.25 7.65
N SER A 37 15.26 -15.90 8.17
CA SER A 37 15.19 -17.35 8.16
C SER A 37 14.06 -17.80 7.26
N GLU A 38 13.20 -16.86 6.92
CA GLU A 38 11.99 -17.13 6.18
C GLU A 38 11.80 -16.05 5.13
N ASP A 39 10.63 -15.96 4.53
CA ASP A 39 10.41 -15.02 3.45
C ASP A 39 9.72 -13.77 3.96
N LEU A 40 10.21 -12.65 3.50
CA LEU A 40 9.64 -11.35 3.80
C LEU A 40 8.48 -11.12 2.86
N GLU A 41 7.29 -10.94 3.38
CA GLU A 41 6.12 -10.80 2.52
C GLU A 41 5.65 -9.36 2.45
N TRP A 42 6.18 -8.63 1.49
CA TRP A 42 5.70 -7.27 1.25
C TRP A 42 4.37 -7.38 0.57
N LYS A 43 3.34 -7.04 1.28
CA LYS A 43 2.01 -7.22 0.80
C LYS A 43 1.36 -5.87 0.65
N ILE A 44 0.77 -5.62 -0.50
CA ILE A 44 0.17 -4.33 -0.74
C ILE A 44 -1.33 -4.43 -0.58
N ILE A 45 -1.84 -3.74 0.40
CA ILE A 45 -3.25 -3.76 0.70
C ILE A 45 -3.84 -2.40 0.35
N TYR A 46 -4.54 -2.36 -0.76
CA TYR A 46 -5.20 -1.15 -1.19
C TYR A 46 -6.52 -1.04 -0.49
N VAL A 47 -6.71 0.01 0.27
CA VAL A 47 -7.99 0.25 0.87
C VAL A 47 -8.98 0.65 -0.20
N GLY A 48 -9.76 -0.32 -0.66
CA GLY A 48 -10.83 -0.01 -1.56
C GLY A 48 -12.06 0.38 -0.79
N SER A 49 -11.96 0.28 0.52
CA SER A 49 -13.04 0.67 1.38
C SER A 49 -12.66 1.86 2.25
N ALA A 50 -12.48 2.99 1.61
CA ALA A 50 -12.39 4.26 2.34
C ALA A 50 -13.79 4.66 2.77
N GLU A 51 -14.77 3.93 2.27
CA GLU A 51 -16.16 4.06 2.69
C GLU A 51 -16.50 2.96 3.69
N SER A 52 -16.16 1.72 3.34
CA SER A 52 -16.41 0.58 4.20
C SER A 52 -15.12 0.15 4.88
N GLU A 53 -14.91 -1.17 4.98
CA GLU A 53 -13.64 -1.69 5.47
C GLU A 53 -13.39 -3.10 4.94
N GLU A 54 -14.29 -3.60 4.10
CA GLU A 54 -14.16 -4.95 3.55
C GLU A 54 -13.53 -4.95 2.16
N TYR A 55 -13.34 -3.77 1.61
CA TYR A 55 -12.94 -3.65 0.22
C TYR A 55 -11.44 -3.53 0.06
N ASP A 56 -10.69 -3.52 1.15
CA ASP A 56 -9.24 -3.58 1.08
C ASP A 56 -8.80 -4.74 0.20
N GLN A 57 -8.27 -4.39 -0.97
CA GLN A 57 -7.79 -5.35 -1.95
C GLN A 57 -6.32 -5.66 -1.75
N VAL A 58 -5.91 -6.69 -2.44
CA VAL A 58 -4.61 -7.25 -2.32
C VAL A 58 -3.98 -7.30 -3.70
N LEU A 59 -2.97 -6.48 -3.88
CA LEU A 59 -2.38 -6.32 -5.20
C LEU A 59 -1.39 -7.43 -5.49
N ASP A 60 -0.38 -7.55 -4.65
CA ASP A 60 0.55 -8.67 -4.74
C ASP A 60 1.45 -8.69 -3.50
N SER A 61 2.10 -9.83 -3.27
CA SER A 61 2.95 -10.01 -2.14
C SER A 61 4.26 -10.57 -2.63
N VAL A 62 5.32 -9.85 -2.39
CA VAL A 62 6.61 -10.25 -2.90
C VAL A 62 7.42 -10.88 -1.80
N LEU A 63 7.96 -12.04 -2.08
CA LEU A 63 8.66 -12.78 -1.06
C LEU A 63 10.17 -12.70 -1.27
N VAL A 64 10.80 -11.87 -0.45
CA VAL A 64 12.25 -11.77 -0.41
C VAL A 64 12.70 -12.45 0.87
N GLY A 65 13.51 -13.50 0.76
CA GLY A 65 13.66 -14.39 1.87
C GLY A 65 14.76 -13.94 2.79
N PRO A 66 15.57 -14.87 3.24
CA PRO A 66 16.75 -14.57 4.01
C PRO A 66 17.59 -13.50 3.33
N VAL A 67 17.70 -12.40 4.00
CA VAL A 67 18.54 -11.31 3.57
C VAL A 67 19.55 -11.03 4.66
N PRO A 68 20.84 -11.33 4.37
CA PRO A 68 21.91 -11.33 5.38
C PRO A 68 22.36 -9.96 5.81
N ALA A 69 21.42 -9.27 6.37
CA ALA A 69 21.54 -7.88 6.77
C ALA A 69 22.02 -6.97 5.64
N GLY A 70 21.80 -5.68 5.81
CA GLY A 70 22.29 -4.74 4.85
C GLY A 70 21.14 -4.11 4.11
N ARG A 71 21.05 -2.82 4.17
CA ARG A 71 20.04 -2.11 3.41
C ARG A 71 20.29 -2.27 1.93
N HIS A 72 19.26 -2.64 1.23
CA HIS A 72 19.31 -2.84 -0.21
C HIS A 72 17.94 -2.57 -0.79
N MET A 73 17.91 -2.27 -2.06
CA MET A 73 16.69 -1.83 -2.70
C MET A 73 16.24 -2.79 -3.77
N PHE A 74 14.95 -3.04 -3.82
CA PHE A 74 14.35 -3.85 -4.85
C PHE A 74 13.07 -3.18 -5.29
N VAL A 75 12.74 -3.36 -6.54
CA VAL A 75 11.60 -2.69 -7.10
C VAL A 75 10.45 -3.67 -7.30
N PHE A 76 9.37 -3.34 -6.62
CA PHE A 76 8.22 -4.22 -6.45
C PHE A 76 7.04 -3.63 -7.22
N GLN A 77 6.09 -4.47 -7.64
CA GLN A 77 4.96 -4.02 -8.44
C GLN A 77 3.78 -4.93 -8.17
N ALA A 78 2.58 -4.47 -8.49
CA ALA A 78 1.37 -5.26 -8.30
C ALA A 78 0.21 -4.57 -9.00
N ASP A 79 -0.72 -5.34 -9.55
CA ASP A 79 -1.81 -4.77 -10.36
C ASP A 79 -2.65 -3.76 -9.57
N ALA A 80 -3.69 -3.23 -10.20
CA ALA A 80 -4.56 -2.29 -9.57
C ALA A 80 -5.61 -3.02 -8.77
N PRO A 81 -6.17 -2.37 -7.77
CA PRO A 81 -7.21 -2.95 -6.93
C PRO A 81 -8.49 -3.16 -7.71
N ASN A 82 -9.32 -4.07 -7.25
CA ASN A 82 -10.49 -4.50 -8.00
C ASN A 82 -11.45 -3.35 -8.24
N PRO A 83 -11.66 -3.02 -9.51
CA PRO A 83 -12.54 -1.92 -9.93
C PRO A 83 -14.00 -2.21 -9.62
N GLY A 84 -14.29 -3.47 -9.31
CA GLY A 84 -15.63 -3.84 -8.93
C GLY A 84 -15.82 -3.77 -7.42
N LEU A 85 -14.75 -3.42 -6.72
CA LEU A 85 -14.78 -3.36 -5.28
C LEU A 85 -14.86 -1.94 -4.78
N ILE A 86 -14.22 -1.02 -5.50
CA ILE A 86 -14.16 0.35 -5.03
C ILE A 86 -15.50 1.09 -5.15
N PRO A 87 -15.97 1.64 -4.03
CA PRO A 87 -17.12 2.51 -3.99
C PRO A 87 -16.76 3.93 -4.42
N ASP A 88 -17.77 4.71 -4.74
CA ASP A 88 -17.64 6.06 -5.27
C ASP A 88 -16.62 6.90 -4.51
N ALA A 89 -16.78 7.01 -3.20
CA ALA A 89 -16.04 7.99 -2.42
C ALA A 89 -14.61 7.55 -2.17
N ASP A 90 -14.32 6.30 -2.51
CA ASP A 90 -12.97 5.77 -2.38
C ASP A 90 -12.20 5.98 -3.67
N ALA A 91 -12.88 5.78 -4.80
CA ALA A 91 -12.21 5.72 -6.08
C ALA A 91 -11.78 7.08 -6.56
N VAL A 92 -12.66 8.04 -6.46
CA VAL A 92 -12.37 9.36 -6.96
C VAL A 92 -11.86 10.31 -5.88
N GLY A 93 -10.92 9.81 -5.08
CA GLY A 93 -10.40 10.55 -3.97
C GLY A 93 -9.31 9.82 -3.26
N VAL A 94 -9.38 9.79 -1.96
CA VAL A 94 -8.31 9.31 -1.14
C VAL A 94 -8.58 7.95 -0.56
N THR A 95 -7.58 7.12 -0.74
CA THR A 95 -7.51 5.81 -0.17
C THR A 95 -6.08 5.58 0.19
N VAL A 96 -5.79 4.51 0.84
CA VAL A 96 -4.44 4.20 1.21
C VAL A 96 -4.05 2.82 0.73
N VAL A 97 -2.81 2.66 0.31
CA VAL A 97 -2.35 1.37 -0.13
C VAL A 97 -1.17 1.00 0.74
N LEU A 98 -1.41 0.10 1.67
CA LEU A 98 -0.44 -0.18 2.73
C LEU A 98 0.33 -1.45 2.45
N ILE A 99 1.64 -1.34 2.47
CA ILE A 99 2.47 -2.51 2.35
C ILE A 99 2.84 -3.00 3.71
N THR A 100 2.16 -4.02 4.12
CA THR A 100 2.44 -4.64 5.36
C THR A 100 3.44 -5.75 5.14
N CYS A 101 4.64 -5.55 5.62
CA CYS A 101 5.63 -6.59 5.51
C CYS A 101 5.30 -7.68 6.49
N THR A 102 4.87 -8.79 5.94
CA THR A 102 4.40 -9.89 6.70
C THR A 102 5.45 -10.98 6.72
N TYR A 103 6.17 -11.08 7.82
CA TYR A 103 7.20 -12.09 7.91
C TYR A 103 6.74 -13.17 8.86
N ARG A 104 6.62 -14.40 8.35
CA ARG A 104 6.15 -15.54 9.15
C ARG A 104 4.66 -15.46 9.44
N GLY A 105 3.95 -14.67 8.64
CA GLY A 105 2.52 -14.55 8.82
C GLY A 105 2.15 -13.45 9.80
N GLN A 106 3.16 -12.72 10.25
CA GLN A 106 2.96 -11.61 11.17
C GLN A 106 3.48 -10.33 10.53
N GLU A 107 2.66 -9.30 10.49
CA GLU A 107 3.03 -8.05 9.83
C GLU A 107 3.85 -7.17 10.76
N PHE A 108 4.93 -6.59 10.25
CA PHE A 108 5.80 -5.79 11.09
C PHE A 108 5.96 -4.36 10.59
N ILE A 109 5.33 -4.01 9.47
CA ILE A 109 5.31 -2.63 9.03
C ILE A 109 4.12 -2.42 8.10
N ARG A 110 3.76 -1.18 7.89
CA ARG A 110 2.61 -0.84 7.07
C ARG A 110 2.85 0.51 6.40
N VAL A 111 3.25 0.50 5.14
CA VAL A 111 3.39 1.77 4.43
C VAL A 111 2.03 2.17 3.86
N GLY A 112 1.35 3.05 4.53
CA GLY A 112 0.10 3.51 4.01
C GLY A 112 0.29 4.67 3.09
N TYR A 113 0.67 4.35 1.88
CA TYR A 113 0.78 5.36 0.85
C TYR A 113 -0.61 5.78 0.46
N TYR A 114 -0.93 7.01 0.74
CA TYR A 114 -2.21 7.51 0.41
C TYR A 114 -2.36 7.57 -1.10
N VAL A 115 -3.18 6.72 -1.66
CA VAL A 115 -3.36 6.72 -3.09
C VAL A 115 -4.51 7.64 -3.41
N ASN A 116 -4.16 8.75 -4.00
CA ASN A 116 -5.15 9.74 -4.38
C ASN A 116 -5.55 9.55 -5.83
N ASN A 117 -6.74 9.06 -6.03
CA ASN A 117 -7.18 8.73 -7.37
C ASN A 117 -8.00 9.86 -7.93
N GLU A 118 -7.55 10.37 -9.04
CA GLU A 118 -8.23 11.44 -9.72
C GLU A 118 -8.13 11.22 -11.21
N TYR A 119 -9.22 11.50 -11.88
CA TYR A 119 -9.32 11.34 -13.33
C TYR A 119 -8.14 11.89 -14.11
N THR A 120 -7.91 11.27 -15.25
CA THR A 120 -6.78 11.60 -16.09
C THR A 120 -7.19 12.63 -17.10
N GLU A 121 -8.46 12.59 -17.49
CA GLU A 121 -8.98 13.60 -18.37
C GLU A 121 -9.22 14.86 -17.58
N THR A 122 -8.64 15.95 -18.07
CA THR A 122 -8.62 17.22 -17.36
C THR A 122 -10.04 17.68 -17.01
N GLU A 123 -10.99 17.33 -17.86
CA GLU A 123 -12.39 17.70 -17.62
C GLU A 123 -12.94 16.92 -16.45
N LEU A 124 -12.55 15.66 -16.39
CA LEU A 124 -13.02 14.76 -15.35
C LEU A 124 -12.39 15.09 -14.01
N ARG A 125 -11.23 15.75 -14.04
CA ARG A 125 -10.56 16.15 -12.82
C ARG A 125 -11.30 17.35 -12.25
N GLU A 126 -11.77 18.19 -13.15
CA GLU A 126 -12.53 19.37 -12.81
C GLU A 126 -13.88 18.99 -12.22
N ASN A 127 -14.53 18.04 -12.85
CA ASN A 127 -15.85 17.61 -12.41
C ASN A 127 -15.97 16.09 -12.48
N PRO A 128 -15.46 15.41 -11.44
CA PRO A 128 -15.57 13.96 -11.29
C PRO A 128 -17.03 13.52 -11.30
N PRO A 129 -17.43 12.77 -12.33
CA PRO A 129 -18.80 12.26 -12.44
C PRO A 129 -19.11 11.26 -11.34
N VAL A 130 -20.39 11.14 -11.01
CA VAL A 130 -20.85 10.33 -9.88
C VAL A 130 -20.19 8.95 -9.84
N LYS A 131 -20.22 8.24 -10.96
CA LYS A 131 -19.58 6.94 -11.00
C LYS A 131 -18.10 7.07 -11.30
N PRO A 132 -17.29 6.41 -10.47
CA PRO A 132 -15.84 6.40 -10.60
C PRO A 132 -15.37 5.57 -11.78
N ASP A 133 -14.59 6.18 -12.66
CA ASP A 133 -14.10 5.47 -13.83
C ASP A 133 -12.63 5.12 -13.60
N PHE A 134 -12.37 3.85 -13.41
CA PHE A 134 -11.07 3.37 -12.98
C PHE A 134 -10.09 3.33 -14.16
N SER A 135 -10.64 3.37 -15.36
CA SER A 135 -9.83 3.41 -16.57
C SER A 135 -9.48 4.86 -16.95
N LYS A 136 -10.19 5.80 -16.36
CA LYS A 136 -9.86 7.21 -16.51
C LYS A 136 -9.26 7.71 -15.25
N LEU A 137 -8.91 6.77 -14.41
CA LEU A 137 -8.47 7.08 -13.08
C LEU A 137 -6.96 7.13 -13.04
N GLN A 138 -6.43 8.04 -12.25
CA GLN A 138 -4.99 8.22 -12.12
C GLN A 138 -4.62 8.09 -10.67
N ARG A 139 -3.70 7.20 -10.35
CA ARG A 139 -3.28 7.03 -8.98
C ARG A 139 -2.14 7.98 -8.68
N ASN A 140 -2.44 9.04 -7.96
CA ASN A 140 -1.44 9.94 -7.45
C ASN A 140 -1.06 9.45 -6.07
N ILE A 141 -0.07 8.58 -6.04
CA ILE A 141 0.41 8.03 -4.81
C ILE A 141 1.07 9.15 -4.00
N LEU A 142 0.41 9.55 -2.93
CA LEU A 142 0.87 10.68 -2.13
C LEU A 142 2.16 10.31 -1.42
N ALA A 143 3.25 10.55 -2.10
CA ALA A 143 4.57 10.24 -1.59
C ALA A 143 4.98 11.25 -0.52
N SER A 144 4.23 12.34 -0.46
CA SER A 144 4.39 13.34 0.59
C SER A 144 3.73 12.85 1.86
N ASN A 145 2.94 11.78 1.74
CA ASN A 145 2.22 11.21 2.86
C ASN A 145 2.32 9.69 2.88
N PRO A 146 3.53 9.13 3.06
CA PRO A 146 3.68 7.70 3.25
C PRO A 146 3.50 7.35 4.72
N ARG A 147 2.35 6.81 5.05
CA ARG A 147 2.00 6.56 6.42
C ARG A 147 2.58 5.23 6.89
N VAL A 148 3.86 5.25 7.21
CA VAL A 148 4.52 4.06 7.72
C VAL A 148 4.15 3.79 9.17
N THR A 149 3.79 2.55 9.45
CA THR A 149 3.54 2.13 10.81
C THR A 149 4.12 0.74 11.01
N ARG A 150 5.20 0.69 11.76
CA ARG A 150 5.93 -0.54 11.94
C ARG A 150 5.76 -1.07 13.35
N PHE A 151 5.66 -2.37 13.41
CA PHE A 151 5.45 -3.09 14.66
C PHE A 151 6.56 -4.13 14.82
N HIS A 152 6.63 -4.73 15.99
CA HIS A 152 7.59 -5.79 16.24
C HIS A 152 6.94 -7.15 15.98
N ILE A 153 7.74 -8.12 15.56
CA ILE A 153 7.27 -9.47 15.36
C ILE A 153 8.36 -10.45 15.78
N ASN A 154 7.99 -11.72 15.88
CA ASN A 154 8.92 -12.77 16.24
C ASN A 154 9.44 -13.44 15.00
N TRP A 155 10.52 -12.89 14.50
CA TRP A 155 11.18 -13.38 13.30
C TRP A 155 11.73 -14.78 13.54
N GLU A 156 11.52 -15.26 14.76
CA GLU A 156 12.19 -16.43 15.23
C GLU A 156 11.20 -17.32 15.92
N ASP A 157 11.58 -18.54 16.06
CA ASP A 157 10.78 -19.49 16.79
C ASP A 157 11.07 -19.36 18.27
N ASN A 158 10.63 -18.26 18.84
CA ASN A 158 10.87 -17.98 20.25
C ASN A 158 9.55 -17.90 20.99
N GLY B 1 -16.39 4.55 10.12
CA GLY B 1 -17.53 5.43 9.78
C GLY B 1 -17.22 6.30 8.57
N ALA B 2 -18.05 6.18 7.54
CA ALA B 2 -17.81 6.89 6.29
C ALA B 2 -18.11 8.38 6.43
N MET B 3 -17.08 9.14 6.77
CA MET B 3 -17.13 10.60 6.73
C MET B 3 -15.87 11.11 6.06
N GLY B 4 -14.75 10.91 6.73
CA GLY B 4 -13.48 11.30 6.19
C GLY B 4 -12.60 10.09 5.95
N LYS B 5 -11.92 10.06 4.82
CA LYS B 5 -11.09 8.91 4.46
C LYS B 5 -9.91 8.82 5.42
N ASP B 6 -9.43 9.98 5.85
CA ASP B 6 -8.29 10.09 6.76
C ASP B 6 -8.36 9.07 7.89
N ILE B 7 -9.44 9.11 8.67
CA ILE B 7 -9.58 8.22 9.81
C ILE B 7 -9.71 6.76 9.37
N GLN B 8 -10.41 6.52 8.26
CA GLN B 8 -10.58 5.18 7.72
C GLN B 8 -9.23 4.57 7.37
N LEU B 9 -8.46 5.31 6.58
CA LEU B 9 -7.16 4.85 6.13
C LEU B 9 -6.21 4.73 7.32
N ALA B 10 -6.23 5.74 8.20
CA ALA B 10 -5.39 5.74 9.39
C ALA B 10 -5.66 4.51 10.26
N ARG B 11 -6.93 4.13 10.40
CA ARG B 11 -7.29 2.96 11.18
C ARG B 11 -6.64 1.71 10.60
N ARG B 12 -6.70 1.57 9.28
CA ARG B 12 -6.20 0.38 8.61
C ARG B 12 -4.69 0.27 8.80
N ILE B 13 -4.02 1.41 8.75
CA ILE B 13 -2.57 1.46 8.84
C ILE B 13 -2.10 1.28 10.29
N ARG B 14 -2.78 1.95 11.21
CA ARG B 14 -2.39 1.94 12.62
C ARG B 14 -2.45 0.52 13.18
N GLY B 15 -3.34 -0.28 12.62
CA GLY B 15 -3.43 -1.67 13.00
C GLY B 15 -4.82 -2.21 12.85
N GLU B 16 -5.25 -2.42 11.60
CA GLU B 16 -6.59 -2.95 11.38
C GLU B 16 -6.59 -4.12 10.40
N ARG B 17 -5.62 -4.15 9.48
CA ARG B 17 -5.45 -5.28 8.59
C ARG B 17 -5.28 -6.54 9.42
N ALA B 18 -4.33 -6.50 10.33
CA ALA B 18 -4.12 -7.53 11.34
C ALA B 18 -3.16 -7.00 12.38
N MET A 3 16.84 -6.84 17.10
CA MET A 3 15.92 -7.99 17.19
C MET A 3 15.16 -8.17 15.89
N ALA A 4 14.99 -7.09 15.13
CA ALA A 4 14.35 -7.17 13.84
C ALA A 4 15.38 -7.56 12.79
N LYS A 5 15.00 -8.44 11.89
CA LYS A 5 15.90 -8.95 10.87
C LYS A 5 15.86 -8.08 9.62
N VAL A 6 14.80 -7.27 9.48
CA VAL A 6 14.67 -6.37 8.34
C VAL A 6 14.11 -5.02 8.78
N GLN A 7 14.68 -3.98 8.21
CA GLN A 7 14.24 -2.63 8.45
C GLN A 7 14.27 -1.85 7.15
N VAL A 8 13.12 -1.63 6.52
CA VAL A 8 13.13 -0.80 5.34
C VAL A 8 13.35 0.63 5.75
N ASN A 9 13.98 1.34 4.86
CA ASN A 9 14.54 2.63 5.18
C ASN A 9 14.07 3.63 4.18
N ASN A 10 14.45 3.41 2.93
CA ASN A 10 14.00 4.30 1.88
C ASN A 10 12.95 3.61 1.07
N VAL A 11 11.75 4.11 1.16
CA VAL A 11 10.74 3.67 0.24
C VAL A 11 10.65 4.66 -0.91
N VAL A 12 11.10 4.25 -2.07
CA VAL A 12 11.05 5.12 -3.22
C VAL A 12 9.94 4.66 -4.14
N VAL A 13 8.79 5.28 -3.98
CA VAL A 13 7.64 4.97 -4.80
C VAL A 13 7.80 5.59 -6.17
N LEU A 14 7.73 4.73 -7.16
CA LEU A 14 7.92 5.10 -8.54
C LEU A 14 6.60 5.48 -9.12
N ASP A 15 5.62 4.62 -8.86
CA ASP A 15 4.25 4.88 -9.23
C ASP A 15 3.71 6.07 -8.43
N ASN A 16 4.03 7.22 -8.95
CA ASN A 16 3.39 8.46 -8.59
C ASN A 16 2.39 8.77 -9.68
N PRO A 17 1.54 9.82 -9.57
CA PRO A 17 0.25 9.80 -10.24
C PRO A 17 0.33 9.41 -11.71
N SER A 18 -0.02 8.15 -11.92
CA SER A 18 -0.08 7.56 -13.24
C SER A 18 -1.44 6.87 -13.42
N PRO A 19 -1.79 6.43 -14.64
CA PRO A 19 -3.02 5.68 -14.88
C PRO A 19 -3.32 4.66 -13.78
N PHE A 20 -4.59 4.56 -13.40
CA PHE A 20 -5.04 3.57 -12.44
C PHE A 20 -4.94 2.15 -13.02
N TYR A 21 -4.69 2.02 -14.30
CA TYR A 21 -4.37 0.73 -14.85
C TYR A 21 -2.86 0.54 -14.94
N ASN A 22 -2.12 1.49 -14.37
CA ASN A 22 -0.69 1.36 -14.16
C ASN A 22 -0.47 0.85 -12.76
N PRO A 23 0.26 -0.23 -12.63
CA PRO A 23 0.46 -0.93 -11.36
C PRO A 23 1.21 -0.09 -10.35
N PHE A 24 0.98 -0.37 -9.07
CA PHE A 24 1.71 0.26 -8.01
C PHE A 24 3.15 -0.15 -8.09
N GLN A 25 4.01 0.82 -8.08
CA GLN A 25 5.41 0.56 -8.29
C GLN A 25 6.22 1.13 -7.15
N PHE A 26 6.64 0.27 -6.25
CA PHE A 26 7.45 0.66 -5.13
C PHE A 26 8.88 0.22 -5.34
N GLU A 27 9.80 1.01 -4.87
CA GLU A 27 11.19 0.61 -4.78
C GLU A 27 11.59 0.65 -3.32
N ILE A 28 11.39 -0.45 -2.60
CA ILE A 28 11.70 -0.49 -1.19
C ILE A 28 13.16 -0.82 -0.96
N THR A 29 13.82 0.11 -0.32
CA THR A 29 15.19 -0.09 0.09
C THR A 29 15.20 -0.44 1.56
N PHE A 30 15.42 -1.71 1.87
CA PHE A 30 15.49 -2.11 3.23
C PHE A 30 16.84 -2.66 3.54
N GLU A 31 17.21 -2.49 4.77
CA GLU A 31 18.45 -3.01 5.22
C GLU A 31 18.16 -4.17 6.12
N CYS A 32 18.61 -5.33 5.69
CA CYS A 32 18.44 -6.50 6.49
C CYS A 32 19.39 -6.40 7.63
N ILE A 33 18.82 -6.33 8.78
CA ILE A 33 19.55 -6.05 9.95
C ILE A 33 20.18 -7.32 10.47
N GLU A 34 19.53 -8.45 10.20
CA GLU A 34 20.02 -9.73 10.70
C GLU A 34 19.63 -10.83 9.72
N ASP A 35 20.47 -11.86 9.61
CA ASP A 35 20.25 -12.95 8.64
C ASP A 35 18.87 -13.57 8.83
N LEU A 36 18.15 -13.79 7.72
CA LEU A 36 16.77 -14.19 7.79
C LEU A 36 16.62 -15.70 7.73
N SER A 37 15.49 -16.18 8.22
CA SER A 37 15.23 -17.61 8.28
C SER A 37 14.10 -17.99 7.33
N GLU A 38 13.09 -17.14 7.28
CA GLU A 38 11.89 -17.41 6.50
C GLU A 38 11.71 -16.32 5.44
N ASP A 39 10.56 -16.28 4.79
CA ASP A 39 10.33 -15.38 3.70
C ASP A 39 9.69 -14.10 4.21
N LEU A 40 10.18 -13.01 3.69
CA LEU A 40 9.66 -11.69 3.96
C LEU A 40 8.49 -11.41 3.05
N GLU A 41 7.37 -11.02 3.61
CA GLU A 41 6.16 -10.86 2.81
C GLU A 41 5.67 -9.41 2.80
N TRP A 42 6.14 -8.64 1.84
CA TRP A 42 5.70 -7.26 1.68
C TRP A 42 4.41 -7.25 0.89
N LYS A 43 3.43 -6.49 1.35
CA LYS A 43 2.14 -6.52 0.71
C LYS A 43 1.63 -5.12 0.40
N ILE A 44 0.93 -5.00 -0.73
CA ILE A 44 0.27 -3.75 -1.10
C ILE A 44 -1.20 -3.90 -0.79
N ILE A 45 -1.67 -3.24 0.25
CA ILE A 45 -3.07 -3.35 0.61
C ILE A 45 -3.81 -2.12 0.14
N TYR A 46 -4.70 -2.32 -0.79
CA TYR A 46 -5.46 -1.23 -1.36
C TYR A 46 -6.79 -1.11 -0.66
N VAL A 47 -7.04 0.05 -0.08
CA VAL A 47 -8.35 0.32 0.44
C VAL A 47 -9.34 0.53 -0.71
N GLY A 48 -10.08 -0.52 -1.02
CA GLY A 48 -11.02 -0.49 -2.11
C GLY A 48 -12.24 0.35 -1.79
N SER A 49 -12.89 0.01 -0.68
CA SER A 49 -14.12 0.67 -0.27
C SER A 49 -13.94 1.31 1.10
N ALA A 50 -13.20 2.41 1.17
CA ALA A 50 -12.97 3.13 2.43
C ALA A 50 -14.27 3.41 3.18
N GLU A 51 -15.36 3.32 2.46
CA GLU A 51 -16.68 3.53 3.01
C GLU A 51 -17.09 2.35 3.91
N SER A 52 -16.42 1.22 3.73
CA SER A 52 -16.60 0.06 4.59
C SER A 52 -15.27 -0.22 5.31
N GLU A 53 -15.03 -1.49 5.65
CA GLU A 53 -13.72 -1.91 6.17
C GLU A 53 -13.45 -3.39 5.90
N GLU A 54 -14.19 -3.91 4.94
CA GLU A 54 -14.11 -5.30 4.49
C GLU A 54 -13.25 -5.48 3.23
N TYR A 55 -13.38 -4.49 2.38
CA TYR A 55 -12.87 -4.45 1.02
C TYR A 55 -11.38 -4.72 0.92
N ASP A 56 -10.64 -4.12 1.87
CA ASP A 56 -9.19 -3.98 1.80
C ASP A 56 -8.52 -5.13 1.05
N GLN A 57 -8.09 -4.81 -0.17
CA GLN A 57 -7.65 -5.82 -1.12
C GLN A 57 -6.14 -6.00 -1.06
N VAL A 58 -5.69 -7.08 -1.67
CA VAL A 58 -4.29 -7.40 -1.73
C VAL A 58 -3.86 -7.47 -3.19
N LEU A 59 -3.10 -6.49 -3.60
CA LEU A 59 -2.66 -6.37 -4.98
C LEU A 59 -1.59 -7.40 -5.29
N ASP A 60 -0.69 -7.60 -4.33
CA ASP A 60 0.35 -8.61 -4.44
C ASP A 60 1.15 -8.63 -3.15
N SER A 61 1.95 -9.67 -2.96
CA SER A 61 2.81 -9.77 -1.81
C SER A 61 4.10 -10.46 -2.24
N VAL A 62 5.19 -9.80 -2.00
CA VAL A 62 6.48 -10.25 -2.51
C VAL A 62 7.24 -10.96 -1.40
N LEU A 63 7.85 -12.08 -1.73
CA LEU A 63 8.53 -12.87 -0.73
C LEU A 63 10.05 -12.83 -0.94
N VAL A 64 10.71 -12.08 -0.08
CA VAL A 64 12.17 -12.03 -0.06
C VAL A 64 12.68 -13.01 1.00
N GLY A 65 13.43 -14.02 0.58
CA GLY A 65 13.70 -15.15 1.43
C GLY A 65 14.72 -14.87 2.51
N PRO A 66 15.32 -15.92 3.07
CA PRO A 66 16.35 -15.75 4.07
C PRO A 66 17.59 -15.14 3.45
N VAL A 67 17.90 -13.95 3.88
CA VAL A 67 18.99 -13.20 3.34
C VAL A 67 19.96 -12.79 4.45
N PRO A 68 21.27 -12.82 4.17
CA PRO A 68 22.29 -12.52 5.19
C PRO A 68 22.56 -11.06 5.36
N ALA A 69 21.64 -10.45 6.06
CA ALA A 69 21.61 -9.02 6.30
C ALA A 69 21.89 -8.21 5.03
N GLY A 70 22.12 -6.93 5.23
CA GLY A 70 22.58 -6.09 4.17
C GLY A 70 21.49 -5.20 3.66
N ARG A 71 21.83 -3.97 3.37
CA ARG A 71 20.89 -3.06 2.78
C ARG A 71 20.74 -3.36 1.30
N HIS A 72 19.55 -3.75 0.94
CA HIS A 72 19.22 -4.09 -0.43
C HIS A 72 17.99 -3.32 -0.84
N MET A 73 18.10 -2.54 -1.89
CA MET A 73 16.93 -1.96 -2.49
C MET A 73 16.31 -2.95 -3.44
N PHE A 74 15.07 -3.30 -3.19
CA PHE A 74 14.35 -4.20 -4.05
C PHE A 74 13.14 -3.48 -4.57
N VAL A 75 12.60 -3.97 -5.64
CA VAL A 75 11.55 -3.27 -6.30
C VAL A 75 10.29 -4.13 -6.34
N PHE A 76 9.19 -3.49 -6.00
CA PHE A 76 7.97 -4.17 -5.60
C PHE A 76 6.78 -3.52 -6.28
N GLN A 77 6.21 -4.21 -7.25
CA GLN A 77 5.10 -3.68 -8.02
C GLN A 77 3.94 -4.63 -7.93
N ALA A 78 2.76 -4.10 -8.13
CA ALA A 78 1.55 -4.88 -8.05
C ALA A 78 0.46 -4.19 -8.84
N ASP A 79 -0.27 -4.95 -9.64
CA ASP A 79 -1.26 -4.37 -10.54
C ASP A 79 -2.36 -3.73 -9.71
N ALA A 80 -3.25 -3.01 -10.36
CA ALA A 80 -4.24 -2.22 -9.67
C ALA A 80 -5.27 -3.11 -8.99
N PRO A 81 -5.95 -2.54 -7.99
CA PRO A 81 -7.01 -3.22 -7.26
C PRO A 81 -8.22 -3.51 -8.14
N ASN A 82 -9.16 -4.26 -7.61
CA ASN A 82 -10.38 -4.55 -8.33
C ASN A 82 -11.23 -3.31 -8.44
N PRO A 83 -11.52 -2.92 -9.68
CA PRO A 83 -12.40 -1.80 -9.96
C PRO A 83 -13.81 -2.08 -9.46
N GLY A 84 -14.06 -3.34 -9.12
CA GLY A 84 -15.36 -3.72 -8.61
C GLY A 84 -15.42 -3.61 -7.11
N LEU A 85 -14.25 -3.59 -6.46
CA LEU A 85 -14.19 -3.51 -5.00
C LEU A 85 -14.06 -2.07 -4.55
N ILE A 86 -13.99 -1.16 -5.52
CA ILE A 86 -13.99 0.26 -5.21
C ILE A 86 -15.35 0.89 -5.44
N PRO A 87 -15.90 1.56 -4.41
CA PRO A 87 -17.08 2.38 -4.54
C PRO A 87 -16.75 3.73 -5.16
N ASP A 88 -17.74 4.38 -5.71
CA ASP A 88 -17.56 5.67 -6.37
C ASP A 88 -16.75 6.64 -5.53
N ALA A 89 -17.09 6.74 -4.26
CA ALA A 89 -16.50 7.75 -3.39
C ALA A 89 -15.01 7.51 -3.19
N ASP A 90 -14.61 6.25 -3.21
CA ASP A 90 -13.20 5.90 -3.14
C ASP A 90 -12.51 6.08 -4.47
N ALA A 91 -13.23 5.77 -5.54
CA ALA A 91 -12.61 5.65 -6.84
C ALA A 91 -12.15 6.99 -7.35
N VAL A 92 -13.02 7.96 -7.24
CA VAL A 92 -12.74 9.29 -7.68
C VAL A 92 -12.41 10.18 -6.49
N GLY A 93 -11.56 9.64 -5.65
CA GLY A 93 -11.38 10.15 -4.31
C GLY A 93 -10.07 9.73 -3.69
N VAL A 94 -10.14 9.38 -2.42
CA VAL A 94 -8.98 9.08 -1.64
C VAL A 94 -9.08 7.66 -1.05
N THR A 95 -7.94 7.05 -0.95
CA THR A 95 -7.79 5.69 -0.47
C THR A 95 -6.34 5.51 -0.07
N VAL A 96 -6.01 4.39 0.49
CA VAL A 96 -4.66 4.16 0.95
C VAL A 96 -4.14 2.80 0.49
N VAL A 97 -2.84 2.76 0.18
CA VAL A 97 -2.18 1.52 -0.11
C VAL A 97 -0.98 1.41 0.82
N LEU A 98 -1.11 0.54 1.81
CA LEU A 98 -0.08 0.40 2.81
C LEU A 98 0.73 -0.87 2.54
N ILE A 99 2.02 -0.81 2.82
CA ILE A 99 2.85 -1.99 2.67
C ILE A 99 3.11 -2.58 4.00
N THR A 100 2.38 -3.61 4.29
CA THR A 100 2.58 -4.32 5.49
C THR A 100 3.39 -5.55 5.19
N CYS A 101 4.58 -5.60 5.72
CA CYS A 101 5.36 -6.80 5.60
C CYS A 101 4.90 -7.78 6.65
N THR A 102 5.19 -9.03 6.40
CA THR A 102 4.57 -10.12 7.11
C THR A 102 5.58 -11.25 7.19
N TYR A 103 6.09 -11.49 8.37
CA TYR A 103 7.06 -12.53 8.56
C TYR A 103 6.54 -13.48 9.63
N ARG A 104 6.38 -14.74 9.25
CA ARG A 104 5.80 -15.76 10.10
C ARG A 104 4.33 -15.50 10.38
N GLY A 105 3.69 -14.78 9.48
CA GLY A 105 2.26 -14.56 9.58
C GLY A 105 1.92 -13.39 10.46
N GLN A 106 2.92 -12.60 10.80
CA GLN A 106 2.70 -11.39 11.56
C GLN A 106 3.28 -10.21 10.81
N GLU A 107 2.47 -9.17 10.71
CA GLU A 107 2.83 -8.00 9.94
C GLU A 107 3.62 -7.02 10.80
N PHE A 108 4.81 -6.64 10.32
CA PHE A 108 5.77 -5.91 11.14
C PHE A 108 6.12 -4.53 10.59
N ILE A 109 5.52 -4.14 9.49
CA ILE A 109 5.74 -2.81 8.98
C ILE A 109 4.55 -2.43 8.14
N ARG A 110 4.30 -1.17 8.01
CA ARG A 110 3.16 -0.71 7.27
C ARG A 110 3.44 0.68 6.72
N VAL A 111 3.65 0.81 5.42
CA VAL A 111 3.77 2.14 4.85
C VAL A 111 2.42 2.56 4.25
N GLY A 112 1.70 3.38 4.98
CA GLY A 112 0.42 3.83 4.51
C GLY A 112 0.55 5.00 3.58
N TYR A 113 0.79 4.66 2.34
CA TYR A 113 0.81 5.63 1.27
C TYR A 113 -0.60 5.93 0.85
N TYR A 114 -1.01 7.15 1.04
CA TYR A 114 -2.30 7.56 0.57
C TYR A 114 -2.31 7.56 -0.94
N VAL A 115 -3.35 7.04 -1.54
CA VAL A 115 -3.48 7.07 -2.97
C VAL A 115 -4.76 7.80 -3.33
N ASN A 116 -4.58 8.95 -3.90
CA ASN A 116 -5.69 9.78 -4.33
C ASN A 116 -5.94 9.53 -5.80
N ASN A 117 -7.14 9.08 -6.14
CA ASN A 117 -7.44 8.77 -7.52
C ASN A 117 -8.21 9.91 -8.12
N GLU A 118 -7.63 10.49 -9.14
CA GLU A 118 -8.21 11.64 -9.78
C GLU A 118 -8.21 11.42 -11.28
N TYR A 119 -9.35 11.66 -11.88
CA TYR A 119 -9.52 11.54 -13.32
C TYR A 119 -8.36 12.14 -14.11
N THR A 120 -8.14 11.59 -15.29
CA THR A 120 -7.04 11.99 -16.14
C THR A 120 -7.54 13.06 -17.10
N GLU A 121 -8.83 12.97 -17.41
CA GLU A 121 -9.43 13.90 -18.32
C GLU A 121 -9.85 15.15 -17.58
N THR A 122 -9.45 16.32 -18.08
CA THR A 122 -9.74 17.58 -17.40
C THR A 122 -11.22 17.66 -17.02
N GLU A 123 -12.08 17.30 -17.96
CA GLU A 123 -13.53 17.44 -17.81
C GLU A 123 -14.01 16.65 -16.59
N LEU A 124 -13.32 15.57 -16.33
CA LEU A 124 -13.70 14.68 -15.27
C LEU A 124 -13.14 15.15 -13.92
N ARG A 125 -12.05 15.90 -13.96
CA ARG A 125 -11.43 16.41 -12.75
C ARG A 125 -12.19 17.65 -12.30
N GLU A 126 -12.62 18.42 -13.29
CA GLU A 126 -13.34 19.65 -13.05
C GLU A 126 -14.77 19.36 -12.59
N ASN A 127 -15.34 18.33 -13.16
CA ASN A 127 -16.67 17.89 -12.76
C ASN A 127 -16.79 16.38 -12.77
N PRO A 128 -16.28 15.73 -11.69
CA PRO A 128 -16.35 14.28 -11.51
C PRO A 128 -17.79 13.77 -11.54
N PRO A 129 -18.09 12.89 -12.50
CA PRO A 129 -19.43 12.32 -12.66
C PRO A 129 -19.77 11.36 -11.53
N VAL A 130 -21.05 11.06 -11.36
CA VAL A 130 -21.49 10.18 -10.29
C VAL A 130 -20.80 8.81 -10.38
N LYS A 131 -20.75 8.25 -11.59
CA LYS A 131 -20.05 7.01 -11.80
C LYS A 131 -18.59 7.25 -12.15
N PRO A 132 -17.71 6.56 -11.45
CA PRO A 132 -16.27 6.66 -11.64
C PRO A 132 -15.79 5.85 -12.83
N ASP A 133 -14.76 6.33 -13.48
CA ASP A 133 -14.13 5.59 -14.56
C ASP A 133 -12.72 5.26 -14.15
N PHE A 134 -12.46 3.98 -13.93
CA PHE A 134 -11.20 3.50 -13.40
C PHE A 134 -10.15 3.49 -14.51
N SER A 135 -10.62 3.63 -15.72
CA SER A 135 -9.77 3.72 -16.89
C SER A 135 -9.36 5.18 -17.14
N LYS A 136 -10.18 6.10 -16.63
CA LYS A 136 -9.89 7.52 -16.71
C LYS A 136 -9.30 7.96 -15.41
N LEU A 137 -9.01 6.98 -14.60
CA LEU A 137 -8.60 7.22 -13.25
C LEU A 137 -7.09 7.26 -13.16
N GLN A 138 -6.59 8.12 -12.29
CA GLN A 138 -5.16 8.30 -12.12
C GLN A 138 -4.81 8.18 -10.65
N ARG A 139 -3.86 7.31 -10.33
CA ARG A 139 -3.47 7.08 -8.96
C ARG A 139 -2.33 8.00 -8.57
N ASN A 140 -2.62 9.02 -7.76
CA ASN A 140 -1.58 9.86 -7.20
C ASN A 140 -1.25 9.36 -5.81
N ILE A 141 -0.08 8.78 -5.72
CA ILE A 141 0.38 8.24 -4.48
C ILE A 141 1.05 9.37 -3.69
N LEU A 142 0.41 9.80 -2.61
CA LEU A 142 0.89 10.91 -1.81
C LEU A 142 2.18 10.52 -1.12
N ALA A 143 3.28 10.68 -1.82
CA ALA A 143 4.59 10.36 -1.32
C ALA A 143 4.99 11.34 -0.22
N SER A 144 4.32 12.48 -0.21
CA SER A 144 4.51 13.47 0.83
C SER A 144 3.89 12.99 2.14
N ASN A 145 3.01 11.98 2.04
CA ASN A 145 2.35 11.44 3.21
C ASN A 145 2.52 9.92 3.27
N PRO A 146 3.73 9.42 3.52
CA PRO A 146 3.95 8.02 3.75
C PRO A 146 3.87 7.70 5.23
N ARG A 147 2.78 7.11 5.64
CA ARG A 147 2.56 6.84 7.05
C ARG A 147 3.20 5.53 7.46
N VAL A 148 4.44 5.62 7.92
CA VAL A 148 5.21 4.44 8.25
C VAL A 148 4.94 3.96 9.67
N THR A 149 4.66 2.68 9.80
CA THR A 149 4.49 2.07 11.11
C THR A 149 5.10 0.68 11.12
N ARG A 150 6.22 0.54 11.79
CA ARG A 150 6.88 -0.75 11.88
C ARG A 150 6.80 -1.30 13.29
N PHE A 151 6.37 -2.54 13.36
CA PHE A 151 6.16 -3.22 14.63
C PHE A 151 7.11 -4.41 14.72
N HIS A 152 7.63 -4.68 15.90
CA HIS A 152 8.50 -5.84 16.09
C HIS A 152 7.70 -7.14 16.09
N ILE A 153 8.21 -8.15 15.41
CA ILE A 153 7.59 -9.44 15.38
C ILE A 153 8.63 -10.50 15.66
N ASN A 154 8.24 -11.73 15.56
CA ASN A 154 9.13 -12.83 15.86
C ASN A 154 9.85 -13.32 14.61
N TRP A 155 11.03 -12.77 14.38
CA TRP A 155 11.86 -13.20 13.27
C TRP A 155 12.55 -14.50 13.65
N GLU A 156 12.23 -14.96 14.84
CA GLU A 156 12.74 -16.20 15.36
C GLU A 156 11.65 -17.21 15.28
N ASP A 157 12.00 -18.43 15.49
CA ASP A 157 11.04 -19.50 15.43
C ASP A 157 10.53 -19.83 16.82
N ASN A 158 9.79 -18.89 17.38
CA ASN A 158 9.00 -19.19 18.58
C ASN A 158 7.53 -19.25 18.18
N GLY B 1 -19.93 8.40 3.45
CA GLY B 1 -19.77 7.78 4.79
C GLY B 1 -18.78 8.53 5.65
N ALA B 2 -17.51 8.40 5.30
CA ALA B 2 -16.47 9.14 6.01
C ALA B 2 -16.28 10.51 5.36
N MET B 3 -15.62 11.42 6.07
CA MET B 3 -15.40 12.78 5.57
C MET B 3 -14.59 12.72 4.28
N GLY B 4 -13.29 12.48 4.42
CA GLY B 4 -12.43 12.33 3.26
C GLY B 4 -11.64 11.05 3.35
N LYS B 5 -12.28 10.00 3.88
CA LYS B 5 -11.71 8.65 4.04
C LYS B 5 -10.54 8.63 5.04
N ASP B 6 -9.88 9.78 5.18
CA ASP B 6 -8.92 10.06 6.28
C ASP B 6 -8.93 9.03 7.42
N ILE B 7 -9.94 9.09 8.29
CA ILE B 7 -10.02 8.21 9.47
C ILE B 7 -10.16 6.73 9.08
N GLN B 8 -10.89 6.46 8.02
CA GLN B 8 -11.05 5.10 7.51
C GLN B 8 -9.69 4.49 7.15
N LEU B 9 -8.94 5.24 6.35
CA LEU B 9 -7.60 4.83 5.96
C LEU B 9 -6.73 4.75 7.20
N ALA B 10 -6.90 5.72 8.09
CA ALA B 10 -6.14 5.80 9.33
C ALA B 10 -6.43 4.61 10.23
N ARG B 11 -7.60 4.01 10.09
CA ARG B 11 -7.91 2.77 10.79
C ARG B 11 -6.99 1.66 10.32
N ARG B 12 -6.92 1.46 9.01
CA ARG B 12 -6.05 0.42 8.45
C ARG B 12 -4.59 0.74 8.80
N ILE B 13 -4.26 2.02 8.78
CA ILE B 13 -2.90 2.50 9.03
C ILE B 13 -2.62 2.66 10.53
N ARG B 14 -3.60 2.42 11.37
CA ARG B 14 -3.37 2.51 12.80
C ARG B 14 -2.95 1.16 13.35
N GLY B 15 -3.59 0.11 12.87
CA GLY B 15 -3.18 -1.21 13.30
C GLY B 15 -4.14 -2.29 12.86
N GLU B 16 -4.42 -2.36 11.57
CA GLU B 16 -5.26 -3.43 11.08
C GLU B 16 -4.40 -4.64 10.72
N ARG B 17 -3.35 -4.40 9.91
CA ARG B 17 -2.36 -5.36 9.49
C ARG B 17 -2.92 -6.71 9.07
N ALA B 18 -2.69 -6.96 7.80
CA ALA B 18 -3.18 -8.14 7.11
C ALA B 18 -2.77 -8.07 5.65
N MET A 3 14.99 -8.73 17.55
CA MET A 3 13.88 -9.61 17.08
C MET A 3 13.55 -9.38 15.62
N ALA A 4 13.68 -8.14 15.16
CA ALA A 4 13.37 -7.81 13.78
C ALA A 4 14.59 -8.05 12.89
N LYS A 5 14.40 -8.82 11.83
CA LYS A 5 15.49 -9.14 10.92
C LYS A 5 15.51 -8.17 9.74
N VAL A 6 14.50 -7.34 9.64
CA VAL A 6 14.41 -6.38 8.55
C VAL A 6 13.72 -5.12 9.00
N GLN A 7 14.24 -4.00 8.51
CA GLN A 7 13.65 -2.72 8.73
C GLN A 7 13.68 -1.95 7.43
N VAL A 8 12.56 -1.90 6.71
CA VAL A 8 12.54 -1.07 5.52
C VAL A 8 12.52 0.37 5.95
N ASN A 9 13.18 1.17 5.17
CA ASN A 9 13.54 2.52 5.53
C ASN A 9 13.04 3.46 4.48
N ASN A 10 13.58 3.26 3.29
CA ASN A 10 13.16 4.05 2.17
C ASN A 10 12.24 3.22 1.31
N VAL A 11 11.37 3.90 0.62
CA VAL A 11 10.51 3.26 -0.32
C VAL A 11 10.30 4.22 -1.48
N VAL A 12 11.01 4.01 -2.55
CA VAL A 12 10.93 4.95 -3.64
C VAL A 12 9.81 4.56 -4.58
N VAL A 13 8.69 5.22 -4.40
CA VAL A 13 7.53 4.97 -5.21
C VAL A 13 7.73 5.58 -6.57
N LEU A 14 7.72 4.72 -7.54
CA LEU A 14 8.02 5.08 -8.91
C LEU A 14 6.74 5.50 -9.56
N ASP A 15 5.74 4.68 -9.30
CA ASP A 15 4.39 4.95 -9.74
C ASP A 15 3.77 6.05 -8.87
N ASN A 16 4.27 7.23 -9.12
CA ASN A 16 3.64 8.46 -8.74
C ASN A 16 2.63 8.81 -9.80
N PRO A 17 1.80 9.87 -9.66
CA PRO A 17 0.48 9.87 -10.25
C PRO A 17 0.49 9.46 -11.72
N SER A 18 0.08 8.22 -11.89
CA SER A 18 -0.01 7.58 -13.19
C SER A 18 -1.39 6.95 -13.34
N PRO A 19 -1.75 6.50 -14.56
CA PRO A 19 -3.00 5.77 -14.79
C PRO A 19 -3.27 4.72 -13.70
N PHE A 20 -4.49 4.70 -13.19
CA PHE A 20 -4.91 3.72 -12.21
C PHE A 20 -4.84 2.30 -12.79
N TYR A 21 -4.60 2.19 -14.08
CA TYR A 21 -4.42 0.88 -14.69
C TYR A 21 -2.95 0.49 -14.80
N ASN A 22 -2.04 1.38 -14.39
CA ASN A 22 -0.64 1.00 -14.32
C ASN A 22 -0.34 0.60 -12.90
N PRO A 23 0.37 -0.50 -12.74
CA PRO A 23 0.52 -1.18 -11.44
C PRO A 23 1.30 -0.33 -10.43
N PHE A 24 1.01 -0.54 -9.15
CA PHE A 24 1.70 0.13 -8.07
C PHE A 24 3.16 -0.22 -8.07
N GLN A 25 3.99 0.78 -8.25
CA GLN A 25 5.42 0.54 -8.40
C GLN A 25 6.20 1.15 -7.25
N PHE A 26 6.78 0.30 -6.43
CA PHE A 26 7.63 0.70 -5.32
C PHE A 26 9.04 0.20 -5.54
N GLU A 27 10.00 0.88 -4.93
CA GLU A 27 11.32 0.30 -4.74
C GLU A 27 11.69 0.39 -3.27
N ILE A 28 11.35 -0.63 -2.53
CA ILE A 28 11.59 -0.63 -1.11
C ILE A 28 13.05 -0.88 -0.76
N THR A 29 13.57 -0.03 0.08
CA THR A 29 14.93 -0.14 0.58
C THR A 29 14.88 -0.48 2.05
N PHE A 30 15.22 -1.71 2.39
CA PHE A 30 15.27 -2.06 3.77
C PHE A 30 16.65 -2.36 4.20
N GLU A 31 16.85 -2.09 5.43
CA GLU A 31 18.07 -2.46 6.06
C GLU A 31 17.74 -3.64 6.88
N CYS A 32 18.17 -4.78 6.40
CA CYS A 32 17.88 -5.97 7.10
C CYS A 32 18.71 -5.92 8.33
N ILE A 33 18.07 -6.08 9.43
CA ILE A 33 18.67 -5.77 10.67
C ILE A 33 19.43 -6.96 11.14
N GLU A 34 18.99 -8.12 10.67
CA GLU A 34 19.65 -9.36 10.91
C GLU A 34 19.45 -10.28 9.70
N ASP A 35 20.20 -11.37 9.62
CA ASP A 35 20.08 -12.29 8.50
C ASP A 35 18.81 -13.09 8.60
N LEU A 36 18.18 -13.35 7.47
CA LEU A 36 16.84 -13.91 7.48
C LEU A 36 16.86 -15.37 7.04
N SER A 37 15.84 -16.13 7.45
CA SER A 37 15.77 -17.54 7.13
C SER A 37 14.60 -17.89 6.22
N GLU A 38 13.47 -17.22 6.41
CA GLU A 38 12.24 -17.57 5.73
C GLU A 38 11.98 -16.56 4.62
N ASP A 39 10.78 -16.54 4.04
CA ASP A 39 10.47 -15.60 2.99
C ASP A 39 9.67 -14.42 3.52
N LEU A 40 10.02 -13.23 3.04
CA LEU A 40 9.37 -11.99 3.41
C LEU A 40 8.18 -11.77 2.50
N GLU A 41 7.02 -11.51 3.07
CA GLU A 41 5.84 -11.27 2.26
C GLU A 41 5.48 -9.79 2.22
N TRP A 42 6.02 -9.07 1.24
CA TRP A 42 5.63 -7.68 1.06
C TRP A 42 4.41 -7.64 0.18
N LYS A 43 3.26 -7.29 0.71
CA LYS A 43 2.13 -7.13 -0.16
C LYS A 43 1.59 -5.71 -0.13
N ILE A 44 0.85 -5.41 -1.18
CA ILE A 44 0.23 -4.13 -1.35
C ILE A 44 -1.24 -4.24 -0.98
N ILE A 45 -1.59 -3.66 0.14
CA ILE A 45 -2.96 -3.67 0.60
C ILE A 45 -3.61 -2.38 0.22
N TYR A 46 -4.44 -2.45 -0.78
CA TYR A 46 -5.14 -1.30 -1.25
C TYR A 46 -6.45 -1.16 -0.54
N VAL A 47 -6.53 -0.17 0.31
CA VAL A 47 -7.77 0.16 0.97
C VAL A 47 -8.77 0.63 -0.06
N GLY A 48 -9.64 -0.27 -0.48
CA GLY A 48 -10.74 0.12 -1.32
C GLY A 48 -11.76 0.85 -0.47
N SER A 49 -11.96 0.30 0.72
CA SER A 49 -12.88 0.86 1.67
C SER A 49 -12.24 1.96 2.50
N ALA A 50 -12.28 3.16 2.00
CA ALA A 50 -11.96 4.31 2.81
C ALA A 50 -13.21 4.71 3.57
N GLU A 51 -14.33 4.15 3.14
CA GLU A 51 -15.59 4.30 3.82
C GLU A 51 -15.90 3.06 4.65
N SER A 52 -15.53 1.88 4.15
CA SER A 52 -15.71 0.66 4.89
C SER A 52 -14.38 0.21 5.46
N GLU A 53 -14.23 -1.08 5.70
CA GLU A 53 -12.96 -1.62 6.15
C GLU A 53 -12.77 -3.07 5.72
N GLU A 54 -13.70 -3.60 4.91
CA GLU A 54 -13.58 -4.94 4.38
C GLU A 54 -12.95 -4.96 2.98
N TYR A 55 -12.76 -3.77 2.41
CA TYR A 55 -12.37 -3.68 1.00
C TYR A 55 -10.87 -3.46 0.84
N ASP A 56 -10.12 -3.63 1.92
CA ASP A 56 -8.66 -3.66 1.84
C ASP A 56 -8.21 -4.88 1.03
N GLN A 57 -7.90 -4.64 -0.24
CA GLN A 57 -7.54 -5.69 -1.17
C GLN A 57 -6.03 -5.85 -1.29
N VAL A 58 -5.60 -6.91 -1.95
CA VAL A 58 -4.21 -7.30 -2.02
C VAL A 58 -3.82 -7.48 -3.46
N LEU A 59 -2.97 -6.61 -3.91
CA LEU A 59 -2.57 -6.58 -5.30
C LEU A 59 -1.55 -7.68 -5.56
N ASP A 60 -0.52 -7.72 -4.74
CA ASP A 60 0.45 -8.81 -4.79
C ASP A 60 1.35 -8.75 -3.57
N SER A 61 1.88 -9.90 -3.20
CA SER A 61 2.80 -10.04 -2.12
C SER A 61 4.05 -10.72 -2.66
N VAL A 62 5.16 -10.05 -2.55
CA VAL A 62 6.40 -10.51 -3.12
C VAL A 62 7.27 -11.11 -2.03
N LEU A 63 7.92 -12.22 -2.35
CA LEU A 63 8.66 -12.94 -1.34
C LEU A 63 10.17 -12.80 -1.54
N VAL A 64 10.79 -11.99 -0.69
CA VAL A 64 12.23 -11.86 -0.64
C VAL A 64 12.70 -12.35 0.70
N GLY A 65 13.40 -13.47 0.74
CA GLY A 65 13.47 -14.19 1.97
C GLY A 65 14.71 -13.91 2.75
N PRO A 66 15.60 -14.89 2.90
CA PRO A 66 16.82 -14.69 3.62
C PRO A 66 17.61 -13.57 2.97
N VAL A 67 17.77 -12.53 3.72
CA VAL A 67 18.43 -11.34 3.26
C VAL A 67 19.50 -10.94 4.27
N PRO A 68 20.75 -10.84 3.82
CA PRO A 68 21.85 -10.47 4.71
C PRO A 68 21.67 -9.06 5.24
N ALA A 69 21.73 -8.93 6.57
CA ALA A 69 21.64 -7.63 7.22
C ALA A 69 22.42 -6.56 6.48
N GLY A 70 21.78 -5.43 6.32
CA GLY A 70 22.34 -4.37 5.54
C GLY A 70 21.27 -3.78 4.65
N ARG A 71 21.22 -2.48 4.59
CA ARG A 71 20.24 -1.83 3.75
C ARG A 71 20.51 -2.10 2.28
N HIS A 72 19.44 -2.34 1.56
CA HIS A 72 19.48 -2.59 0.12
C HIS A 72 18.07 -2.47 -0.42
N MET A 73 17.95 -2.09 -1.67
CA MET A 73 16.65 -1.84 -2.25
C MET A 73 16.24 -2.92 -3.23
N PHE A 74 14.98 -3.31 -3.16
CA PHE A 74 14.37 -4.19 -4.11
C PHE A 74 13.14 -3.52 -4.65
N VAL A 75 12.79 -3.83 -5.86
CA VAL A 75 11.69 -3.14 -6.49
C VAL A 75 10.47 -4.06 -6.55
N PHE A 76 9.33 -3.48 -6.20
CA PHE A 76 8.12 -4.23 -5.92
C PHE A 76 6.93 -3.55 -6.59
N GLN A 77 6.29 -4.29 -7.47
CA GLN A 77 5.15 -3.78 -8.22
C GLN A 77 4.00 -4.77 -8.14
N ALA A 78 2.80 -4.27 -8.27
CA ALA A 78 1.59 -5.10 -8.24
C ALA A 78 0.49 -4.40 -9.01
N ASP A 79 -0.44 -5.15 -9.55
CA ASP A 79 -1.43 -4.60 -10.49
C ASP A 79 -2.35 -3.56 -9.85
N ALA A 80 -3.36 -3.16 -10.61
CA ALA A 80 -4.32 -2.17 -10.20
C ALA A 80 -5.46 -2.80 -9.41
N PRO A 81 -5.93 -2.08 -8.39
CA PRO A 81 -6.99 -2.53 -7.49
C PRO A 81 -8.27 -2.86 -8.21
N ASN A 82 -8.97 -3.80 -7.64
CA ASN A 82 -10.20 -4.29 -8.18
C ASN A 82 -11.21 -3.15 -8.29
N PRO A 83 -11.64 -2.87 -9.51
CA PRO A 83 -12.52 -1.76 -9.79
C PRO A 83 -13.95 -2.05 -9.33
N GLY A 84 -14.19 -3.30 -8.96
CA GLY A 84 -15.48 -3.68 -8.43
C GLY A 84 -15.47 -3.66 -6.92
N LEU A 85 -14.28 -3.49 -6.34
CA LEU A 85 -14.13 -3.50 -4.90
C LEU A 85 -14.12 -2.09 -4.34
N ILE A 86 -13.88 -1.11 -5.19
CA ILE A 86 -13.85 0.26 -4.72
C ILE A 86 -15.22 0.92 -4.73
N PRO A 87 -15.59 1.52 -3.60
CA PRO A 87 -16.77 2.36 -3.48
C PRO A 87 -16.52 3.76 -4.07
N ASP A 88 -17.61 4.30 -4.63
CA ASP A 88 -17.63 5.56 -5.37
C ASP A 88 -16.93 6.69 -4.66
N ALA A 89 -17.09 6.79 -3.36
CA ALA A 89 -16.55 7.91 -2.60
C ALA A 89 -15.05 7.76 -2.43
N ASP A 90 -14.61 6.52 -2.38
CA ASP A 90 -13.23 6.20 -2.12
C ASP A 90 -12.44 6.13 -3.43
N ALA A 91 -13.15 5.93 -4.54
CA ALA A 91 -12.52 5.72 -5.82
C ALA A 91 -11.99 7.00 -6.41
N VAL A 92 -12.83 8.01 -6.42
CA VAL A 92 -12.50 9.29 -6.98
C VAL A 92 -11.98 10.29 -5.93
N GLY A 93 -11.06 9.82 -5.12
CA GLY A 93 -10.58 10.57 -3.98
C GLY A 93 -9.45 9.86 -3.29
N VAL A 94 -9.58 9.71 -2.01
CA VAL A 94 -8.53 9.18 -1.19
C VAL A 94 -8.72 7.72 -0.86
N THR A 95 -7.61 7.02 -0.93
CA THR A 95 -7.50 5.65 -0.54
C THR A 95 -6.10 5.47 -0.01
N VAL A 96 -5.84 4.39 0.67
CA VAL A 96 -4.49 4.13 1.09
C VAL A 96 -4.02 2.77 0.66
N VAL A 97 -2.84 2.78 0.10
CA VAL A 97 -2.18 1.57 -0.31
C VAL A 97 -1.03 1.31 0.67
N LEU A 98 -1.23 0.32 1.54
CA LEU A 98 -0.27 0.03 2.59
C LEU A 98 0.54 -1.19 2.26
N ILE A 99 1.84 -1.09 2.42
CA ILE A 99 2.69 -2.25 2.26
C ILE A 99 2.90 -2.86 3.60
N THR A 100 2.18 -3.92 3.83
CA THR A 100 2.29 -4.62 5.05
C THR A 100 3.25 -5.74 4.83
N CYS A 101 4.39 -5.59 5.44
CA CYS A 101 5.43 -6.55 5.33
C CYS A 101 5.14 -7.67 6.29
N THR A 102 4.84 -8.83 5.75
CA THR A 102 4.34 -9.94 6.50
C THR A 102 5.40 -11.03 6.61
N TYR A 103 5.90 -11.23 7.80
CA TYR A 103 6.85 -12.30 8.01
C TYR A 103 6.26 -13.30 9.01
N ARG A 104 6.12 -14.55 8.56
CA ARG A 104 5.52 -15.62 9.37
C ARG A 104 4.03 -15.38 9.58
N GLY A 105 3.41 -14.63 8.68
CA GLY A 105 2.00 -14.33 8.80
C GLY A 105 1.78 -13.18 9.76
N GLN A 106 2.88 -12.56 10.16
CA GLN A 106 2.87 -11.43 11.06
C GLN A 106 3.32 -10.18 10.33
N GLU A 107 2.43 -9.24 10.19
CA GLU A 107 2.74 -7.99 9.50
C GLU A 107 3.52 -7.08 10.44
N PHE A 108 4.74 -6.74 10.06
CA PHE A 108 5.63 -5.99 10.92
C PHE A 108 5.80 -4.53 10.51
N ILE A 109 5.23 -4.12 9.38
CA ILE A 109 5.23 -2.72 9.01
C ILE A 109 4.14 -2.46 7.98
N ARG A 110 3.77 -1.21 7.83
CA ARG A 110 2.64 -0.83 7.02
C ARG A 110 2.88 0.56 6.44
N VAL A 111 3.34 0.63 5.20
CA VAL A 111 3.51 1.94 4.59
C VAL A 111 2.18 2.33 3.94
N GLY A 112 1.43 3.17 4.63
CA GLY A 112 0.18 3.62 4.09
C GLY A 112 0.36 4.81 3.22
N TYR A 113 0.69 4.52 2.00
CA TYR A 113 0.79 5.55 0.99
C TYR A 113 -0.59 5.95 0.57
N TYR A 114 -0.91 7.19 0.80
CA TYR A 114 -2.19 7.69 0.39
C TYR A 114 -2.26 7.74 -1.12
N VAL A 115 -3.14 6.96 -1.71
CA VAL A 115 -3.29 7.01 -3.14
C VAL A 115 -4.54 7.80 -3.45
N ASN A 116 -4.30 8.95 -4.04
CA ASN A 116 -5.37 9.83 -4.42
C ASN A 116 -5.72 9.58 -5.88
N ASN A 117 -6.98 9.31 -6.15
CA ASN A 117 -7.37 8.84 -7.45
C ASN A 117 -8.22 9.89 -8.11
N GLU A 118 -7.64 10.51 -9.09
CA GLU A 118 -8.23 11.61 -9.77
C GLU A 118 -8.30 11.32 -11.25
N TYR A 119 -9.40 11.66 -11.89
CA TYR A 119 -9.56 11.43 -13.31
C TYR A 119 -8.41 11.96 -14.16
N THR A 120 -8.17 11.28 -15.26
CA THR A 120 -7.07 11.59 -16.15
C THR A 120 -7.58 12.38 -17.33
N GLU A 121 -8.85 12.21 -17.61
CA GLU A 121 -9.46 12.91 -18.70
C GLU A 121 -9.81 14.31 -18.24
N THR A 122 -9.26 15.30 -18.93
CA THR A 122 -9.31 16.69 -18.47
C THR A 122 -10.71 17.10 -18.02
N GLU A 123 -11.73 16.65 -18.75
CA GLU A 123 -13.11 17.02 -18.46
C GLU A 123 -13.57 16.38 -17.18
N LEU A 124 -13.13 15.15 -16.96
CA LEU A 124 -13.49 14.39 -15.78
C LEU A 124 -12.80 14.99 -14.56
N ARG A 125 -11.62 15.59 -14.78
CA ARG A 125 -10.92 16.29 -13.72
C ARG A 125 -11.68 17.55 -13.35
N GLU A 126 -12.16 18.22 -14.39
CA GLU A 126 -12.95 19.44 -14.25
C GLU A 126 -14.19 19.20 -13.41
N ASN A 127 -14.85 18.07 -13.66
CA ASN A 127 -16.08 17.74 -12.95
C ASN A 127 -16.26 16.22 -12.89
N PRO A 128 -15.69 15.60 -11.85
CA PRO A 128 -15.78 14.16 -11.62
C PRO A 128 -17.22 13.68 -11.53
N PRO A 129 -17.64 12.85 -12.48
CA PRO A 129 -18.98 12.24 -12.48
C PRO A 129 -19.20 11.37 -11.26
N VAL A 130 -20.46 11.27 -10.85
CA VAL A 130 -20.84 10.55 -9.64
C VAL A 130 -20.43 9.08 -9.72
N LYS A 131 -20.34 8.54 -10.92
CA LYS A 131 -19.80 7.20 -11.09
C LYS A 131 -18.29 7.26 -11.34
N PRO A 132 -17.55 6.50 -10.54
CA PRO A 132 -16.09 6.43 -10.62
C PRO A 132 -15.65 5.57 -11.79
N ASP A 133 -14.77 6.11 -12.61
CA ASP A 133 -14.23 5.35 -13.72
C ASP A 133 -12.76 5.09 -13.46
N PHE A 134 -12.45 3.85 -13.17
CA PHE A 134 -11.13 3.45 -12.72
C PHE A 134 -10.17 3.39 -13.90
N SER A 135 -10.75 3.36 -15.08
CA SER A 135 -9.99 3.38 -16.33
C SER A 135 -9.61 4.81 -16.71
N LYS A 136 -10.32 5.78 -16.13
CA LYS A 136 -10.02 7.17 -16.34
C LYS A 136 -9.41 7.73 -15.09
N LEU A 137 -9.00 6.84 -14.25
CA LEU A 137 -8.55 7.20 -12.95
C LEU A 137 -7.04 7.28 -12.91
N GLN A 138 -6.51 8.15 -12.05
CA GLN A 138 -5.08 8.35 -11.95
C GLN A 138 -4.66 8.22 -10.50
N ARG A 139 -3.76 7.28 -10.24
CA ARG A 139 -3.26 7.08 -8.90
C ARG A 139 -2.13 8.04 -8.60
N ASN A 140 -2.42 9.07 -7.82
CA ASN A 140 -1.38 9.93 -7.28
C ASN A 140 -0.98 9.40 -5.93
N ILE A 141 0.15 8.75 -5.89
CA ILE A 141 0.63 8.16 -4.68
C ILE A 141 1.32 9.25 -3.86
N LEU A 142 0.63 9.72 -2.83
CA LEU A 142 1.12 10.79 -1.99
C LEU A 142 2.37 10.38 -1.26
N ALA A 143 3.49 10.55 -1.92
CA ALA A 143 4.78 10.27 -1.34
C ALA A 143 5.12 11.31 -0.28
N SER A 144 4.33 12.37 -0.26
CA SER A 144 4.41 13.40 0.77
C SER A 144 3.84 12.87 2.08
N ASN A 145 2.98 11.86 1.98
CA ASN A 145 2.35 11.29 3.16
C ASN A 145 2.48 9.77 3.18
N PRO A 146 3.69 9.23 3.42
CA PRO A 146 3.85 7.82 3.72
C PRO A 146 3.48 7.55 5.16
N ARG A 147 2.33 6.97 5.38
CA ARG A 147 1.88 6.66 6.72
C ARG A 147 2.54 5.35 7.16
N VAL A 148 3.77 5.45 7.62
CA VAL A 148 4.52 4.29 8.02
C VAL A 148 4.15 3.86 9.43
N THR A 149 3.61 2.66 9.55
CA THR A 149 3.34 2.07 10.84
C THR A 149 3.98 0.72 10.94
N ARG A 150 5.05 0.66 11.70
CA ARG A 150 5.81 -0.55 11.83
C ARG A 150 5.73 -1.07 13.25
N PHE A 151 5.75 -2.37 13.35
CA PHE A 151 5.54 -3.07 14.61
C PHE A 151 6.61 -4.09 14.84
N HIS A 152 6.63 -4.65 16.04
CA HIS A 152 7.61 -5.64 16.42
C HIS A 152 6.99 -7.03 16.42
N ILE A 153 7.47 -7.88 15.53
CA ILE A 153 6.97 -9.22 15.42
C ILE A 153 8.09 -10.20 15.67
N ASN A 154 7.74 -11.45 15.89
CA ASN A 154 8.73 -12.47 16.14
C ASN A 154 9.10 -13.20 14.86
N TRP A 155 10.23 -12.80 14.31
CA TRP A 155 10.81 -13.39 13.13
C TRP A 155 11.39 -14.75 13.47
N GLU A 156 11.38 -15.04 14.76
CA GLU A 156 11.98 -16.22 15.30
C GLU A 156 11.00 -16.89 16.21
N ASP A 157 11.22 -18.15 16.47
CA ASP A 157 10.45 -18.84 17.45
C ASP A 157 11.18 -18.78 18.78
N ASN A 158 11.29 -17.57 19.30
CA ASN A 158 11.93 -17.33 20.58
C ASN A 158 10.97 -17.61 21.74
N GLY B 1 -20.19 2.59 13.33
CA GLY B 1 -20.26 3.48 12.15
C GLY B 1 -18.90 3.74 11.57
N ALA B 2 -18.82 4.63 10.59
CA ALA B 2 -17.55 4.93 9.95
C ALA B 2 -17.46 6.42 9.62
N MET B 3 -17.74 6.79 8.36
CA MET B 3 -17.63 8.17 7.88
C MET B 3 -16.18 8.67 7.93
N GLY B 4 -15.86 9.63 7.08
CA GLY B 4 -14.51 10.13 7.01
C GLY B 4 -13.65 9.32 6.07
N LYS B 5 -12.47 9.82 5.75
CA LYS B 5 -11.56 9.09 4.87
C LYS B 5 -10.19 8.96 5.51
N ASP B 6 -9.56 10.11 5.78
CA ASP B 6 -8.25 10.15 6.43
C ASP B 6 -8.20 9.25 7.67
N ILE B 7 -9.15 9.42 8.58
CA ILE B 7 -9.17 8.62 9.81
C ILE B 7 -9.37 7.14 9.50
N GLN B 8 -10.20 6.85 8.50
CA GLN B 8 -10.48 5.48 8.08
C GLN B 8 -9.22 4.80 7.55
N LEU B 9 -8.53 5.51 6.67
CA LEU B 9 -7.30 5.02 6.08
C LEU B 9 -6.23 4.89 7.16
N ALA B 10 -6.11 5.91 8.00
CA ALA B 10 -5.17 5.91 9.11
C ALA B 10 -5.43 4.72 10.03
N ARG B 11 -6.71 4.42 10.28
CA ARG B 11 -7.09 3.25 11.06
C ARG B 11 -6.45 1.97 10.53
N ARG B 12 -6.62 1.74 9.23
CA ARG B 12 -6.16 0.49 8.62
C ARG B 12 -4.65 0.36 8.73
N ILE B 13 -3.96 1.49 8.58
CA ILE B 13 -2.51 1.54 8.63
C ILE B 13 -2.00 1.39 10.07
N ARG B 14 -2.55 2.21 10.97
CA ARG B 14 -2.16 2.25 12.37
C ARG B 14 -2.14 0.86 12.98
N GLY B 15 -3.10 0.04 12.58
CA GLY B 15 -3.12 -1.32 13.05
C GLY B 15 -4.52 -1.88 13.02
N GLU B 16 -5.10 -2.00 11.84
CA GLU B 16 -6.47 -2.49 11.74
C GLU B 16 -6.47 -3.96 11.34
N ARG B 17 -5.64 -4.31 10.37
CA ARG B 17 -5.49 -5.70 9.97
C ARG B 17 -4.77 -6.44 11.08
N ALA B 18 -3.56 -5.96 11.38
CA ALA B 18 -2.79 -6.45 12.50
C ALA B 18 -1.81 -5.38 12.92
N MET A 3 17.25 -7.59 17.47
CA MET A 3 15.94 -8.27 17.58
C MET A 3 15.24 -8.34 16.24
N ALA A 4 15.11 -7.21 15.56
CA ALA A 4 14.44 -7.18 14.28
C ALA A 4 15.41 -7.56 13.18
N LYS A 5 14.97 -8.40 12.26
CA LYS A 5 15.79 -8.87 11.17
C LYS A 5 15.69 -7.96 9.96
N VAL A 6 14.65 -7.13 9.92
CA VAL A 6 14.48 -6.17 8.83
C VAL A 6 13.95 -4.85 9.35
N GLN A 7 14.63 -3.81 8.94
CA GLN A 7 14.21 -2.44 9.16
C GLN A 7 14.10 -1.79 7.80
N VAL A 8 12.89 -1.70 7.27
CA VAL A 8 12.73 -1.05 5.99
C VAL A 8 12.80 0.44 6.20
N ASN A 9 13.41 1.10 5.25
CA ASN A 9 13.84 2.47 5.44
C ASN A 9 13.24 3.34 4.38
N ASN A 10 13.66 3.07 3.16
CA ASN A 10 13.22 3.85 2.03
C ASN A 10 12.20 3.08 1.25
N VAL A 11 11.35 3.78 0.59
CA VAL A 11 10.42 3.19 -0.33
C VAL A 11 10.20 4.16 -1.47
N VAL A 12 10.86 3.94 -2.57
CA VAL A 12 10.73 4.86 -3.67
C VAL A 12 9.62 4.40 -4.59
N VAL A 13 8.48 5.04 -4.45
CA VAL A 13 7.34 4.72 -5.26
C VAL A 13 7.52 5.32 -6.63
N LEU A 14 7.62 4.44 -7.57
CA LEU A 14 7.90 4.79 -8.94
C LEU A 14 6.59 5.05 -9.62
N ASP A 15 5.65 4.22 -9.23
CA ASP A 15 4.26 4.45 -9.56
C ASP A 15 3.74 5.61 -8.72
N ASN A 16 4.10 6.74 -9.23
CA ASN A 16 3.62 8.03 -8.80
C ASN A 16 2.65 8.51 -9.86
N PRO A 17 1.94 9.65 -9.73
CA PRO A 17 0.67 9.84 -10.44
C PRO A 17 0.75 9.50 -11.91
N SER A 18 0.21 8.32 -12.15
CA SER A 18 0.10 7.75 -13.49
C SER A 18 -1.28 7.13 -13.63
N PRO A 19 -1.67 6.69 -14.85
CA PRO A 19 -2.91 5.95 -15.06
C PRO A 19 -3.19 4.94 -13.96
N PHE A 20 -4.45 4.86 -13.55
CA PHE A 20 -4.87 3.98 -12.48
C PHE A 20 -4.58 2.53 -12.82
N TYR A 21 -4.55 2.20 -14.10
CA TYR A 21 -4.29 0.83 -14.52
C TYR A 21 -2.79 0.54 -14.57
N ASN A 22 -1.99 1.59 -14.50
CA ASN A 22 -0.56 1.42 -14.27
C ASN A 22 -0.39 0.79 -12.89
N PRO A 23 0.37 -0.29 -12.84
CA PRO A 23 0.52 -1.12 -11.63
C PRO A 23 1.26 -0.41 -10.50
N PHE A 24 0.98 -0.83 -9.26
CA PHE A 24 1.68 -0.31 -8.09
C PHE A 24 3.12 -0.69 -8.13
N GLN A 25 3.97 0.31 -8.10
CA GLN A 25 5.38 0.11 -8.31
C GLN A 25 6.18 0.73 -7.17
N PHE A 26 6.47 -0.10 -6.17
CA PHE A 26 7.23 0.32 -5.01
C PHE A 26 8.64 -0.18 -5.11
N GLU A 27 9.60 0.68 -4.99
CA GLU A 27 10.97 0.24 -4.92
C GLU A 27 11.45 0.38 -3.49
N ILE A 28 11.21 -0.65 -2.69
CA ILE A 28 11.53 -0.57 -1.27
C ILE A 28 13.00 -0.82 -1.00
N THR A 29 13.55 0.05 -0.18
CA THR A 29 14.89 -0.14 0.35
C THR A 29 14.80 -0.45 1.84
N PHE A 30 14.99 -1.71 2.17
CA PHE A 30 14.94 -2.13 3.55
C PHE A 30 16.27 -2.68 3.95
N GLU A 31 16.62 -2.48 5.18
CA GLU A 31 17.88 -2.94 5.64
C GLU A 31 17.67 -4.14 6.50
N CYS A 32 18.20 -5.24 6.06
CA CYS A 32 18.14 -6.43 6.85
C CYS A 32 19.11 -6.25 7.97
N ILE A 33 18.54 -6.13 9.12
CA ILE A 33 19.30 -5.85 10.28
C ILE A 33 19.99 -7.11 10.75
N GLU A 34 19.37 -8.25 10.48
CA GLU A 34 19.92 -9.52 10.94
C GLU A 34 19.54 -10.62 9.95
N ASP A 35 20.42 -11.61 9.79
CA ASP A 35 20.19 -12.67 8.79
C ASP A 35 18.82 -13.30 8.96
N LEU A 36 18.11 -13.45 7.86
CA LEU A 36 16.74 -13.88 7.90
C LEU A 36 16.66 -15.40 7.90
N SER A 37 15.55 -15.91 8.39
CA SER A 37 15.36 -17.35 8.52
C SER A 37 14.27 -17.84 7.59
N GLU A 38 13.27 -17.00 7.39
CA GLU A 38 12.11 -17.32 6.58
C GLU A 38 11.97 -16.26 5.49
N ASP A 39 10.84 -16.26 4.81
CA ASP A 39 10.59 -15.34 3.72
C ASP A 39 9.89 -14.08 4.22
N LEU A 40 10.22 -12.98 3.62
CA LEU A 40 9.68 -11.68 3.95
C LEU A 40 8.47 -11.39 3.07
N GLU A 41 7.31 -11.16 3.66
CA GLU A 41 6.11 -10.95 2.85
C GLU A 41 5.75 -9.47 2.76
N TRP A 42 6.21 -8.81 1.72
CA TRP A 42 5.75 -7.46 1.44
C TRP A 42 4.47 -7.57 0.65
N LYS A 43 3.38 -7.19 1.25
CA LYS A 43 2.12 -7.29 0.58
C LYS A 43 1.52 -5.92 0.36
N ILE A 44 0.88 -5.76 -0.78
CA ILE A 44 0.27 -4.51 -1.15
C ILE A 44 -1.23 -4.60 -0.95
N ILE A 45 -1.68 -3.93 0.09
CA ILE A 45 -3.08 -3.97 0.47
C ILE A 45 -3.74 -2.67 0.10
N TYR A 46 -4.54 -2.73 -0.94
CA TYR A 46 -5.23 -1.54 -1.42
C TYR A 46 -6.57 -1.44 -0.75
N VAL A 47 -6.80 -0.36 -0.05
CA VAL A 47 -8.10 -0.11 0.53
C VAL A 47 -9.16 -0.07 -0.56
N GLY A 48 -9.90 -1.17 -0.70
CA GLY A 48 -10.89 -1.28 -1.75
C GLY A 48 -12.01 -0.29 -1.57
N SER A 49 -12.38 -0.05 -0.33
CA SER A 49 -13.32 0.99 -0.03
C SER A 49 -12.82 1.76 1.17
N ALA A 50 -12.54 3.02 0.94
CA ALA A 50 -12.09 3.92 1.98
C ALA A 50 -13.25 4.40 2.82
N GLU A 51 -14.46 4.02 2.41
CA GLU A 51 -15.64 4.40 3.13
C GLU A 51 -15.94 3.33 4.16
N SER A 52 -15.44 2.13 3.89
CA SER A 52 -15.35 1.10 4.89
C SER A 52 -13.88 0.76 5.11
N GLU A 53 -13.62 -0.44 5.57
CA GLU A 53 -12.26 -0.90 5.76
C GLU A 53 -12.09 -2.32 5.21
N GLU A 54 -13.14 -3.12 5.30
CA GLU A 54 -13.08 -4.54 4.99
C GLU A 54 -12.93 -4.82 3.50
N TYR A 55 -12.96 -3.77 2.70
CA TYR A 55 -12.78 -3.93 1.26
C TYR A 55 -11.31 -3.92 0.90
N ASP A 56 -10.43 -3.74 1.88
CA ASP A 56 -9.00 -3.80 1.66
C ASP A 56 -8.63 -5.06 0.88
N GLN A 57 -8.19 -4.82 -0.34
CA GLN A 57 -7.83 -5.87 -1.29
C GLN A 57 -6.35 -6.16 -1.21
N VAL A 58 -5.97 -7.25 -1.85
CA VAL A 58 -4.59 -7.68 -1.89
C VAL A 58 -4.16 -7.82 -3.33
N LEU A 59 -3.23 -6.98 -3.72
CA LEU A 59 -2.70 -6.96 -5.07
C LEU A 59 -1.76 -8.13 -5.28
N ASP A 60 -0.82 -8.27 -4.36
CA ASP A 60 0.18 -9.31 -4.45
C ASP A 60 0.97 -9.38 -3.14
N SER A 61 1.96 -10.26 -3.09
CA SER A 61 2.86 -10.35 -1.97
C SER A 61 4.18 -10.91 -2.46
N VAL A 62 5.24 -10.17 -2.21
CA VAL A 62 6.56 -10.59 -2.66
C VAL A 62 7.31 -11.21 -1.50
N LEU A 63 7.98 -12.32 -1.76
CA LEU A 63 8.67 -13.04 -0.71
C LEU A 63 10.18 -12.94 -0.91
N VAL A 64 10.81 -12.13 -0.08
CA VAL A 64 12.26 -12.02 -0.06
C VAL A 64 12.80 -12.98 1.00
N GLY A 65 13.60 -13.94 0.58
CA GLY A 65 13.93 -15.06 1.44
C GLY A 65 14.90 -14.71 2.53
N PRO A 66 15.52 -15.72 3.16
CA PRO A 66 16.50 -15.47 4.18
C PRO A 66 17.72 -14.80 3.60
N VAL A 67 17.96 -13.59 4.02
CA VAL A 67 19.05 -12.80 3.54
C VAL A 67 19.93 -12.36 4.70
N PRO A 68 21.26 -12.40 4.53
CA PRO A 68 22.19 -12.11 5.62
C PRO A 68 22.49 -10.63 5.78
N ALA A 69 21.55 -9.99 6.39
CA ALA A 69 21.56 -8.55 6.65
C ALA A 69 21.80 -7.74 5.38
N GLY A 70 21.84 -6.44 5.56
CA GLY A 70 22.19 -5.55 4.50
C GLY A 70 20.99 -4.83 3.97
N ARG A 71 21.14 -3.56 3.71
CA ARG A 71 20.06 -2.81 3.09
C ARG A 71 19.99 -3.15 1.61
N HIS A 72 18.80 -3.53 1.19
CA HIS A 72 18.53 -3.94 -0.16
C HIS A 72 17.43 -3.07 -0.71
N MET A 73 17.59 -2.60 -1.92
CA MET A 73 16.53 -1.88 -2.59
C MET A 73 15.98 -2.74 -3.70
N PHE A 74 14.87 -3.38 -3.44
CA PHE A 74 14.25 -4.22 -4.42
C PHE A 74 12.99 -3.56 -4.90
N VAL A 75 12.73 -3.69 -6.17
CA VAL A 75 11.64 -3.02 -6.77
C VAL A 75 10.50 -3.99 -7.05
N PHE A 76 9.33 -3.58 -6.62
CA PHE A 76 8.20 -4.44 -6.37
C PHE A 76 6.94 -3.86 -7.00
N GLN A 77 6.20 -4.68 -7.72
CA GLN A 77 5.07 -4.19 -8.50
C GLN A 77 3.95 -5.22 -8.52
N ALA A 78 2.75 -4.73 -8.75
CA ALA A 78 1.57 -5.57 -8.93
C ALA A 78 0.50 -4.75 -9.63
N ASP A 79 -0.49 -5.41 -10.22
CA ASP A 79 -1.50 -4.72 -11.02
C ASP A 79 -2.30 -3.71 -10.21
N ALA A 80 -3.20 -3.03 -10.89
CA ALA A 80 -4.09 -2.10 -10.27
C ALA A 80 -5.08 -2.84 -9.38
N PRO A 81 -5.67 -2.10 -8.46
CA PRO A 81 -6.67 -2.64 -7.54
C PRO A 81 -7.99 -2.85 -8.27
N ASN A 82 -8.90 -3.57 -7.64
CA ASN A 82 -10.12 -4.00 -8.31
C ASN A 82 -11.11 -2.85 -8.41
N PRO A 83 -11.38 -2.43 -9.66
CA PRO A 83 -12.29 -1.33 -9.94
C PRO A 83 -13.73 -1.64 -9.54
N GLY A 84 -14.03 -2.93 -9.41
CA GLY A 84 -15.35 -3.36 -9.00
C GLY A 84 -15.49 -3.42 -7.50
N LEU A 85 -14.40 -3.11 -6.80
CA LEU A 85 -14.41 -3.14 -5.34
C LEU A 85 -14.48 -1.74 -4.76
N ILE A 86 -14.11 -0.75 -5.56
CA ILE A 86 -14.16 0.63 -5.10
C ILE A 86 -15.51 1.28 -5.37
N PRO A 87 -16.10 1.88 -4.33
CA PRO A 87 -17.27 2.72 -4.45
C PRO A 87 -16.93 4.13 -4.93
N ASP A 88 -17.95 4.84 -5.39
CA ASP A 88 -17.82 6.16 -6.02
C ASP A 88 -16.90 7.10 -5.25
N ALA A 89 -17.20 7.33 -3.98
CA ALA A 89 -16.55 8.41 -3.24
C ALA A 89 -15.10 8.08 -2.94
N ASP A 90 -14.80 6.80 -2.92
CA ASP A 90 -13.49 6.32 -2.54
C ASP A 90 -12.58 6.28 -3.76
N ALA A 91 -13.19 6.18 -4.94
CA ALA A 91 -12.44 5.98 -6.16
C ALA A 91 -11.92 7.29 -6.72
N VAL A 92 -12.78 8.28 -6.78
CA VAL A 92 -12.45 9.53 -7.38
C VAL A 92 -11.96 10.53 -6.35
N GLY A 93 -11.05 10.03 -5.52
CA GLY A 93 -10.60 10.74 -4.34
C GLY A 93 -9.47 10.04 -3.65
N VAL A 94 -9.67 9.77 -2.38
CA VAL A 94 -8.59 9.31 -1.56
C VAL A 94 -8.77 7.88 -1.05
N THR A 95 -7.69 7.13 -1.15
CA THR A 95 -7.63 5.76 -0.71
C THR A 95 -6.22 5.52 -0.19
N VAL A 96 -5.96 4.39 0.45
CA VAL A 96 -4.61 4.06 0.89
C VAL A 96 -4.19 2.68 0.42
N VAL A 97 -2.89 2.49 0.25
CA VAL A 97 -2.34 1.22 -0.12
C VAL A 97 -1.19 0.89 0.82
N LEU A 98 -1.41 -0.08 1.70
CA LEU A 98 -0.44 -0.37 2.75
C LEU A 98 0.38 -1.59 2.40
N ILE A 99 1.69 -1.49 2.57
CA ILE A 99 2.55 -2.64 2.38
C ILE A 99 2.93 -3.17 3.72
N THR A 100 2.21 -4.18 4.11
CA THR A 100 2.42 -4.82 5.37
C THR A 100 3.39 -5.97 5.19
N CYS A 101 4.54 -5.85 5.79
CA CYS A 101 5.49 -6.93 5.73
C CYS A 101 5.17 -7.99 6.76
N THR A 102 4.65 -9.07 6.28
CA THR A 102 4.26 -10.18 7.09
C THR A 102 5.40 -11.18 7.17
N TYR A 103 6.07 -11.26 8.30
CA TYR A 103 7.09 -12.26 8.44
C TYR A 103 6.73 -13.24 9.55
N ARG A 104 6.60 -14.52 9.16
CA ARG A 104 6.23 -15.61 10.07
C ARG A 104 4.81 -15.44 10.60
N GLY A 105 4.00 -14.71 9.87
CA GLY A 105 2.60 -14.57 10.24
C GLY A 105 2.34 -13.33 11.06
N GLN A 106 3.38 -12.56 11.33
CA GLN A 106 3.24 -11.30 12.02
C GLN A 106 3.70 -10.16 11.13
N GLU A 107 2.79 -9.23 10.86
CA GLU A 107 3.13 -8.04 10.08
C GLU A 107 3.99 -7.10 10.92
N PHE A 108 5.09 -6.64 10.37
CA PHE A 108 6.00 -5.79 11.12
C PHE A 108 6.10 -4.37 10.55
N ILE A 109 5.40 -4.10 9.46
CA ILE A 109 5.33 -2.74 8.95
C ILE A 109 4.11 -2.59 8.08
N ARG A 110 3.72 -1.35 7.87
CA ARG A 110 2.55 -1.02 7.09
C ARG A 110 2.76 0.32 6.44
N VAL A 111 3.21 0.35 5.20
CA VAL A 111 3.33 1.63 4.53
C VAL A 111 1.96 2.01 3.96
N GLY A 112 1.27 2.87 4.64
CA GLY A 112 0.01 3.32 4.13
C GLY A 112 0.18 4.50 3.24
N TYR A 113 0.60 4.22 2.03
CA TYR A 113 0.71 5.23 1.03
C TYR A 113 -0.65 5.62 0.57
N TYR A 114 -0.98 6.86 0.78
CA TYR A 114 -2.24 7.35 0.31
C TYR A 114 -2.22 7.37 -1.21
N VAL A 115 -3.22 6.82 -1.81
CA VAL A 115 -3.34 6.88 -3.24
C VAL A 115 -4.52 7.76 -3.57
N ASN A 116 -4.20 8.89 -4.14
CA ASN A 116 -5.20 9.86 -4.52
C ASN A 116 -5.56 9.64 -5.98
N ASN A 117 -6.80 9.29 -6.23
CA ASN A 117 -7.21 8.87 -7.55
C ASN A 117 -8.07 9.95 -8.15
N GLU A 118 -7.51 10.61 -9.12
CA GLU A 118 -8.15 11.75 -9.72
C GLU A 118 -8.11 11.61 -11.21
N TYR A 119 -9.28 11.77 -11.81
CA TYR A 119 -9.45 11.70 -13.27
C TYR A 119 -8.33 12.36 -14.07
N THR A 120 -8.11 11.82 -15.26
CA THR A 120 -7.04 12.29 -16.13
C THR A 120 -7.60 13.34 -17.05
N GLU A 121 -8.88 13.20 -17.30
CA GLU A 121 -9.62 14.12 -18.10
C GLU A 121 -10.06 15.27 -17.21
N THR A 122 -9.57 16.46 -17.52
CA THR A 122 -9.76 17.65 -16.69
C THR A 122 -11.23 17.88 -16.37
N GLU A 123 -12.10 17.56 -17.31
CA GLU A 123 -13.54 17.76 -17.15
C GLU A 123 -14.08 16.83 -16.08
N LEU A 124 -13.45 15.67 -15.99
CA LEU A 124 -13.85 14.68 -15.04
C LEU A 124 -13.37 15.04 -13.64
N ARG A 125 -12.31 15.84 -13.59
CA ARG A 125 -11.82 16.36 -12.31
C ARG A 125 -12.71 17.51 -11.87
N GLU A 126 -13.22 18.23 -12.87
CA GLU A 126 -14.15 19.31 -12.63
C GLU A 126 -15.41 18.78 -11.97
N ASN A 127 -15.84 17.61 -12.40
CA ASN A 127 -17.02 16.97 -11.83
C ASN A 127 -16.97 15.47 -12.10
N PRO A 128 -16.45 14.69 -11.13
CA PRO A 128 -16.44 13.24 -11.21
C PRO A 128 -17.82 12.69 -11.48
N PRO A 129 -17.97 12.02 -12.63
CA PRO A 129 -19.20 11.30 -12.93
C PRO A 129 -19.55 10.38 -11.78
N VAL A 130 -20.85 10.24 -11.53
CA VAL A 130 -21.37 9.63 -10.31
C VAL A 130 -20.77 8.26 -10.10
N LYS A 131 -20.39 7.62 -11.19
CA LYS A 131 -19.68 6.38 -11.13
C LYS A 131 -18.29 6.53 -11.72
N PRO A 132 -17.30 6.54 -10.83
CA PRO A 132 -15.87 6.64 -11.15
C PRO A 132 -15.46 5.83 -12.37
N ASP A 133 -14.60 6.41 -13.18
CA ASP A 133 -14.03 5.70 -14.31
C ASP A 133 -12.57 5.43 -14.02
N PHE A 134 -12.27 4.20 -13.72
CA PHE A 134 -10.95 3.80 -13.24
C PHE A 134 -9.95 3.79 -14.40
N SER A 135 -10.48 3.87 -15.59
CA SER A 135 -9.66 3.95 -16.81
C SER A 135 -9.34 5.41 -17.13
N LYS A 136 -10.15 6.33 -16.61
CA LYS A 136 -9.90 7.76 -16.74
C LYS A 136 -9.27 8.24 -15.47
N LEU A 137 -8.89 7.30 -14.65
CA LEU A 137 -8.44 7.59 -13.32
C LEU A 137 -6.93 7.69 -13.30
N GLN A 138 -6.43 8.73 -12.66
CA GLN A 138 -4.99 8.91 -12.48
C GLN A 138 -4.66 8.84 -11.01
N ARG A 139 -3.78 7.95 -10.65
CA ARG A 139 -3.49 7.73 -9.24
C ARG A 139 -2.19 8.38 -8.85
N ASN A 140 -2.28 9.45 -8.09
CA ASN A 140 -1.10 10.06 -7.52
C ASN A 140 -0.86 9.49 -6.14
N ILE A 141 0.13 8.62 -6.07
CA ILE A 141 0.51 8.00 -4.84
C ILE A 141 1.18 9.06 -3.97
N LEU A 142 0.47 9.48 -2.93
CA LEU A 142 0.91 10.57 -2.07
C LEU A 142 2.15 10.16 -1.29
N ALA A 143 3.29 10.38 -1.93
CA ALA A 143 4.57 10.05 -1.35
C ALA A 143 4.94 11.07 -0.29
N SER A 144 4.23 12.19 -0.31
CA SER A 144 4.36 13.21 0.73
C SER A 144 3.52 12.81 1.95
N ASN A 145 2.82 11.69 1.84
CA ASN A 145 2.01 11.19 2.95
C ASN A 145 2.09 9.66 3.05
N PRO A 146 3.27 9.10 3.34
CA PRO A 146 3.43 7.68 3.55
C PRO A 146 3.30 7.32 5.02
N ARG A 147 2.18 6.72 5.37
CA ARG A 147 1.95 6.34 6.74
C ARG A 147 2.72 5.07 7.07
N VAL A 148 3.99 5.21 7.37
CA VAL A 148 4.80 4.08 7.77
C VAL A 148 4.51 3.70 9.22
N THR A 149 3.75 2.64 9.39
CA THR A 149 3.46 2.13 10.72
C THR A 149 4.06 0.76 10.87
N ARG A 150 5.12 0.69 11.62
CA ARG A 150 5.84 -0.53 11.77
C ARG A 150 5.86 -0.98 13.21
N PHE A 151 6.02 -2.27 13.35
CA PHE A 151 5.91 -2.95 14.63
C PHE A 151 7.02 -3.99 14.73
N HIS A 152 7.24 -4.54 15.91
CA HIS A 152 8.20 -5.62 16.06
C HIS A 152 7.48 -6.97 16.08
N ILE A 153 8.10 -7.98 15.51
CA ILE A 153 7.48 -9.28 15.38
C ILE A 153 8.46 -10.35 15.78
N ASN A 154 8.04 -11.57 15.56
CA ASN A 154 8.84 -12.72 15.89
C ASN A 154 9.57 -13.23 14.68
N TRP A 155 10.79 -12.76 14.51
CA TRP A 155 11.64 -13.19 13.45
C TRP A 155 12.24 -14.54 13.83
N GLU A 156 12.15 -14.82 15.13
CA GLU A 156 12.65 -16.04 15.69
C GLU A 156 11.50 -16.87 16.17
N ASP A 157 11.70 -18.15 16.19
CA ASP A 157 10.68 -19.06 16.62
C ASP A 157 10.66 -19.15 18.14
N ASN A 158 10.18 -18.08 18.76
CA ASN A 158 9.98 -18.04 20.20
C ASN A 158 8.91 -19.02 20.61
N GLY B 1 -21.70 6.67 8.30
CA GLY B 1 -20.32 6.29 8.61
C GLY B 1 -19.49 7.47 9.04
N ALA B 2 -18.18 7.36 8.91
CA ALA B 2 -17.28 8.45 9.26
C ALA B 2 -17.20 9.46 8.12
N MET B 3 -17.47 8.96 6.90
CA MET B 3 -17.50 9.78 5.69
C MET B 3 -16.10 10.20 5.24
N GLY B 4 -15.38 10.89 6.12
CA GLY B 4 -14.01 11.28 5.83
C GLY B 4 -13.11 10.09 5.62
N LYS B 5 -12.51 10.01 4.44
CA LYS B 5 -11.73 8.84 4.05
C LYS B 5 -10.40 8.80 4.79
N ASP B 6 -9.87 9.98 5.07
CA ASP B 6 -8.60 10.13 5.79
C ASP B 6 -8.52 9.23 7.03
N ILE B 7 -9.48 9.38 7.94
CA ILE B 7 -9.45 8.65 9.20
C ILE B 7 -9.70 7.15 8.98
N GLN B 8 -10.55 6.84 8.02
CA GLN B 8 -10.82 5.44 7.64
C GLN B 8 -9.53 4.73 7.30
N LEU B 9 -8.76 5.35 6.41
CA LEU B 9 -7.50 4.81 5.94
C LEU B 9 -6.50 4.76 7.07
N ALA B 10 -6.44 5.83 7.85
CA ALA B 10 -5.54 5.92 8.99
C ALA B 10 -5.79 4.78 9.96
N ARG B 11 -7.07 4.40 10.11
CA ARG B 11 -7.43 3.27 10.94
C ARG B 11 -6.78 1.98 10.44
N ARG B 12 -6.90 1.72 9.13
CA ARG B 12 -6.35 0.49 8.55
C ARG B 12 -4.85 0.41 8.76
N ILE B 13 -4.17 1.53 8.57
CA ILE B 13 -2.71 1.57 8.68
C ILE B 13 -2.27 1.52 10.13
N ARG B 14 -2.94 2.29 10.98
CA ARG B 14 -2.58 2.41 12.39
C ARG B 14 -2.46 1.04 13.05
N GLY B 15 -3.51 0.24 12.92
CA GLY B 15 -3.51 -1.07 13.53
C GLY B 15 -4.75 -1.86 13.19
N GLU B 16 -5.00 -2.06 11.91
CA GLU B 16 -6.10 -2.91 11.50
C GLU B 16 -5.58 -4.27 11.08
N ARG B 17 -4.56 -4.25 10.23
CA ARG B 17 -3.83 -5.45 9.85
C ARG B 17 -4.74 -6.52 9.24
N ALA B 18 -4.12 -7.62 8.91
CA ALA B 18 -4.82 -8.79 8.41
C ALA B 18 -4.65 -9.93 9.40
N MET A 3 17.23 -8.24 17.23
CA MET A 3 15.92 -8.90 17.41
C MET A 3 15.20 -9.03 16.07
N ALA A 4 15.00 -7.90 15.41
CA ALA A 4 14.33 -7.89 14.13
C ALA A 4 15.33 -8.12 13.00
N LYS A 5 14.94 -8.92 12.03
CA LYS A 5 15.83 -9.26 10.93
C LYS A 5 15.71 -8.28 9.77
N VAL A 6 14.62 -7.52 9.71
CA VAL A 6 14.45 -6.51 8.65
C VAL A 6 13.79 -5.26 9.19
N GLN A 7 14.41 -4.15 8.88
CA GLN A 7 13.89 -2.84 9.15
C GLN A 7 13.85 -2.06 7.86
N VAL A 8 12.68 -1.96 7.24
CA VAL A 8 12.58 -1.20 6.02
C VAL A 8 12.64 0.28 6.37
N ASN A 9 13.26 1.03 5.49
CA ASN A 9 13.63 2.40 5.79
C ASN A 9 13.03 3.32 4.76
N ASN A 10 13.51 3.18 3.55
CA ASN A 10 13.07 4.03 2.48
C ASN A 10 12.10 3.27 1.60
N VAL A 11 11.21 3.99 0.98
CA VAL A 11 10.31 3.43 0.03
C VAL A 11 10.00 4.45 -1.05
N VAL A 12 10.67 4.34 -2.17
CA VAL A 12 10.45 5.30 -3.23
C VAL A 12 9.39 4.79 -4.19
N VAL A 13 8.25 5.44 -4.15
CA VAL A 13 7.16 5.11 -5.05
C VAL A 13 7.41 5.81 -6.36
N LEU A 14 7.29 5.08 -7.45
CA LEU A 14 7.86 5.53 -8.70
C LEU A 14 6.82 5.91 -9.71
N ASP A 15 6.11 4.89 -10.17
CA ASP A 15 5.35 4.99 -11.37
C ASP A 15 3.91 5.30 -11.10
N ASN A 16 3.66 6.08 -10.08
CA ASN A 16 2.30 6.54 -9.93
C ASN A 16 2.07 7.98 -9.54
N PRO A 17 1.77 8.76 -10.57
CA PRO A 17 0.50 9.33 -10.84
C PRO A 17 0.13 8.90 -12.28
N SER A 18 -0.56 7.78 -12.43
CA SER A 18 -0.71 7.17 -13.74
C SER A 18 -1.99 6.37 -13.80
N PRO A 19 -2.41 5.91 -14.99
CA PRO A 19 -3.60 5.06 -15.14
C PRO A 19 -3.72 4.06 -14.00
N PHE A 20 -4.90 3.98 -13.45
CA PHE A 20 -5.17 3.13 -12.32
C PHE A 20 -4.92 1.65 -12.66
N TYR A 21 -4.97 1.33 -13.96
CA TYR A 21 -4.69 -0.03 -14.39
C TYR A 21 -3.20 -0.27 -14.55
N ASN A 22 -2.42 0.80 -14.49
CA ASN A 22 -0.98 0.71 -14.37
C ASN A 22 -0.64 0.37 -12.95
N PRO A 23 0.15 -0.66 -12.84
CA PRO A 23 0.55 -1.27 -11.58
C PRO A 23 1.19 -0.27 -10.60
N PHE A 24 1.06 -0.58 -9.32
CA PHE A 24 1.65 0.21 -8.26
C PHE A 24 3.11 -0.17 -8.10
N GLN A 25 3.98 0.81 -8.20
CA GLN A 25 5.41 0.55 -8.20
C GLN A 25 6.06 1.12 -6.95
N PHE A 26 6.56 0.24 -6.10
CA PHE A 26 7.23 0.64 -4.88
C PHE A 26 8.64 0.16 -4.83
N GLU A 27 9.58 1.07 -4.85
CA GLU A 27 10.96 0.68 -4.77
C GLU A 27 11.42 0.83 -3.33
N ILE A 28 11.22 -0.21 -2.54
CA ILE A 28 11.56 -0.15 -1.13
C ILE A 28 13.03 -0.43 -0.87
N THR A 29 13.58 0.31 0.06
CA THR A 29 14.93 0.09 0.56
C THR A 29 14.85 -0.34 2.01
N PHE A 30 15.10 -1.61 2.28
CA PHE A 30 15.00 -2.12 3.62
C PHE A 30 16.35 -2.58 4.08
N GLU A 31 16.56 -2.48 5.36
CA GLU A 31 17.79 -2.90 5.93
C GLU A 31 17.58 -4.19 6.64
N CYS A 32 18.15 -5.23 6.12
CA CYS A 32 18.09 -6.47 6.81
C CYS A 32 18.99 -6.32 7.97
N ILE A 33 18.38 -6.22 9.10
CA ILE A 33 19.08 -5.95 10.29
C ILE A 33 19.84 -7.19 10.72
N GLU A 34 19.33 -8.34 10.30
CA GLU A 34 19.94 -9.60 10.64
C GLU A 34 19.65 -10.62 9.57
N ASP A 35 20.46 -11.67 9.50
CA ASP A 35 20.35 -12.68 8.45
C ASP A 35 18.97 -13.31 8.47
N LEU A 36 18.34 -13.34 7.32
CA LEU A 36 16.95 -13.74 7.23
C LEU A 36 16.85 -15.26 7.16
N SER A 37 15.77 -15.83 7.70
CA SER A 37 15.61 -17.27 7.68
C SER A 37 14.42 -17.74 6.84
N GLU A 38 13.43 -16.89 6.71
CA GLU A 38 12.18 -17.24 6.02
C GLU A 38 12.00 -16.34 4.80
N ASP A 39 10.81 -16.26 4.24
CA ASP A 39 10.56 -15.36 3.14
C ASP A 39 10.01 -14.04 3.68
N LEU A 40 10.59 -12.96 3.22
CA LEU A 40 10.13 -11.64 3.56
C LEU A 40 8.98 -11.28 2.65
N GLU A 41 7.82 -11.04 3.21
CA GLU A 41 6.66 -10.74 2.38
C GLU A 41 6.38 -9.25 2.39
N TRP A 42 6.26 -8.67 1.21
CA TRP A 42 5.85 -7.28 1.07
C TRP A 42 4.54 -7.27 0.34
N LYS A 43 3.56 -6.61 0.87
CA LYS A 43 2.24 -6.68 0.31
C LYS A 43 1.70 -5.31 -0.04
N ILE A 44 0.92 -5.26 -1.10
CA ILE A 44 0.24 -4.05 -1.51
C ILE A 44 -1.23 -4.16 -1.10
N ILE A 45 -1.60 -3.44 -0.06
CA ILE A 45 -2.98 -3.44 0.39
C ILE A 45 -3.63 -2.16 -0.05
N TYR A 46 -4.55 -2.31 -0.98
CA TYR A 46 -5.25 -1.16 -1.49
C TYR A 46 -6.56 -1.01 -0.76
N VAL A 47 -6.66 0.02 0.04
CA VAL A 47 -7.90 0.34 0.71
C VAL A 47 -8.98 0.62 -0.33
N GLY A 48 -9.83 -0.36 -0.56
CA GLY A 48 -10.96 -0.13 -1.43
C GLY A 48 -12.00 0.69 -0.71
N SER A 49 -12.23 0.36 0.54
CA SER A 49 -13.17 1.05 1.37
C SER A 49 -12.52 2.13 2.23
N ALA A 50 -12.62 3.35 1.78
CA ALA A 50 -12.43 4.50 2.63
C ALA A 50 -13.78 4.88 3.21
N GLU A 51 -14.79 4.16 2.72
CA GLU A 51 -16.16 4.32 3.16
C GLU A 51 -16.48 3.21 4.16
N SER A 52 -16.14 1.99 3.76
CA SER A 52 -16.20 0.85 4.65
C SER A 52 -14.78 0.63 5.15
N GLU A 53 -14.45 -0.56 5.59
CA GLU A 53 -13.10 -0.83 6.04
C GLU A 53 -12.63 -2.22 5.68
N GLU A 54 -13.56 -3.17 5.52
CA GLU A 54 -13.20 -4.55 5.22
C GLU A 54 -12.88 -4.76 3.75
N TYR A 55 -12.90 -3.68 2.98
CA TYR A 55 -12.65 -3.75 1.54
C TYR A 55 -11.17 -3.64 1.23
N ASP A 56 -10.34 -3.44 2.25
CA ASP A 56 -8.90 -3.45 2.04
C ASP A 56 -8.48 -4.65 1.20
N GLN A 57 -8.07 -4.38 -0.03
CA GLN A 57 -7.69 -5.41 -0.98
C GLN A 57 -6.21 -5.73 -0.93
N VAL A 58 -5.85 -6.84 -1.54
CA VAL A 58 -4.48 -7.28 -1.63
C VAL A 58 -4.12 -7.54 -3.08
N LEU A 59 -3.23 -6.70 -3.59
CA LEU A 59 -2.86 -6.73 -5.00
C LEU A 59 -1.80 -7.78 -5.25
N ASP A 60 -0.70 -7.68 -4.53
CA ASP A 60 0.40 -8.61 -4.68
C ASP A 60 1.18 -8.68 -3.37
N SER A 61 1.95 -9.73 -3.21
CA SER A 61 2.79 -9.91 -2.06
C SER A 61 4.05 -10.64 -2.49
N VAL A 62 5.17 -9.96 -2.38
CA VAL A 62 6.43 -10.48 -2.91
C VAL A 62 7.23 -11.12 -1.80
N LEU A 63 7.82 -12.25 -2.09
CA LEU A 63 8.56 -12.97 -1.08
C LEU A 63 10.05 -12.92 -1.38
N VAL A 64 10.76 -12.08 -0.64
CA VAL A 64 12.21 -11.96 -0.75
C VAL A 64 12.83 -12.81 0.34
N GLY A 65 13.67 -13.75 -0.03
CA GLY A 65 14.01 -14.82 0.86
C GLY A 65 14.98 -14.41 1.92
N PRO A 66 15.68 -15.39 2.51
CA PRO A 66 16.69 -15.10 3.50
C PRO A 66 17.85 -14.35 2.85
N VAL A 67 18.04 -13.14 3.31
CA VAL A 67 19.05 -12.27 2.75
C VAL A 67 19.97 -11.77 3.85
N PRO A 68 21.24 -11.49 3.49
CA PRO A 68 22.24 -11.00 4.44
C PRO A 68 21.91 -9.59 4.91
N ALA A 69 22.11 -9.34 6.20
CA ALA A 69 21.97 -8.01 6.78
C ALA A 69 22.63 -6.95 5.92
N GLY A 70 22.00 -5.78 5.89
CA GLY A 70 22.46 -4.73 5.03
C GLY A 70 21.29 -4.13 4.33
N ARG A 71 21.16 -2.85 4.43
CA ARG A 71 20.09 -2.16 3.72
C ARG A 71 20.34 -2.17 2.23
N HIS A 72 19.32 -2.57 1.52
CA HIS A 72 19.37 -2.70 0.08
C HIS A 72 17.98 -2.46 -0.48
N MET A 73 17.94 -1.98 -1.70
CA MET A 73 16.70 -1.55 -2.31
C MET A 73 16.25 -2.53 -3.39
N PHE A 74 14.96 -2.80 -3.40
CA PHE A 74 14.36 -3.62 -4.44
C PHE A 74 13.04 -3.01 -4.83
N VAL A 75 12.66 -3.26 -6.05
CA VAL A 75 11.54 -2.58 -6.61
C VAL A 75 10.36 -3.52 -6.84
N PHE A 76 9.38 -3.33 -5.99
CA PHE A 76 8.24 -4.21 -5.85
C PHE A 76 6.99 -3.54 -6.39
N GLN A 77 6.37 -4.19 -7.35
CA GLN A 77 5.27 -3.63 -8.09
C GLN A 77 4.03 -4.53 -7.92
N ALA A 78 2.85 -4.04 -8.28
CA ALA A 78 1.63 -4.84 -8.13
C ALA A 78 0.51 -4.32 -9.04
N ASP A 79 -0.14 -5.24 -9.75
CA ASP A 79 -1.23 -4.87 -10.65
C ASP A 79 -2.42 -4.34 -9.87
N ALA A 80 -3.25 -3.55 -10.55
CA ALA A 80 -4.34 -2.82 -9.93
C ALA A 80 -5.33 -3.72 -9.18
N PRO A 81 -5.97 -3.13 -8.16
CA PRO A 81 -6.98 -3.81 -7.35
C PRO A 81 -8.30 -3.98 -8.10
N ASN A 82 -9.25 -4.62 -7.45
CA ASN A 82 -10.56 -4.88 -8.02
C ASN A 82 -11.37 -3.61 -8.05
N PRO A 83 -11.72 -3.17 -9.25
CA PRO A 83 -12.55 -1.98 -9.47
C PRO A 83 -13.99 -2.17 -9.00
N GLY A 84 -14.28 -3.35 -8.46
CA GLY A 84 -15.63 -3.65 -8.06
C GLY A 84 -15.77 -3.49 -6.58
N LEU A 85 -14.63 -3.43 -5.92
CA LEU A 85 -14.58 -3.38 -4.49
C LEU A 85 -14.42 -1.95 -4.00
N ILE A 86 -14.16 -1.02 -4.92
CA ILE A 86 -14.08 0.37 -4.53
C ILE A 86 -15.39 1.11 -4.76
N PRO A 87 -15.86 1.81 -3.73
CA PRO A 87 -16.96 2.74 -3.82
C PRO A 87 -16.53 4.06 -4.47
N ASP A 88 -17.50 4.75 -5.05
CA ASP A 88 -17.27 6.03 -5.68
C ASP A 88 -16.47 6.99 -4.82
N ALA A 89 -16.85 7.10 -3.56
CA ALA A 89 -16.26 8.10 -2.66
C ALA A 89 -14.77 7.87 -2.48
N ASP A 90 -14.36 6.63 -2.63
CA ASP A 90 -13.00 6.23 -2.35
C ASP A 90 -12.16 6.16 -3.63
N ALA A 91 -12.85 6.00 -4.75
CA ALA A 91 -12.17 5.78 -6.02
C ALA A 91 -11.66 7.08 -6.64
N VAL A 92 -12.50 8.09 -6.67
CA VAL A 92 -12.17 9.33 -7.34
C VAL A 92 -11.59 10.37 -6.38
N GLY A 93 -10.65 9.91 -5.56
CA GLY A 93 -10.11 10.70 -4.48
C GLY A 93 -9.07 9.95 -3.70
N VAL A 94 -9.24 9.96 -2.40
CA VAL A 94 -8.24 9.52 -1.48
C VAL A 94 -8.45 8.10 -1.01
N THR A 95 -7.36 7.37 -1.01
CA THR A 95 -7.33 6.03 -0.49
C THR A 95 -5.91 5.76 -0.07
N VAL A 96 -5.71 4.69 0.64
CA VAL A 96 -4.38 4.34 1.05
C VAL A 96 -3.97 3.00 0.49
N VAL A 97 -2.81 2.98 -0.15
CA VAL A 97 -2.20 1.75 -0.55
C VAL A 97 -0.99 1.51 0.35
N LEU A 98 -1.14 0.56 1.23
CA LEU A 98 -0.15 0.32 2.27
C LEU A 98 0.65 -0.92 1.98
N ILE A 99 1.91 -0.92 2.39
CA ILE A 99 2.73 -2.10 2.26
C ILE A 99 2.93 -2.72 3.60
N THR A 100 2.30 -3.84 3.78
CA THR A 100 2.45 -4.58 4.98
C THR A 100 3.38 -5.74 4.74
N CYS A 101 4.52 -5.69 5.38
CA CYS A 101 5.43 -6.81 5.32
C CYS A 101 4.95 -7.88 6.28
N THR A 102 5.37 -9.11 6.04
CA THR A 102 4.82 -10.26 6.69
C THR A 102 5.88 -11.32 6.79
N TYR A 103 6.20 -11.71 7.99
CA TYR A 103 7.19 -12.72 8.21
C TYR A 103 6.72 -13.66 9.30
N ARG A 104 6.67 -14.94 8.99
CA ARG A 104 6.16 -15.98 9.87
C ARG A 104 4.67 -15.79 10.15
N GLY A 105 3.99 -15.29 9.14
CA GLY A 105 2.55 -15.15 9.20
C GLY A 105 2.12 -13.92 9.95
N GLN A 106 3.08 -13.18 10.47
CA GLN A 106 2.80 -11.97 11.20
C GLN A 106 3.35 -10.77 10.45
N GLU A 107 2.52 -9.75 10.32
CA GLU A 107 2.84 -8.60 9.49
C GLU A 107 3.47 -7.51 10.35
N PHE A 108 4.61 -6.98 9.90
CA PHE A 108 5.46 -6.18 10.77
C PHE A 108 5.66 -4.73 10.31
N ILE A 109 5.09 -4.34 9.19
CA ILE A 109 5.11 -2.93 8.81
C ILE A 109 3.96 -2.64 7.88
N ARG A 110 3.60 -1.39 7.78
CA ARG A 110 2.57 -0.93 6.90
C ARG A 110 2.90 0.48 6.41
N VAL A 111 3.39 0.61 5.20
CA VAL A 111 3.62 1.94 4.66
C VAL A 111 2.35 2.41 3.94
N GLY A 112 1.58 3.24 4.60
CA GLY A 112 0.33 3.67 4.02
C GLY A 112 0.51 4.89 3.16
N TYR A 113 0.73 4.65 1.90
CA TYR A 113 0.85 5.71 0.92
C TYR A 113 -0.52 6.13 0.45
N TYR A 114 -0.79 7.41 0.56
CA TYR A 114 -2.04 7.94 0.07
C TYR A 114 -2.08 7.84 -1.44
N VAL A 115 -2.96 6.99 -1.94
CA VAL A 115 -3.15 6.88 -3.34
C VAL A 115 -4.30 7.79 -3.70
N ASN A 116 -3.96 8.81 -4.40
CA ASN A 116 -4.92 9.84 -4.77
C ASN A 116 -5.33 9.62 -6.20
N ASN A 117 -6.52 9.11 -6.38
CA ASN A 117 -6.97 8.70 -7.68
C ASN A 117 -7.75 9.83 -8.30
N GLU A 118 -7.16 10.41 -9.31
CA GLU A 118 -7.75 11.52 -9.97
C GLU A 118 -7.86 11.17 -11.43
N TYR A 119 -9.04 11.32 -11.97
CA TYR A 119 -9.26 11.15 -13.41
C TYR A 119 -8.12 11.71 -14.25
N THR A 120 -7.97 11.16 -15.45
CA THR A 120 -6.90 11.53 -16.34
C THR A 120 -7.42 12.51 -17.35
N GLU A 121 -8.71 12.44 -17.61
CA GLU A 121 -9.33 13.41 -18.46
C GLU A 121 -9.54 14.67 -17.64
N THR A 122 -8.95 15.76 -18.11
CA THR A 122 -8.87 17.01 -17.34
C THR A 122 -10.23 17.49 -16.84
N GLU A 123 -11.28 17.23 -17.62
CA GLU A 123 -12.63 17.61 -17.25
C GLU A 123 -13.10 16.75 -16.09
N LEU A 124 -12.70 15.51 -16.12
CA LEU A 124 -13.07 14.56 -15.10
C LEU A 124 -12.29 14.83 -13.83
N ARG A 125 -11.10 15.43 -13.96
CA ARG A 125 -10.27 15.74 -12.80
C ARG A 125 -10.93 16.87 -12.02
N GLU A 126 -11.51 17.77 -12.79
CA GLU A 126 -12.20 18.93 -12.25
C GLU A 126 -13.48 18.51 -11.55
N ASN A 127 -14.19 17.57 -12.14
CA ASN A 127 -15.45 17.13 -11.56
C ASN A 127 -15.67 15.65 -11.83
N PRO A 128 -15.22 14.78 -10.90
CA PRO A 128 -15.46 13.34 -10.98
C PRO A 128 -16.95 13.06 -11.03
N PRO A 129 -17.41 12.48 -12.16
CA PRO A 129 -18.81 12.08 -12.32
C PRO A 129 -19.23 11.13 -11.20
N VAL A 130 -20.53 11.01 -10.98
CA VAL A 130 -21.07 10.36 -9.79
C VAL A 130 -20.45 8.98 -9.58
N LYS A 131 -20.20 8.26 -10.65
CA LYS A 131 -19.52 6.98 -10.56
C LYS A 131 -18.17 6.99 -11.25
N PRO A 132 -17.14 6.82 -10.44
CA PRO A 132 -15.75 6.71 -10.88
C PRO A 132 -15.54 5.77 -12.04
N ASP A 133 -14.65 6.16 -12.93
CA ASP A 133 -14.19 5.28 -13.99
C ASP A 133 -12.74 4.94 -13.72
N PHE A 134 -12.50 3.70 -13.36
CA PHE A 134 -11.21 3.24 -12.90
C PHE A 134 -10.22 3.18 -14.08
N SER A 135 -10.74 3.24 -15.28
CA SER A 135 -9.92 3.26 -16.49
C SER A 135 -9.52 4.69 -16.85
N LYS A 136 -10.24 5.67 -16.30
CA LYS A 136 -9.91 7.07 -16.49
C LYS A 136 -9.21 7.56 -15.27
N LEU A 137 -9.02 6.66 -14.35
CA LEU A 137 -8.53 7.00 -13.04
C LEU A 137 -7.01 7.01 -13.04
N GLN A 138 -6.43 7.97 -12.36
CA GLN A 138 -4.98 8.13 -12.29
C GLN A 138 -4.52 8.06 -10.85
N ARG A 139 -3.74 7.06 -10.54
CA ARG A 139 -3.24 6.91 -9.19
C ARG A 139 -2.07 7.83 -8.99
N ASN A 140 -2.30 8.94 -8.33
CA ASN A 140 -1.22 9.83 -7.93
C ASN A 140 -0.92 9.51 -6.49
N ILE A 141 0.20 8.87 -6.30
CA ILE A 141 0.53 8.37 -5.00
C ILE A 141 1.42 9.34 -4.29
N LEU A 142 0.88 9.90 -3.22
CA LEU A 142 1.50 10.98 -2.51
C LEU A 142 2.68 10.46 -1.71
N ALA A 143 3.83 10.48 -2.34
CA ALA A 143 5.04 9.97 -1.74
C ALA A 143 5.58 10.95 -0.71
N SER A 144 4.98 12.13 -0.69
CA SER A 144 5.30 13.14 0.30
C SER A 144 4.49 12.92 1.58
N ASN A 145 3.61 11.93 1.55
CA ASN A 145 2.77 11.61 2.70
C ASN A 145 2.71 10.09 2.92
N PRO A 146 3.82 9.47 3.36
CA PRO A 146 3.88 8.04 3.64
C PRO A 146 3.53 7.74 5.10
N ARG A 147 2.38 7.14 5.31
CA ARG A 147 1.94 6.80 6.65
C ARG A 147 2.58 5.50 7.12
N VAL A 148 3.79 5.60 7.61
CA VAL A 148 4.50 4.44 8.11
C VAL A 148 3.92 3.95 9.44
N THR A 149 3.62 2.67 9.51
CA THR A 149 3.20 2.03 10.74
C THR A 149 3.82 0.66 10.83
N ARG A 150 4.80 0.54 11.68
CA ARG A 150 5.56 -0.69 11.75
C ARG A 150 5.44 -1.30 13.13
N PHE A 151 5.40 -2.61 13.12
CA PHE A 151 5.25 -3.40 14.32
C PHE A 151 6.41 -4.39 14.40
N HIS A 152 6.57 -5.04 15.54
CA HIS A 152 7.59 -6.08 15.67
C HIS A 152 6.98 -7.47 15.61
N ILE A 153 7.76 -8.42 15.13
CA ILE A 153 7.33 -9.80 15.02
C ILE A 153 8.44 -10.73 15.51
N ASN A 154 8.13 -12.00 15.61
CA ASN A 154 9.08 -13.00 16.10
C ASN A 154 9.80 -13.68 14.94
N TRP A 155 10.88 -13.05 14.51
CA TRP A 155 11.61 -13.47 13.32
C TRP A 155 12.23 -14.84 13.50
N GLU A 156 12.31 -15.27 14.76
CA GLU A 156 12.85 -16.55 15.10
C GLU A 156 11.91 -17.21 16.06
N ASP A 157 12.14 -18.47 16.28
CA ASP A 157 11.46 -19.17 17.34
C ASP A 157 12.17 -18.83 18.65
N ASN A 158 12.00 -17.59 19.06
CA ASN A 158 12.81 -16.99 20.10
C ASN A 158 12.07 -16.95 21.42
N GLY B 1 -19.24 8.79 13.57
CA GLY B 1 -19.37 9.59 12.33
C GLY B 1 -18.08 9.62 11.54
N ALA B 2 -18.03 8.84 10.47
CA ALA B 2 -16.85 8.77 9.63
C ALA B 2 -16.76 9.98 8.72
N MET B 3 -16.51 11.14 9.31
CA MET B 3 -16.35 12.37 8.56
C MET B 3 -15.01 12.40 7.86
N GLY B 4 -15.05 12.42 6.53
CA GLY B 4 -13.84 12.38 5.75
C GLY B 4 -13.32 10.96 5.61
N LYS B 5 -12.78 10.64 4.45
CA LYS B 5 -12.24 9.30 4.21
C LYS B 5 -10.92 9.14 4.95
N ASP B 6 -10.29 10.28 5.22
CA ASP B 6 -9.02 10.36 5.93
C ASP B 6 -9.02 9.51 7.20
N ILE B 7 -10.06 9.66 8.03
CA ILE B 7 -10.14 8.93 9.29
C ILE B 7 -10.30 7.43 9.06
N GLN B 8 -11.11 7.08 8.08
CA GLN B 8 -11.32 5.69 7.70
C GLN B 8 -10.03 5.07 7.20
N LEU B 9 -9.26 5.87 6.48
CA LEU B 9 -7.96 5.47 6.01
C LEU B 9 -6.99 5.28 7.18
N ALA B 10 -7.03 6.22 8.12
CA ALA B 10 -6.22 6.13 9.33
C ALA B 10 -6.59 4.89 10.13
N ARG B 11 -7.86 4.51 10.09
CA ARG B 11 -8.31 3.27 10.73
C ARG B 11 -7.57 2.06 10.16
N ARG B 12 -7.49 1.98 8.83
CA ARG B 12 -6.80 0.86 8.19
C ARG B 12 -5.31 0.93 8.49
N ILE B 13 -4.73 2.11 8.40
CA ILE B 13 -3.32 2.31 8.71
C ILE B 13 -3.06 2.10 10.21
N ARG B 14 -4.11 2.13 10.99
CA ARG B 14 -4.02 1.86 12.41
C ARG B 14 -3.98 0.37 12.67
N GLY B 15 -4.57 -0.39 11.75
CA GLY B 15 -4.59 -1.82 11.89
C GLY B 15 -5.72 -2.50 11.13
N GLU B 16 -5.52 -2.78 9.85
CA GLU B 16 -6.40 -3.68 9.13
C GLU B 16 -5.84 -5.09 9.17
N ARG B 17 -4.61 -5.25 8.70
CA ARG B 17 -3.90 -6.50 8.80
C ARG B 17 -3.48 -6.73 10.24
N ALA B 18 -2.56 -5.90 10.69
CA ALA B 18 -2.14 -5.93 12.08
C ALA B 18 -2.67 -4.69 12.81
N MET A 3 16.79 -6.13 16.88
CA MET A 3 15.38 -6.52 17.16
C MET A 3 14.76 -7.08 15.90
N ALA A 4 14.36 -6.20 15.01
CA ALA A 4 13.86 -6.60 13.71
C ALA A 4 15.04 -6.91 12.82
N LYS A 5 14.85 -7.81 11.87
CA LYS A 5 15.96 -8.23 11.02
C LYS A 5 15.89 -7.52 9.68
N VAL A 6 14.80 -6.79 9.45
CA VAL A 6 14.65 -6.02 8.22
C VAL A 6 13.89 -4.74 8.49
N GLN A 7 14.46 -3.64 8.04
CA GLN A 7 13.84 -2.33 8.18
C GLN A 7 13.72 -1.66 6.83
N VAL A 8 12.51 -1.64 6.27
CA VAL A 8 12.27 -0.85 5.09
C VAL A 8 12.42 0.61 5.42
N ASN A 9 13.21 1.25 4.61
CA ASN A 9 13.66 2.61 4.85
C ASN A 9 13.17 3.46 3.73
N ASN A 10 13.53 2.99 2.55
CA ASN A 10 13.25 3.73 1.33
C ASN A 10 12.11 3.07 0.60
N VAL A 11 11.12 3.83 0.22
CA VAL A 11 10.11 3.33 -0.67
C VAL A 11 9.93 4.29 -1.82
N VAL A 12 10.54 3.98 -2.96
CA VAL A 12 10.40 4.86 -4.09
C VAL A 12 9.29 4.36 -4.98
N VAL A 13 8.15 5.00 -4.87
CA VAL A 13 6.99 4.61 -5.61
C VAL A 13 7.06 5.25 -6.97
N LEU A 14 7.13 4.40 -7.94
CA LEU A 14 7.28 4.76 -9.31
C LEU A 14 5.92 5.03 -9.86
N ASP A 15 5.00 4.23 -9.37
CA ASP A 15 3.59 4.45 -9.55
C ASP A 15 3.12 5.61 -8.66
N ASN A 16 3.76 6.73 -8.90
CA ASN A 16 3.26 8.03 -8.53
C ASN A 16 2.29 8.45 -9.61
N PRO A 17 1.56 9.59 -9.52
CA PRO A 17 0.27 9.72 -10.21
C PRO A 17 0.35 9.34 -11.68
N SER A 18 -0.16 8.15 -11.91
CA SER A 18 -0.22 7.54 -13.24
C SER A 18 -1.56 6.85 -13.39
N PRO A 19 -1.91 6.37 -14.60
CA PRO A 19 -3.13 5.60 -14.83
C PRO A 19 -3.37 4.60 -13.70
N PHE A 20 -4.60 4.59 -13.21
CA PHE A 20 -5.02 3.67 -12.17
C PHE A 20 -4.80 2.21 -12.58
N TYR A 21 -4.83 1.95 -13.88
CA TYR A 21 -4.60 0.60 -14.37
C TYR A 21 -3.12 0.33 -14.57
N ASN A 22 -2.30 1.35 -14.35
CA ASN A 22 -0.87 1.14 -14.19
C ASN A 22 -0.65 0.58 -12.80
N PRO A 23 0.03 -0.55 -12.72
CA PRO A 23 0.20 -1.31 -11.48
C PRO A 23 0.96 -0.54 -10.41
N PHE A 24 0.64 -0.83 -9.15
CA PHE A 24 1.32 -0.24 -8.01
C PHE A 24 2.78 -0.61 -8.03
N GLN A 25 3.59 0.34 -8.44
CA GLN A 25 5.00 0.10 -8.64
C GLN A 25 5.80 0.75 -7.54
N PHE A 26 6.26 -0.06 -6.61
CA PHE A 26 7.16 0.41 -5.58
C PHE A 26 8.55 -0.07 -5.88
N GLU A 27 9.53 0.61 -5.39
CA GLU A 27 10.88 0.07 -5.38
C GLU A 27 11.43 0.23 -3.97
N ILE A 28 11.16 -0.76 -3.14
CA ILE A 28 11.50 -0.69 -1.74
C ILE A 28 12.98 -0.97 -1.49
N THR A 29 13.55 -0.19 -0.59
CA THR A 29 14.88 -0.43 -0.08
C THR A 29 14.82 -0.66 1.41
N PHE A 30 15.06 -1.88 1.81
CA PHE A 30 15.10 -2.19 3.22
C PHE A 30 16.48 -2.55 3.63
N GLU A 31 16.82 -2.09 4.79
CA GLU A 31 18.09 -2.41 5.36
C GLU A 31 17.86 -3.47 6.36
N CYS A 32 18.41 -4.61 6.07
CA CYS A 32 18.23 -5.73 6.91
C CYS A 32 19.02 -5.49 8.14
N ILE A 33 18.29 -5.33 9.20
CA ILE A 33 18.86 -4.95 10.44
C ILE A 33 19.60 -6.12 11.03
N GLU A 34 19.20 -7.31 10.62
CA GLU A 34 19.80 -8.54 11.09
C GLU A 34 19.68 -9.61 10.01
N ASP A 35 20.44 -10.68 10.16
CA ASP A 35 20.42 -11.77 9.20
C ASP A 35 19.08 -12.50 9.25
N LEU A 36 18.50 -12.75 8.09
CA LEU A 36 17.16 -13.29 8.02
C LEU A 36 17.22 -14.81 7.89
N SER A 37 16.18 -15.50 8.34
CA SER A 37 16.15 -16.94 8.23
C SER A 37 15.03 -17.46 7.33
N GLU A 38 13.92 -16.75 7.33
CA GLU A 38 12.71 -17.19 6.63
C GLU A 38 12.50 -16.32 5.38
N ASP A 39 11.31 -16.33 4.81
CA ASP A 39 11.03 -15.39 3.73
C ASP A 39 10.48 -14.10 4.34
N LEU A 40 10.49 -13.05 3.57
CA LEU A 40 9.95 -11.77 3.98
C LEU A 40 8.76 -11.46 3.11
N GLU A 41 7.59 -11.31 3.70
CA GLU A 41 6.41 -11.01 2.91
C GLU A 41 6.23 -9.50 2.80
N TRP A 42 6.11 -9.00 1.59
CA TRP A 42 5.68 -7.61 1.37
C TRP A 42 4.41 -7.65 0.56
N LYS A 43 3.38 -7.02 1.05
CA LYS A 43 2.10 -7.11 0.40
C LYS A 43 1.53 -5.73 0.17
N ILE A 44 0.84 -5.56 -0.95
CA ILE A 44 0.19 -4.30 -1.22
C ILE A 44 -1.30 -4.47 -0.98
N ILE A 45 -1.75 -3.90 0.10
CA ILE A 45 -3.14 -4.03 0.48
C ILE A 45 -3.87 -2.72 0.25
N TYR A 46 -4.68 -2.73 -0.79
CA TYR A 46 -5.39 -1.55 -1.23
C TYR A 46 -6.72 -1.47 -0.54
N VAL A 47 -7.04 -0.32 0.00
CA VAL A 47 -8.36 -0.12 0.56
C VAL A 47 -9.41 -0.02 -0.55
N GLY A 48 -10.13 -1.11 -0.75
CA GLY A 48 -11.16 -1.14 -1.77
C GLY A 48 -12.27 -0.16 -1.46
N SER A 49 -12.64 -0.10 -0.20
CA SER A 49 -13.57 0.90 0.26
C SER A 49 -13.06 1.57 1.51
N ALA A 50 -12.86 2.87 1.41
CA ALA A 50 -12.74 3.69 2.60
C ALA A 50 -14.12 3.95 3.17
N GLU A 51 -15.13 3.45 2.45
CA GLU A 51 -16.51 3.62 2.81
C GLU A 51 -17.04 2.37 3.52
N SER A 52 -16.32 1.28 3.35
CA SER A 52 -16.52 0.08 4.10
C SER A 52 -15.15 -0.37 4.62
N GLU A 53 -14.92 -1.65 4.77
CA GLU A 53 -13.63 -2.11 5.26
C GLU A 53 -13.22 -3.46 4.68
N GLU A 54 -14.21 -4.31 4.42
CA GLU A 54 -13.94 -5.68 3.95
C GLU A 54 -13.59 -5.70 2.47
N TYR A 55 -13.54 -4.53 1.87
CA TYR A 55 -13.25 -4.42 0.45
C TYR A 55 -11.75 -4.46 0.17
N ASP A 56 -10.93 -4.23 1.20
CA ASP A 56 -9.48 -4.21 1.04
C ASP A 56 -8.99 -5.35 0.14
N GLN A 57 -8.42 -4.96 -1.00
CA GLN A 57 -7.86 -5.91 -1.95
C GLN A 57 -6.37 -6.11 -1.68
N VAL A 58 -5.83 -7.16 -2.30
CA VAL A 58 -4.45 -7.54 -2.13
C VAL A 58 -3.86 -7.75 -3.52
N LEU A 59 -2.99 -6.86 -3.90
CA LEU A 59 -2.51 -6.81 -5.25
C LEU A 59 -1.44 -7.87 -5.50
N ASP A 60 -0.56 -8.04 -4.53
CA ASP A 60 0.51 -9.03 -4.63
C ASP A 60 1.26 -9.08 -3.31
N SER A 61 1.94 -10.18 -3.05
CA SER A 61 2.74 -10.32 -1.87
C SER A 61 4.01 -11.04 -2.26
N VAL A 62 5.12 -10.36 -2.09
CA VAL A 62 6.41 -10.82 -2.56
C VAL A 62 7.16 -11.46 -1.43
N LEU A 63 7.86 -12.54 -1.75
CA LEU A 63 8.61 -13.24 -0.75
C LEU A 63 10.10 -13.06 -1.00
N VAL A 64 10.72 -12.22 -0.18
CA VAL A 64 12.16 -12.07 -0.18
C VAL A 64 12.72 -13.17 0.71
N GLY A 65 13.94 -13.60 0.51
CA GLY A 65 14.43 -14.69 1.32
C GLY A 65 15.22 -14.21 2.49
N PRO A 66 16.00 -15.09 3.11
CA PRO A 66 16.93 -14.71 4.16
C PRO A 66 18.00 -13.80 3.59
N VAL A 67 18.06 -12.60 4.10
CA VAL A 67 18.95 -11.60 3.58
C VAL A 67 19.90 -11.12 4.67
N PRO A 68 21.19 -11.06 4.34
CA PRO A 68 22.20 -10.56 5.26
C PRO A 68 22.00 -9.07 5.52
N ALA A 69 22.17 -8.69 6.79
CA ALA A 69 22.05 -7.29 7.21
C ALA A 69 22.67 -6.33 6.22
N GLY A 70 22.02 -5.20 6.04
CA GLY A 70 22.41 -4.26 5.04
C GLY A 70 21.26 -3.97 4.13
N ARG A 71 21.19 -2.78 3.60
CA ARG A 71 20.06 -2.41 2.78
C ARG A 71 20.14 -3.06 1.40
N HIS A 72 18.99 -3.42 0.92
CA HIS A 72 18.82 -3.99 -0.39
C HIS A 72 17.60 -3.38 -1.02
N MET A 73 17.70 -3.01 -2.28
CA MET A 73 16.55 -2.44 -2.95
C MET A 73 15.96 -3.43 -3.93
N PHE A 74 14.69 -3.69 -3.75
CA PHE A 74 13.95 -4.57 -4.61
C PHE A 74 12.71 -3.86 -5.07
N VAL A 75 12.33 -4.11 -6.29
CA VAL A 75 11.25 -3.39 -6.89
C VAL A 75 10.00 -4.26 -6.96
N PHE A 76 8.94 -3.72 -6.40
CA PHE A 76 7.76 -4.47 -6.02
C PHE A 76 6.52 -3.86 -6.63
N GLN A 77 5.91 -4.58 -7.55
CA GLN A 77 4.81 -4.06 -8.33
C GLN A 77 3.66 -5.04 -8.29
N ALA A 78 2.47 -4.54 -8.47
CA ALA A 78 1.29 -5.38 -8.48
C ALA A 78 0.17 -4.67 -9.22
N ASP A 79 -0.76 -5.40 -9.77
CA ASP A 79 -1.77 -4.81 -10.65
C ASP A 79 -2.66 -3.80 -9.94
N ALA A 80 -3.66 -3.32 -10.66
CA ALA A 80 -4.60 -2.36 -10.15
C ALA A 80 -5.69 -3.06 -9.36
N PRO A 81 -6.24 -2.36 -8.36
CA PRO A 81 -7.33 -2.87 -7.52
C PRO A 81 -8.58 -3.15 -8.32
N ASN A 82 -9.55 -3.74 -7.64
CA ASN A 82 -10.77 -4.18 -8.30
C ASN A 82 -11.72 -3.02 -8.48
N PRO A 83 -12.00 -2.68 -9.73
CA PRO A 83 -12.88 -1.56 -10.09
C PRO A 83 -14.34 -1.86 -9.76
N GLY A 84 -14.62 -3.10 -9.41
CA GLY A 84 -15.95 -3.47 -8.99
C GLY A 84 -16.08 -3.47 -7.49
N LEU A 85 -15.04 -3.03 -6.80
CA LEU A 85 -15.05 -2.98 -5.35
C LEU A 85 -15.13 -1.54 -4.85
N ILE A 86 -14.45 -0.64 -5.53
CA ILE A 86 -14.35 0.74 -5.07
C ILE A 86 -15.68 1.48 -5.15
N PRO A 87 -16.07 2.13 -4.04
CA PRO A 87 -17.21 3.02 -4.01
C PRO A 87 -16.90 4.40 -4.58
N ASP A 88 -17.93 5.14 -4.94
CA ASP A 88 -17.82 6.46 -5.57
C ASP A 88 -16.82 7.37 -4.86
N ALA A 89 -16.96 7.53 -3.56
CA ALA A 89 -16.18 8.53 -2.84
C ALA A 89 -14.75 8.10 -2.67
N ASP A 90 -14.52 6.79 -2.72
CA ASP A 90 -13.18 6.26 -2.59
C ASP A 90 -12.45 6.32 -3.92
N ALA A 91 -13.21 6.26 -5.00
CA ALA A 91 -12.63 6.19 -6.32
C ALA A 91 -12.03 7.52 -6.74
N VAL A 92 -12.71 8.59 -6.43
CA VAL A 92 -12.27 9.90 -6.84
C VAL A 92 -11.66 10.73 -5.70
N GLY A 93 -10.81 10.10 -4.89
CA GLY A 93 -10.28 10.76 -3.70
C GLY A 93 -9.25 9.94 -3.00
N VAL A 94 -9.46 9.80 -1.72
CA VAL A 94 -8.45 9.31 -0.83
C VAL A 94 -8.65 7.88 -0.42
N THR A 95 -7.65 7.11 -0.74
CA THR A 95 -7.58 5.72 -0.43
C THR A 95 -6.17 5.47 0.08
N VAL A 96 -5.91 4.31 0.63
CA VAL A 96 -4.58 3.97 1.05
C VAL A 96 -4.19 2.60 0.53
N VAL A 97 -2.92 2.40 0.26
CA VAL A 97 -2.47 1.11 -0.16
C VAL A 97 -1.24 0.77 0.67
N LEU A 98 -1.42 -0.15 1.59
CA LEU A 98 -0.42 -0.41 2.61
C LEU A 98 0.46 -1.58 2.24
N ILE A 99 1.76 -1.38 2.33
CA ILE A 99 2.69 -2.47 2.15
C ILE A 99 3.04 -3.00 3.50
N THR A 100 2.29 -3.99 3.86
CA THR A 100 2.48 -4.65 5.10
C THR A 100 3.40 -5.81 4.90
N CYS A 101 4.56 -5.71 5.47
CA CYS A 101 5.44 -6.85 5.49
C CYS A 101 4.92 -7.82 6.52
N THR A 102 5.31 -9.06 6.40
CA THR A 102 4.76 -10.11 7.20
C THR A 102 5.81 -11.18 7.38
N TYR A 103 6.42 -11.22 8.54
CA TYR A 103 7.45 -12.20 8.80
C TYR A 103 7.02 -13.09 9.96
N ARG A 104 7.03 -14.40 9.70
CA ARG A 104 6.64 -15.42 10.68
C ARG A 104 5.15 -15.35 11.01
N GLY A 105 4.40 -14.64 10.19
CA GLY A 105 2.97 -14.56 10.37
C GLY A 105 2.54 -13.28 11.05
N GLN A 106 3.49 -12.40 11.30
CA GLN A 106 3.18 -11.11 11.91
C GLN A 106 3.65 -9.99 10.98
N GLU A 107 2.83 -8.96 10.86
CA GLU A 107 3.15 -7.84 9.98
C GLU A 107 3.97 -6.80 10.73
N PHE A 108 5.13 -6.39 10.18
CA PHE A 108 6.03 -5.51 10.93
C PHE A 108 6.23 -4.13 10.28
N ILE A 109 5.57 -3.85 9.17
CA ILE A 109 5.51 -2.50 8.67
C ILE A 109 4.26 -2.33 7.83
N ARG A 110 3.78 -1.11 7.75
CA ARG A 110 2.59 -0.80 7.01
C ARG A 110 2.75 0.55 6.36
N VAL A 111 3.25 0.57 5.14
CA VAL A 111 3.31 1.82 4.43
C VAL A 111 1.95 2.08 3.78
N GLY A 112 1.17 2.93 4.39
CA GLY A 112 -0.08 3.29 3.82
C GLY A 112 0.05 4.47 2.91
N TYR A 113 0.47 4.19 1.71
CA TYR A 113 0.54 5.23 0.71
C TYR A 113 -0.86 5.60 0.33
N TYR A 114 -1.20 6.82 0.63
CA TYR A 114 -2.49 7.30 0.29
C TYR A 114 -2.58 7.39 -1.23
N VAL A 115 -3.39 6.54 -1.82
CA VAL A 115 -3.54 6.60 -3.24
C VAL A 115 -4.70 7.51 -3.52
N ASN A 116 -4.36 8.65 -4.05
CA ASN A 116 -5.35 9.67 -4.34
C ASN A 116 -5.76 9.57 -5.79
N ASN A 117 -6.99 9.21 -6.02
CA ASN A 117 -7.42 8.80 -7.32
C ASN A 117 -8.18 9.94 -7.97
N GLU A 118 -7.54 10.53 -8.95
CA GLU A 118 -8.04 11.70 -9.61
C GLU A 118 -7.91 11.52 -11.10
N TYR A 119 -8.98 11.82 -11.83
CA TYR A 119 -9.07 11.55 -13.26
C TYR A 119 -7.87 12.03 -14.08
N THR A 120 -7.69 11.38 -15.22
CA THR A 120 -6.55 11.60 -16.09
C THR A 120 -6.89 12.64 -17.11
N GLU A 121 -8.17 12.70 -17.42
CA GLU A 121 -8.65 13.65 -18.38
C GLU A 121 -8.81 14.98 -17.68
N THR A 122 -8.12 15.99 -18.21
CA THR A 122 -7.99 17.30 -17.57
C THR A 122 -9.34 17.88 -17.15
N GLU A 123 -10.37 17.62 -17.94
CA GLU A 123 -11.71 18.10 -17.63
C GLU A 123 -12.24 17.40 -16.39
N LEU A 124 -11.90 16.12 -16.28
CA LEU A 124 -12.36 15.29 -15.21
C LEU A 124 -11.55 15.56 -13.93
N ARG A 125 -10.37 16.15 -14.09
CA ARG A 125 -9.55 16.50 -12.94
C ARG A 125 -10.11 17.74 -12.30
N GLU A 126 -10.62 18.62 -13.15
CA GLU A 126 -11.20 19.86 -12.72
C GLU A 126 -12.56 19.63 -12.09
N ASN A 127 -13.31 18.70 -12.66
CA ASN A 127 -14.62 18.36 -12.12
C ASN A 127 -14.88 16.86 -12.23
N PRO A 128 -14.37 16.10 -11.24
CA PRO A 128 -14.58 14.66 -11.16
C PRO A 128 -16.06 14.31 -11.12
N PRO A 129 -16.56 13.62 -12.16
CA PRO A 129 -17.94 13.17 -12.22
C PRO A 129 -18.24 12.21 -11.09
N VAL A 130 -19.45 12.32 -10.55
CA VAL A 130 -19.86 11.57 -9.36
C VAL A 130 -19.69 10.07 -9.55
N LYS A 131 -19.87 9.61 -10.78
CA LYS A 131 -19.61 8.22 -11.10
C LYS A 131 -18.13 7.98 -11.29
N PRO A 132 -17.65 6.91 -10.67
CA PRO A 132 -16.23 6.56 -10.65
C PRO A 132 -15.78 5.92 -11.96
N ASP A 133 -14.71 6.42 -12.54
CA ASP A 133 -14.14 5.76 -13.71
C ASP A 133 -12.67 5.46 -13.47
N PHE A 134 -12.38 4.19 -13.27
CA PHE A 134 -11.06 3.73 -12.88
C PHE A 134 -10.11 3.70 -14.08
N SER A 135 -10.72 3.75 -15.24
CA SER A 135 -10.02 3.76 -16.52
C SER A 135 -9.57 5.18 -16.86
N LYS A 136 -10.31 6.16 -16.35
CA LYS A 136 -9.94 7.55 -16.53
C LYS A 136 -9.31 8.03 -15.27
N LEU A 137 -8.99 7.10 -14.43
CA LEU A 137 -8.56 7.41 -13.11
C LEU A 137 -7.04 7.46 -13.06
N GLN A 138 -6.52 8.53 -12.52
CA GLN A 138 -5.09 8.68 -12.35
C GLN A 138 -4.78 8.68 -10.87
N ARG A 139 -4.00 7.74 -10.43
CA ARG A 139 -3.77 7.62 -9.02
C ARG A 139 -2.47 8.26 -8.59
N ASN A 140 -2.60 9.40 -7.93
CA ASN A 140 -1.48 10.07 -7.28
C ASN A 140 -1.19 9.37 -5.99
N ILE A 141 -0.15 8.59 -6.02
CA ILE A 141 0.31 7.89 -4.86
C ILE A 141 1.04 8.87 -3.96
N LEU A 142 0.39 9.27 -2.87
CA LEU A 142 0.92 10.32 -2.02
C LEU A 142 2.20 9.89 -1.32
N ALA A 143 3.30 10.18 -1.98
CA ALA A 143 4.62 9.87 -1.48
C ALA A 143 5.06 10.92 -0.47
N SER A 144 4.42 12.08 -0.53
CA SER A 144 4.65 13.15 0.42
C SER A 144 3.88 12.87 1.70
N ASN A 145 2.91 11.97 1.60
CA ASN A 145 2.06 11.63 2.73
C ASN A 145 1.95 10.11 2.88
N PRO A 146 3.08 9.42 3.13
CA PRO A 146 3.07 7.98 3.34
C PRO A 146 2.73 7.64 4.78
N ARG A 147 1.61 6.97 4.97
CA ARG A 147 1.14 6.62 6.29
C ARG A 147 1.86 5.38 6.79
N VAL A 148 3.07 5.58 7.28
CA VAL A 148 3.93 4.48 7.70
C VAL A 148 3.71 4.11 9.16
N THR A 149 3.66 2.82 9.42
CA THR A 149 3.68 2.30 10.78
C THR A 149 4.36 0.95 10.82
N ARG A 150 5.55 0.94 11.39
CA ARG A 150 6.32 -0.27 11.53
C ARG A 150 6.21 -0.81 12.93
N PHE A 151 6.11 -2.11 13.01
CA PHE A 151 5.88 -2.80 14.27
C PHE A 151 7.04 -3.71 14.61
N HIS A 152 7.04 -4.21 15.83
CA HIS A 152 8.04 -5.15 16.30
C HIS A 152 7.42 -6.55 16.37
N ILE A 153 7.89 -7.48 15.53
CA ILE A 153 7.30 -8.79 15.46
C ILE A 153 8.30 -9.86 15.84
N ASN A 154 7.89 -11.09 15.68
CA ASN A 154 8.69 -12.25 16.02
C ASN A 154 9.43 -12.77 14.83
N TRP A 155 10.65 -12.30 14.65
CA TRP A 155 11.51 -12.81 13.61
C TRP A 155 12.08 -14.14 14.02
N GLU A 156 11.92 -14.47 15.30
CA GLU A 156 12.56 -15.62 15.85
C GLU A 156 11.57 -16.46 16.60
N ASP A 157 11.85 -17.72 16.61
CA ASP A 157 11.07 -18.69 17.33
C ASP A 157 11.51 -18.68 18.79
N ASN A 158 11.17 -17.60 19.48
CA ASN A 158 11.62 -17.40 20.85
C ASN A 158 10.61 -16.56 21.62
N GLY B 1 -18.06 1.81 12.06
CA GLY B 1 -16.99 2.83 11.94
C GLY B 1 -16.65 3.16 10.50
N ALA B 2 -17.35 2.53 9.56
CA ALA B 2 -17.09 2.74 8.14
C ALA B 2 -17.73 4.03 7.66
N MET B 3 -17.01 5.13 7.85
CA MET B 3 -17.47 6.41 7.37
C MET B 3 -16.30 7.38 7.30
N GLY B 4 -16.11 7.98 6.15
CA GLY B 4 -15.07 8.96 5.98
C GLY B 4 -13.85 8.39 5.29
N LYS B 5 -12.69 8.99 5.57
CA LYS B 5 -11.44 8.50 5.02
C LYS B 5 -10.42 8.36 6.13
N ASP B 6 -9.94 9.52 6.60
CA ASP B 6 -8.96 9.63 7.68
C ASP B 6 -8.94 8.43 8.64
N ILE B 7 -10.02 8.24 9.39
CA ILE B 7 -10.07 7.16 10.38
C ILE B 7 -10.01 5.77 9.72
N GLN B 8 -10.63 5.63 8.56
CA GLN B 8 -10.68 4.35 7.87
C GLN B 8 -9.31 3.89 7.39
N LEU B 9 -8.59 4.78 6.72
CA LEU B 9 -7.26 4.46 6.24
C LEU B 9 -6.31 4.30 7.43
N ALA B 10 -6.55 5.10 8.47
CA ALA B 10 -5.78 4.99 9.70
C ALA B 10 -6.02 3.65 10.37
N ARG B 11 -7.26 3.17 10.32
CA ARG B 11 -7.62 1.87 10.85
C ARG B 11 -6.70 0.78 10.32
N ARG B 12 -6.63 0.66 8.99
CA ARG B 12 -5.84 -0.39 8.37
C ARG B 12 -4.39 -0.32 8.84
N ILE B 13 -3.86 0.90 8.90
CA ILE B 13 -2.47 1.13 9.28
C ILE B 13 -2.22 0.85 10.76
N ARG B 14 -3.03 1.42 11.64
CA ARG B 14 -2.81 1.33 13.08
C ARG B 14 -2.80 -0.12 13.56
N GLY B 15 -3.77 -0.89 13.11
CA GLY B 15 -3.83 -2.28 13.52
C GLY B 15 -5.05 -2.98 13.01
N GLU B 16 -5.26 -2.96 11.70
CA GLU B 16 -6.35 -3.72 11.11
C GLU B 16 -5.77 -5.03 10.60
N ARG B 17 -4.45 -5.12 10.77
CA ARG B 17 -3.62 -6.25 10.38
C ARG B 17 -4.29 -7.61 10.57
N ALA B 18 -3.91 -8.51 9.68
CA ALA B 18 -4.36 -9.91 9.70
C ALA B 18 -5.89 -10.01 9.69
N MET A 3 17.68 -6.90 17.11
CA MET A 3 16.38 -7.56 17.39
C MET A 3 15.61 -7.76 16.09
N ALA A 4 15.33 -6.66 15.41
CA ALA A 4 14.63 -6.73 14.14
C ALA A 4 15.59 -7.18 13.04
N LYS A 5 15.11 -8.05 12.18
CA LYS A 5 15.93 -8.61 11.13
C LYS A 5 15.86 -7.77 9.86
N VAL A 6 14.81 -6.98 9.74
CA VAL A 6 14.66 -6.04 8.63
C VAL A 6 14.17 -4.71 9.13
N GLN A 7 14.88 -3.67 8.73
CA GLN A 7 14.44 -2.32 8.93
C GLN A 7 14.19 -1.71 7.57
N VAL A 8 12.93 -1.67 7.15
CA VAL A 8 12.61 -1.04 5.90
C VAL A 8 12.73 0.45 6.09
N ASN A 9 13.37 1.10 5.15
CA ASN A 9 13.76 2.48 5.33
C ASN A 9 13.12 3.31 4.24
N ASN A 10 13.55 3.03 3.04
CA ASN A 10 13.14 3.83 1.91
C ASN A 10 12.11 3.12 1.08
N VAL A 11 11.26 3.87 0.46
CA VAL A 11 10.31 3.35 -0.46
C VAL A 11 10.09 4.36 -1.59
N VAL A 12 10.69 4.08 -2.72
CA VAL A 12 10.55 4.99 -3.85
C VAL A 12 9.43 4.49 -4.76
N VAL A 13 8.27 5.10 -4.61
CA VAL A 13 7.11 4.75 -5.41
C VAL A 13 7.18 5.36 -6.79
N LEU A 14 7.03 4.50 -7.75
CA LEU A 14 7.17 4.83 -9.16
C LEU A 14 5.81 4.96 -9.79
N ASP A 15 4.93 4.12 -9.28
CA ASP A 15 3.49 4.14 -9.57
C ASP A 15 2.82 5.48 -9.18
N ASN A 16 3.60 6.52 -9.22
CA ASN A 16 3.14 7.87 -8.90
C ASN A 16 2.44 8.46 -10.11
N PRO A 17 1.79 9.64 -9.98
CA PRO A 17 0.48 9.85 -10.58
C PRO A 17 0.42 9.56 -12.06
N SER A 18 -0.12 8.38 -12.33
CA SER A 18 -0.32 7.88 -13.68
C SER A 18 -1.69 7.21 -13.77
N PRO A 19 -2.18 6.88 -14.99
CA PRO A 19 -3.41 6.12 -15.19
C PRO A 19 -3.58 5.06 -14.14
N PHE A 20 -4.78 4.97 -13.55
CA PHE A 20 -5.06 4.02 -12.49
C PHE A 20 -4.64 2.59 -12.86
N TYR A 21 -4.58 2.29 -14.14
CA TYR A 21 -4.28 0.93 -14.57
C TYR A 21 -2.79 0.67 -14.64
N ASN A 22 -1.96 1.66 -14.31
CA ASN A 22 -0.57 1.41 -14.05
C ASN A 22 -0.49 0.50 -12.83
N PRO A 23 0.40 -0.48 -12.87
CA PRO A 23 0.61 -1.39 -11.74
C PRO A 23 1.48 -0.74 -10.65
N PHE A 24 1.20 -1.08 -9.40
CA PHE A 24 1.89 -0.50 -8.26
C PHE A 24 3.35 -0.81 -8.34
N GLN A 25 4.16 0.22 -8.28
CA GLN A 25 5.57 0.04 -8.43
C GLN A 25 6.28 0.64 -7.23
N PHE A 26 6.63 -0.22 -6.30
CA PHE A 26 7.25 0.18 -5.06
C PHE A 26 8.71 -0.20 -5.04
N GLU A 27 9.56 0.77 -5.26
CA GLU A 27 10.96 0.50 -5.21
C GLU A 27 11.41 0.63 -3.76
N ILE A 28 11.23 -0.44 -3.00
CA ILE A 28 11.54 -0.40 -1.59
C ILE A 28 13.01 -0.67 -1.31
N THR A 29 13.57 0.15 -0.46
CA THR A 29 14.92 -0.07 0.05
C THR A 29 14.84 -0.40 1.53
N PHE A 30 15.09 -1.64 1.86
CA PHE A 30 15.05 -2.04 3.22
C PHE A 30 16.38 -2.61 3.61
N GLU A 31 16.73 -2.42 4.84
CA GLU A 31 18.00 -2.87 5.32
C GLU A 31 17.79 -4.07 6.19
N CYS A 32 18.25 -5.21 5.73
CA CYS A 32 18.18 -6.38 6.53
C CYS A 32 19.21 -6.23 7.59
N ILE A 33 18.72 -6.02 8.77
CA ILE A 33 19.56 -5.72 9.87
C ILE A 33 20.20 -6.99 10.38
N GLU A 34 19.49 -8.11 10.20
CA GLU A 34 19.99 -9.38 10.69
C GLU A 34 19.48 -10.48 9.77
N ASP A 35 20.25 -11.54 9.61
CA ASP A 35 19.91 -12.66 8.72
C ASP A 35 18.54 -13.26 9.06
N LEU A 36 17.72 -13.50 8.03
CA LEU A 36 16.35 -13.94 8.22
C LEU A 36 16.28 -15.44 8.44
N SER A 37 15.18 -15.89 9.01
CA SER A 37 14.96 -17.29 9.31
C SER A 37 13.82 -17.83 8.44
N GLU A 38 12.98 -16.92 7.97
CA GLU A 38 11.81 -17.26 7.18
C GLU A 38 11.70 -16.29 6.02
N ASP A 39 10.58 -16.28 5.31
CA ASP A 39 10.43 -15.41 4.15
C ASP A 39 9.75 -14.13 4.56
N LEU A 40 10.25 -13.03 4.04
CA LEU A 40 9.69 -11.73 4.25
C LEU A 40 8.54 -11.52 3.30
N GLU A 41 7.33 -11.32 3.82
CA GLU A 41 6.17 -11.26 2.93
C GLU A 41 5.62 -9.85 2.80
N TRP A 42 6.13 -9.12 1.84
CA TRP A 42 5.63 -7.77 1.57
C TRP A 42 4.35 -7.89 0.80
N LYS A 43 3.31 -7.25 1.28
CA LYS A 43 2.06 -7.30 0.58
C LYS A 43 1.53 -5.91 0.31
N ILE A 44 0.96 -5.73 -0.86
CA ILE A 44 0.34 -4.47 -1.20
C ILE A 44 -1.15 -4.61 -1.06
N ILE A 45 -1.68 -4.01 -0.04
CA ILE A 45 -3.09 -4.13 0.25
C ILE A 45 -3.75 -2.80 0.01
N TYR A 46 -4.46 -2.75 -1.09
CA TYR A 46 -5.12 -1.54 -1.51
C TYR A 46 -6.48 -1.47 -0.87
N VAL A 47 -6.67 -0.49 -0.03
CA VAL A 47 -7.97 -0.26 0.55
C VAL A 47 -8.98 0.07 -0.54
N GLY A 48 -9.79 -0.90 -0.91
CA GLY A 48 -10.87 -0.63 -1.83
C GLY A 48 -11.96 0.14 -1.13
N SER A 49 -12.18 -0.21 0.13
CA SER A 49 -13.13 0.45 0.96
C SER A 49 -12.46 1.50 1.82
N ALA A 50 -12.36 2.69 1.30
CA ALA A 50 -11.90 3.80 2.10
C ALA A 50 -13.07 4.32 2.92
N GLU A 51 -14.27 3.94 2.49
CA GLU A 51 -15.46 4.24 3.25
C GLU A 51 -15.92 3.05 4.06
N SER A 52 -15.53 1.84 3.64
CA SER A 52 -15.76 0.65 4.44
C SER A 52 -14.41 0.15 4.95
N GLU A 53 -14.27 -1.16 5.12
CA GLU A 53 -12.98 -1.74 5.53
C GLU A 53 -12.84 -3.20 5.11
N GLU A 54 -13.91 -3.79 4.55
CA GLU A 54 -13.90 -5.20 4.15
C GLU A 54 -13.56 -5.36 2.67
N TYR A 55 -13.30 -4.26 2.01
CA TYR A 55 -13.04 -4.27 0.57
C TYR A 55 -11.57 -4.41 0.27
N ASP A 56 -10.72 -4.21 1.29
CA ASP A 56 -9.26 -4.20 1.13
C ASP A 56 -8.77 -5.30 0.19
N GLN A 57 -8.23 -4.84 -0.93
CA GLN A 57 -7.75 -5.69 -2.00
C GLN A 57 -6.26 -5.98 -1.84
N VAL A 58 -5.78 -7.00 -2.53
CA VAL A 58 -4.41 -7.47 -2.40
C VAL A 58 -3.82 -7.65 -3.78
N LEU A 59 -2.81 -6.87 -4.08
CA LEU A 59 -2.23 -6.87 -5.39
C LEU A 59 -1.22 -7.98 -5.56
N ASP A 60 -0.34 -8.13 -4.58
CA ASP A 60 0.67 -9.17 -4.62
C ASP A 60 1.36 -9.27 -3.26
N SER A 61 2.11 -10.34 -3.05
CA SER A 61 2.88 -10.50 -1.85
C SER A 61 4.19 -11.18 -2.23
N VAL A 62 5.27 -10.46 -2.01
CA VAL A 62 6.58 -10.94 -2.43
C VAL A 62 7.30 -11.54 -1.25
N LEU A 63 7.94 -12.67 -1.47
CA LEU A 63 8.61 -13.37 -0.40
C LEU A 63 10.13 -13.25 -0.57
N VAL A 64 10.72 -12.40 0.25
CA VAL A 64 12.17 -12.27 0.29
C VAL A 64 12.70 -13.20 1.36
N GLY A 65 13.40 -14.24 0.95
CA GLY A 65 13.73 -15.32 1.84
C GLY A 65 14.77 -14.94 2.86
N PRO A 66 15.29 -15.91 3.60
CA PRO A 66 16.32 -15.65 4.58
C PRO A 66 17.56 -15.11 3.88
N VAL A 67 17.87 -13.88 4.19
CA VAL A 67 19.01 -13.21 3.60
C VAL A 67 19.93 -12.71 4.72
N PRO A 68 21.25 -12.83 4.54
CA PRO A 68 22.21 -12.46 5.58
C PRO A 68 22.46 -10.97 5.64
N ALA A 69 21.50 -10.32 6.22
CA ALA A 69 21.47 -8.86 6.35
C ALA A 69 21.71 -8.16 5.02
N GLY A 70 21.83 -6.84 5.08
CA GLY A 70 22.18 -6.08 3.91
C GLY A 70 21.08 -5.12 3.54
N ARG A 71 21.44 -3.85 3.42
CA ARG A 71 20.53 -2.86 2.93
C ARG A 71 20.46 -2.93 1.42
N HIS A 72 19.29 -3.23 0.92
CA HIS A 72 19.12 -3.42 -0.50
C HIS A 72 17.72 -3.04 -0.95
N MET A 73 17.66 -2.49 -2.13
CA MET A 73 16.42 -2.07 -2.73
C MET A 73 15.92 -3.14 -3.69
N PHE A 74 14.64 -3.44 -3.59
CA PHE A 74 13.98 -4.31 -4.53
C PHE A 74 12.78 -3.60 -5.04
N VAL A 75 12.41 -3.91 -6.26
CA VAL A 75 11.40 -3.15 -6.91
C VAL A 75 10.11 -3.96 -7.08
N PHE A 76 9.20 -3.64 -6.19
CA PHE A 76 7.91 -4.27 -6.05
C PHE A 76 6.98 -3.80 -7.15
N GLN A 77 6.22 -4.70 -7.75
CA GLN A 77 5.20 -4.30 -8.71
C GLN A 77 4.07 -5.33 -8.71
N ALA A 78 2.88 -4.85 -9.05
CA ALA A 78 1.69 -5.68 -9.15
C ALA A 78 0.60 -4.86 -9.81
N ASP A 79 -0.38 -5.49 -10.44
CA ASP A 79 -1.42 -4.76 -11.17
C ASP A 79 -2.23 -3.85 -10.24
N ALA A 80 -3.19 -3.13 -10.82
CA ALA A 80 -4.03 -2.23 -10.07
C ALA A 80 -5.09 -3.02 -9.31
N PRO A 81 -5.66 -2.43 -8.27
CA PRO A 81 -6.74 -3.05 -7.50
C PRO A 81 -7.97 -3.24 -8.37
N ASN A 82 -8.89 -4.05 -7.90
CA ASN A 82 -10.07 -4.42 -8.66
C ASN A 82 -11.00 -3.24 -8.82
N PRO A 83 -11.19 -2.80 -10.06
CA PRO A 83 -12.03 -1.65 -10.37
C PRO A 83 -13.51 -1.89 -10.08
N GLY A 84 -13.85 -3.16 -9.85
CA GLY A 84 -15.20 -3.51 -9.49
C GLY A 84 -15.39 -3.60 -7.99
N LEU A 85 -14.29 -3.46 -7.24
CA LEU A 85 -14.36 -3.54 -5.79
C LEU A 85 -14.44 -2.15 -5.19
N ILE A 86 -13.73 -1.20 -5.78
CA ILE A 86 -13.76 0.15 -5.25
C ILE A 86 -15.08 0.85 -5.53
N PRO A 87 -15.69 1.39 -4.49
CA PRO A 87 -16.88 2.23 -4.61
C PRO A 87 -16.55 3.66 -5.04
N ASP A 88 -17.55 4.35 -5.51
CA ASP A 88 -17.45 5.74 -5.96
C ASP A 88 -16.63 6.62 -5.04
N ALA A 89 -16.99 6.65 -3.78
CA ALA A 89 -16.46 7.64 -2.86
C ALA A 89 -14.97 7.44 -2.65
N ASP A 90 -14.53 6.21 -2.81
CA ASP A 90 -13.16 5.84 -2.50
C ASP A 90 -12.29 5.83 -3.74
N ALA A 91 -12.92 5.72 -4.91
CA ALA A 91 -12.19 5.58 -6.17
C ALA A 91 -11.71 6.93 -6.68
N VAL A 92 -12.60 7.90 -6.71
CA VAL A 92 -12.29 9.19 -7.28
C VAL A 92 -11.78 10.18 -6.23
N GLY A 93 -10.84 9.71 -5.44
CA GLY A 93 -10.35 10.46 -4.30
C GLY A 93 -9.29 9.71 -3.54
N VAL A 94 -9.52 9.60 -2.26
CA VAL A 94 -8.54 9.10 -1.34
C VAL A 94 -8.76 7.66 -0.96
N THR A 95 -7.67 6.93 -0.95
CA THR A 95 -7.63 5.58 -0.50
C THR A 95 -6.24 5.32 0.03
N VAL A 96 -6.04 4.24 0.73
CA VAL A 96 -4.69 3.91 1.17
C VAL A 96 -4.27 2.56 0.67
N VAL A 97 -3.03 2.48 0.25
CA VAL A 97 -2.48 1.24 -0.21
C VAL A 97 -1.28 0.91 0.67
N LEU A 98 -1.46 -0.07 1.54
CA LEU A 98 -0.47 -0.34 2.56
C LEU A 98 0.34 -1.57 2.22
N ILE A 99 1.63 -1.50 2.49
CA ILE A 99 2.48 -2.64 2.29
C ILE A 99 2.92 -3.17 3.61
N THR A 100 2.20 -4.15 4.04
CA THR A 100 2.44 -4.77 5.31
C THR A 100 3.32 -6.00 5.13
N CYS A 101 4.49 -5.93 5.71
CA CYS A 101 5.40 -7.06 5.64
C CYS A 101 5.05 -8.13 6.67
N THR A 102 4.47 -9.19 6.18
CA THR A 102 4.09 -10.33 6.97
C THR A 102 5.26 -11.29 7.12
N TYR A 103 5.92 -11.27 8.26
CA TYR A 103 7.01 -12.18 8.49
C TYR A 103 6.69 -13.09 9.68
N ARG A 104 6.77 -14.39 9.45
CA ARG A 104 6.47 -15.40 10.48
C ARG A 104 5.03 -15.30 10.95
N GLY A 105 4.18 -14.83 10.07
CA GLY A 105 2.75 -14.83 10.33
C GLY A 105 2.26 -13.49 10.81
N GLN A 106 3.16 -12.67 11.33
CA GLN A 106 2.78 -11.36 11.81
C GLN A 106 3.36 -10.27 10.93
N GLU A 107 2.59 -9.24 10.74
CA GLU A 107 2.94 -8.16 9.84
C GLU A 107 3.66 -7.07 10.62
N PHE A 108 4.90 -6.77 10.24
CA PHE A 108 5.76 -5.92 11.06
C PHE A 108 5.92 -4.50 10.52
N ILE A 109 5.31 -4.19 9.39
CA ILE A 109 5.38 -2.85 8.88
C ILE A 109 4.20 -2.62 7.96
N ARG A 110 3.90 -1.37 7.71
CA ARG A 110 2.83 -1.01 6.83
C ARG A 110 3.14 0.34 6.20
N VAL A 111 3.25 0.40 4.89
CA VAL A 111 3.31 1.69 4.25
C VAL A 111 1.90 2.07 3.78
N GLY A 112 1.23 2.90 4.54
CA GLY A 112 -0.08 3.33 4.11
C GLY A 112 0.01 4.51 3.21
N TYR A 113 0.45 4.24 2.01
CA TYR A 113 0.52 5.24 0.97
C TYR A 113 -0.87 5.64 0.60
N TYR A 114 -1.20 6.89 0.84
CA TYR A 114 -2.47 7.37 0.40
C TYR A 114 -2.48 7.43 -1.12
N VAL A 115 -3.29 6.60 -1.74
CA VAL A 115 -3.37 6.62 -3.17
C VAL A 115 -4.52 7.53 -3.55
N ASN A 116 -4.16 8.65 -4.11
CA ASN A 116 -5.10 9.66 -4.51
C ASN A 116 -5.46 9.48 -5.96
N ASN A 117 -6.67 9.03 -6.22
CA ASN A 117 -7.07 8.70 -7.55
C ASN A 117 -7.91 9.82 -8.07
N GLU A 118 -7.33 10.55 -8.96
CA GLU A 118 -7.89 11.76 -9.46
C GLU A 118 -7.88 11.71 -10.97
N TYR A 119 -9.05 11.88 -11.54
CA TYR A 119 -9.23 11.90 -12.99
C TYR A 119 -8.16 12.67 -13.74
N THR A 120 -7.95 12.26 -14.99
CA THR A 120 -6.96 12.88 -15.85
C THR A 120 -7.61 13.92 -16.72
N GLU A 121 -8.89 13.72 -17.00
CA GLU A 121 -9.61 14.68 -17.75
C GLU A 121 -10.00 15.81 -16.81
N THR A 122 -9.55 17.02 -17.14
CA THR A 122 -9.65 18.16 -16.24
C THR A 122 -11.10 18.41 -15.79
N GLU A 123 -12.05 18.08 -16.65
CA GLU A 123 -13.47 18.19 -16.33
C GLU A 123 -13.81 17.22 -15.21
N LEU A 124 -13.23 16.05 -15.31
CA LEU A 124 -13.49 14.99 -14.37
C LEU A 124 -12.76 15.25 -13.05
N ARG A 125 -11.68 16.02 -13.12
CA ARG A 125 -10.93 16.39 -11.91
C ARG A 125 -11.75 17.39 -11.13
N GLU A 126 -12.48 18.21 -11.86
CA GLU A 126 -13.35 19.20 -11.27
C GLU A 126 -14.57 18.55 -10.64
N ASN A 127 -15.12 17.55 -11.31
CA ASN A 127 -16.27 16.86 -10.79
C ASN A 127 -16.30 15.41 -11.23
N PRO A 128 -15.92 14.54 -10.30
CA PRO A 128 -16.02 13.09 -10.47
C PRO A 128 -17.47 12.65 -10.55
N PRO A 129 -17.89 12.14 -11.72
CA PRO A 129 -19.26 11.66 -11.92
C PRO A 129 -19.59 10.54 -10.95
N VAL A 130 -20.89 10.36 -10.73
CA VAL A 130 -21.42 9.48 -9.68
C VAL A 130 -20.83 8.08 -9.73
N LYS A 131 -20.32 7.68 -10.89
CA LYS A 131 -19.63 6.42 -11.00
C LYS A 131 -18.26 6.57 -11.63
N PRO A 132 -17.26 6.50 -10.76
CA PRO A 132 -15.85 6.59 -11.08
C PRO A 132 -15.43 5.77 -12.31
N ASP A 133 -14.57 6.37 -13.10
CA ASP A 133 -13.99 5.71 -14.25
C ASP A 133 -12.52 5.46 -13.98
N PHE A 134 -12.16 4.19 -13.90
CA PHE A 134 -10.86 3.76 -13.41
C PHE A 134 -9.77 3.91 -14.47
N SER A 135 -10.17 4.24 -15.68
CA SER A 135 -9.23 4.39 -16.80
C SER A 135 -8.84 5.85 -16.98
N LYS A 136 -9.78 6.75 -16.72
CA LYS A 136 -9.50 8.19 -16.74
C LYS A 136 -8.89 8.55 -15.43
N LEU A 137 -9.09 7.66 -14.49
CA LEU A 137 -8.64 7.80 -13.15
C LEU A 137 -7.11 7.78 -13.11
N GLN A 138 -6.53 8.63 -12.29
CA GLN A 138 -5.08 8.74 -12.22
C GLN A 138 -4.63 8.64 -10.77
N ARG A 139 -3.77 7.68 -10.47
CA ARG A 139 -3.37 7.45 -9.10
C ARG A 139 -2.08 8.17 -8.75
N ASN A 140 -2.22 9.19 -7.94
CA ASN A 140 -1.11 9.89 -7.32
C ASN A 140 -0.82 9.24 -5.98
N ILE A 141 0.20 8.41 -5.95
CA ILE A 141 0.66 7.80 -4.72
C ILE A 141 1.27 8.89 -3.86
N LEU A 142 0.57 9.29 -2.81
CA LEU A 142 1.03 10.39 -1.98
C LEU A 142 2.30 10.02 -1.25
N ALA A 143 3.40 10.25 -1.91
CA ALA A 143 4.70 10.05 -1.33
C ALA A 143 5.07 11.25 -0.49
N SER A 144 4.20 12.25 -0.53
CA SER A 144 4.27 13.38 0.36
C SER A 144 3.61 13.03 1.69
N ASN A 145 2.90 11.90 1.71
CA ASN A 145 2.24 11.45 2.93
C ASN A 145 2.28 9.91 3.04
N PRO A 146 3.49 9.30 3.09
CA PRO A 146 3.60 7.87 3.36
C PRO A 146 3.29 7.57 4.82
N ARG A 147 2.13 7.01 5.06
CA ARG A 147 1.71 6.69 6.40
C ARG A 147 2.36 5.39 6.86
N VAL A 148 3.60 5.48 7.30
CA VAL A 148 4.35 4.31 7.71
C VAL A 148 3.96 3.88 9.12
N THR A 149 3.90 2.58 9.32
CA THR A 149 3.64 2.01 10.64
C THR A 149 4.33 0.68 10.76
N ARG A 150 5.40 0.67 11.51
CA ARG A 150 6.17 -0.54 11.68
C ARG A 150 6.12 -0.98 13.13
N PHE A 151 6.02 -2.28 13.28
CA PHE A 151 5.85 -2.89 14.59
C PHE A 151 7.01 -3.83 14.86
N HIS A 152 7.11 -4.31 16.08
CA HIS A 152 8.18 -5.22 16.47
C HIS A 152 7.64 -6.64 16.57
N ILE A 153 8.06 -7.51 15.67
CA ILE A 153 7.54 -8.86 15.61
C ILE A 153 8.62 -9.86 15.94
N ASN A 154 8.27 -11.11 15.79
CA ASN A 154 9.21 -12.18 15.97
C ASN A 154 9.91 -12.47 14.65
N TRP A 155 11.18 -12.22 14.63
CA TRP A 155 11.98 -12.50 13.46
C TRP A 155 12.66 -13.84 13.59
N GLU A 156 12.55 -14.39 14.77
CA GLU A 156 13.22 -15.61 15.13
C GLU A 156 12.21 -16.53 15.76
N ASP A 157 12.64 -17.71 16.12
CA ASP A 157 11.76 -18.65 16.78
C ASP A 157 11.93 -18.51 18.27
N ASN A 158 11.43 -17.41 18.80
CA ASN A 158 11.53 -17.12 20.21
C ASN A 158 10.21 -17.41 20.92
N GLY B 1 -17.56 8.22 14.28
CA GLY B 1 -17.07 9.16 13.25
C GLY B 1 -16.66 8.46 11.98
N ALA B 2 -17.47 8.62 10.94
CA ALA B 2 -17.17 8.02 9.64
C ALA B 2 -16.89 9.09 8.61
N MET B 3 -16.73 8.67 7.36
CA MET B 3 -16.57 9.59 6.22
C MET B 3 -15.22 10.27 6.26
N GLY B 4 -14.97 11.07 5.23
CA GLY B 4 -13.76 11.87 5.16
C GLY B 4 -12.54 11.07 4.73
N LYS B 5 -12.63 9.75 4.88
CA LYS B 5 -11.54 8.81 4.55
C LYS B 5 -10.40 8.88 5.57
N ASP B 6 -9.97 10.11 5.89
CA ASP B 6 -8.90 10.34 6.88
C ASP B 6 -8.95 9.36 8.05
N ILE B 7 -10.06 9.36 8.78
CA ILE B 7 -10.19 8.50 9.95
C ILE B 7 -10.27 7.02 9.56
N GLN B 8 -10.86 6.76 8.39
CA GLN B 8 -11.01 5.40 7.89
C GLN B 8 -9.65 4.76 7.63
N LEU B 9 -8.83 5.40 6.82
CA LEU B 9 -7.52 4.88 6.51
C LEU B 9 -6.64 4.98 7.74
N ALA B 10 -6.90 5.98 8.59
CA ALA B 10 -6.20 6.08 9.86
C ALA B 10 -6.39 4.79 10.66
N ARG B 11 -7.63 4.32 10.75
CA ARG B 11 -7.93 3.05 11.40
C ARG B 11 -7.08 1.94 10.79
N ARG B 12 -7.03 1.92 9.47
CA ARG B 12 -6.39 0.85 8.74
C ARG B 12 -4.88 0.84 8.99
N ILE B 13 -4.29 2.02 9.12
CA ILE B 13 -2.84 2.14 9.26
C ILE B 13 -2.39 2.20 10.72
N ARG B 14 -3.29 2.60 11.61
CA ARG B 14 -2.98 2.58 13.04
C ARG B 14 -2.87 1.13 13.50
N GLY B 15 -3.65 0.28 12.88
CA GLY B 15 -3.58 -1.14 13.16
C GLY B 15 -4.87 -1.84 12.90
N GLU B 16 -5.22 -1.98 11.62
CA GLU B 16 -6.47 -2.65 11.26
C GLU B 16 -6.15 -3.98 10.62
N ARG B 17 -5.25 -3.95 9.64
CA ARG B 17 -4.72 -5.16 9.06
C ARG B 17 -3.93 -5.91 10.11
N ALA B 18 -3.02 -5.18 10.73
CA ALA B 18 -2.22 -5.66 11.83
C ALA B 18 -1.98 -4.49 12.77
N MET A 3 17.10 -7.28 17.63
CA MET A 3 16.05 -8.32 17.56
C MET A 3 15.24 -8.21 16.27
N ALA A 4 15.10 -7.00 15.75
CA ALA A 4 14.43 -6.81 14.48
C ALA A 4 15.39 -7.12 13.36
N LYS A 5 14.98 -8.01 12.45
CA LYS A 5 15.85 -8.46 11.38
C LYS A 5 15.72 -7.60 10.15
N VAL A 6 14.74 -6.68 10.13
CA VAL A 6 14.52 -5.85 8.95
C VAL A 6 13.99 -4.46 9.30
N GLN A 7 14.52 -3.48 8.60
CA GLN A 7 13.98 -2.13 8.58
C GLN A 7 13.70 -1.71 7.16
N VAL A 8 12.45 -1.77 6.74
CA VAL A 8 12.11 -1.15 5.49
C VAL A 8 12.13 0.34 5.68
N ASN A 9 13.20 0.94 5.21
CA ASN A 9 13.49 2.32 5.49
C ASN A 9 12.84 3.18 4.46
N ASN A 10 13.25 2.93 3.25
CA ASN A 10 12.86 3.77 2.14
C ASN A 10 11.87 3.06 1.27
N VAL A 11 11.02 3.83 0.65
CA VAL A 11 10.18 3.33 -0.38
C VAL A 11 9.97 4.41 -1.44
N VAL A 12 10.71 4.31 -2.52
CA VAL A 12 10.54 5.28 -3.59
C VAL A 12 9.53 4.76 -4.59
N VAL A 13 8.36 5.38 -4.56
CA VAL A 13 7.29 4.99 -5.43
C VAL A 13 7.54 5.53 -6.81
N LEU A 14 7.64 4.64 -7.75
CA LEU A 14 8.07 4.99 -9.09
C LEU A 14 6.87 5.36 -9.90
N ASP A 15 5.89 4.49 -9.79
CA ASP A 15 4.62 4.74 -10.41
C ASP A 15 3.84 5.72 -9.57
N ASN A 16 4.32 6.93 -9.68
CA ASN A 16 3.65 8.11 -9.16
C ASN A 16 2.61 8.50 -10.20
N PRO A 17 1.77 9.53 -10.00
CA PRO A 17 0.41 9.54 -10.55
C PRO A 17 0.36 9.12 -12.00
N SER A 18 -0.09 7.88 -12.16
CA SER A 18 -0.28 7.25 -13.45
C SER A 18 -1.69 6.73 -13.57
N PRO A 19 -2.13 6.31 -14.77
CA PRO A 19 -3.41 5.65 -14.96
C PRO A 19 -3.69 4.67 -13.83
N PHE A 20 -4.89 4.75 -13.27
CA PHE A 20 -5.27 3.90 -12.16
C PHE A 20 -5.14 2.43 -12.55
N TYR A 21 -5.24 2.15 -13.84
CA TYR A 21 -5.17 0.78 -14.30
C TYR A 21 -3.75 0.37 -14.60
N ASN A 22 -2.76 1.23 -14.35
CA ASN A 22 -1.40 0.78 -14.44
C ASN A 22 -0.90 0.42 -13.05
N PRO A 23 -0.11 -0.63 -13.01
CA PRO A 23 0.50 -1.22 -11.81
C PRO A 23 1.06 -0.22 -10.78
N PHE A 24 1.05 -0.67 -9.53
CA PHE A 24 1.70 0.02 -8.42
C PHE A 24 3.15 -0.38 -8.37
N GLN A 25 4.02 0.59 -8.50
CA GLN A 25 5.45 0.35 -8.47
C GLN A 25 6.06 0.91 -7.20
N PHE A 26 6.70 0.07 -6.42
CA PHE A 26 7.31 0.48 -5.16
C PHE A 26 8.77 0.08 -5.12
N GLU A 27 9.66 1.02 -5.30
CA GLU A 27 11.07 0.69 -5.18
C GLU A 27 11.45 0.88 -3.72
N ILE A 28 11.25 -0.17 -2.96
CA ILE A 28 11.56 -0.12 -1.54
C ILE A 28 13.02 -0.38 -1.26
N THR A 29 13.59 0.43 -0.41
CA THR A 29 14.94 0.21 0.09
C THR A 29 14.87 -0.18 1.55
N PHE A 30 15.17 -1.44 1.85
CA PHE A 30 15.09 -1.90 3.22
C PHE A 30 16.40 -2.47 3.67
N GLU A 31 16.67 -2.31 4.95
CA GLU A 31 17.91 -2.78 5.49
C GLU A 31 17.63 -3.98 6.34
N CYS A 32 18.11 -5.12 5.91
CA CYS A 32 18.00 -6.29 6.73
C CYS A 32 18.98 -6.13 7.84
N ILE A 33 18.45 -5.94 9.00
CA ILE A 33 19.22 -5.59 10.14
C ILE A 33 20.02 -6.79 10.60
N GLU A 34 19.41 -7.96 10.47
CA GLU A 34 20.06 -9.21 10.84
C GLU A 34 19.63 -10.29 9.84
N ASP A 35 20.25 -11.46 9.91
CA ASP A 35 19.96 -12.53 8.95
C ASP A 35 18.59 -13.13 9.18
N LEU A 36 17.91 -13.51 8.10
CA LEU A 36 16.57 -14.08 8.18
C LEU A 36 16.64 -15.60 8.18
N SER A 37 15.58 -16.24 8.63
CA SER A 37 15.47 -17.69 8.60
C SER A 37 14.39 -18.11 7.62
N GLU A 38 13.45 -17.22 7.39
CA GLU A 38 12.30 -17.50 6.54
C GLU A 38 12.18 -16.44 5.46
N ASP A 39 11.05 -16.43 4.77
CA ASP A 39 10.83 -15.51 3.68
C ASP A 39 10.14 -14.27 4.20
N LEU A 40 10.55 -13.15 3.68
CA LEU A 40 9.96 -11.88 4.00
C LEU A 40 8.70 -11.69 3.17
N GLU A 41 7.56 -11.55 3.81
CA GLU A 41 6.30 -11.51 3.08
C GLU A 41 5.76 -10.11 2.92
N TRP A 42 6.16 -9.45 1.87
CA TRP A 42 5.63 -8.15 1.57
C TRP A 42 4.26 -8.33 0.97
N LYS A 43 3.40 -7.37 1.15
CA LYS A 43 2.06 -7.47 0.63
C LYS A 43 1.50 -6.08 0.36
N ILE A 44 0.89 -5.91 -0.80
CA ILE A 44 0.28 -4.64 -1.14
C ILE A 44 -1.23 -4.77 -0.98
N ILE A 45 -1.76 -3.95 -0.11
CA ILE A 45 -3.17 -4.00 0.21
C ILE A 45 -3.79 -2.67 -0.16
N TYR A 46 -4.55 -2.68 -1.23
CA TYR A 46 -5.19 -1.48 -1.70
C TYR A 46 -6.54 -1.32 -1.06
N VAL A 47 -6.76 -0.19 -0.45
CA VAL A 47 -8.06 0.11 0.10
C VAL A 47 -9.03 0.44 -1.01
N GLY A 48 -10.07 -0.36 -1.14
CA GLY A 48 -11.06 -0.11 -2.16
C GLY A 48 -12.21 0.74 -1.65
N SER A 49 -12.88 0.23 -0.64
CA SER A 49 -14.02 0.90 -0.05
C SER A 49 -13.63 1.52 1.28
N ALA A 50 -12.84 2.58 1.23
CA ALA A 50 -12.36 3.27 2.43
C ALA A 50 -13.50 3.54 3.42
N GLU A 51 -14.72 3.55 2.91
CA GLU A 51 -15.92 3.76 3.70
C GLU A 51 -16.44 2.46 4.35
N SER A 52 -16.25 1.32 3.67
CA SER A 52 -16.90 0.06 4.06
C SER A 52 -16.05 -0.84 4.96
N GLU A 53 -14.73 -0.72 4.81
CA GLU A 53 -13.71 -1.43 5.64
C GLU A 53 -13.76 -2.95 5.45
N GLU A 54 -14.50 -3.36 4.44
CA GLU A 54 -14.61 -4.76 4.02
C GLU A 54 -13.70 -5.05 2.83
N TYR A 55 -13.24 -3.98 2.25
CA TYR A 55 -12.69 -3.95 0.91
C TYR A 55 -11.32 -4.60 0.78
N ASP A 56 -10.44 -4.24 1.71
CA ASP A 56 -8.98 -4.27 1.52
C ASP A 56 -8.49 -5.36 0.57
N GLN A 57 -7.96 -4.87 -0.55
CA GLN A 57 -7.61 -5.68 -1.72
C GLN A 57 -6.14 -6.08 -1.71
N VAL A 58 -5.80 -6.96 -2.63
CA VAL A 58 -4.50 -7.59 -2.68
C VAL A 58 -3.94 -7.49 -4.09
N LEU A 59 -2.83 -6.77 -4.24
CA LEU A 59 -2.19 -6.65 -5.52
C LEU A 59 -1.13 -7.71 -5.71
N ASP A 60 -0.15 -7.76 -4.81
CA ASP A 60 0.89 -8.79 -4.89
C ASP A 60 1.61 -8.93 -3.55
N SER A 61 2.22 -10.08 -3.33
CA SER A 61 2.98 -10.35 -2.15
C SER A 61 4.29 -10.99 -2.56
N VAL A 62 5.39 -10.36 -2.19
CA VAL A 62 6.68 -10.79 -2.67
C VAL A 62 7.48 -11.37 -1.53
N LEU A 63 8.15 -12.47 -1.78
CA LEU A 63 8.88 -13.14 -0.73
C LEU A 63 10.37 -12.99 -0.93
N VAL A 64 10.97 -12.14 -0.12
CA VAL A 64 12.41 -11.99 -0.09
C VAL A 64 12.97 -12.97 0.93
N GLY A 65 13.74 -13.95 0.47
CA GLY A 65 14.09 -15.06 1.30
C GLY A 65 15.02 -14.69 2.42
N PRO A 66 15.47 -15.67 3.19
CA PRO A 66 16.37 -15.40 4.30
C PRO A 66 17.69 -14.89 3.78
N VAL A 67 17.97 -13.65 4.12
CA VAL A 67 19.18 -13.00 3.68
C VAL A 67 19.97 -12.50 4.90
N PRO A 68 21.30 -12.62 4.86
CA PRO A 68 22.15 -12.26 5.99
C PRO A 68 22.42 -10.78 6.09
N ALA A 69 21.44 -10.11 6.62
CA ALA A 69 21.41 -8.66 6.76
C ALA A 69 21.69 -7.95 5.43
N GLY A 70 21.82 -6.63 5.49
CA GLY A 70 22.19 -5.89 4.32
C GLY A 70 21.12 -4.91 3.93
N ARG A 71 21.49 -3.66 3.75
CA ARG A 71 20.58 -2.66 3.29
C ARG A 71 20.57 -2.66 1.78
N HIS A 72 19.43 -2.99 1.23
CA HIS A 72 19.30 -3.18 -0.20
C HIS A 72 17.88 -2.87 -0.63
N MET A 73 17.78 -2.34 -1.83
CA MET A 73 16.50 -2.01 -2.41
C MET A 73 15.98 -3.14 -3.26
N PHE A 74 14.70 -3.41 -3.10
CA PHE A 74 14.00 -4.36 -3.94
C PHE A 74 12.86 -3.63 -4.60
N VAL A 75 12.45 -4.09 -5.75
CA VAL A 75 11.47 -3.34 -6.48
C VAL A 75 10.15 -4.10 -6.62
N PHE A 76 9.13 -3.45 -6.11
CA PHE A 76 7.78 -3.95 -6.06
C PHE A 76 7.00 -3.43 -7.25
N GLN A 77 6.17 -4.28 -7.83
CA GLN A 77 5.19 -3.83 -8.81
C GLN A 77 4.01 -4.77 -8.75
N ALA A 78 2.84 -4.28 -9.11
CA ALA A 78 1.61 -5.09 -9.04
C ALA A 78 0.47 -4.37 -9.74
N ASP A 79 -0.17 -5.06 -10.67
CA ASP A 79 -1.20 -4.44 -11.49
C ASP A 79 -2.40 -4.00 -10.65
N ALA A 80 -3.01 -2.93 -11.11
CA ALA A 80 -4.05 -2.18 -10.42
C ALA A 80 -5.06 -2.98 -9.61
N PRO A 81 -5.60 -2.32 -8.58
CA PRO A 81 -6.63 -2.83 -7.68
C PRO A 81 -7.96 -3.11 -8.39
N ASN A 82 -8.95 -3.57 -7.63
CA ASN A 82 -10.22 -3.98 -8.21
C ASN A 82 -11.21 -2.83 -8.20
N PRO A 83 -11.66 -2.44 -9.40
CA PRO A 83 -12.61 -1.35 -9.57
C PRO A 83 -13.99 -1.66 -9.00
N GLY A 84 -14.28 -2.96 -8.89
CA GLY A 84 -15.57 -3.37 -8.37
C GLY A 84 -15.61 -3.36 -6.85
N LEU A 85 -14.46 -3.05 -6.26
CA LEU A 85 -14.34 -3.01 -4.81
C LEU A 85 -14.23 -1.58 -4.32
N ILE A 86 -14.31 -0.63 -5.24
CA ILE A 86 -14.32 0.78 -4.84
C ILE A 86 -15.67 1.43 -5.06
N PRO A 87 -16.24 2.00 -3.99
CA PRO A 87 -17.40 2.86 -4.05
C PRO A 87 -17.03 4.29 -4.46
N ASP A 88 -18.04 5.05 -4.85
CA ASP A 88 -17.89 6.42 -5.36
C ASP A 88 -16.93 7.27 -4.51
N ALA A 89 -17.20 7.36 -3.23
CA ALA A 89 -16.51 8.31 -2.37
C ALA A 89 -15.03 7.98 -2.24
N ASP A 90 -14.72 6.70 -2.32
CA ASP A 90 -13.36 6.25 -2.15
C ASP A 90 -12.64 6.11 -3.49
N ALA A 91 -13.38 6.26 -4.58
CA ALA A 91 -12.82 6.05 -5.91
C ALA A 91 -12.22 7.32 -6.46
N VAL A 92 -12.96 8.39 -6.37
CA VAL A 92 -12.56 9.65 -6.96
C VAL A 92 -12.01 10.61 -5.91
N GLY A 93 -11.15 10.07 -5.05
CA GLY A 93 -10.68 10.82 -3.90
C GLY A 93 -9.54 10.15 -3.21
N VAL A 94 -9.72 9.89 -1.93
CA VAL A 94 -8.65 9.47 -1.11
C VAL A 94 -8.80 8.04 -0.69
N THR A 95 -7.73 7.32 -0.89
CA THR A 95 -7.65 5.94 -0.54
C THR A 95 -6.22 5.65 -0.11
N VAL A 96 -5.98 4.48 0.42
CA VAL A 96 -4.64 4.11 0.82
C VAL A 96 -4.24 2.76 0.24
N VAL A 97 -2.95 2.57 0.02
CA VAL A 97 -2.45 1.30 -0.40
C VAL A 97 -1.26 0.95 0.50
N LEU A 98 -1.47 0.00 1.40
CA LEU A 98 -0.49 -0.26 2.43
C LEU A 98 0.33 -1.49 2.10
N ILE A 99 1.61 -1.43 2.38
CA ILE A 99 2.45 -2.58 2.18
C ILE A 99 2.92 -3.09 3.52
N THR A 100 2.35 -4.18 3.89
CA THR A 100 2.70 -4.83 5.11
C THR A 100 3.75 -5.87 4.84
N CYS A 101 4.89 -5.71 5.46
CA CYS A 101 5.88 -6.77 5.44
C CYS A 101 5.56 -7.72 6.56
N THR A 102 5.49 -8.99 6.23
CA THR A 102 5.02 -10.01 7.13
C THR A 102 6.09 -11.07 7.29
N TYR A 103 6.55 -11.27 8.49
CA TYR A 103 7.54 -12.30 8.71
C TYR A 103 7.05 -13.26 9.78
N ARG A 104 6.98 -14.53 9.41
CA ARG A 104 6.54 -15.59 10.30
C ARG A 104 5.05 -15.47 10.59
N GLY A 105 4.32 -14.90 9.65
CA GLY A 105 2.89 -14.83 9.76
C GLY A 105 2.43 -13.58 10.48
N GLN A 106 3.39 -12.78 10.90
CA GLN A 106 3.10 -11.55 11.61
C GLN A 106 3.68 -10.36 10.88
N GLU A 107 2.85 -9.37 10.63
CA GLU A 107 3.26 -8.18 9.89
C GLU A 107 4.01 -7.23 10.82
N PHE A 108 5.07 -6.64 10.30
CA PHE A 108 5.92 -5.79 11.10
C PHE A 108 6.06 -4.38 10.51
N ILE A 109 5.42 -4.11 9.38
CA ILE A 109 5.42 -2.76 8.86
C ILE A 109 4.26 -2.59 7.92
N ARG A 110 3.86 -1.36 7.69
CA ARG A 110 2.72 -1.07 6.86
C ARG A 110 2.89 0.28 6.21
N VAL A 111 3.25 0.33 4.93
CA VAL A 111 3.32 1.63 4.27
C VAL A 111 1.94 2.01 3.74
N GLY A 112 1.24 2.83 4.47
CA GLY A 112 -0.02 3.32 3.97
C GLY A 112 0.20 4.49 3.08
N TYR A 113 0.60 4.18 1.87
CA TYR A 113 0.72 5.20 0.84
C TYR A 113 -0.64 5.60 0.40
N TYR A 114 -1.00 6.82 0.69
CA TYR A 114 -2.28 7.32 0.30
C TYR A 114 -2.33 7.43 -1.20
N VAL A 115 -3.34 6.85 -1.80
CA VAL A 115 -3.49 6.94 -3.22
C VAL A 115 -4.67 7.83 -3.52
N ASN A 116 -4.35 8.97 -4.05
CA ASN A 116 -5.35 9.95 -4.42
C ASN A 116 -5.78 9.68 -5.85
N ASN A 117 -7.01 9.23 -6.01
CA ASN A 117 -7.48 8.81 -7.30
C ASN A 117 -8.28 9.92 -7.91
N GLU A 118 -7.70 10.52 -8.90
CA GLU A 118 -8.26 11.68 -9.54
C GLU A 118 -8.11 11.52 -11.04
N TYR A 119 -9.19 11.75 -11.73
CA TYR A 119 -9.27 11.61 -13.19
C TYR A 119 -8.05 12.11 -13.95
N THR A 120 -7.83 11.50 -15.10
CA THR A 120 -6.67 11.77 -15.92
C THR A 120 -7.02 12.90 -16.85
N GLU A 121 -8.28 12.90 -17.25
CA GLU A 121 -8.80 13.93 -18.09
C GLU A 121 -9.16 15.14 -17.24
N THR A 122 -8.57 16.26 -17.58
CA THR A 122 -8.66 17.48 -16.78
C THR A 122 -10.11 17.89 -16.54
N GLU A 123 -10.96 17.62 -17.53
CA GLU A 123 -12.38 17.95 -17.43
C GLU A 123 -13.02 17.13 -16.33
N LEU A 124 -12.58 15.88 -16.25
CA LEU A 124 -13.14 14.95 -15.30
C LEU A 124 -12.66 15.25 -13.89
N ARG A 125 -11.53 15.94 -13.79
CA ARG A 125 -10.99 16.33 -12.49
C ARG A 125 -11.79 17.50 -11.96
N GLU A 126 -12.27 18.30 -12.89
CA GLU A 126 -13.08 19.45 -12.58
C GLU A 126 -14.51 19.05 -12.25
N ASN A 127 -15.00 18.02 -12.91
CA ASN A 127 -16.34 17.53 -12.65
C ASN A 127 -16.40 16.01 -12.78
N PRO A 128 -16.10 15.31 -11.67
CA PRO A 128 -16.21 13.85 -11.61
C PRO A 128 -17.59 13.40 -12.06
N PRO A 129 -17.65 12.62 -13.14
CA PRO A 129 -18.90 12.08 -13.66
C PRO A 129 -19.66 11.33 -12.56
N VAL A 130 -20.97 11.16 -12.77
CA VAL A 130 -21.87 10.69 -11.71
C VAL A 130 -21.31 9.47 -10.99
N LYS A 131 -20.69 8.58 -11.75
CA LYS A 131 -20.00 7.46 -11.17
C LYS A 131 -18.55 7.41 -11.61
N PRO A 132 -17.66 7.33 -10.62
CA PRO A 132 -16.22 7.20 -10.81
C PRO A 132 -15.84 6.25 -11.94
N ASP A 133 -14.92 6.69 -12.77
CA ASP A 133 -14.43 5.87 -13.85
C ASP A 133 -12.97 5.55 -13.62
N PHE A 134 -12.71 4.28 -13.40
CA PHE A 134 -11.42 3.81 -12.93
C PHE A 134 -10.39 3.77 -14.06
N SER A 135 -10.88 3.81 -15.27
CA SER A 135 -10.04 3.83 -16.46
C SER A 135 -9.56 5.24 -16.78
N LYS A 136 -10.36 6.23 -16.40
CA LYS A 136 -9.98 7.62 -16.55
C LYS A 136 -9.46 8.11 -15.24
N LEU A 137 -9.26 7.18 -14.36
CA LEU A 137 -8.82 7.47 -13.04
C LEU A 137 -7.30 7.45 -13.01
N GLN A 138 -6.71 8.28 -12.18
CA GLN A 138 -5.27 8.37 -12.08
C GLN A 138 -4.85 8.15 -10.64
N ARG A 139 -4.00 7.17 -10.42
CA ARG A 139 -3.49 6.93 -9.09
C ARG A 139 -2.34 7.87 -8.81
N ASN A 140 -2.57 8.91 -8.03
CA ASN A 140 -1.47 9.73 -7.58
C ASN A 140 -1.10 9.33 -6.17
N ILE A 141 0.01 8.63 -6.08
CA ILE A 141 0.46 8.06 -4.83
C ILE A 141 1.10 9.18 -4.01
N LEU A 142 0.44 9.54 -2.91
CA LEU A 142 0.91 10.60 -2.04
C LEU A 142 2.17 10.17 -1.32
N ALA A 143 3.29 10.39 -1.97
CA ALA A 143 4.58 10.05 -1.43
C ALA A 143 5.00 11.05 -0.36
N SER A 144 4.25 12.14 -0.32
CA SER A 144 4.37 13.12 0.75
C SER A 144 3.64 12.63 1.99
N ASN A 145 2.88 11.56 1.84
CA ASN A 145 2.04 11.05 2.92
C ASN A 145 2.18 9.53 3.08
N PRO A 146 3.40 9.00 3.33
CA PRO A 146 3.57 7.60 3.65
C PRO A 146 3.24 7.32 5.10
N ARG A 147 2.10 6.71 5.33
CA ARG A 147 1.72 6.34 6.68
C ARG A 147 2.38 5.02 7.05
N VAL A 148 3.63 5.10 7.45
CA VAL A 148 4.41 3.92 7.80
C VAL A 148 4.16 3.47 9.23
N THR A 149 3.39 2.40 9.38
CA THR A 149 3.11 1.84 10.68
C THR A 149 3.79 0.50 10.82
N ARG A 150 4.84 0.50 11.60
CA ARG A 150 5.67 -0.68 11.76
C ARG A 150 5.56 -1.20 13.17
N PHE A 151 5.64 -2.51 13.27
CA PHE A 151 5.44 -3.22 14.53
C PHE A 151 6.58 -4.19 14.77
N HIS A 152 6.63 -4.75 15.96
CA HIS A 152 7.70 -5.65 16.36
C HIS A 152 7.19 -7.09 16.38
N ILE A 153 7.92 -7.99 15.73
CA ILE A 153 7.55 -9.39 15.66
C ILE A 153 8.73 -10.25 16.08
N ASN A 154 8.54 -11.55 16.01
CA ASN A 154 9.52 -12.50 16.49
C ASN A 154 10.28 -13.13 15.33
N TRP A 155 11.36 -12.48 14.92
CA TRP A 155 12.18 -12.91 13.80
C TRP A 155 13.01 -14.13 14.17
N GLU A 156 12.88 -14.57 15.40
CA GLU A 156 13.71 -15.62 15.93
C GLU A 156 12.83 -16.65 16.57
N ASP A 157 13.39 -17.81 16.78
CA ASP A 157 12.67 -18.94 17.31
C ASP A 157 12.45 -18.78 18.81
N ASN A 158 11.59 -17.84 19.16
CA ASN A 158 11.17 -17.64 20.54
C ASN A 158 9.79 -18.22 20.76
N GLY B 1 -16.74 3.04 8.20
CA GLY B 1 -18.00 3.57 8.75
C GLY B 1 -18.11 5.07 8.57
N ALA B 2 -17.12 5.80 9.05
CA ALA B 2 -17.12 7.26 9.02
C ALA B 2 -16.89 7.79 7.61
N MET B 3 -17.44 8.98 7.36
CA MET B 3 -17.30 9.64 6.07
C MET B 3 -15.91 10.21 5.90
N GLY B 4 -15.31 10.64 7.00
CA GLY B 4 -13.94 11.13 6.97
C GLY B 4 -12.97 10.03 6.64
N LYS B 5 -12.46 10.05 5.41
CA LYS B 5 -11.60 8.98 4.94
C LYS B 5 -10.21 9.09 5.57
N ASP B 6 -9.78 10.32 5.80
CA ASP B 6 -8.53 10.58 6.55
C ASP B 6 -8.33 9.58 7.69
N ILE B 7 -9.34 9.44 8.55
CA ILE B 7 -9.23 8.53 9.69
C ILE B 7 -9.52 7.08 9.29
N GLN B 8 -10.35 6.89 8.28
CA GLN B 8 -10.65 5.54 7.77
C GLN B 8 -9.40 4.85 7.25
N LEU B 9 -8.68 5.52 6.37
CA LEU B 9 -7.47 4.97 5.81
C LEU B 9 -6.41 4.84 6.89
N ALA B 10 -6.35 5.85 7.75
CA ALA B 10 -5.40 5.86 8.86
C ALA B 10 -5.60 4.66 9.76
N ARG B 11 -6.86 4.33 10.05
CA ARG B 11 -7.16 3.22 10.96
C ARG B 11 -6.74 1.89 10.35
N ARG B 12 -6.88 1.75 9.03
CA ARG B 12 -6.53 0.50 8.36
C ARG B 12 -5.03 0.24 8.48
N ILE B 13 -4.26 1.31 8.38
CA ILE B 13 -2.82 1.23 8.47
C ILE B 13 -2.39 1.07 9.93
N ARG B 14 -2.91 1.94 10.78
CA ARG B 14 -2.54 2.02 12.18
C ARG B 14 -2.61 0.66 12.86
N GLY B 15 -3.67 -0.09 12.59
CA GLY B 15 -3.77 -1.41 13.15
C GLY B 15 -5.09 -2.08 12.81
N GLU B 16 -5.36 -2.23 11.52
CA GLU B 16 -6.52 -2.99 11.09
C GLU B 16 -6.06 -4.34 10.57
N ARG B 17 -5.08 -4.29 9.67
CA ARG B 17 -4.36 -5.45 9.15
C ARG B 17 -5.25 -6.61 8.70
N ALA B 18 -4.57 -7.64 8.24
CA ALA B 18 -5.20 -8.89 7.85
C ALA B 18 -5.23 -9.85 9.04
N MET A 3 17.23 -8.87 17.43
CA MET A 3 15.84 -9.37 17.44
C MET A 3 15.17 -9.13 16.10
N ALA A 4 15.10 -7.88 15.68
CA ALA A 4 14.46 -7.53 14.43
C ALA A 4 15.39 -7.83 13.27
N LYS A 5 14.90 -8.59 12.30
CA LYS A 5 15.72 -9.00 11.17
C LYS A 5 15.67 -8.02 10.02
N VAL A 6 14.64 -7.18 9.98
CA VAL A 6 14.51 -6.19 8.91
C VAL A 6 13.97 -4.87 9.43
N GLN A 7 14.67 -3.82 9.06
CA GLN A 7 14.24 -2.46 9.32
C GLN A 7 14.13 -1.73 8.00
N VAL A 8 12.92 -1.60 7.47
CA VAL A 8 12.77 -0.90 6.21
C VAL A 8 12.81 0.59 6.45
N ASN A 9 13.35 1.28 5.48
CA ASN A 9 13.76 2.67 5.65
C ASN A 9 13.18 3.49 4.54
N ASN A 10 13.65 3.20 3.35
CA ASN A 10 13.23 3.94 2.19
C ASN A 10 12.25 3.12 1.39
N VAL A 11 11.37 3.80 0.71
CA VAL A 11 10.52 3.20 -0.25
C VAL A 11 10.27 4.19 -1.37
N VAL A 12 10.97 4.03 -2.47
CA VAL A 12 10.81 4.99 -3.54
C VAL A 12 9.68 4.56 -4.44
N VAL A 13 8.56 5.23 -4.27
CA VAL A 13 7.39 4.97 -5.06
C VAL A 13 7.57 5.58 -6.42
N LEU A 14 7.74 4.73 -7.39
CA LEU A 14 8.08 5.12 -8.73
C LEU A 14 6.82 5.35 -9.50
N ASP A 15 5.89 4.43 -9.34
CA ASP A 15 4.52 4.64 -9.80
C ASP A 15 3.85 5.71 -8.94
N ASN A 16 4.27 6.91 -9.25
CA ASN A 16 3.59 8.13 -8.86
C ASN A 16 2.53 8.41 -9.91
N PRO A 17 1.68 9.47 -9.82
CA PRO A 17 0.36 9.46 -10.46
C PRO A 17 0.39 9.02 -11.92
N SER A 18 -0.04 7.79 -12.08
CA SER A 18 -0.12 7.13 -13.37
C SER A 18 -1.50 6.52 -13.56
N PRO A 19 -1.83 6.02 -14.76
CA PRO A 19 -3.09 5.32 -15.02
C PRO A 19 -3.44 4.36 -13.90
N PHE A 20 -4.71 4.33 -13.54
CA PHE A 20 -5.20 3.45 -12.48
C PHE A 20 -4.91 1.99 -12.79
N TYR A 21 -4.85 1.64 -14.08
CA TYR A 21 -4.63 0.25 -14.47
C TYR A 21 -3.14 -0.08 -14.59
N ASN A 22 -2.30 0.91 -14.32
CA ASN A 22 -0.88 0.67 -14.21
C ASN A 22 -0.61 0.05 -12.84
N PRO A 23 0.35 -0.86 -12.76
CA PRO A 23 0.68 -1.54 -11.51
C PRO A 23 1.56 -0.70 -10.58
N PHE A 24 1.22 -0.73 -9.28
CA PHE A 24 1.96 -0.01 -8.27
C PHE A 24 3.42 -0.37 -8.29
N GLN A 25 4.24 0.60 -7.98
CA GLN A 25 5.65 0.49 -8.21
C GLN A 25 6.42 1.00 -7.01
N PHE A 26 6.75 0.10 -6.11
CA PHE A 26 7.39 0.44 -4.85
C PHE A 26 8.79 -0.12 -4.78
N GLU A 27 9.77 0.74 -4.87
CA GLU A 27 11.14 0.29 -4.76
C GLU A 27 11.60 0.49 -3.33
N ILE A 28 11.35 -0.52 -2.50
CA ILE A 28 11.66 -0.44 -1.09
C ILE A 28 13.12 -0.72 -0.79
N THR A 29 13.71 0.17 -0.02
CA THR A 29 15.04 -0.02 0.52
C THR A 29 14.93 -0.30 2.01
N PHE A 30 15.15 -1.53 2.37
CA PHE A 30 15.08 -1.92 3.75
C PHE A 30 16.40 -2.50 4.16
N GLU A 31 16.75 -2.27 5.39
CA GLU A 31 18.00 -2.72 5.88
C GLU A 31 17.76 -3.95 6.71
N CYS A 32 18.19 -5.08 6.21
CA CYS A 32 18.07 -6.28 6.96
C CYS A 32 19.05 -6.20 8.07
N ILE A 33 18.51 -6.16 9.25
CA ILE A 33 19.27 -5.91 10.41
C ILE A 33 19.96 -7.18 10.86
N GLU A 34 19.30 -8.31 10.60
CA GLU A 34 19.85 -9.60 10.93
C GLU A 34 19.46 -10.62 9.88
N ASP A 35 20.08 -11.79 9.91
CA ASP A 35 19.87 -12.82 8.90
C ASP A 35 18.52 -13.49 9.03
N LEU A 36 17.80 -13.60 7.92
CA LEU A 36 16.47 -14.20 7.91
C LEU A 36 16.56 -15.71 7.83
N SER A 37 15.51 -16.37 8.24
CA SER A 37 15.41 -17.82 8.15
C SER A 37 14.35 -18.20 7.14
N GLU A 38 13.49 -17.24 6.86
CA GLU A 38 12.32 -17.48 6.04
C GLU A 38 12.10 -16.35 5.04
N ASP A 39 10.97 -16.40 4.35
CA ASP A 39 10.65 -15.46 3.30
C ASP A 39 10.21 -14.13 3.87
N LEU A 40 10.46 -13.08 3.11
CA LEU A 40 10.10 -11.74 3.48
C LEU A 40 8.95 -11.27 2.63
N GLU A 41 7.87 -10.86 3.27
CA GLU A 41 6.68 -10.52 2.51
C GLU A 41 6.48 -9.02 2.46
N TRP A 42 6.15 -8.51 1.28
CA TRP A 42 5.77 -7.11 1.11
C TRP A 42 4.50 -7.07 0.28
N LYS A 43 3.47 -6.44 0.79
CA LYS A 43 2.20 -6.43 0.09
C LYS A 43 1.69 -5.04 -0.14
N ILE A 44 1.00 -4.84 -1.26
CA ILE A 44 0.34 -3.56 -1.54
C ILE A 44 -1.12 -3.74 -1.26
N ILE A 45 -1.59 -3.19 -0.18
CA ILE A 45 -2.98 -3.34 0.19
C ILE A 45 -3.74 -2.09 -0.14
N TYR A 46 -4.53 -2.20 -1.18
CA TYR A 46 -5.32 -1.10 -1.65
C TYR A 46 -6.63 -1.08 -0.91
N VAL A 47 -6.85 -0.04 -0.14
CA VAL A 47 -8.12 0.10 0.54
C VAL A 47 -9.23 0.32 -0.50
N GLY A 48 -9.94 -0.77 -0.80
CA GLY A 48 -10.97 -0.73 -1.82
C GLY A 48 -12.03 0.29 -1.52
N SER A 49 -12.46 0.34 -0.28
CA SER A 49 -13.37 1.34 0.16
C SER A 49 -12.75 2.07 1.32
N ALA A 50 -12.40 3.29 1.04
CA ALA A 50 -11.85 4.19 2.04
C ALA A 50 -12.94 4.62 3.01
N GLU A 51 -14.16 4.21 2.71
CA GLU A 51 -15.29 4.57 3.53
C GLU A 51 -15.65 3.39 4.41
N SER A 52 -15.22 2.22 3.99
CA SER A 52 -15.31 1.05 4.80
C SER A 52 -13.92 0.54 5.12
N GLU A 53 -13.77 -0.75 5.30
CA GLU A 53 -12.48 -1.30 5.69
C GLU A 53 -12.28 -2.72 5.18
N GLU A 54 -13.38 -3.48 5.12
CA GLU A 54 -13.34 -4.88 4.71
C GLU A 54 -13.07 -5.01 3.21
N TYR A 55 -12.88 -3.87 2.57
CA TYR A 55 -12.57 -3.83 1.15
C TYR A 55 -11.08 -3.77 0.90
N ASP A 56 -10.28 -3.86 1.96
CA ASP A 56 -8.84 -3.90 1.81
C ASP A 56 -8.43 -5.02 0.85
N GLN A 57 -7.96 -4.63 -0.31
CA GLN A 57 -7.59 -5.57 -1.35
C GLN A 57 -6.11 -5.87 -1.32
N VAL A 58 -5.75 -6.91 -2.04
CA VAL A 58 -4.38 -7.35 -2.15
C VAL A 58 -4.04 -7.47 -3.61
N LEU A 59 -3.25 -6.52 -4.05
CA LEU A 59 -2.91 -6.42 -5.44
C LEU A 59 -1.90 -7.51 -5.77
N ASP A 60 -0.88 -7.58 -4.93
CA ASP A 60 0.12 -8.65 -4.99
C ASP A 60 1.00 -8.58 -3.74
N SER A 61 1.75 -9.62 -3.48
CA SER A 61 2.62 -9.68 -2.34
C SER A 61 3.90 -10.38 -2.76
N VAL A 62 5.01 -9.76 -2.49
CA VAL A 62 6.28 -10.25 -2.96
C VAL A 62 6.97 -11.02 -1.87
N LEU A 63 7.48 -12.18 -2.22
CA LEU A 63 8.20 -12.98 -1.27
C LEU A 63 9.68 -12.97 -1.59
N VAL A 64 10.41 -12.22 -0.80
CA VAL A 64 11.86 -12.22 -0.82
C VAL A 64 12.30 -13.40 0.04
N GLY A 65 13.48 -13.93 -0.18
CA GLY A 65 13.89 -15.05 0.63
C GLY A 65 14.52 -14.61 1.92
N PRO A 66 15.25 -15.51 2.58
CA PRO A 66 15.92 -15.18 3.79
C PRO A 66 17.32 -14.69 3.50
N VAL A 67 17.56 -13.46 3.87
CA VAL A 67 18.79 -12.80 3.54
C VAL A 67 19.54 -12.41 4.81
N PRO A 68 20.84 -12.67 4.86
CA PRO A 68 21.64 -12.39 6.03
C PRO A 68 22.04 -10.94 6.16
N ALA A 69 21.11 -10.21 6.71
CA ALA A 69 21.20 -8.77 6.87
C ALA A 69 21.51 -8.07 5.55
N GLY A 70 21.78 -6.79 5.65
CA GLY A 70 22.15 -6.03 4.49
C GLY A 70 21.00 -5.16 4.05
N ARG A 71 21.30 -3.91 3.79
CA ARG A 71 20.32 -3.01 3.25
C ARG A 71 20.10 -3.30 1.78
N HIS A 72 18.90 -3.75 1.49
CA HIS A 72 18.49 -4.13 0.14
C HIS A 72 17.46 -3.15 -0.38
N MET A 73 17.70 -2.63 -1.57
CA MET A 73 16.68 -1.88 -2.29
C MET A 73 16.16 -2.73 -3.43
N PHE A 74 14.92 -3.15 -3.32
CA PHE A 74 14.30 -3.95 -4.34
C PHE A 74 13.02 -3.30 -4.78
N VAL A 75 12.78 -3.36 -6.06
CA VAL A 75 11.66 -2.70 -6.64
C VAL A 75 10.53 -3.69 -6.91
N PHE A 76 9.43 -3.44 -6.22
CA PHE A 76 8.32 -4.37 -6.11
C PHE A 76 7.06 -3.73 -6.68
N GLN A 77 6.36 -4.48 -7.52
CA GLN A 77 5.21 -3.95 -8.24
C GLN A 77 4.00 -4.84 -7.98
N ALA A 78 2.82 -4.30 -8.22
CA ALA A 78 1.58 -5.03 -8.02
C ALA A 78 0.49 -4.49 -8.93
N ASP A 79 -0.28 -5.39 -9.53
CA ASP A 79 -1.35 -5.01 -10.45
C ASP A 79 -2.32 -4.06 -9.77
N ALA A 80 -3.11 -3.35 -10.55
CA ALA A 80 -4.02 -2.37 -10.03
C ALA A 80 -5.06 -3.00 -9.13
N PRO A 81 -5.65 -2.18 -8.26
CA PRO A 81 -6.73 -2.61 -7.37
C PRO A 81 -7.95 -3.06 -8.16
N ASN A 82 -8.91 -3.63 -7.46
CA ASN A 82 -10.11 -4.15 -8.10
C ASN A 82 -11.16 -3.06 -8.23
N PRO A 83 -11.48 -2.70 -9.48
CA PRO A 83 -12.43 -1.64 -9.80
C PRO A 83 -13.85 -1.96 -9.32
N GLY A 84 -14.11 -3.22 -9.00
CA GLY A 84 -15.39 -3.62 -8.50
C GLY A 84 -15.50 -3.47 -6.99
N LEU A 85 -14.35 -3.40 -6.34
CA LEU A 85 -14.31 -3.35 -4.88
C LEU A 85 -14.31 -1.91 -4.38
N ILE A 86 -14.03 -0.98 -5.27
CA ILE A 86 -14.07 0.43 -4.90
C ILE A 86 -15.44 1.03 -5.13
N PRO A 87 -16.00 1.67 -4.11
CA PRO A 87 -17.22 2.45 -4.23
C PRO A 87 -16.94 3.83 -4.80
N ASP A 88 -17.97 4.45 -5.33
CA ASP A 88 -17.88 5.77 -5.95
C ASP A 88 -17.10 6.77 -5.12
N ALA A 89 -17.45 6.86 -3.85
CA ALA A 89 -16.95 7.92 -2.99
C ALA A 89 -15.44 7.83 -2.81
N ASP A 90 -14.93 6.61 -2.80
CA ASP A 90 -13.53 6.37 -2.56
C ASP A 90 -12.74 6.29 -3.87
N ALA A 91 -13.44 6.02 -4.97
CA ALA A 91 -12.79 5.81 -6.26
C ALA A 91 -12.32 7.13 -6.86
N VAL A 92 -13.18 8.11 -6.85
CA VAL A 92 -12.88 9.41 -7.39
C VAL A 92 -12.46 10.37 -6.29
N GLY A 93 -11.53 9.87 -5.49
CA GLY A 93 -11.26 10.42 -4.17
C GLY A 93 -9.91 9.98 -3.67
N VAL A 94 -9.86 9.64 -2.41
CA VAL A 94 -8.64 9.23 -1.76
C VAL A 94 -8.83 7.91 -1.00
N THR A 95 -7.79 7.13 -1.00
CA THR A 95 -7.72 5.83 -0.37
C THR A 95 -6.26 5.56 -0.13
N VAL A 96 -5.94 4.48 0.52
CA VAL A 96 -4.56 4.21 0.86
C VAL A 96 -4.11 2.85 0.34
N VAL A 97 -2.84 2.79 -0.06
CA VAL A 97 -2.22 1.54 -0.42
C VAL A 97 -1.09 1.29 0.56
N LEU A 98 -1.32 0.38 1.48
CA LEU A 98 -0.37 0.14 2.54
C LEU A 98 0.47 -1.08 2.28
N ILE A 99 1.75 -0.97 2.52
CA ILE A 99 2.62 -2.12 2.39
C ILE A 99 2.80 -2.75 3.72
N THR A 100 2.10 -3.83 3.89
CA THR A 100 2.24 -4.60 5.08
C THR A 100 3.20 -5.71 4.78
N CYS A 101 4.34 -5.61 5.40
CA CYS A 101 5.33 -6.63 5.27
C CYS A 101 5.05 -7.70 6.29
N THR A 102 5.31 -8.95 5.92
CA THR A 102 4.93 -10.07 6.73
C THR A 102 6.08 -11.04 6.80
N TYR A 103 6.45 -11.45 7.99
CA TYR A 103 7.48 -12.43 8.13
C TYR A 103 7.07 -13.47 9.17
N ARG A 104 6.95 -14.72 8.71
CA ARG A 104 6.58 -15.85 9.55
C ARG A 104 5.15 -15.75 10.03
N GLY A 105 4.32 -15.06 9.27
CA GLY A 105 2.91 -15.00 9.58
C GLY A 105 2.57 -13.79 10.42
N GLN A 106 3.57 -12.99 10.75
CA GLN A 106 3.34 -11.77 11.49
C GLN A 106 3.75 -10.57 10.66
N GLU A 107 2.79 -9.69 10.42
CA GLU A 107 3.01 -8.47 9.65
C GLU A 107 3.74 -7.44 10.49
N PHE A 108 4.86 -6.96 10.01
CA PHE A 108 5.76 -6.15 10.81
C PHE A 108 5.82 -4.69 10.41
N ILE A 109 5.22 -4.29 9.30
CA ILE A 109 5.18 -2.89 8.96
C ILE A 109 4.06 -2.60 7.98
N ARG A 110 3.70 -1.34 7.88
CA ARG A 110 2.60 -0.90 7.06
C ARG A 110 2.92 0.48 6.50
N VAL A 111 3.25 0.57 5.23
CA VAL A 111 3.45 1.89 4.64
C VAL A 111 2.15 2.34 3.96
N GLY A 112 1.41 3.19 4.64
CA GLY A 112 0.19 3.68 4.08
C GLY A 112 0.42 4.86 3.19
N TYR A 113 0.80 4.55 1.98
CA TYR A 113 0.91 5.55 0.94
C TYR A 113 -0.46 5.86 0.44
N TYR A 114 -0.88 7.08 0.62
CA TYR A 114 -2.18 7.47 0.19
C TYR A 114 -2.23 7.47 -1.32
N VAL A 115 -3.27 6.90 -1.87
CA VAL A 115 -3.45 6.93 -3.29
C VAL A 115 -4.70 7.74 -3.59
N ASN A 116 -4.46 8.90 -4.15
CA ASN A 116 -5.53 9.79 -4.54
C ASN A 116 -5.88 9.52 -5.99
N ASN A 117 -7.15 9.34 -6.28
CA ASN A 117 -7.56 8.91 -7.59
C ASN A 117 -8.27 10.04 -8.26
N GLU A 118 -7.65 10.53 -9.27
CA GLU A 118 -8.09 11.69 -9.96
C GLU A 118 -8.28 11.35 -11.42
N TYR A 119 -9.46 11.61 -11.94
CA TYR A 119 -9.72 11.46 -13.36
C TYR A 119 -8.60 12.05 -14.21
N THR A 120 -8.45 11.49 -15.40
CA THR A 120 -7.39 11.84 -16.30
C THR A 120 -7.89 12.91 -17.23
N GLU A 121 -9.17 12.78 -17.53
CA GLU A 121 -9.82 13.69 -18.41
C GLU A 121 -10.13 14.96 -17.63
N THR A 122 -9.63 16.07 -18.15
CA THR A 122 -9.67 17.36 -17.45
C THR A 122 -11.08 17.72 -16.98
N GLU A 123 -12.09 17.36 -17.76
CA GLU A 123 -13.47 17.69 -17.43
C GLU A 123 -13.92 16.81 -16.28
N LEU A 124 -13.44 15.59 -16.28
CA LEU A 124 -13.78 14.64 -15.26
C LEU A 124 -13.10 15.01 -13.94
N ARG A 125 -11.95 15.68 -14.03
CA ARG A 125 -11.24 16.13 -12.84
C ARG A 125 -12.00 17.30 -12.23
N GLU A 126 -12.63 18.07 -13.11
CA GLU A 126 -13.42 19.21 -12.70
C GLU A 126 -14.66 18.78 -11.95
N ASN A 127 -15.25 17.68 -12.40
CA ASN A 127 -16.43 17.15 -11.74
C ASN A 127 -16.59 15.67 -12.06
N PRO A 128 -16.10 14.80 -11.16
CA PRO A 128 -16.27 13.36 -11.27
C PRO A 128 -17.74 12.99 -11.36
N PRO A 129 -18.14 12.38 -12.48
CA PRO A 129 -19.52 11.91 -12.64
C PRO A 129 -19.87 10.92 -11.54
N VAL A 130 -21.17 10.81 -11.23
CA VAL A 130 -21.65 10.03 -10.09
C VAL A 130 -20.93 8.70 -9.97
N LYS A 131 -20.70 8.04 -11.10
CA LYS A 131 -19.99 6.78 -11.09
C LYS A 131 -18.61 6.88 -11.71
N PRO A 132 -17.63 6.76 -10.83
CA PRO A 132 -16.21 6.71 -11.14
C PRO A 132 -15.86 5.80 -12.30
N ASP A 133 -14.93 6.25 -13.13
CA ASP A 133 -14.42 5.44 -14.23
C ASP A 133 -12.95 5.18 -13.98
N PHE A 134 -12.63 3.92 -13.73
CA PHE A 134 -11.32 3.54 -13.24
C PHE A 134 -10.29 3.53 -14.37
N SER A 135 -10.79 3.49 -15.58
CA SER A 135 -9.96 3.58 -16.77
C SER A 135 -9.69 5.04 -17.14
N LYS A 136 -10.44 5.95 -16.54
CA LYS A 136 -10.16 7.38 -16.66
C LYS A 136 -9.52 7.85 -15.39
N LEU A 137 -9.12 6.90 -14.60
CA LEU A 137 -8.67 7.19 -13.28
C LEU A 137 -7.16 7.21 -13.23
N GLN A 138 -6.63 8.23 -12.60
CA GLN A 138 -5.20 8.39 -12.45
C GLN A 138 -4.87 8.39 -10.96
N ARG A 139 -4.03 7.48 -10.54
CA ARG A 139 -3.73 7.37 -9.13
C ARG A 139 -2.44 8.08 -8.77
N ASN A 140 -2.58 9.17 -8.03
CA ASN A 140 -1.45 9.92 -7.53
C ASN A 140 -1.11 9.47 -6.13
N ILE A 141 0.01 8.80 -6.03
CA ILE A 141 0.46 8.25 -4.77
C ILE A 141 1.16 9.35 -3.97
N LEU A 142 0.57 9.69 -2.84
CA LEU A 142 1.09 10.75 -1.98
C LEU A 142 2.38 10.30 -1.31
N ALA A 143 3.46 10.48 -2.02
CA ALA A 143 4.77 10.12 -1.53
C ALA A 143 5.22 11.08 -0.44
N SER A 144 4.60 12.25 -0.41
CA SER A 144 4.87 13.23 0.62
C SER A 144 4.12 12.88 1.91
N ASN A 145 3.26 11.87 1.83
CA ASN A 145 2.48 11.47 2.99
C ASN A 145 2.46 9.94 3.14
N PRO A 146 3.61 9.34 3.50
CA PRO A 146 3.69 7.90 3.73
C PRO A 146 3.41 7.57 5.19
N ARG A 147 2.32 6.85 5.42
CA ARG A 147 1.94 6.47 6.76
C ARG A 147 2.71 5.23 7.19
N VAL A 148 3.94 5.42 7.65
CA VAL A 148 4.75 4.30 8.09
C VAL A 148 4.33 3.84 9.48
N THR A 149 4.12 2.55 9.63
CA THR A 149 3.80 1.97 10.92
C THR A 149 4.32 0.56 11.01
N ARG A 150 5.36 0.38 11.78
CA ARG A 150 5.98 -0.91 11.93
C ARG A 150 5.78 -1.43 13.33
N PHE A 151 5.66 -2.73 13.40
CA PHE A 151 5.33 -3.44 14.63
C PHE A 151 6.37 -4.52 14.93
N HIS A 152 6.27 -5.10 16.11
CA HIS A 152 7.23 -6.12 16.53
C HIS A 152 6.68 -7.51 16.24
N ILE A 153 7.40 -8.27 15.41
CA ILE A 153 6.98 -9.60 15.05
C ILE A 153 8.03 -10.60 15.47
N ASN A 154 7.81 -11.83 15.07
CA ASN A 154 8.67 -12.92 15.46
C ASN A 154 9.50 -13.37 14.28
N TRP A 155 10.67 -12.79 14.16
CA TRP A 155 11.60 -13.16 13.13
C TRP A 155 12.32 -14.44 13.53
N GLU A 156 12.17 -14.80 14.79
CA GLU A 156 12.89 -15.91 15.36
C GLU A 156 11.94 -16.84 16.04
N ASP A 157 12.47 -17.95 16.49
CA ASP A 157 11.68 -18.94 17.19
C ASP A 157 11.94 -18.85 18.69
N ASN A 158 11.41 -17.79 19.28
CA ASN A 158 11.47 -17.59 20.72
C ASN A 158 10.29 -16.73 21.15
N GLY B 1 -21.66 8.34 6.25
CA GLY B 1 -20.29 8.00 5.84
C GLY B 1 -19.32 8.06 6.99
N ALA B 2 -18.11 8.54 6.72
CA ALA B 2 -17.06 8.58 7.73
C ALA B 2 -16.34 9.93 7.71
N MET B 3 -17.05 10.97 7.27
CA MET B 3 -16.50 12.33 7.16
C MET B 3 -15.46 12.39 6.04
N GLY B 4 -14.26 11.94 6.34
CA GLY B 4 -13.20 11.93 5.36
C GLY B 4 -12.63 10.55 5.18
N LYS B 5 -11.92 10.33 4.08
CA LYS B 5 -11.33 9.04 3.81
C LYS B 5 -10.04 8.89 4.57
N ASP B 6 -9.17 9.89 4.44
CA ASP B 6 -7.85 9.89 5.09
C ASP B 6 -7.84 9.27 6.49
N ILE B 7 -8.75 9.70 7.36
CA ILE B 7 -8.81 9.15 8.72
C ILE B 7 -9.17 7.66 8.72
N GLN B 8 -10.11 7.28 7.87
CA GLN B 8 -10.52 5.90 7.73
C GLN B 8 -9.36 5.05 7.18
N LEU B 9 -8.58 5.64 6.29
CA LEU B 9 -7.37 4.99 5.80
C LEU B 9 -6.39 4.81 6.94
N ALA B 10 -6.28 5.84 7.78
CA ALA B 10 -5.42 5.77 8.96
C ALA B 10 -5.90 4.69 9.92
N ARG B 11 -7.21 4.46 9.96
CA ARG B 11 -7.76 3.34 10.74
C ARG B 11 -7.10 2.03 10.31
N ARG B 12 -7.06 1.81 9.00
CA ARG B 12 -6.51 0.57 8.45
C ARG B 12 -4.99 0.51 8.66
N ILE B 13 -4.36 1.65 8.67
CA ILE B 13 -2.94 1.72 8.91
C ILE B 13 -2.64 1.51 10.41
N ARG B 14 -3.68 1.63 11.22
CA ARG B 14 -3.56 1.40 12.65
C ARG B 14 -3.93 -0.03 13.06
N GLY B 15 -4.66 -0.75 12.22
CA GLY B 15 -5.13 -2.06 12.61
C GLY B 15 -5.71 -2.89 11.48
N GLU B 16 -5.10 -2.83 10.31
CA GLU B 16 -5.47 -3.69 9.21
C GLU B 16 -4.22 -4.20 8.50
N ARG B 17 -3.53 -5.09 9.18
CA ARG B 17 -2.33 -5.71 8.66
C ARG B 17 -2.65 -6.65 7.50
N ALA B 18 -3.49 -7.63 7.77
CA ALA B 18 -3.96 -8.56 6.78
C ALA B 18 -5.15 -9.33 7.32
N MET A 3 16.21 -8.84 17.33
CA MET A 3 14.91 -9.43 16.98
C MET A 3 14.55 -9.12 15.53
N ALA A 4 14.25 -7.86 15.26
CA ALA A 4 13.87 -7.44 13.92
C ALA A 4 15.03 -7.64 12.96
N LYS A 5 14.81 -8.47 11.95
CA LYS A 5 15.87 -8.79 11.01
C LYS A 5 15.74 -7.99 9.73
N VAL A 6 14.65 -7.23 9.60
CA VAL A 6 14.47 -6.31 8.49
C VAL A 6 13.83 -5.02 8.97
N GLN A 7 14.53 -3.92 8.71
CA GLN A 7 14.00 -2.60 8.93
C GLN A 7 13.94 -1.92 7.58
N VAL A 8 12.76 -1.89 7.00
CA VAL A 8 12.63 -1.21 5.72
C VAL A 8 12.54 0.28 5.98
N ASN A 9 13.26 1.01 5.17
CA ASN A 9 13.56 2.40 5.47
C ASN A 9 12.98 3.28 4.41
N ASN A 10 13.48 3.09 3.22
CA ASN A 10 13.10 3.95 2.11
C ASN A 10 12.14 3.22 1.22
N VAL A 11 11.33 3.97 0.56
CA VAL A 11 10.44 3.44 -0.42
C VAL A 11 10.25 4.46 -1.52
N VAL A 12 10.94 4.28 -2.62
CA VAL A 12 10.85 5.25 -3.69
C VAL A 12 9.80 4.82 -4.70
N VAL A 13 8.61 5.38 -4.54
CA VAL A 13 7.51 5.09 -5.42
C VAL A 13 7.74 5.77 -6.75
N LEU A 14 7.56 5.01 -7.79
CA LEU A 14 7.93 5.42 -9.12
C LEU A 14 6.73 5.84 -9.90
N ASP A 15 5.86 4.89 -10.15
CA ASP A 15 4.66 5.18 -10.90
C ASP A 15 3.53 5.63 -9.99
N ASN A 16 3.83 6.65 -9.23
CA ASN A 16 2.88 7.50 -8.58
C ASN A 16 2.41 8.51 -9.64
N PRO A 17 1.55 9.50 -9.34
CA PRO A 17 0.30 9.71 -10.08
C PRO A 17 0.41 9.54 -11.58
N SER A 18 -0.11 8.38 -11.94
CA SER A 18 -0.25 7.92 -13.32
C SER A 18 -1.62 7.25 -13.42
N PRO A 19 -2.08 6.85 -14.63
CA PRO A 19 -3.32 6.10 -14.78
C PRO A 19 -3.47 5.02 -13.70
N PHE A 20 -4.67 4.92 -13.16
CA PHE A 20 -4.98 3.98 -12.10
C PHE A 20 -4.74 2.54 -12.56
N TYR A 21 -4.85 2.30 -13.87
CA TYR A 21 -4.68 0.97 -14.43
C TYR A 21 -3.20 0.59 -14.55
N ASN A 22 -2.32 1.58 -14.44
CA ASN A 22 -0.90 1.30 -14.36
C ASN A 22 -0.60 0.72 -12.98
N PRO A 23 0.18 -0.37 -12.94
CA PRO A 23 0.43 -1.15 -11.71
C PRO A 23 1.34 -0.42 -10.70
N PHE A 24 1.06 -0.66 -9.42
CA PHE A 24 1.78 -0.03 -8.31
C PHE A 24 3.26 -0.29 -8.43
N GLN A 25 4.02 0.78 -8.43
CA GLN A 25 5.43 0.69 -8.67
C GLN A 25 6.21 1.35 -7.54
N PHE A 26 6.70 0.52 -6.64
CA PHE A 26 7.51 0.98 -5.50
C PHE A 26 8.95 0.52 -5.68
N GLU A 27 9.88 1.21 -5.07
CA GLU A 27 11.21 0.67 -4.87
C GLU A 27 11.58 0.74 -3.40
N ILE A 28 11.28 -0.30 -2.68
CA ILE A 28 11.55 -0.27 -1.25
C ILE A 28 12.98 -0.65 -0.92
N THR A 29 13.60 0.23 -0.17
CA THR A 29 14.93 0.00 0.36
C THR A 29 14.83 -0.43 1.81
N PHE A 30 15.06 -1.71 2.07
CA PHE A 30 15.06 -2.19 3.42
C PHE A 30 16.44 -2.56 3.83
N GLU A 31 16.74 -2.27 5.05
CA GLU A 31 18.00 -2.67 5.60
C GLU A 31 17.74 -3.84 6.46
N CYS A 32 18.25 -4.94 6.04
CA CYS A 32 18.10 -6.11 6.81
C CYS A 32 18.99 -5.93 8.00
N ILE A 33 18.39 -6.02 9.14
CA ILE A 33 19.04 -5.66 10.34
C ILE A 33 19.79 -6.84 10.89
N GLU A 34 19.34 -8.01 10.50
CA GLU A 34 19.92 -9.24 10.95
C GLU A 34 19.75 -10.32 9.89
N ASP A 35 20.28 -11.51 10.16
CA ASP A 35 20.17 -12.61 9.23
C ASP A 35 18.79 -13.24 9.32
N LEU A 36 18.12 -13.29 8.19
CA LEU A 36 16.78 -13.86 8.14
C LEU A 36 16.84 -15.37 8.05
N SER A 37 15.77 -16.01 8.50
CA SER A 37 15.70 -17.46 8.51
C SER A 37 14.66 -17.95 7.50
N GLU A 38 13.60 -17.18 7.37
CA GLU A 38 12.48 -17.53 6.52
C GLU A 38 12.36 -16.49 5.39
N ASP A 39 11.27 -16.54 4.66
CA ASP A 39 11.03 -15.62 3.57
C ASP A 39 10.35 -14.37 4.10
N LEU A 40 10.59 -13.28 3.42
CA LEU A 40 10.03 -11.99 3.75
C LEU A 40 8.82 -11.71 2.88
N GLU A 41 7.67 -11.45 3.48
CA GLU A 41 6.49 -11.14 2.70
C GLU A 41 6.30 -9.63 2.60
N TRP A 42 6.05 -9.16 1.39
CA TRP A 42 5.76 -7.75 1.13
C TRP A 42 4.51 -7.65 0.29
N LYS A 43 3.43 -7.18 0.82
CA LYS A 43 2.25 -7.03 -0.01
C LYS A 43 1.69 -5.63 0.05
N ILE A 44 0.99 -5.26 -1.01
CA ILE A 44 0.36 -3.96 -1.10
C ILE A 44 -1.12 -4.10 -0.85
N ILE A 45 -1.60 -3.45 0.19
CA ILE A 45 -3.00 -3.48 0.51
C ILE A 45 -3.65 -2.19 0.06
N TYR A 46 -4.40 -2.28 -1.00
CA TYR A 46 -5.15 -1.14 -1.47
C TYR A 46 -6.45 -1.10 -0.70
N VAL A 47 -6.62 -0.06 0.09
CA VAL A 47 -7.88 0.14 0.75
C VAL A 47 -8.96 0.35 -0.29
N GLY A 48 -9.70 -0.70 -0.58
CA GLY A 48 -10.85 -0.55 -1.43
C GLY A 48 -11.97 0.06 -0.66
N SER A 49 -12.03 -0.31 0.61
CA SER A 49 -13.02 0.19 1.52
C SER A 49 -12.47 1.31 2.40
N ALA A 50 -12.58 2.51 1.91
CA ALA A 50 -12.45 3.69 2.74
C ALA A 50 -13.84 4.03 3.26
N GLU A 51 -14.83 3.47 2.59
CA GLU A 51 -16.23 3.56 2.98
C GLU A 51 -16.57 2.41 3.93
N SER A 52 -16.09 1.21 3.60
CA SER A 52 -16.20 0.07 4.48
C SER A 52 -14.83 -0.22 5.08
N GLU A 53 -14.51 -1.48 5.33
CA GLU A 53 -13.15 -1.83 5.74
C GLU A 53 -12.77 -3.25 5.31
N GLU A 54 -13.70 -3.99 4.73
CA GLU A 54 -13.44 -5.36 4.31
C GLU A 54 -13.06 -5.46 2.84
N TYR A 55 -12.96 -4.31 2.18
CA TYR A 55 -12.67 -4.29 0.74
C TYR A 55 -11.18 -4.25 0.47
N ASP A 56 -10.38 -3.92 1.50
CA ASP A 56 -8.94 -3.84 1.35
C ASP A 56 -8.38 -5.01 0.51
N GLN A 57 -7.91 -4.65 -0.67
CA GLN A 57 -7.39 -5.61 -1.63
C GLN A 57 -5.88 -5.77 -1.48
N VAL A 58 -5.35 -6.81 -2.10
CA VAL A 58 -3.95 -7.17 -1.99
C VAL A 58 -3.42 -7.39 -3.38
N LEU A 59 -2.69 -6.42 -3.85
CA LEU A 59 -2.26 -6.39 -5.23
C LEU A 59 -1.23 -7.47 -5.51
N ASP A 60 -0.36 -7.70 -4.53
CA ASP A 60 0.58 -8.80 -4.57
C ASP A 60 1.38 -8.81 -3.28
N SER A 61 1.89 -9.97 -2.90
CA SER A 61 2.70 -10.14 -1.73
C SER A 61 3.92 -10.90 -2.17
N VAL A 62 5.03 -10.22 -2.18
CA VAL A 62 6.20 -10.69 -2.82
C VAL A 62 7.13 -11.32 -1.81
N LEU A 63 7.75 -12.43 -2.19
CA LEU A 63 8.51 -13.20 -1.25
C LEU A 63 10.01 -13.07 -1.49
N VAL A 64 10.63 -12.29 -0.65
CA VAL A 64 12.08 -12.19 -0.60
C VAL A 64 12.57 -13.31 0.30
N GLY A 65 13.78 -13.78 0.15
CA GLY A 65 14.23 -14.88 0.96
C GLY A 65 14.85 -14.44 2.24
N PRO A 66 15.58 -15.34 2.91
CA PRO A 66 16.33 -14.98 4.09
C PRO A 66 17.50 -14.09 3.71
N VAL A 67 17.45 -12.87 4.16
CA VAL A 67 18.46 -11.90 3.84
C VAL A 67 19.32 -11.58 5.08
N PRO A 68 20.63 -11.85 4.98
CA PRO A 68 21.56 -11.68 6.11
C PRO A 68 22.06 -10.28 6.28
N ALA A 69 21.19 -9.50 6.83
CA ALA A 69 21.36 -8.05 7.02
C ALA A 69 21.77 -7.34 5.72
N GLY A 70 21.74 -6.02 5.76
CA GLY A 70 22.26 -5.26 4.66
C GLY A 70 21.19 -4.43 4.02
N ARG A 71 21.42 -3.14 3.96
CA ARG A 71 20.47 -2.25 3.34
C ARG A 71 20.55 -2.36 1.82
N HIS A 72 19.41 -2.68 1.24
CA HIS A 72 19.32 -2.88 -0.20
C HIS A 72 17.89 -2.61 -0.67
N MET A 73 17.77 -2.07 -1.86
CA MET A 73 16.47 -1.76 -2.41
C MET A 73 16.00 -2.85 -3.35
N PHE A 74 14.78 -3.30 -3.13
CA PHE A 74 14.11 -4.17 -4.07
C PHE A 74 12.97 -3.38 -4.66
N VAL A 75 12.58 -3.73 -5.85
CA VAL A 75 11.57 -2.98 -6.53
C VAL A 75 10.29 -3.79 -6.65
N PHE A 76 9.20 -3.15 -6.29
CA PHE A 76 7.93 -3.78 -6.02
C PHE A 76 6.90 -3.31 -7.03
N GLN A 77 6.17 -4.25 -7.63
CA GLN A 77 5.09 -3.89 -8.53
C GLN A 77 3.95 -4.87 -8.32
N ALA A 78 2.76 -4.40 -8.63
CA ALA A 78 1.57 -5.19 -8.50
C ALA A 78 0.46 -4.52 -9.28
N ASP A 79 -0.56 -5.26 -9.66
CA ASP A 79 -1.59 -4.74 -10.55
C ASP A 79 -2.38 -3.59 -9.92
N ALA A 80 -3.37 -3.12 -10.66
CA ALA A 80 -4.22 -2.05 -10.21
C ALA A 80 -5.42 -2.63 -9.48
N PRO A 81 -5.92 -1.90 -8.49
CA PRO A 81 -7.04 -2.32 -7.65
C PRO A 81 -8.28 -2.66 -8.46
N ASN A 82 -9.10 -3.50 -7.87
CA ASN A 82 -10.27 -4.04 -8.55
C ASN A 82 -11.40 -3.02 -8.60
N PRO A 83 -11.78 -2.66 -9.83
CA PRO A 83 -12.83 -1.67 -10.08
C PRO A 83 -14.20 -2.14 -9.61
N GLY A 84 -14.32 -3.43 -9.33
CA GLY A 84 -15.58 -3.97 -8.86
C GLY A 84 -15.61 -4.10 -7.35
N LEU A 85 -14.47 -3.80 -6.71
CA LEU A 85 -14.37 -3.88 -5.27
C LEU A 85 -14.44 -2.50 -4.64
N ILE A 86 -14.05 -1.48 -5.41
CA ILE A 86 -14.06 -0.13 -4.90
C ILE A 86 -15.42 0.52 -5.03
N PRO A 87 -15.91 1.10 -3.94
CA PRO A 87 -17.09 1.94 -3.94
C PRO A 87 -16.81 3.36 -4.42
N ASP A 88 -17.87 4.07 -4.75
CA ASP A 88 -17.84 5.42 -5.31
C ASP A 88 -16.84 6.35 -4.63
N ALA A 89 -16.98 6.54 -3.34
CA ALA A 89 -16.29 7.63 -2.68
C ALA A 89 -14.87 7.24 -2.32
N ASP A 90 -14.56 5.97 -2.51
CA ASP A 90 -13.22 5.48 -2.31
C ASP A 90 -12.45 5.48 -3.62
N ALA A 91 -13.18 5.45 -4.72
CA ALA A 91 -12.56 5.36 -6.03
C ALA A 91 -12.17 6.72 -6.56
N VAL A 92 -13.08 7.67 -6.47
CA VAL A 92 -12.83 9.00 -6.95
C VAL A 92 -12.49 9.94 -5.80
N GLY A 93 -11.59 9.46 -4.95
CA GLY A 93 -11.31 10.09 -3.68
C GLY A 93 -9.95 9.71 -3.16
N VAL A 94 -9.78 9.84 -1.86
CA VAL A 94 -8.55 9.50 -1.21
C VAL A 94 -8.67 8.09 -0.62
N THR A 95 -7.56 7.39 -0.66
CA THR A 95 -7.49 6.00 -0.33
C THR A 95 -6.05 5.72 0.09
N VAL A 96 -5.76 4.53 0.61
CA VAL A 96 -4.40 4.23 1.00
C VAL A 96 -3.95 2.86 0.51
N VAL A 97 -2.67 2.74 0.19
CA VAL A 97 -2.11 1.47 -0.17
C VAL A 97 -0.98 1.19 0.79
N LEU A 98 -1.23 0.26 1.69
CA LEU A 98 -0.29 -0.02 2.76
C LEU A 98 0.48 -1.28 2.45
N ILE A 99 1.79 -1.17 2.45
CA ILE A 99 2.61 -2.33 2.19
C ILE A 99 3.02 -2.93 3.50
N THR A 100 2.34 -3.98 3.84
CA THR A 100 2.56 -4.64 5.07
C THR A 100 3.44 -5.83 4.86
N CYS A 101 4.60 -5.78 5.47
CA CYS A 101 5.46 -6.94 5.47
C CYS A 101 4.98 -7.93 6.52
N THR A 102 5.26 -9.20 6.28
CA THR A 102 4.70 -10.26 7.06
C THR A 102 5.72 -11.37 7.17
N TYR A 103 6.12 -11.68 8.38
CA TYR A 103 7.07 -12.73 8.60
C TYR A 103 6.61 -13.59 9.77
N ARG A 104 6.58 -14.90 9.54
CA ARG A 104 6.09 -15.89 10.51
C ARG A 104 4.60 -15.76 10.78
N GLY A 105 3.92 -15.00 9.93
CA GLY A 105 2.48 -14.91 10.03
C GLY A 105 2.05 -13.67 10.77
N GLN A 106 3.02 -12.87 11.17
CA GLN A 106 2.74 -11.59 11.78
C GLN A 106 3.30 -10.48 10.91
N GLU A 107 2.65 -9.35 10.96
CA GLU A 107 2.99 -8.26 10.07
C GLU A 107 3.86 -7.24 10.79
N PHE A 108 4.93 -6.79 10.14
CA PHE A 108 5.92 -5.97 10.83
C PHE A 108 6.11 -4.58 10.24
N ILE A 109 5.43 -4.25 9.15
CA ILE A 109 5.42 -2.88 8.68
C ILE A 109 4.19 -2.64 7.84
N ARG A 110 3.83 -1.39 7.67
CA ARG A 110 2.69 -0.99 6.90
C ARG A 110 2.94 0.40 6.33
N VAL A 111 3.34 0.50 5.08
CA VAL A 111 3.49 1.82 4.48
C VAL A 111 2.15 2.29 3.95
N GLY A 112 1.48 3.16 4.67
CA GLY A 112 0.23 3.67 4.19
C GLY A 112 0.42 4.83 3.28
N TYR A 113 0.79 4.51 2.06
CA TYR A 113 0.88 5.51 1.01
C TYR A 113 -0.50 5.89 0.58
N TYR A 114 -0.86 7.12 0.82
CA TYR A 114 -2.16 7.59 0.43
C TYR A 114 -2.22 7.65 -1.09
N VAL A 115 -3.22 7.02 -1.66
CA VAL A 115 -3.40 7.08 -3.08
C VAL A 115 -4.66 7.87 -3.35
N ASN A 116 -4.44 9.03 -3.91
CA ASN A 116 -5.50 9.95 -4.25
C ASN A 116 -5.94 9.71 -5.68
N ASN A 117 -7.19 9.32 -5.88
CA ASN A 117 -7.64 8.89 -7.18
C ASN A 117 -8.58 9.92 -7.76
N GLU A 118 -8.07 10.60 -8.76
CA GLU A 118 -8.78 11.67 -9.42
C GLU A 118 -8.57 11.53 -10.91
N TYR A 119 -9.63 11.75 -11.67
CA TYR A 119 -9.62 11.55 -13.12
C TYR A 119 -8.42 12.14 -13.84
N THR A 120 -8.10 11.52 -14.96
CA THR A 120 -6.94 11.86 -15.74
C THR A 120 -7.31 12.90 -16.75
N GLU A 121 -8.50 12.71 -17.29
CA GLU A 121 -8.98 13.52 -18.37
C GLU A 121 -9.45 14.85 -17.81
N THR A 122 -8.92 15.94 -18.35
CA THR A 122 -9.09 17.26 -17.78
C THR A 122 -10.54 17.54 -17.42
N GLU A 123 -11.46 17.17 -18.32
CA GLU A 123 -12.87 17.47 -18.14
C GLU A 123 -13.42 16.72 -16.94
N LEU A 124 -12.92 15.53 -16.74
CA LEU A 124 -13.37 14.66 -15.68
C LEU A 124 -12.84 15.13 -14.34
N ARG A 125 -11.71 15.83 -14.36
CA ARG A 125 -11.17 16.45 -13.16
C ARG A 125 -12.00 17.67 -12.83
N GLU A 126 -12.41 18.37 -13.88
CA GLU A 126 -13.22 19.56 -13.76
C GLU A 126 -14.58 19.23 -13.14
N ASN A 127 -15.17 18.14 -13.60
CA ASN A 127 -16.48 17.73 -13.12
C ASN A 127 -16.56 16.22 -13.04
N PRO A 128 -16.04 15.65 -11.94
CA PRO A 128 -16.02 14.21 -11.71
C PRO A 128 -17.37 13.56 -11.94
N PRO A 129 -17.45 12.66 -12.92
CA PRO A 129 -18.65 11.89 -13.19
C PRO A 129 -19.10 11.13 -11.94
N VAL A 130 -20.41 11.15 -11.73
CA VAL A 130 -21.05 10.68 -10.50
C VAL A 130 -20.57 9.31 -10.09
N LYS A 131 -20.41 8.43 -11.07
CA LYS A 131 -19.86 7.12 -10.81
C LYS A 131 -18.41 7.05 -11.25
N PRO A 132 -17.59 6.43 -10.40
CA PRO A 132 -16.14 6.33 -10.60
C PRO A 132 -15.76 5.51 -11.82
N ASP A 133 -14.87 6.07 -12.63
CA ASP A 133 -14.30 5.31 -13.74
C ASP A 133 -12.82 5.11 -13.49
N PHE A 134 -12.44 3.87 -13.30
CA PHE A 134 -11.11 3.51 -12.81
C PHE A 134 -10.09 3.56 -13.95
N SER A 135 -10.61 3.59 -15.16
CA SER A 135 -9.79 3.64 -16.36
C SER A 135 -9.38 5.07 -16.68
N LYS A 136 -10.21 6.02 -16.27
CA LYS A 136 -9.91 7.43 -16.44
C LYS A 136 -9.44 7.98 -15.13
N LEU A 137 -9.19 7.09 -14.22
CA LEU A 137 -8.80 7.44 -12.90
C LEU A 137 -7.30 7.58 -12.83
N GLN A 138 -6.81 8.58 -12.13
CA GLN A 138 -5.39 8.76 -11.95
C GLN A 138 -5.05 8.56 -10.49
N ARG A 139 -4.16 7.63 -10.23
CA ARG A 139 -3.78 7.32 -8.88
C ARG A 139 -2.54 8.13 -8.49
N ASN A 140 -2.75 9.12 -7.65
CA ASN A 140 -1.68 9.94 -7.12
C ASN A 140 -1.19 9.38 -5.81
N ILE A 141 -0.03 8.77 -5.85
CA ILE A 141 0.56 8.23 -4.66
C ILE A 141 1.22 9.37 -3.89
N LEU A 142 0.62 9.78 -2.78
CA LEU A 142 1.17 10.85 -1.97
C LEU A 142 2.46 10.40 -1.32
N ALA A 143 3.54 10.52 -2.07
CA ALA A 143 4.86 10.12 -1.61
C ALA A 143 5.38 11.09 -0.57
N SER A 144 4.72 12.23 -0.47
CA SER A 144 5.01 13.20 0.57
C SER A 144 4.38 12.77 1.88
N ASN A 145 3.54 11.73 1.81
CA ASN A 145 2.86 11.20 2.98
C ASN A 145 2.96 9.68 3.01
N PRO A 146 4.14 9.11 3.27
CA PRO A 146 4.29 7.68 3.47
C PRO A 146 4.10 7.34 4.94
N ARG A 147 2.96 6.77 5.26
CA ARG A 147 2.64 6.48 6.64
C ARG A 147 3.27 5.13 7.02
N VAL A 148 4.54 5.16 7.33
CA VAL A 148 5.26 3.95 7.72
C VAL A 148 4.92 3.54 9.16
N THR A 149 4.11 2.52 9.31
CA THR A 149 3.84 1.96 10.61
C THR A 149 4.49 0.61 10.70
N ARG A 150 5.59 0.55 11.43
CA ARG A 150 6.36 -0.66 11.51
C ARG A 150 6.38 -1.19 12.92
N PHE A 151 6.15 -2.47 13.01
CA PHE A 151 6.02 -3.14 14.30
C PHE A 151 7.08 -4.21 14.43
N HIS A 152 7.24 -4.73 15.63
CA HIS A 152 8.21 -5.76 15.89
C HIS A 152 7.51 -7.10 16.04
N ILE A 153 7.88 -8.07 15.22
CA ILE A 153 7.25 -9.37 15.24
C ILE A 153 8.27 -10.43 15.58
N ASN A 154 7.82 -11.65 15.50
CA ASN A 154 8.68 -12.78 15.73
C ASN A 154 9.29 -13.22 14.43
N TRP A 155 10.55 -12.93 14.27
CA TRP A 155 11.31 -13.46 13.18
C TRP A 155 11.85 -14.81 13.57
N GLU A 156 11.47 -15.20 14.78
CA GLU A 156 11.82 -16.48 15.34
C GLU A 156 10.54 -17.26 15.52
N ASP A 157 10.67 -18.46 16.03
CA ASP A 157 9.50 -19.26 16.33
C ASP A 157 9.32 -19.36 17.84
N ASN A 158 8.90 -18.26 18.44
CA ASN A 158 8.63 -18.22 19.86
C ASN A 158 7.13 -18.17 20.11
N GLY B 1 -19.63 9.37 11.09
CA GLY B 1 -18.29 8.75 11.15
C GLY B 1 -17.58 8.82 9.82
N ALA B 2 -16.25 8.98 9.88
CA ALA B 2 -15.41 9.06 8.68
C ALA B 2 -15.81 10.25 7.81
N MET B 3 -15.56 11.46 8.30
CA MET B 3 -15.80 12.68 7.54
C MET B 3 -15.06 12.61 6.22
N GLY B 4 -13.75 12.75 6.29
CA GLY B 4 -12.91 12.45 5.16
C GLY B 4 -12.30 11.08 5.31
N LYS B 5 -11.94 10.45 4.20
CA LYS B 5 -11.41 9.10 4.24
C LYS B 5 -10.08 9.05 4.97
N ASP B 6 -9.41 10.20 5.05
CA ASP B 6 -8.16 10.35 5.80
C ASP B 6 -8.15 9.51 7.08
N ILE B 7 -9.18 9.65 7.91
CA ILE B 7 -9.26 8.93 9.19
C ILE B 7 -9.48 7.42 8.96
N GLN B 8 -10.34 7.08 7.99
CA GLN B 8 -10.55 5.70 7.59
C GLN B 8 -9.24 5.02 7.21
N LEU B 9 -8.48 5.67 6.34
CA LEU B 9 -7.21 5.15 5.90
C LEU B 9 -6.22 5.10 7.07
N ALA B 10 -6.20 6.17 7.87
CA ALA B 10 -5.32 6.26 9.01
C ALA B 10 -5.59 5.15 10.02
N ARG B 11 -6.87 4.81 10.20
CA ARG B 11 -7.26 3.72 11.08
C ARG B 11 -6.67 2.40 10.61
N ARG B 12 -6.64 2.20 9.30
CA ARG B 12 -6.11 0.96 8.75
C ARG B 12 -4.60 0.95 8.87
N ILE B 13 -4.01 2.13 8.87
CA ILE B 13 -2.57 2.26 9.07
C ILE B 13 -2.26 2.25 10.57
N ARG B 14 -3.30 2.30 11.38
CA ARG B 14 -3.15 2.24 12.82
C ARG B 14 -3.28 0.81 13.32
N GLY B 15 -3.97 -0.03 12.54
CA GLY B 15 -4.19 -1.39 12.98
C GLY B 15 -5.29 -2.07 12.19
N GLU B 16 -5.11 -2.16 10.88
CA GLU B 16 -6.01 -2.95 10.07
C GLU B 16 -5.68 -4.44 10.25
N ARG B 17 -4.39 -4.73 10.26
CA ARG B 17 -3.90 -6.03 10.66
C ARG B 17 -3.34 -5.96 12.06
N ALA B 18 -2.15 -5.39 12.17
CA ALA B 18 -1.50 -5.19 13.45
C ALA B 18 -1.82 -3.80 13.97
N MET A 3 16.98 -7.63 17.52
CA MET A 3 15.79 -8.51 17.53
C MET A 3 15.06 -8.45 16.18
N ALA A 4 15.04 -7.27 15.57
CA ALA A 4 14.37 -7.10 14.29
C ALA A 4 15.33 -7.41 13.15
N LYS A 5 14.89 -8.24 12.23
CA LYS A 5 15.73 -8.70 11.14
C LYS A 5 15.62 -7.82 9.90
N VAL A 6 14.54 -7.06 9.77
CA VAL A 6 14.38 -6.14 8.63
C VAL A 6 13.75 -4.83 9.07
N GLN A 7 14.39 -3.76 8.67
CA GLN A 7 13.88 -2.43 8.84
C GLN A 7 13.81 -1.77 7.48
N VAL A 8 12.64 -1.74 6.87
CA VAL A 8 12.53 -1.08 5.58
C VAL A 8 12.53 0.42 5.80
N ASN A 9 13.17 1.11 4.89
CA ASN A 9 13.58 2.48 5.10
C ASN A 9 13.09 3.35 3.97
N ASN A 10 13.72 3.18 2.82
CA ASN A 10 13.48 4.07 1.71
C ASN A 10 12.64 3.39 0.67
N VAL A 11 11.39 3.69 0.64
CA VAL A 11 10.55 3.20 -0.39
C VAL A 11 10.34 4.29 -1.43
N VAL A 12 11.00 4.16 -2.56
CA VAL A 12 10.89 5.15 -3.60
C VAL A 12 9.90 4.69 -4.64
N VAL A 13 8.68 5.18 -4.50
CA VAL A 13 7.60 4.79 -5.37
C VAL A 13 7.79 5.38 -6.74
N LEU A 14 7.63 4.55 -7.73
CA LEU A 14 7.84 4.90 -9.11
C LEU A 14 6.51 5.12 -9.75
N ASP A 15 5.59 4.25 -9.35
CA ASP A 15 4.17 4.47 -9.59
C ASP A 15 3.69 5.66 -8.76
N ASN A 16 4.24 6.79 -9.11
CA ASN A 16 3.70 8.08 -8.79
C ASN A 16 2.63 8.42 -9.81
N PRO A 17 1.86 9.51 -9.66
CA PRO A 17 0.54 9.59 -10.23
C PRO A 17 0.51 9.23 -11.72
N SER A 18 0.03 8.02 -11.93
CA SER A 18 -0.12 7.45 -13.25
C SER A 18 -1.51 6.83 -13.37
N PRO A 19 -1.93 6.41 -14.57
CA PRO A 19 -3.21 5.70 -14.75
C PRO A 19 -3.43 4.67 -13.65
N PHE A 20 -4.67 4.56 -13.20
CA PHE A 20 -5.03 3.64 -12.15
C PHE A 20 -4.70 2.20 -12.55
N TYR A 21 -4.81 1.89 -13.84
CA TYR A 21 -4.54 0.55 -14.31
C TYR A 21 -3.06 0.32 -14.49
N ASN A 22 -2.28 1.39 -14.39
CA ASN A 22 -0.84 1.25 -14.26
C ASN A 22 -0.55 0.54 -12.96
N PRO A 23 0.22 -0.54 -13.04
CA PRO A 23 0.51 -1.41 -11.90
C PRO A 23 1.37 -0.73 -10.85
N PHE A 24 1.11 -1.09 -9.59
CA PHE A 24 1.85 -0.57 -8.45
C PHE A 24 3.30 -0.75 -8.69
N GLN A 25 4.06 0.27 -8.39
CA GLN A 25 5.45 0.28 -8.74
C GLN A 25 6.25 0.89 -7.63
N PHE A 26 6.59 0.08 -6.65
CA PHE A 26 7.38 0.52 -5.52
C PHE A 26 8.82 0.12 -5.73
N GLU A 27 9.72 0.89 -5.20
CA GLU A 27 11.11 0.49 -5.12
C GLU A 27 11.54 0.58 -3.67
N ILE A 28 11.31 -0.51 -2.93
CA ILE A 28 11.56 -0.49 -1.49
C ILE A 28 12.99 -0.88 -1.15
N THR A 29 13.64 -0.01 -0.41
CA THR A 29 14.95 -0.29 0.14
C THR A 29 14.83 -0.62 1.61
N PHE A 30 15.07 -1.88 1.96
CA PHE A 30 14.99 -2.28 3.34
C PHE A 30 16.34 -2.64 3.83
N GLU A 31 16.57 -2.35 5.08
CA GLU A 31 17.82 -2.70 5.69
C GLU A 31 17.61 -3.91 6.51
N CYS A 32 18.23 -4.97 6.11
CA CYS A 32 18.17 -6.15 6.89
C CYS A 32 19.02 -5.89 8.08
N ILE A 33 18.37 -5.87 9.20
CA ILE A 33 19.03 -5.52 10.39
C ILE A 33 19.78 -6.70 10.93
N GLU A 34 19.30 -7.90 10.57
CA GLU A 34 19.95 -9.13 10.96
C GLU A 34 19.63 -10.20 9.94
N ASP A 35 20.59 -11.06 9.66
CA ASP A 35 20.47 -12.05 8.58
C ASP A 35 19.23 -12.91 8.78
N LEU A 36 18.43 -13.04 7.72
CA LEU A 36 17.11 -13.64 7.83
C LEU A 36 17.16 -15.16 7.72
N SER A 37 16.07 -15.78 8.14
CA SER A 37 15.98 -17.22 8.19
C SER A 37 14.96 -17.72 7.18
N GLU A 38 13.86 -17.00 7.08
CA GLU A 38 12.74 -17.39 6.25
C GLU A 38 12.43 -16.29 5.26
N ASP A 39 11.27 -16.40 4.60
CA ASP A 39 10.92 -15.46 3.57
C ASP A 39 10.18 -14.30 4.18
N LEU A 40 10.58 -13.16 3.74
CA LEU A 40 9.93 -11.91 4.02
C LEU A 40 8.73 -11.77 3.15
N GLU A 41 7.68 -11.20 3.67
CA GLU A 41 6.52 -10.91 2.85
C GLU A 41 6.31 -9.41 2.78
N TRP A 42 6.05 -8.93 1.59
CA TRP A 42 5.61 -7.56 1.40
C TRP A 42 4.30 -7.60 0.68
N LYS A 43 3.29 -6.98 1.21
CA LYS A 43 2.00 -7.05 0.59
C LYS A 43 1.47 -5.67 0.27
N ILE A 44 0.79 -5.58 -0.85
CA ILE A 44 0.15 -4.34 -1.24
C ILE A 44 -1.34 -4.44 -0.99
N ILE A 45 -1.81 -3.73 0.02
CA ILE A 45 -3.22 -3.73 0.32
C ILE A 45 -3.82 -2.40 -0.09
N TYR A 46 -4.62 -2.45 -1.13
CA TYR A 46 -5.28 -1.28 -1.63
C TYR A 46 -6.61 -1.12 -0.95
N VAL A 47 -6.71 -0.12 -0.10
CA VAL A 47 -7.94 0.12 0.63
C VAL A 47 -9.03 0.62 -0.32
N GLY A 48 -9.86 -0.28 -0.79
CA GLY A 48 -10.99 0.15 -1.57
C GLY A 48 -12.01 0.81 -0.68
N SER A 49 -12.08 0.34 0.54
CA SER A 49 -13.01 0.85 1.50
C SER A 49 -12.46 2.01 2.30
N ALA A 50 -12.42 3.17 1.67
CA ALA A 50 -12.30 4.41 2.41
C ALA A 50 -13.68 4.82 2.91
N GLU A 51 -14.67 4.11 2.37
CA GLU A 51 -16.05 4.26 2.80
C GLU A 51 -16.43 3.11 3.74
N SER A 52 -16.07 1.89 3.36
CA SER A 52 -16.33 0.74 4.19
C SER A 52 -15.04 0.30 4.89
N GLU A 53 -14.90 -0.99 5.11
CA GLU A 53 -13.65 -1.55 5.63
C GLU A 53 -13.49 -3.00 5.19
N GLU A 54 -14.35 -3.42 4.27
CA GLU A 54 -14.33 -4.78 3.75
C GLU A 54 -13.61 -4.85 2.42
N TYR A 55 -13.28 -3.70 1.86
CA TYR A 55 -12.81 -3.64 0.47
C TYR A 55 -11.28 -3.63 0.35
N ASP A 56 -10.58 -3.72 1.48
CA ASP A 56 -9.14 -3.90 1.44
C ASP A 56 -8.75 -5.04 0.48
N GLN A 57 -8.23 -4.65 -0.68
CA GLN A 57 -7.78 -5.62 -1.67
C GLN A 57 -6.28 -5.87 -1.55
N VAL A 58 -5.83 -6.95 -2.16
CA VAL A 58 -4.48 -7.42 -2.06
C VAL A 58 -3.95 -7.70 -3.45
N LEU A 59 -2.99 -6.89 -3.85
CA LEU A 59 -2.47 -6.97 -5.19
C LEU A 59 -1.43 -8.06 -5.31
N ASP A 60 -0.42 -7.99 -4.48
CA ASP A 60 0.63 -8.97 -4.50
C ASP A 60 1.30 -9.05 -3.15
N SER A 61 1.87 -10.19 -2.82
CA SER A 61 2.65 -10.34 -1.63
C SER A 61 3.93 -11.06 -2.02
N VAL A 62 5.02 -10.34 -1.99
CA VAL A 62 6.26 -10.82 -2.54
C VAL A 62 7.13 -11.39 -1.44
N LEU A 63 7.71 -12.54 -1.71
CA LEU A 63 8.51 -13.19 -0.72
C LEU A 63 9.98 -13.04 -1.06
N VAL A 64 10.64 -12.14 -0.35
CA VAL A 64 12.08 -11.98 -0.45
C VAL A 64 12.69 -12.88 0.62
N GLY A 65 13.69 -13.67 0.26
CA GLY A 65 14.08 -14.75 1.11
C GLY A 65 14.91 -14.32 2.27
N PRO A 66 15.67 -15.24 2.87
CA PRO A 66 16.59 -14.86 3.91
C PRO A 66 17.64 -13.94 3.32
N VAL A 67 17.63 -12.72 3.79
CA VAL A 67 18.48 -11.71 3.24
C VAL A 67 19.56 -11.33 4.25
N PRO A 68 20.75 -11.00 3.74
CA PRO A 68 21.86 -10.55 4.56
C PRO A 68 21.65 -9.15 5.08
N ALA A 69 21.96 -8.93 6.36
CA ALA A 69 21.90 -7.61 6.96
C ALA A 69 22.58 -6.58 6.07
N GLY A 70 21.96 -5.43 5.98
CA GLY A 70 22.42 -4.40 5.09
C GLY A 70 21.26 -3.92 4.25
N ARG A 71 21.13 -2.63 4.11
CA ARG A 71 20.02 -2.11 3.34
C ARG A 71 20.26 -2.26 1.86
N HIS A 72 19.25 -2.79 1.22
CA HIS A 72 19.28 -3.07 -0.18
C HIS A 72 17.87 -2.97 -0.74
N MET A 73 17.77 -2.46 -1.95
CA MET A 73 16.48 -2.20 -2.55
C MET A 73 16.00 -3.37 -3.39
N PHE A 74 14.68 -3.53 -3.39
CA PHE A 74 13.99 -4.47 -4.24
C PHE A 74 12.81 -3.74 -4.84
N VAL A 75 12.28 -4.24 -5.92
CA VAL A 75 11.26 -3.52 -6.62
C VAL A 75 9.96 -4.31 -6.66
N PHE A 76 8.87 -3.59 -6.47
CA PHE A 76 7.57 -4.15 -6.18
C PHE A 76 6.57 -3.71 -7.24
N GLN A 77 5.89 -4.65 -7.88
CA GLN A 77 4.89 -4.28 -8.87
C GLN A 77 3.71 -5.23 -8.83
N ALA A 78 2.55 -4.70 -9.15
CA ALA A 78 1.30 -5.47 -9.19
C ALA A 78 0.19 -4.62 -9.80
N ASP A 79 -0.51 -5.15 -10.80
CA ASP A 79 -1.54 -4.38 -11.47
C ASP A 79 -2.65 -3.99 -10.50
N ALA A 80 -3.49 -3.05 -10.91
CA ALA A 80 -4.46 -2.42 -10.05
C ALA A 80 -5.45 -3.40 -9.44
N PRO A 81 -6.11 -2.96 -8.36
CA PRO A 81 -7.17 -3.71 -7.68
C PRO A 81 -8.41 -3.84 -8.55
N ASN A 82 -9.42 -4.53 -8.04
CA ASN A 82 -10.68 -4.68 -8.75
C ASN A 82 -11.45 -3.38 -8.73
N PRO A 83 -11.70 -2.85 -9.93
CA PRO A 83 -12.45 -1.62 -10.11
C PRO A 83 -13.88 -1.73 -9.61
N GLY A 84 -14.37 -2.96 -9.48
CA GLY A 84 -15.70 -3.19 -9.00
C GLY A 84 -15.75 -3.25 -7.48
N LEU A 85 -14.59 -3.27 -6.84
CA LEU A 85 -14.55 -3.35 -5.38
C LEU A 85 -14.44 -1.98 -4.77
N ILE A 86 -13.91 -1.03 -5.52
CA ILE A 86 -13.82 0.33 -5.02
C ILE A 86 -15.16 1.05 -5.11
N PRO A 87 -15.59 1.63 -3.99
CA PRO A 87 -16.74 2.51 -3.95
C PRO A 87 -16.41 3.92 -4.45
N ASP A 88 -17.44 4.67 -4.76
CA ASP A 88 -17.35 6.01 -5.32
C ASP A 88 -16.33 6.90 -4.63
N ALA A 89 -16.47 7.07 -3.33
CA ALA A 89 -15.74 8.12 -2.64
C ALA A 89 -14.28 7.79 -2.46
N ASP A 90 -13.96 6.51 -2.55
CA ASP A 90 -12.58 6.07 -2.47
C ASP A 90 -11.94 6.17 -3.84
N ALA A 91 -12.72 5.92 -4.88
CA ALA A 91 -12.20 5.80 -6.21
C ALA A 91 -11.89 7.16 -6.82
N VAL A 92 -12.76 8.11 -6.62
CA VAL A 92 -12.53 9.44 -7.13
C VAL A 92 -12.10 10.41 -6.04
N GLY A 93 -11.13 9.95 -5.25
CA GLY A 93 -10.75 10.63 -4.03
C GLY A 93 -9.52 10.01 -3.40
N VAL A 94 -9.70 9.55 -2.19
CA VAL A 94 -8.61 9.06 -1.38
C VAL A 94 -8.70 7.57 -1.14
N THR A 95 -7.52 6.96 -1.17
CA THR A 95 -7.32 5.58 -0.91
C THR A 95 -6.00 5.50 -0.17
N VAL A 96 -5.71 4.37 0.39
CA VAL A 96 -4.40 4.12 0.93
C VAL A 96 -3.90 2.76 0.52
N VAL A 97 -2.63 2.69 0.17
CA VAL A 97 -2.08 1.44 -0.24
C VAL A 97 -0.96 1.11 0.71
N LEU A 98 -1.24 0.17 1.59
CA LEU A 98 -0.32 -0.13 2.64
C LEU A 98 0.47 -1.37 2.32
N ILE A 99 1.76 -1.26 2.49
CA ILE A 99 2.63 -2.38 2.26
C ILE A 99 2.96 -3.02 3.58
N THR A 100 2.18 -4.01 3.93
CA THR A 100 2.36 -4.69 5.17
C THR A 100 3.28 -5.86 4.97
N CYS A 101 4.44 -5.78 5.56
CA CYS A 101 5.31 -6.91 5.55
C CYS A 101 4.85 -7.95 6.55
N THR A 102 5.24 -9.18 6.32
CA THR A 102 4.72 -10.30 7.06
C THR A 102 5.79 -11.37 7.11
N TYR A 103 6.37 -11.57 8.25
CA TYR A 103 7.40 -12.56 8.38
C TYR A 103 7.03 -13.50 9.52
N ARG A 104 7.14 -14.80 9.27
CA ARG A 104 6.79 -15.83 10.26
C ARG A 104 5.30 -15.85 10.55
N GLY A 105 4.53 -15.17 9.72
CA GLY A 105 3.09 -15.24 9.82
C GLY A 105 2.51 -14.04 10.53
N GLN A 106 3.39 -13.15 10.99
CA GLN A 106 2.96 -11.93 11.63
C GLN A 106 3.51 -10.72 10.86
N GLU A 107 2.77 -9.62 10.89
CA GLU A 107 3.06 -8.48 10.02
C GLU A 107 3.89 -7.43 10.76
N PHE A 108 4.94 -6.91 10.11
CA PHE A 108 5.90 -6.05 10.80
C PHE A 108 6.03 -4.64 10.23
N ILE A 109 5.35 -4.32 9.15
CA ILE A 109 5.33 -2.95 8.68
C ILE A 109 4.09 -2.73 7.86
N ARG A 110 3.73 -1.49 7.70
CA ARG A 110 2.59 -1.12 6.91
C ARG A 110 2.80 0.29 6.37
N VAL A 111 3.22 0.43 5.13
CA VAL A 111 3.35 1.78 4.58
C VAL A 111 2.02 2.19 3.98
N GLY A 112 1.27 3.02 4.67
CA GLY A 112 0.02 3.44 4.13
C GLY A 112 0.19 4.65 3.27
N TYR A 113 0.48 4.38 2.02
CA TYR A 113 0.59 5.41 1.03
C TYR A 113 -0.76 5.90 0.67
N TYR A 114 -1.04 7.13 0.96
CA TYR A 114 -2.29 7.69 0.54
C TYR A 114 -2.29 7.78 -0.96
N VAL A 115 -3.12 7.01 -1.62
CA VAL A 115 -3.16 7.05 -3.05
C VAL A 115 -4.41 7.80 -3.45
N ASN A 116 -4.16 8.97 -4.00
CA ASN A 116 -5.23 9.90 -4.33
C ASN A 116 -5.62 9.74 -5.77
N ASN A 117 -6.83 9.28 -6.00
CA ASN A 117 -7.25 8.91 -7.31
C ASN A 117 -7.96 10.07 -7.97
N GLU A 118 -7.32 10.65 -8.94
CA GLU A 118 -7.81 11.83 -9.59
C GLU A 118 -7.85 11.59 -11.08
N TYR A 119 -9.01 11.78 -11.67
CA TYR A 119 -9.17 11.69 -13.12
C TYR A 119 -8.02 12.29 -13.91
N THR A 120 -7.79 11.72 -15.08
CA THR A 120 -6.66 12.08 -15.91
C THR A 120 -7.06 13.24 -16.79
N GLU A 121 -8.33 13.23 -17.15
CA GLU A 121 -8.87 14.29 -17.95
C GLU A 121 -9.35 15.42 -17.05
N THR A 122 -8.86 16.62 -17.33
CA THR A 122 -9.05 17.77 -16.45
C THR A 122 -10.52 18.04 -16.19
N GLU A 123 -11.38 17.73 -17.15
CA GLU A 123 -12.81 17.95 -17.02
C GLU A 123 -13.39 17.01 -15.99
N LEU A 124 -12.88 15.80 -16.00
CA LEU A 124 -13.35 14.76 -15.11
C LEU A 124 -12.92 15.05 -13.69
N ARG A 125 -11.83 15.80 -13.55
CA ARG A 125 -11.34 16.20 -12.23
C ARG A 125 -12.25 17.27 -11.68
N GLU A 126 -12.70 18.12 -12.58
CA GLU A 126 -13.61 19.21 -12.24
C GLU A 126 -14.96 18.67 -11.80
N ASN A 127 -15.39 17.61 -12.44
CA ASN A 127 -16.67 17.00 -12.10
C ASN A 127 -16.58 15.48 -12.21
N PRO A 128 -16.17 14.81 -11.12
CA PRO A 128 -16.16 13.35 -11.05
C PRO A 128 -17.51 12.79 -11.41
N PRO A 129 -17.57 12.04 -12.52
CA PRO A 129 -18.80 11.38 -12.96
C PRO A 129 -19.44 10.56 -11.85
N VAL A 130 -20.69 10.21 -12.05
CA VAL A 130 -21.54 9.65 -11.01
C VAL A 130 -20.85 8.48 -10.35
N LYS A 131 -20.40 7.55 -11.16
CA LYS A 131 -19.60 6.47 -10.67
C LYS A 131 -18.21 6.49 -11.28
N PRO A 132 -17.22 6.61 -10.40
CA PRO A 132 -15.79 6.65 -10.71
C PRO A 132 -15.39 5.79 -11.89
N ASP A 133 -14.62 6.38 -12.80
CA ASP A 133 -14.10 5.66 -13.95
C ASP A 133 -12.62 5.39 -13.73
N PHE A 134 -12.30 4.13 -13.50
CA PHE A 134 -10.97 3.74 -13.04
C PHE A 134 -9.94 3.78 -14.17
N SER A 135 -10.43 3.81 -15.39
CA SER A 135 -9.56 3.93 -16.56
C SER A 135 -9.20 5.39 -16.84
N LYS A 136 -10.05 6.29 -16.41
CA LYS A 136 -9.77 7.73 -16.51
C LYS A 136 -9.19 8.18 -15.22
N LEU A 137 -8.94 7.23 -14.36
CA LEU A 137 -8.51 7.52 -13.03
C LEU A 137 -7.00 7.52 -12.99
N GLN A 138 -6.44 8.58 -12.46
CA GLN A 138 -5.00 8.70 -12.31
C GLN A 138 -4.66 8.66 -10.84
N ARG A 139 -3.97 7.63 -10.42
CA ARG A 139 -3.70 7.47 -9.01
C ARG A 139 -2.39 8.14 -8.63
N ASN A 140 -2.52 9.20 -7.87
CA ASN A 140 -1.38 9.89 -7.30
C ASN A 140 -1.00 9.25 -5.99
N ILE A 141 -0.02 8.40 -6.04
CA ILE A 141 0.47 7.75 -4.84
C ILE A 141 1.25 8.79 -4.05
N LEU A 142 0.63 9.33 -3.01
CA LEU A 142 1.23 10.39 -2.20
C LEU A 142 2.48 9.89 -1.51
N ALA A 143 3.59 10.05 -2.20
CA ALA A 143 4.88 9.64 -1.68
C ALA A 143 5.38 10.67 -0.68
N SER A 144 4.68 11.79 -0.64
CA SER A 144 4.92 12.82 0.36
C SER A 144 4.25 12.43 1.67
N ASN A 145 3.35 11.45 1.61
CA ASN A 145 2.65 10.97 2.78
C ASN A 145 2.75 9.45 2.90
N PRO A 146 3.96 8.90 3.13
CA PRO A 146 4.13 7.50 3.45
C PRO A 146 3.88 7.25 4.93
N ARG A 147 2.73 6.67 5.23
CA ARG A 147 2.38 6.39 6.60
C ARG A 147 2.99 5.07 7.03
N VAL A 148 4.26 5.11 7.41
CA VAL A 148 4.98 3.90 7.79
C VAL A 148 4.64 3.47 9.22
N THR A 149 3.87 2.41 9.35
CA THR A 149 3.63 1.82 10.65
C THR A 149 4.32 0.47 10.75
N ARG A 150 5.40 0.42 11.48
CA ARG A 150 6.19 -0.78 11.55
C ARG A 150 6.12 -1.37 12.94
N PHE A 151 5.70 -2.62 12.99
CA PHE A 151 5.42 -3.29 14.24
C PHE A 151 6.61 -4.18 14.63
N HIS A 152 6.60 -4.68 15.85
CA HIS A 152 7.69 -5.52 16.33
C HIS A 152 7.25 -6.96 16.36
N ILE A 153 7.83 -7.77 15.49
CA ILE A 153 7.41 -9.15 15.34
C ILE A 153 8.56 -10.07 15.69
N ASN A 154 8.27 -11.35 15.74
CA ASN A 154 9.26 -12.33 16.09
C ASN A 154 9.74 -13.03 14.84
N TRP A 155 10.86 -12.54 14.38
CA TRP A 155 11.54 -13.05 13.21
C TRP A 155 12.08 -14.45 13.50
N GLU A 156 11.81 -14.89 14.71
CA GLU A 156 12.36 -16.12 15.22
C GLU A 156 11.27 -16.88 15.92
N ASP A 157 11.64 -17.89 16.65
CA ASP A 157 10.67 -18.60 17.47
C ASP A 157 10.73 -18.07 18.89
N ASN A 158 10.23 -16.85 19.06
CA ASN A 158 10.25 -16.17 20.35
C ASN A 158 8.83 -16.03 20.88
N GLY B 1 -21.47 3.36 5.00
CA GLY B 1 -20.48 4.33 4.45
C GLY B 1 -19.71 5.00 5.56
N ALA B 2 -19.08 6.13 5.26
CA ALA B 2 -18.30 6.84 6.27
C ALA B 2 -17.95 8.24 5.81
N MET B 3 -18.18 9.21 6.68
CA MET B 3 -17.73 10.58 6.45
C MET B 3 -16.29 10.72 6.90
N GLY B 4 -15.54 11.56 6.19
CA GLY B 4 -14.13 11.71 6.49
C GLY B 4 -13.35 10.44 6.17
N LYS B 5 -12.77 10.38 4.98
CA LYS B 5 -12.02 9.20 4.58
C LYS B 5 -10.68 9.14 5.29
N ASP B 6 -10.08 10.30 5.48
CA ASP B 6 -8.82 10.43 6.24
C ASP B 6 -8.75 9.47 7.44
N ILE B 7 -9.76 9.49 8.31
CA ILE B 7 -9.75 8.63 9.50
C ILE B 7 -9.96 7.16 9.11
N GLN B 8 -10.68 6.93 8.02
CA GLN B 8 -10.88 5.58 7.51
C GLN B 8 -9.57 4.97 7.04
N LEU B 9 -8.85 5.70 6.21
CA LEU B 9 -7.56 5.24 5.73
C LEU B 9 -6.60 5.12 6.91
N ALA B 10 -6.65 6.08 7.82
CA ALA B 10 -5.78 6.09 8.99
C ALA B 10 -6.04 4.91 9.92
N ARG B 11 -7.31 4.55 10.10
CA ARG B 11 -7.63 3.42 10.97
C ARG B 11 -7.15 2.12 10.32
N ARG B 12 -7.05 2.12 9.01
CA ARG B 12 -6.47 0.98 8.32
C ARG B 12 -4.95 1.07 8.41
N ILE B 13 -4.45 2.28 8.52
CA ILE B 13 -3.04 2.49 8.83
C ILE B 13 -2.82 2.25 10.33
N ARG B 14 -3.88 1.86 11.02
CA ARG B 14 -3.76 1.43 12.39
C ARG B 14 -3.75 -0.10 12.50
N GLY B 15 -4.53 -0.79 11.65
CA GLY B 15 -4.67 -2.23 11.83
C GLY B 15 -5.15 -2.99 10.60
N GLU B 16 -4.92 -2.43 9.41
CA GLU B 16 -5.26 -3.12 8.16
C GLU B 16 -4.26 -4.23 7.83
N ARG B 17 -3.18 -4.28 8.63
CA ARG B 17 -2.14 -5.31 8.54
C ARG B 17 -2.62 -6.62 7.92
N ALA B 18 -3.70 -7.14 8.47
CA ALA B 18 -4.32 -8.37 8.00
C ALA B 18 -5.69 -8.54 8.64
N MET A 3 12.51 -3.32 13.62
CA MET A 3 12.70 -4.01 14.91
C MET A 3 13.98 -4.84 14.90
N ALA A 4 13.87 -6.11 14.54
CA ALA A 4 15.00 -7.01 14.69
C ALA A 4 15.74 -7.24 13.38
N LYS A 5 15.09 -7.86 12.41
CA LYS A 5 15.77 -8.34 11.22
C LYS A 5 15.59 -7.44 10.00
N VAL A 6 14.55 -6.59 9.98
CA VAL A 6 14.29 -5.78 8.78
C VAL A 6 13.65 -4.44 9.10
N GLN A 7 14.03 -3.45 8.31
CA GLN A 7 13.40 -2.15 8.28
C GLN A 7 13.38 -1.64 6.84
N VAL A 8 12.24 -1.35 6.25
CA VAL A 8 12.29 -0.69 4.96
C VAL A 8 12.55 0.79 5.17
N ASN A 9 13.68 1.18 4.64
CA ASN A 9 14.23 2.50 4.85
C ASN A 9 13.65 3.42 3.80
N ASN A 10 14.13 3.25 2.58
CA ASN A 10 13.65 4.09 1.51
C ASN A 10 12.76 3.31 0.60
N VAL A 11 11.51 3.63 0.63
CA VAL A 11 10.60 3.09 -0.34
C VAL A 11 10.44 4.10 -1.47
N VAL A 12 11.14 3.88 -2.57
CA VAL A 12 11.05 4.82 -3.67
C VAL A 12 9.94 4.40 -4.63
N VAL A 13 8.79 5.03 -4.45
CA VAL A 13 7.62 4.70 -5.23
C VAL A 13 7.74 5.28 -6.62
N LEU A 14 7.50 4.42 -7.57
CA LEU A 14 7.60 4.75 -8.97
C LEU A 14 6.22 5.00 -9.50
N ASP A 15 5.32 4.21 -8.97
CA ASP A 15 3.88 4.29 -9.21
C ASP A 15 3.28 5.61 -8.72
N ASN A 16 4.00 6.67 -8.93
CA ASN A 16 3.51 8.01 -8.71
C ASN A 16 2.66 8.43 -9.90
N PRO A 17 1.96 9.58 -9.83
CA PRO A 17 0.67 9.71 -10.48
C PRO A 17 0.68 9.35 -11.94
N SER A 18 0.14 8.16 -12.18
CA SER A 18 -0.02 7.62 -13.52
C SER A 18 -1.44 7.04 -13.65
N PRO A 19 -1.88 6.69 -14.88
CA PRO A 19 -3.13 5.96 -15.09
C PRO A 19 -3.35 4.91 -14.03
N PHE A 20 -4.54 4.87 -13.46
CA PHE A 20 -4.84 3.96 -12.37
C PHE A 20 -4.64 2.50 -12.76
N TYR A 21 -4.59 2.22 -14.06
CA TYR A 21 -4.41 0.85 -14.52
C TYR A 21 -2.93 0.46 -14.54
N ASN A 22 -2.05 1.40 -14.22
CA ASN A 22 -0.67 1.07 -13.91
C ASN A 22 -0.65 0.16 -12.69
N PRO A 23 0.26 -0.80 -12.65
CA PRO A 23 0.44 -1.67 -11.49
C PRO A 23 1.34 -1.01 -10.44
N PHE A 24 0.94 -1.10 -9.16
CA PHE A 24 1.66 -0.47 -8.05
C PHE A 24 3.13 -0.79 -8.09
N GLN A 25 3.92 0.23 -8.35
CA GLN A 25 5.34 0.07 -8.51
C GLN A 25 6.08 0.74 -7.36
N PHE A 26 6.57 -0.07 -6.45
CA PHE A 26 7.41 0.40 -5.39
C PHE A 26 8.82 -0.08 -5.63
N GLU A 27 9.79 0.66 -5.20
CA GLU A 27 11.14 0.17 -5.17
C GLU A 27 11.63 0.29 -3.73
N ILE A 28 11.35 -0.74 -2.94
CA ILE A 28 11.63 -0.70 -1.52
C ILE A 28 13.09 -0.99 -1.22
N THR A 29 13.63 -0.23 -0.31
CA THR A 29 14.98 -0.45 0.18
C THR A 29 14.91 -0.81 1.64
N PHE A 30 15.09 -2.08 1.99
CA PHE A 30 15.07 -2.45 3.38
C PHE A 30 16.45 -2.74 3.84
N GLU A 31 16.71 -2.43 5.08
CA GLU A 31 17.96 -2.76 5.66
C GLU A 31 17.74 -3.98 6.46
N CYS A 32 18.38 -5.03 6.04
CA CYS A 32 18.32 -6.24 6.75
C CYS A 32 19.16 -6.01 7.98
N ILE A 33 18.45 -5.77 9.05
CA ILE A 33 19.09 -5.50 10.29
C ILE A 33 19.84 -6.73 10.75
N GLU A 34 19.29 -7.90 10.43
CA GLU A 34 19.96 -9.15 10.73
C GLU A 34 19.71 -10.13 9.58
N ASP A 35 20.27 -11.32 9.71
CA ASP A 35 20.03 -12.36 8.72
C ASP A 35 18.63 -12.93 8.87
N LEU A 36 17.92 -12.97 7.77
CA LEU A 36 16.58 -13.50 7.76
C LEU A 36 16.58 -15.00 7.50
N SER A 37 15.61 -15.67 8.06
CA SER A 37 15.49 -17.12 7.97
C SER A 37 14.24 -17.51 7.19
N GLU A 38 13.19 -16.75 7.41
CA GLU A 38 11.90 -16.99 6.77
C GLU A 38 11.72 -15.92 5.70
N ASP A 39 10.55 -15.83 5.10
CA ASP A 39 10.36 -14.94 3.99
C ASP A 39 9.68 -13.68 4.43
N LEU A 40 10.11 -12.59 3.84
CA LEU A 40 9.48 -11.32 4.03
C LEU A 40 8.28 -11.25 3.12
N GLU A 41 7.11 -11.07 3.68
CA GLU A 41 5.92 -11.03 2.82
C GLU A 41 5.45 -9.61 2.64
N TRP A 42 5.98 -8.94 1.63
CA TRP A 42 5.57 -7.57 1.31
C TRP A 42 4.31 -7.64 0.52
N LYS A 43 3.28 -7.04 1.05
CA LYS A 43 2.00 -7.09 0.41
C LYS A 43 1.46 -5.71 0.21
N ILE A 44 0.84 -5.47 -0.93
CA ILE A 44 0.26 -4.18 -1.21
C ILE A 44 -1.23 -4.27 -1.03
N ILE A 45 -1.70 -3.66 0.02
CA ILE A 45 -3.11 -3.70 0.33
C ILE A 45 -3.75 -2.37 0.05
N TYR A 46 -4.51 -2.35 -1.02
CA TYR A 46 -5.20 -1.16 -1.44
C TYR A 46 -6.52 -1.06 -0.73
N VAL A 47 -6.72 -0.01 0.02
CA VAL A 47 -8.01 0.23 0.65
C VAL A 47 -9.09 0.30 -0.44
N GLY A 48 -9.83 -0.79 -0.59
CA GLY A 48 -10.87 -0.85 -1.59
C GLY A 48 -11.95 0.16 -1.31
N SER A 49 -12.40 0.20 -0.07
CA SER A 49 -13.32 1.20 0.34
C SER A 49 -12.83 1.90 1.59
N ALA A 50 -12.81 3.20 1.50
CA ALA A 50 -12.56 4.04 2.65
C ALA A 50 -13.89 4.27 3.36
N GLU A 51 -14.93 3.70 2.77
CA GLU A 51 -16.26 3.77 3.31
C GLU A 51 -16.49 2.53 4.16
N SER A 52 -15.96 1.41 3.68
CA SER A 52 -15.94 0.18 4.43
C SER A 52 -14.57 -0.48 4.34
N GLU A 53 -13.98 -0.66 5.49
CA GLU A 53 -12.62 -1.18 5.63
C GLU A 53 -12.51 -2.62 5.14
N GLU A 54 -13.66 -3.26 4.94
CA GLU A 54 -13.74 -4.66 4.57
C GLU A 54 -13.37 -4.90 3.12
N TYR A 55 -13.01 -3.83 2.43
CA TYR A 55 -12.69 -3.91 1.01
C TYR A 55 -11.20 -3.84 0.73
N ASP A 56 -10.38 -3.68 1.77
CA ASP A 56 -8.94 -3.61 1.58
C ASP A 56 -8.41 -4.81 0.77
N GLN A 57 -7.99 -4.52 -0.44
CA GLN A 57 -7.60 -5.52 -1.44
C GLN A 57 -6.12 -5.83 -1.38
N VAL A 58 -5.73 -6.85 -2.11
CA VAL A 58 -4.37 -7.37 -2.07
C VAL A 58 -3.88 -7.54 -3.50
N LEU A 59 -2.99 -6.66 -3.90
CA LEU A 59 -2.50 -6.64 -5.26
C LEU A 59 -1.51 -7.77 -5.51
N ASP A 60 -0.64 -8.00 -4.53
CA ASP A 60 0.31 -9.10 -4.59
C ASP A 60 1.10 -9.14 -3.29
N SER A 61 1.88 -10.18 -3.09
CA SER A 61 2.70 -10.31 -1.93
C SER A 61 3.99 -11.03 -2.34
N VAL A 62 5.09 -10.33 -2.18
CA VAL A 62 6.37 -10.83 -2.64
C VAL A 62 7.14 -11.40 -1.48
N LEU A 63 7.72 -12.57 -1.69
CA LEU A 63 8.44 -13.23 -0.63
C LEU A 63 9.94 -13.19 -0.88
N VAL A 64 10.64 -12.33 -0.16
CA VAL A 64 12.09 -12.29 -0.18
C VAL A 64 12.56 -12.55 1.23
N GLY A 65 13.12 -13.72 1.49
CA GLY A 65 13.28 -14.12 2.84
C GLY A 65 14.66 -13.96 3.34
N PRO A 66 15.39 -15.07 3.45
CA PRO A 66 16.77 -15.02 3.86
C PRO A 66 17.52 -13.93 3.16
N VAL A 67 17.92 -12.98 3.95
CA VAL A 67 18.65 -11.87 3.46
C VAL A 67 19.71 -11.48 4.48
N PRO A 68 20.98 -11.47 4.07
CA PRO A 68 22.08 -11.05 4.92
C PRO A 68 21.96 -9.58 5.24
N ALA A 69 22.06 -9.24 6.53
CA ALA A 69 22.04 -7.85 6.98
C ALA A 69 22.73 -6.91 6.01
N GLY A 70 22.08 -5.81 5.72
CA GLY A 70 22.57 -4.93 4.70
C GLY A 70 21.44 -4.18 4.08
N ARG A 71 21.48 -2.89 4.23
CA ARG A 71 20.50 -2.04 3.63
C ARG A 71 20.60 -2.06 2.12
N HIS A 72 19.57 -2.63 1.52
CA HIS A 72 19.56 -2.87 0.08
C HIS A 72 18.15 -2.72 -0.48
N MET A 73 18.06 -2.52 -1.78
CA MET A 73 16.80 -2.24 -2.41
C MET A 73 16.34 -3.36 -3.35
N PHE A 74 15.04 -3.61 -3.32
CA PHE A 74 14.37 -4.51 -4.24
C PHE A 74 13.17 -3.80 -4.80
N VAL A 75 12.67 -4.28 -5.91
CA VAL A 75 11.63 -3.59 -6.58
C VAL A 75 10.39 -4.46 -6.69
N PHE A 76 9.26 -3.84 -6.45
CA PHE A 76 8.04 -4.54 -6.10
C PHE A 76 6.84 -3.92 -6.79
N GLN A 77 6.15 -4.71 -7.58
CA GLN A 77 5.03 -4.21 -8.37
C GLN A 77 3.88 -5.22 -8.30
N ALA A 78 2.68 -4.75 -8.55
CA ALA A 78 1.50 -5.60 -8.54
C ALA A 78 0.39 -4.90 -9.29
N ASP A 79 -0.62 -5.62 -9.76
CA ASP A 79 -1.65 -5.04 -10.63
C ASP A 79 -2.38 -3.85 -9.99
N ALA A 80 -3.31 -3.27 -10.73
CA ALA A 80 -4.14 -2.19 -10.26
C ALA A 80 -5.29 -2.73 -9.44
N PRO A 81 -5.77 -1.93 -8.49
CA PRO A 81 -6.90 -2.28 -7.61
C PRO A 81 -8.15 -2.70 -8.36
N ASN A 82 -8.95 -3.50 -7.69
CA ASN A 82 -10.16 -4.03 -8.28
C ASN A 82 -11.20 -2.94 -8.41
N PRO A 83 -11.53 -2.59 -9.66
CA PRO A 83 -12.50 -1.55 -9.96
C PRO A 83 -13.89 -1.93 -9.50
N GLY A 84 -14.12 -3.22 -9.33
CA GLY A 84 -15.41 -3.70 -8.84
C GLY A 84 -15.44 -3.79 -7.33
N LEU A 85 -14.38 -3.34 -6.68
CA LEU A 85 -14.30 -3.35 -5.23
C LEU A 85 -14.29 -1.93 -4.67
N ILE A 86 -13.93 -0.97 -5.49
CA ILE A 86 -13.96 0.41 -5.05
C ILE A 86 -15.34 1.03 -5.20
N PRO A 87 -15.83 1.65 -4.13
CA PRO A 87 -17.06 2.42 -4.17
C PRO A 87 -16.84 3.82 -4.75
N ASP A 88 -17.92 4.41 -5.22
CA ASP A 88 -17.91 5.75 -5.79
C ASP A 88 -17.14 6.75 -4.94
N ALA A 89 -17.45 6.79 -3.65
CA ALA A 89 -16.94 7.86 -2.79
C ALA A 89 -15.44 7.77 -2.58
N ASP A 90 -14.91 6.56 -2.61
CA ASP A 90 -13.53 6.34 -2.26
C ASP A 90 -12.62 6.34 -3.49
N ALA A 91 -13.20 6.18 -4.67
CA ALA A 91 -12.39 6.06 -5.87
C ALA A 91 -11.84 7.40 -6.33
N VAL A 92 -12.71 8.39 -6.36
CA VAL A 92 -12.41 9.65 -6.97
C VAL A 92 -11.85 10.67 -5.99
N GLY A 93 -10.88 10.21 -5.21
CA GLY A 93 -10.40 10.96 -4.07
C GLY A 93 -9.20 10.30 -3.44
N VAL A 94 -9.34 10.01 -2.17
CA VAL A 94 -8.26 9.51 -1.39
C VAL A 94 -8.45 8.06 -1.01
N THR A 95 -7.37 7.35 -1.03
CA THR A 95 -7.31 6.00 -0.58
C THR A 95 -5.91 5.75 -0.08
N VAL A 96 -5.69 4.66 0.58
CA VAL A 96 -4.35 4.29 1.00
C VAL A 96 -4.00 2.90 0.50
N VAL A 97 -2.73 2.68 0.19
CA VAL A 97 -2.29 1.41 -0.23
C VAL A 97 -1.07 1.05 0.62
N LEU A 98 -1.26 0.12 1.54
CA LEU A 98 -0.26 -0.15 2.55
C LEU A 98 0.51 -1.40 2.23
N ILE A 99 1.82 -1.34 2.38
CA ILE A 99 2.64 -2.51 2.17
C ILE A 99 3.03 -3.08 3.49
N THR A 100 2.24 -4.00 3.93
CA THR A 100 2.46 -4.67 5.17
C THR A 100 3.23 -5.93 4.90
N CYS A 101 4.43 -5.97 5.40
CA CYS A 101 5.23 -7.17 5.30
C CYS A 101 4.88 -8.12 6.42
N THR A 102 4.76 -9.37 6.09
CA THR A 102 4.33 -10.39 7.01
C THR A 102 5.43 -11.44 7.19
N TYR A 103 5.97 -11.52 8.39
CA TYR A 103 6.99 -12.49 8.70
C TYR A 103 6.56 -13.26 9.93
N ARG A 104 6.54 -14.59 9.82
CA ARG A 104 6.10 -15.47 10.91
C ARG A 104 4.60 -15.35 11.15
N GLY A 105 3.91 -14.73 10.20
CA GLY A 105 2.47 -14.59 10.31
C GLY A 105 2.11 -13.30 10.99
N GLN A 106 3.15 -12.53 11.28
CA GLN A 106 3.01 -11.24 11.92
C GLN A 106 3.68 -10.17 11.08
N GLU A 107 3.00 -9.08 10.86
CA GLU A 107 3.48 -8.02 10.01
C GLU A 107 4.54 -7.21 10.74
N PHE A 108 5.58 -6.78 10.03
CA PHE A 108 6.68 -6.07 10.69
C PHE A 108 6.83 -4.61 10.24
N ILE A 109 6.28 -4.24 9.10
CA ILE A 109 6.25 -2.85 8.69
C ILE A 109 5.16 -2.66 7.67
N ARG A 110 4.68 -1.45 7.55
CA ARG A 110 3.58 -1.14 6.67
C ARG A 110 3.77 0.24 6.07
N VAL A 111 3.75 0.34 4.76
CA VAL A 111 3.79 1.65 4.16
C VAL A 111 2.39 2.06 3.70
N GLY A 112 1.76 2.90 4.47
CA GLY A 112 0.48 3.43 4.05
C GLY A 112 0.65 4.63 3.17
N TYR A 113 0.93 4.35 1.92
CA TYR A 113 1.01 5.39 0.92
C TYR A 113 -0.37 5.76 0.49
N TYR A 114 -0.69 7.01 0.63
CA TYR A 114 -1.96 7.48 0.15
C TYR A 114 -1.96 7.40 -1.36
N VAL A 115 -2.99 6.81 -1.92
CA VAL A 115 -3.16 6.82 -3.34
C VAL A 115 -4.32 7.73 -3.65
N ASN A 116 -3.99 8.84 -4.26
CA ASN A 116 -4.99 9.86 -4.58
C ASN A 116 -5.42 9.69 -6.02
N ASN A 117 -6.70 9.47 -6.22
CA ASN A 117 -7.18 9.10 -7.53
C ASN A 117 -7.98 10.24 -8.09
N GLU A 118 -7.42 10.84 -9.10
CA GLU A 118 -7.96 12.01 -9.71
C GLU A 118 -8.10 11.75 -11.19
N TYR A 119 -9.31 11.93 -11.70
CA TYR A 119 -9.58 11.82 -13.13
C TYR A 119 -8.47 12.42 -14.00
N THR A 120 -8.26 11.81 -15.14
CA THR A 120 -7.15 12.12 -16.01
C THR A 120 -7.55 13.26 -16.88
N GLU A 121 -8.82 13.26 -17.20
CA GLU A 121 -9.40 14.28 -18.01
C GLU A 121 -9.87 15.40 -17.10
N THR A 122 -9.43 16.61 -17.40
CA THR A 122 -9.71 17.77 -16.58
C THR A 122 -11.21 18.03 -16.46
N GLU A 123 -11.97 17.62 -17.47
CA GLU A 123 -13.42 17.77 -17.45
C GLU A 123 -14.01 16.94 -16.35
N LEU A 124 -13.45 15.76 -16.19
CA LEU A 124 -13.89 14.82 -15.19
C LEU A 124 -13.47 15.28 -13.80
N ARG A 125 -12.37 16.03 -13.72
CA ARG A 125 -11.92 16.62 -12.47
C ARG A 125 -12.80 17.82 -12.14
N GLU A 126 -13.30 18.46 -13.19
CA GLU A 126 -14.22 19.58 -13.07
C GLU A 126 -15.55 19.13 -12.50
N ASN A 127 -16.03 17.99 -12.96
CA ASN A 127 -17.30 17.45 -12.50
C ASN A 127 -17.23 15.92 -12.46
N PRO A 128 -16.63 15.39 -11.39
CA PRO A 128 -16.46 13.94 -11.20
C PRO A 128 -17.78 13.18 -11.34
N PRO A 129 -17.89 12.36 -12.40
CA PRO A 129 -19.04 11.49 -12.60
C PRO A 129 -19.23 10.57 -11.40
N VAL A 130 -20.50 10.47 -10.97
CA VAL A 130 -20.86 9.79 -9.73
C VAL A 130 -20.37 8.35 -9.69
N LYS A 131 -20.41 7.66 -10.82
CA LYS A 131 -19.76 6.37 -10.94
C LYS A 131 -18.35 6.54 -11.45
N PRO A 132 -17.38 6.33 -10.55
CA PRO A 132 -15.96 6.46 -10.81
C PRO A 132 -15.52 5.78 -12.11
N ASP A 133 -14.62 6.43 -12.80
CA ASP A 133 -14.03 5.84 -13.99
C ASP A 133 -12.57 5.54 -13.68
N PHE A 134 -12.28 4.26 -13.53
CA PHE A 134 -10.97 3.81 -13.07
C PHE A 134 -9.94 3.88 -14.19
N SER A 135 -10.42 3.91 -15.42
CA SER A 135 -9.55 4.03 -16.58
C SER A 135 -9.25 5.50 -16.88
N LYS A 136 -10.11 6.39 -16.37
CA LYS A 136 -9.86 7.82 -16.45
C LYS A 136 -9.39 8.29 -15.12
N LEU A 137 -8.96 7.34 -14.33
CA LEU A 137 -8.53 7.62 -13.01
C LEU A 137 -7.02 7.68 -12.98
N GLN A 138 -6.49 8.71 -12.37
CA GLN A 138 -5.06 8.87 -12.26
C GLN A 138 -4.64 8.80 -10.81
N ARG A 139 -3.84 7.82 -10.47
CA ARG A 139 -3.44 7.64 -9.10
C ARG A 139 -2.13 8.34 -8.81
N ASN A 140 -2.24 9.45 -8.11
CA ASN A 140 -1.09 10.12 -7.56
C ASN A 140 -0.76 9.50 -6.22
N ILE A 141 0.19 8.61 -6.25
CA ILE A 141 0.66 7.98 -5.05
C ILE A 141 1.42 9.03 -4.23
N LEU A 142 0.81 9.47 -3.15
CA LEU A 142 1.38 10.53 -2.33
C LEU A 142 2.63 10.05 -1.63
N ALA A 143 3.73 10.17 -2.33
CA ALA A 143 5.01 9.69 -1.84
C ALA A 143 5.57 10.63 -0.79
N SER A 144 4.95 11.80 -0.68
CA SER A 144 5.29 12.76 0.34
C SER A 144 4.46 12.49 1.61
N ASN A 145 3.72 11.38 1.59
CA ASN A 145 2.90 10.99 2.71
C ASN A 145 2.98 9.48 2.94
N PRO A 146 4.17 8.94 3.29
CA PRO A 146 4.32 7.54 3.63
C PRO A 146 3.98 7.28 5.09
N ARG A 147 2.83 6.68 5.33
CA ARG A 147 2.44 6.35 6.67
C ARG A 147 3.05 5.01 7.07
N VAL A 148 4.29 5.07 7.56
CA VAL A 148 5.05 3.88 7.86
C VAL A 148 4.79 3.38 9.29
N THR A 149 4.12 2.25 9.39
CA THR A 149 3.86 1.60 10.67
C THR A 149 4.64 0.30 10.78
N ARG A 150 5.66 0.31 11.61
CA ARG A 150 6.49 -0.86 11.80
C ARG A 150 6.19 -1.50 13.15
N PHE A 151 6.08 -2.82 13.13
CA PHE A 151 5.68 -3.58 14.29
C PHE A 151 6.84 -4.39 14.85
N HIS A 152 6.63 -4.97 16.02
CA HIS A 152 7.60 -5.87 16.62
C HIS A 152 7.11 -7.31 16.49
N ILE A 153 7.89 -8.14 15.82
CA ILE A 153 7.51 -9.51 15.59
C ILE A 153 8.66 -10.44 15.92
N ASN A 154 8.34 -11.67 16.23
CA ASN A 154 9.32 -12.70 16.49
C ASN A 154 9.83 -13.30 15.19
N TRP A 155 10.95 -12.77 14.72
CA TRP A 155 11.56 -13.18 13.46
C TRP A 155 12.14 -14.58 13.57
N GLU A 156 12.07 -15.12 14.77
CA GLU A 156 12.60 -16.42 15.06
C GLU A 156 11.49 -17.24 15.67
N ASP A 157 11.59 -18.52 15.49
CA ASP A 157 10.58 -19.42 16.00
C ASP A 157 10.78 -19.61 17.51
N ASN A 158 10.48 -18.56 18.25
CA ASN A 158 10.58 -18.57 19.69
C ASN A 158 9.22 -18.81 20.31
N GLY B 1 -21.19 4.70 6.73
CA GLY B 1 -20.72 5.53 7.86
C GLY B 1 -19.27 5.91 7.72
N ALA B 2 -18.68 6.40 8.83
CA ALA B 2 -17.28 6.84 8.87
C ALA B 2 -17.07 8.11 8.07
N MET B 3 -16.94 9.23 8.77
CA MET B 3 -16.79 10.53 8.13
C MET B 3 -15.35 10.72 7.66
N GLY B 4 -15.19 10.98 6.36
CA GLY B 4 -13.88 11.19 5.79
C GLY B 4 -13.22 9.88 5.41
N LYS B 5 -12.14 9.97 4.66
CA LYS B 5 -11.41 8.78 4.24
C LYS B 5 -10.23 8.55 5.17
N ASP B 6 -9.63 9.65 5.60
CA ASP B 6 -8.47 9.64 6.50
C ASP B 6 -8.70 8.77 7.73
N ILE B 7 -9.94 8.69 8.20
CA ILE B 7 -10.23 7.90 9.40
C ILE B 7 -10.07 6.42 9.09
N GLN B 8 -10.54 6.07 7.91
CA GLN B 8 -10.55 4.72 7.44
C GLN B 8 -9.14 4.28 7.11
N LEU B 9 -8.45 5.15 6.39
CA LEU B 9 -7.06 4.93 6.01
C LEU B 9 -6.22 4.80 7.27
N ALA B 10 -6.46 5.70 8.23
CA ALA B 10 -5.77 5.64 9.51
C ALA B 10 -6.05 4.34 10.24
N ARG B 11 -7.31 3.91 10.25
CA ARG B 11 -7.67 2.64 10.87
C ARG B 11 -6.85 1.49 10.31
N ARG B 12 -6.71 1.42 9.00
CA ARG B 12 -5.99 0.32 8.38
C ARG B 12 -4.49 0.37 8.70
N ILE B 13 -3.90 1.57 8.57
CA ILE B 13 -2.45 1.72 8.75
C ILE B 13 -2.06 1.68 10.22
N ARG B 14 -2.96 2.10 11.09
CA ARG B 14 -2.72 2.04 12.52
C ARG B 14 -3.25 0.71 13.05
N GLY B 15 -3.88 -0.05 12.17
CA GLY B 15 -4.53 -1.27 12.58
C GLY B 15 -3.67 -2.48 12.40
N GLU B 16 -3.83 -3.14 11.27
CA GLU B 16 -3.48 -4.55 11.18
C GLU B 16 -3.21 -4.98 9.75
N ARG B 17 -4.29 -5.06 9.01
CA ARG B 17 -4.37 -5.75 7.73
C ARG B 17 -3.84 -7.18 7.80
N ALA B 18 -2.54 -7.31 7.91
CA ALA B 18 -1.86 -8.59 7.73
C ALA B 18 -2.14 -9.16 6.33
N MET A 3 17.47 -7.88 16.95
CA MET A 3 16.13 -8.50 17.11
C MET A 3 15.39 -8.48 15.78
N ALA A 4 14.99 -7.29 15.34
CA ALA A 4 14.34 -7.15 14.05
C ALA A 4 15.35 -7.42 12.93
N LYS A 5 14.95 -8.22 11.95
CA LYS A 5 15.88 -8.63 10.91
C LYS A 5 15.66 -7.82 9.64
N VAL A 6 14.57 -7.07 9.58
CA VAL A 6 14.34 -6.16 8.45
C VAL A 6 13.72 -4.87 8.93
N GLN A 7 14.41 -3.80 8.62
CA GLN A 7 13.90 -2.46 8.82
C GLN A 7 13.90 -1.78 7.48
N VAL A 8 12.75 -1.72 6.83
CA VAL A 8 12.71 -1.03 5.56
C VAL A 8 12.65 0.46 5.83
N ASN A 9 13.38 1.19 5.02
CA ASN A 9 13.71 2.56 5.34
C ASN A 9 13.17 3.46 4.26
N ASN A 10 13.66 3.22 3.08
CA ASN A 10 13.32 4.07 1.96
C ASN A 10 12.35 3.38 1.06
N VAL A 11 11.56 4.15 0.38
CA VAL A 11 10.68 3.62 -0.60
C VAL A 11 10.51 4.64 -1.72
N VAL A 12 11.23 4.45 -2.80
CA VAL A 12 11.14 5.37 -3.90
C VAL A 12 10.11 4.88 -4.88
N VAL A 13 8.91 5.43 -4.76
CA VAL A 13 7.81 5.03 -5.60
C VAL A 13 8.00 5.57 -7.00
N LEU A 14 7.90 4.68 -7.94
CA LEU A 14 8.12 4.96 -9.33
C LEU A 14 6.79 5.18 -9.97
N ASP A 15 5.87 4.32 -9.56
CA ASP A 15 4.46 4.52 -9.83
C ASP A 15 3.96 5.78 -9.15
N ASN A 16 4.30 6.87 -9.76
CA ASN A 16 3.77 8.18 -9.43
C ASN A 16 2.63 8.47 -10.39
N PRO A 17 1.87 9.59 -10.25
CA PRO A 17 0.52 9.68 -10.80
C PRO A 17 0.42 9.31 -12.26
N SER A 18 -0.10 8.12 -12.46
CA SER A 18 -0.30 7.55 -13.77
C SER A 18 -1.68 6.91 -13.83
N PRO A 19 -2.14 6.48 -15.03
CA PRO A 19 -3.40 5.76 -15.17
C PRO A 19 -3.59 4.71 -14.08
N PHE A 20 -4.81 4.63 -13.57
CA PHE A 20 -5.16 3.70 -12.51
C PHE A 20 -4.83 2.26 -12.86
N TYR A 21 -4.86 1.93 -14.15
CA TYR A 21 -4.60 0.57 -14.59
C TYR A 21 -3.11 0.26 -14.59
N ASN A 22 -2.27 1.29 -14.62
CA ASN A 22 -0.84 1.10 -14.45
C ASN A 22 -0.58 0.50 -13.08
N PRO A 23 0.25 -0.54 -13.02
CA PRO A 23 0.53 -1.31 -11.81
C PRO A 23 1.38 -0.56 -10.79
N PHE A 24 1.23 -0.94 -9.52
CA PHE A 24 1.96 -0.32 -8.42
C PHE A 24 3.42 -0.58 -8.60
N GLN A 25 4.20 0.46 -8.42
CA GLN A 25 5.59 0.42 -8.75
C GLN A 25 6.39 1.08 -7.65
N PHE A 26 6.67 0.33 -6.62
CA PHE A 26 7.47 0.81 -5.51
C PHE A 26 8.90 0.35 -5.71
N GLU A 27 9.82 1.07 -5.14
CA GLU A 27 11.18 0.61 -5.06
C GLU A 27 11.67 0.82 -3.63
N ILE A 28 11.42 -0.17 -2.79
CA ILE A 28 11.69 -0.04 -1.38
C ILE A 28 13.12 -0.44 -1.02
N THR A 29 13.82 0.48 -0.42
CA THR A 29 15.14 0.22 0.12
C THR A 29 15.01 -0.18 1.59
N PHE A 30 15.22 -1.45 1.88
CA PHE A 30 15.13 -1.90 3.22
C PHE A 30 16.44 -2.47 3.66
N GLU A 31 16.70 -2.32 4.91
CA GLU A 31 17.89 -2.83 5.47
C GLU A 31 17.56 -4.07 6.23
N CYS A 32 18.08 -5.17 5.76
CA CYS A 32 17.97 -6.36 6.50
C CYS A 32 18.93 -6.20 7.63
N ILE A 33 18.37 -5.99 8.77
CA ILE A 33 19.12 -5.67 9.92
C ILE A 33 19.81 -6.91 10.43
N GLU A 34 19.26 -8.06 10.08
CA GLU A 34 19.80 -9.33 10.53
C GLU A 34 19.43 -10.41 9.53
N ASP A 35 20.04 -11.58 9.64
CA ASP A 35 19.75 -12.69 8.73
C ASP A 35 18.34 -13.22 8.97
N LEU A 36 17.68 -13.63 7.89
CA LEU A 36 16.33 -14.13 8.00
C LEU A 36 16.31 -15.66 8.09
N SER A 37 15.28 -16.18 8.72
CA SER A 37 15.10 -17.62 8.85
C SER A 37 13.87 -18.06 8.06
N GLU A 38 12.86 -17.19 8.06
CA GLU A 38 11.62 -17.44 7.35
C GLU A 38 11.56 -16.48 6.18
N ASP A 39 10.42 -16.35 5.54
CA ASP A 39 10.29 -15.48 4.39
C ASP A 39 9.70 -14.16 4.81
N LEU A 40 10.22 -13.11 4.22
CA LEU A 40 9.72 -11.77 4.43
C LEU A 40 8.52 -11.57 3.54
N GLU A 41 7.38 -11.32 4.13
CA GLU A 41 6.16 -11.23 3.35
C GLU A 41 5.71 -9.78 3.21
N TRP A 42 6.18 -9.12 2.17
CA TRP A 42 5.73 -7.78 1.85
C TRP A 42 4.39 -7.88 1.18
N LYS A 43 3.59 -6.86 1.28
CA LYS A 43 2.29 -6.90 0.67
C LYS A 43 1.78 -5.51 0.33
N ILE A 44 1.14 -5.35 -0.81
CA ILE A 44 0.48 -4.09 -1.12
C ILE A 44 -1.01 -4.28 -0.91
N ILE A 45 -1.54 -3.56 0.05
CA ILE A 45 -2.94 -3.67 0.38
C ILE A 45 -3.65 -2.40 0.02
N TYR A 46 -4.45 -2.50 -1.03
CA TYR A 46 -5.18 -1.38 -1.56
C TYR A 46 -6.51 -1.27 -0.87
N VAL A 47 -6.82 -0.08 -0.43
CA VAL A 47 -8.12 0.19 0.12
C VAL A 47 -9.14 0.34 -1.01
N GLY A 48 -9.85 -0.73 -1.28
CA GLY A 48 -10.81 -0.72 -2.35
C GLY A 48 -12.13 -0.11 -1.98
N SER A 49 -12.28 0.28 -0.71
CA SER A 49 -13.52 0.89 -0.23
C SER A 49 -13.29 1.62 1.08
N ALA A 50 -12.76 2.83 1.01
CA ALA A 50 -12.58 3.71 2.17
C ALA A 50 -13.90 3.92 2.94
N GLU A 51 -14.96 3.34 2.45
CA GLU A 51 -16.28 3.46 3.05
C GLU A 51 -16.57 2.29 3.99
N SER A 52 -15.94 1.15 3.75
CA SER A 52 -16.17 -0.05 4.54
C SER A 52 -14.87 -0.47 5.23
N GLU A 53 -14.73 -1.75 5.52
CA GLU A 53 -13.46 -2.31 6.01
C GLU A 53 -13.30 -3.77 5.57
N GLU A 54 -14.05 -4.12 4.54
CA GLU A 54 -14.06 -5.46 3.95
C GLU A 54 -13.19 -5.59 2.71
N TYR A 55 -13.16 -4.49 1.99
CA TYR A 55 -12.63 -4.39 0.65
C TYR A 55 -11.17 -4.80 0.56
N ASP A 56 -10.38 -4.23 1.48
CA ASP A 56 -8.94 -4.10 1.33
C ASP A 56 -8.30 -5.27 0.60
N GLN A 57 -7.94 -5.00 -0.65
CA GLN A 57 -7.39 -6.01 -1.55
C GLN A 57 -5.88 -6.03 -1.50
N VAL A 58 -5.30 -7.06 -2.06
CA VAL A 58 -3.89 -7.26 -2.03
C VAL A 58 -3.41 -7.48 -3.45
N LEU A 59 -2.47 -6.68 -3.86
CA LEU A 59 -2.05 -6.68 -5.23
C LEU A 59 -0.93 -7.68 -5.47
N ASP A 60 -0.14 -7.88 -4.44
CA ASP A 60 0.85 -8.94 -4.43
C ASP A 60 1.53 -8.97 -3.07
N SER A 61 2.13 -10.10 -2.75
CA SER A 61 2.85 -10.25 -1.54
C SER A 61 4.13 -11.00 -1.88
N VAL A 62 5.25 -10.31 -1.76
CA VAL A 62 6.52 -10.85 -2.22
C VAL A 62 7.29 -11.41 -1.05
N LEU A 63 7.80 -12.61 -1.22
CA LEU A 63 8.47 -13.29 -0.15
C LEU A 63 9.97 -13.34 -0.41
N VAL A 64 10.70 -12.50 0.29
CA VAL A 64 12.16 -12.52 0.26
C VAL A 64 12.63 -13.32 1.45
N GLY A 65 13.38 -14.40 1.23
CA GLY A 65 13.56 -15.35 2.28
C GLY A 65 14.70 -14.98 3.16
N PRO A 66 15.34 -15.96 3.78
CA PRO A 66 16.58 -15.74 4.46
C PRO A 66 17.50 -14.95 3.57
N VAL A 67 17.85 -13.80 4.04
CA VAL A 67 18.57 -12.83 3.27
C VAL A 67 19.60 -12.17 4.16
N PRO A 68 20.86 -12.13 3.70
CA PRO A 68 21.93 -11.55 4.47
C PRO A 68 21.67 -10.09 4.78
N ALA A 69 21.77 -9.74 6.05
CA ALA A 69 21.68 -8.34 6.48
C ALA A 69 22.40 -7.41 5.52
N GLY A 70 21.86 -6.21 5.38
CA GLY A 70 22.39 -5.29 4.43
C GLY A 70 21.32 -4.40 3.90
N ARG A 71 21.51 -3.12 4.07
CA ARG A 71 20.60 -2.14 3.53
C ARG A 71 20.70 -2.14 2.01
N HIS A 72 19.61 -2.56 1.39
CA HIS A 72 19.56 -2.71 -0.05
C HIS A 72 18.15 -2.49 -0.56
N MET A 73 18.05 -2.03 -1.78
CA MET A 73 16.77 -1.73 -2.37
C MET A 73 16.21 -2.92 -3.14
N PHE A 74 14.94 -3.18 -2.92
CA PHE A 74 14.20 -4.17 -3.66
C PHE A 74 13.04 -3.47 -4.31
N VAL A 75 12.61 -3.98 -5.44
CA VAL A 75 11.63 -3.30 -6.21
C VAL A 75 10.31 -4.09 -6.24
N PHE A 76 9.24 -3.37 -6.14
CA PHE A 76 7.93 -3.93 -5.82
C PHE A 76 6.91 -3.50 -6.86
N GLN A 77 6.32 -4.44 -7.55
CA GLN A 77 5.27 -4.13 -8.52
C GLN A 77 4.11 -5.07 -8.34
N ALA A 78 2.94 -4.62 -8.72
CA ALA A 78 1.73 -5.41 -8.62
C ALA A 78 0.64 -4.74 -9.43
N ASP A 79 -0.38 -5.49 -9.82
CA ASP A 79 -1.40 -4.96 -10.73
C ASP A 79 -2.21 -3.82 -10.11
N ALA A 80 -3.22 -3.37 -10.84
CA ALA A 80 -4.13 -2.37 -10.37
C ALA A 80 -5.29 -3.04 -9.64
N PRO A 81 -5.88 -2.33 -8.68
CA PRO A 81 -7.01 -2.81 -7.88
C PRO A 81 -8.23 -3.13 -8.71
N ASN A 82 -9.22 -3.69 -8.04
CA ASN A 82 -10.44 -4.13 -8.73
C ASN A 82 -11.42 -2.98 -8.80
N PRO A 83 -11.72 -2.55 -10.02
CA PRO A 83 -12.64 -1.45 -10.28
C PRO A 83 -14.04 -1.73 -9.75
N GLY A 84 -14.37 -3.01 -9.59
CA GLY A 84 -15.68 -3.39 -9.10
C GLY A 84 -15.77 -3.32 -7.59
N LEU A 85 -14.63 -3.22 -6.91
CA LEU A 85 -14.60 -3.19 -5.46
C LEU A 85 -14.70 -1.76 -4.96
N ILE A 86 -14.21 -0.82 -5.75
CA ILE A 86 -14.17 0.57 -5.32
C ILE A 86 -15.54 1.24 -5.36
N PRO A 87 -15.93 1.83 -4.23
CA PRO A 87 -17.11 2.68 -4.11
C PRO A 87 -16.89 4.11 -4.58
N ASP A 88 -17.99 4.78 -4.76
CA ASP A 88 -18.06 6.22 -5.05
C ASP A 88 -17.10 7.02 -4.17
N ALA A 89 -17.11 6.75 -2.88
CA ALA A 89 -16.42 7.61 -1.92
C ALA A 89 -14.92 7.36 -1.91
N ASP A 90 -14.50 6.20 -2.38
CA ASP A 90 -13.09 5.83 -2.36
C ASP A 90 -12.39 6.28 -3.64
N ALA A 91 -13.10 6.16 -4.75
CA ALA A 91 -12.46 6.21 -6.05
C ALA A 91 -12.00 7.60 -6.44
N VAL A 92 -12.80 8.59 -6.16
CA VAL A 92 -12.55 9.91 -6.66
C VAL A 92 -11.94 10.83 -5.61
N GLY A 93 -10.92 10.32 -4.94
CA GLY A 93 -10.32 10.97 -3.80
C GLY A 93 -9.16 10.21 -3.28
N VAL A 94 -9.18 9.93 -2.01
CA VAL A 94 -8.08 9.34 -1.32
C VAL A 94 -8.28 7.89 -1.03
N THR A 95 -7.25 7.16 -1.35
CA THR A 95 -7.15 5.77 -1.06
C THR A 95 -5.78 5.54 -0.45
N VAL A 96 -5.56 4.39 0.12
CA VAL A 96 -4.27 4.06 0.67
C VAL A 96 -3.83 2.68 0.26
N VAL A 97 -2.55 2.55 -0.01
CA VAL A 97 -1.99 1.27 -0.32
C VAL A 97 -0.85 0.99 0.64
N LEU A 98 -1.10 0.10 1.57
CA LEU A 98 -0.16 -0.17 2.63
C LEU A 98 0.70 -1.34 2.28
N ILE A 99 1.98 -1.21 2.55
CA ILE A 99 2.90 -2.28 2.29
C ILE A 99 3.33 -2.85 3.58
N THR A 100 2.59 -3.84 3.97
CA THR A 100 2.83 -4.53 5.19
C THR A 100 3.74 -5.69 4.97
N CYS A 101 4.79 -5.70 5.73
CA CYS A 101 5.65 -6.85 5.78
C CYS A 101 5.15 -7.77 6.87
N THR A 102 5.42 -9.04 6.73
CA THR A 102 4.81 -10.04 7.56
C THR A 102 5.77 -11.20 7.72
N TYR A 103 6.24 -11.40 8.92
CA TYR A 103 7.19 -12.45 9.17
C TYR A 103 6.68 -13.31 10.32
N ARG A 104 6.56 -14.61 10.05
CA ARG A 104 6.02 -15.57 11.01
C ARG A 104 4.57 -15.27 11.32
N GLY A 105 3.87 -14.82 10.31
CA GLY A 105 2.42 -14.64 10.40
C GLY A 105 2.05 -13.33 11.04
N GLN A 106 3.05 -12.57 11.46
CA GLN A 106 2.81 -11.31 12.12
C GLN A 106 3.42 -10.18 11.30
N GLU A 107 2.64 -9.15 11.08
CA GLU A 107 3.03 -8.07 10.20
C GLU A 107 3.78 -7.00 10.99
N PHE A 108 4.87 -6.51 10.42
CA PHE A 108 5.79 -5.65 11.16
C PHE A 108 6.02 -4.29 10.51
N ILE A 109 5.37 -4.00 9.38
CA ILE A 109 5.41 -2.66 8.82
C ILE A 109 4.21 -2.46 7.94
N ARG A 110 3.87 -1.21 7.70
CA ARG A 110 2.72 -0.86 6.90
C ARG A 110 2.93 0.50 6.27
N VAL A 111 3.52 0.54 5.09
CA VAL A 111 3.70 1.82 4.43
C VAL A 111 2.43 2.12 3.62
N GLY A 112 1.59 2.96 4.18
CA GLY A 112 0.38 3.30 3.50
C GLY A 112 0.56 4.50 2.64
N TYR A 113 0.99 4.26 1.42
CA TYR A 113 1.09 5.31 0.46
C TYR A 113 -0.27 5.69 -0.02
N TYR A 114 -0.65 6.91 0.26
CA TYR A 114 -1.94 7.39 -0.12
C TYR A 114 -2.02 7.50 -1.63
N VAL A 115 -2.92 6.75 -2.23
CA VAL A 115 -3.07 6.82 -3.65
C VAL A 115 -4.27 7.72 -3.91
N ASN A 116 -3.97 8.88 -4.44
CA ASN A 116 -5.00 9.87 -4.69
C ASN A 116 -5.52 9.69 -6.09
N ASN A 117 -6.79 9.31 -6.19
CA ASN A 117 -7.33 8.91 -7.45
C ASN A 117 -8.10 10.07 -8.00
N GLU A 118 -7.51 10.66 -9.00
CA GLU A 118 -8.02 11.86 -9.57
C GLU A 118 -8.15 11.66 -11.06
N TYR A 119 -9.35 11.88 -11.55
CA TYR A 119 -9.63 11.78 -12.98
C TYR A 119 -8.53 12.32 -13.88
N THR A 120 -8.40 11.72 -15.06
CA THR A 120 -7.34 12.04 -15.99
C THR A 120 -7.79 13.20 -16.85
N GLU A 121 -9.07 13.22 -17.11
CA GLU A 121 -9.67 14.23 -17.93
C GLU A 121 -10.04 15.43 -17.08
N THR A 122 -9.70 16.62 -17.56
CA THR A 122 -9.98 17.85 -16.85
C THR A 122 -11.46 17.98 -16.55
N GLU A 123 -12.28 17.57 -17.51
CA GLU A 123 -13.72 17.65 -17.38
C GLU A 123 -14.15 16.99 -16.09
N LEU A 124 -13.50 15.90 -15.79
CA LEU A 124 -13.86 15.06 -14.68
C LEU A 124 -13.25 15.55 -13.37
N ARG A 125 -12.10 16.20 -13.43
CA ARG A 125 -11.46 16.75 -12.24
C ARG A 125 -12.15 18.04 -11.83
N GLU A 126 -12.46 18.85 -12.83
CA GLU A 126 -13.00 20.17 -12.61
C GLU A 126 -14.48 20.10 -12.29
N ASN A 127 -15.10 19.01 -12.67
CA ASN A 127 -16.46 18.70 -12.23
C ASN A 127 -16.66 17.19 -12.15
N PRO A 128 -16.22 16.61 -11.02
CA PRO A 128 -16.28 15.17 -10.77
C PRO A 128 -17.69 14.60 -10.89
N PRO A 129 -17.87 13.64 -11.78
CA PRO A 129 -19.11 12.90 -11.91
C PRO A 129 -19.36 12.01 -10.69
N VAL A 130 -20.63 11.85 -10.36
CA VAL A 130 -21.03 11.15 -9.15
C VAL A 130 -20.58 9.70 -9.17
N LYS A 131 -20.46 9.11 -10.35
CA LYS A 131 -19.95 7.76 -10.44
C LYS A 131 -18.51 7.75 -10.91
N PRO A 132 -17.68 7.00 -10.20
CA PRO A 132 -16.24 6.91 -10.45
C PRO A 132 -15.91 6.18 -11.73
N ASP A 133 -14.91 6.68 -12.43
CA ASP A 133 -14.40 5.99 -13.61
C ASP A 133 -12.93 5.65 -13.39
N PHE A 134 -12.66 4.37 -13.26
CA PHE A 134 -11.34 3.87 -12.90
C PHE A 134 -10.42 3.90 -14.11
N SER A 135 -11.04 3.88 -15.27
CA SER A 135 -10.35 4.01 -16.54
C SER A 135 -10.04 5.47 -16.84
N LYS A 136 -10.72 6.37 -16.13
CA LYS A 136 -10.45 7.78 -16.25
C LYS A 136 -9.75 8.23 -15.01
N LEU A 137 -9.24 7.27 -14.29
CA LEU A 137 -8.72 7.54 -12.99
C LEU A 137 -7.21 7.58 -13.03
N GLN A 138 -6.65 8.66 -12.53
CA GLN A 138 -5.22 8.83 -12.48
C GLN A 138 -4.78 8.80 -11.04
N ARG A 139 -3.96 7.82 -10.70
CA ARG A 139 -3.59 7.61 -9.32
C ARG A 139 -2.27 8.29 -9.00
N ASN A 140 -2.37 9.38 -8.26
CA ASN A 140 -1.22 10.10 -7.76
C ASN A 140 -0.83 9.55 -6.40
N ILE A 141 0.23 8.79 -6.37
CA ILE A 141 0.67 8.16 -5.15
C ILE A 141 1.46 9.17 -4.32
N LEU A 142 0.84 9.60 -3.22
CA LEU A 142 1.39 10.63 -2.36
C LEU A 142 2.67 10.16 -1.70
N ALA A 143 3.77 10.42 -2.37
CA ALA A 143 5.07 10.06 -1.88
C ALA A 143 5.53 11.06 -0.84
N SER A 144 4.76 12.12 -0.69
CA SER A 144 5.00 13.13 0.32
C SER A 144 4.20 12.83 1.59
N ASN A 145 3.42 11.75 1.55
CA ASN A 145 2.65 11.32 2.72
C ASN A 145 2.64 9.80 2.83
N PRO A 146 3.76 9.20 3.27
CA PRO A 146 3.84 7.76 3.50
C PRO A 146 3.39 7.40 4.90
N ARG A 147 2.21 6.81 5.00
CA ARG A 147 1.68 6.44 6.30
C ARG A 147 2.27 5.12 6.76
N VAL A 148 3.48 5.19 7.30
CA VAL A 148 4.22 3.99 7.65
C VAL A 148 4.04 3.62 9.13
N THR A 149 3.35 2.51 9.36
CA THR A 149 3.19 1.95 10.69
C THR A 149 4.02 0.68 10.80
N ARG A 150 5.13 0.75 11.51
CA ARG A 150 6.00 -0.40 11.63
C ARG A 150 6.03 -0.89 13.07
N PHE A 151 5.85 -2.18 13.19
CA PHE A 151 5.74 -2.84 14.48
C PHE A 151 6.88 -3.84 14.62
N HIS A 152 7.08 -4.37 15.81
CA HIS A 152 8.11 -5.40 16.00
C HIS A 152 7.46 -6.77 16.11
N ILE A 153 8.19 -7.82 15.74
CA ILE A 153 7.69 -9.17 15.79
C ILE A 153 8.81 -10.10 16.21
N ASN A 154 8.46 -11.35 16.39
CA ASN A 154 9.40 -12.37 16.78
C ASN A 154 9.96 -13.06 15.55
N TRP A 155 11.11 -12.61 15.12
CA TRP A 155 11.76 -13.16 13.95
C TRP A 155 12.36 -14.53 14.28
N GLU A 156 12.29 -14.86 15.57
CA GLU A 156 12.72 -16.14 16.07
C GLU A 156 11.54 -16.79 16.75
N ASP A 157 11.76 -17.97 17.25
CA ASP A 157 10.78 -18.62 18.09
C ASP A 157 11.36 -18.77 19.48
N ASN A 158 11.54 -17.63 20.14
CA ASN A 158 12.15 -17.57 21.46
C ASN A 158 11.70 -16.29 22.17
N GLY B 1 -21.52 6.05 4.74
CA GLY B 1 -21.57 5.36 6.06
C GLY B 1 -20.60 5.97 7.04
N ALA B 2 -19.35 6.09 6.63
CA ALA B 2 -18.33 6.73 7.44
C ALA B 2 -17.96 8.07 6.81
N MET B 3 -17.50 8.01 5.57
CA MET B 3 -17.12 9.20 4.79
C MET B 3 -15.94 9.94 5.42
N GLY B 4 -15.14 10.57 4.58
CA GLY B 4 -13.96 11.27 5.04
C GLY B 4 -12.69 10.58 4.57
N LYS B 5 -12.77 9.26 4.47
CA LYS B 5 -11.68 8.41 3.97
C LYS B 5 -10.51 8.31 4.95
N ASP B 6 -9.90 9.43 5.30
CA ASP B 6 -8.68 9.48 6.11
C ASP B 6 -8.72 8.53 7.31
N ILE B 7 -9.78 8.64 8.13
CA ILE B 7 -9.92 7.79 9.31
C ILE B 7 -10.01 6.30 8.93
N GLN B 8 -10.67 6.04 7.82
CA GLN B 8 -10.90 4.67 7.35
C GLN B 8 -9.64 4.06 6.77
N LEU B 9 -8.89 4.88 6.06
CA LEU B 9 -7.60 4.49 5.53
C LEU B 9 -6.67 4.20 6.70
N ALA B 10 -6.81 4.98 7.76
CA ALA B 10 -6.07 4.77 8.99
C ALA B 10 -6.52 3.50 9.69
N ARG B 11 -7.81 3.17 9.59
CA ARG B 11 -8.29 1.87 10.10
C ARG B 11 -7.39 0.76 9.59
N ARG B 12 -7.11 0.80 8.30
CA ARG B 12 -6.27 -0.21 7.67
C ARG B 12 -4.79 -0.03 8.03
N ILE B 13 -4.28 1.19 7.91
CA ILE B 13 -2.86 1.44 8.17
C ILE B 13 -2.48 1.25 9.64
N ARG B 14 -3.46 1.25 10.52
CA ARG B 14 -3.21 0.96 11.94
C ARG B 14 -3.47 -0.51 12.25
N GLY B 15 -4.31 -1.15 11.44
CA GLY B 15 -4.68 -2.52 11.70
C GLY B 15 -5.71 -3.05 10.72
N GLU B 16 -5.26 -3.33 9.50
CA GLU B 16 -6.12 -3.90 8.48
C GLU B 16 -6.24 -5.40 8.68
N ARG B 17 -5.09 -6.02 8.68
CA ARG B 17 -4.94 -7.44 8.77
C ARG B 17 -4.44 -7.84 10.15
N ALA B 18 -3.40 -7.15 10.60
CA ALA B 18 -2.82 -7.40 11.91
C ALA B 18 -2.80 -6.12 12.75
N MET A 3 17.45 -6.84 17.13
CA MET A 3 16.01 -7.10 17.35
C MET A 3 15.35 -7.60 16.08
N ALA A 4 15.12 -6.70 15.15
CA ALA A 4 14.47 -7.04 13.90
C ALA A 4 15.52 -7.43 12.88
N LYS A 5 15.15 -8.32 11.97
CA LYS A 5 16.08 -8.81 10.96
C LYS A 5 15.99 -7.97 9.70
N VAL A 6 14.88 -7.28 9.53
CA VAL A 6 14.69 -6.40 8.38
C VAL A 6 13.95 -5.14 8.78
N GLN A 7 14.46 -4.03 8.31
CA GLN A 7 13.85 -2.74 8.52
C GLN A 7 13.92 -1.96 7.22
N VAL A 8 12.80 -1.83 6.52
CA VAL A 8 12.81 -0.99 5.35
C VAL A 8 12.94 0.45 5.77
N ASN A 9 13.57 1.19 4.90
CA ASN A 9 14.01 2.53 5.21
C ASN A 9 13.50 3.44 4.15
N ASN A 10 13.90 3.12 2.94
CA ASN A 10 13.49 3.91 1.81
C ASN A 10 12.43 3.17 1.06
N VAL A 11 11.57 3.92 0.43
CA VAL A 11 10.59 3.37 -0.44
C VAL A 11 10.36 4.34 -1.58
N VAL A 12 11.00 4.07 -2.69
CA VAL A 12 10.90 4.96 -3.82
C VAL A 12 9.75 4.51 -4.72
N VAL A 13 8.62 5.17 -4.53
CA VAL A 13 7.42 4.83 -5.26
C VAL A 13 7.54 5.35 -6.68
N LEU A 14 7.21 4.50 -7.61
CA LEU A 14 7.44 4.77 -9.02
C LEU A 14 6.14 4.98 -9.70
N ASP A 15 5.21 4.12 -9.32
CA ASP A 15 3.84 4.20 -9.77
C ASP A 15 3.12 5.43 -9.19
N ASN A 16 3.82 6.55 -9.25
CA ASN A 16 3.33 7.85 -8.82
C ASN A 16 2.39 8.37 -9.90
N PRO A 17 1.70 9.53 -9.73
CA PRO A 17 0.41 9.75 -10.38
C PRO A 17 0.42 9.42 -11.86
N SER A 18 -0.16 8.25 -12.11
CA SER A 18 -0.26 7.64 -13.41
C SER A 18 -1.55 6.83 -13.45
N PRO A 19 -1.94 6.30 -14.62
CA PRO A 19 -3.08 5.41 -14.73
C PRO A 19 -3.23 4.46 -13.55
N PHE A 20 -4.43 4.42 -13.01
CA PHE A 20 -4.79 3.52 -11.94
C PHE A 20 -4.51 2.07 -12.36
N TYR A 21 -4.55 1.80 -13.66
CA TYR A 21 -4.33 0.46 -14.18
C TYR A 21 -2.84 0.10 -14.22
N ASN A 22 -1.96 1.08 -14.09
CA ASN A 22 -0.55 0.80 -13.97
C ASN A 22 -0.31 0.14 -12.64
N PRO A 23 0.53 -0.88 -12.59
CA PRO A 23 0.71 -1.71 -11.40
C PRO A 23 1.51 -1.00 -10.30
N PHE A 24 1.00 -1.06 -9.06
CA PHE A 24 1.60 -0.39 -7.92
C PHE A 24 3.03 -0.80 -7.76
N GLN A 25 3.89 0.18 -7.82
CA GLN A 25 5.27 -0.02 -8.15
C GLN A 25 6.16 0.64 -7.12
N PHE A 26 6.54 -0.15 -6.13
CA PHE A 26 7.31 0.33 -4.98
C PHE A 26 8.74 -0.11 -5.05
N GLU A 27 9.64 0.83 -5.18
CA GLU A 27 11.04 0.49 -5.15
C GLU A 27 11.50 0.57 -3.69
N ILE A 28 11.28 -0.50 -2.94
CA ILE A 28 11.58 -0.49 -1.52
C ILE A 28 13.05 -0.77 -1.25
N THR A 29 13.58 -0.06 -0.29
CA THR A 29 14.96 -0.23 0.13
C THR A 29 15.00 -0.52 1.61
N PHE A 30 15.31 -1.76 1.96
CA PHE A 30 15.45 -2.06 3.35
C PHE A 30 16.87 -2.19 3.72
N GLU A 31 17.06 -2.20 4.98
CA GLU A 31 18.31 -2.55 5.55
C GLU A 31 18.06 -3.75 6.38
N CYS A 32 18.52 -4.88 5.91
CA CYS A 32 18.35 -6.09 6.63
C CYS A 32 19.26 -6.02 7.81
N ILE A 33 18.65 -5.82 8.94
CA ILE A 33 19.36 -5.51 10.13
C ILE A 33 20.11 -6.72 10.63
N GLU A 34 19.52 -7.88 10.42
CA GLU A 34 20.12 -9.12 10.86
C GLU A 34 19.82 -10.20 9.82
N ASP A 35 20.44 -11.37 9.94
CA ASP A 35 20.31 -12.41 8.91
C ASP A 35 18.95 -13.10 9.00
N LEU A 36 18.28 -13.23 7.86
CA LEU A 36 16.94 -13.76 7.82
C LEU A 36 16.94 -15.27 7.71
N SER A 37 15.87 -15.90 8.18
CA SER A 37 15.76 -17.34 8.15
C SER A 37 14.65 -17.78 7.20
N GLU A 38 13.62 -16.95 7.08
CA GLU A 38 12.46 -17.30 6.28
C GLU A 38 12.24 -16.24 5.19
N ASP A 39 11.09 -16.29 4.54
CA ASP A 39 10.78 -15.38 3.45
C ASP A 39 10.02 -14.17 3.98
N LEU A 40 10.25 -13.05 3.34
CA LEU A 40 9.62 -11.80 3.68
C LEU A 40 8.40 -11.59 2.81
N GLU A 41 7.24 -11.41 3.41
CA GLU A 41 6.02 -11.24 2.60
C GLU A 41 5.59 -9.77 2.59
N TRP A 42 6.08 -9.01 1.62
CA TRP A 42 5.60 -7.65 1.42
C TRP A 42 4.34 -7.71 0.63
N LYS A 43 3.26 -7.29 1.22
CA LYS A 43 1.99 -7.30 0.55
C LYS A 43 1.45 -5.90 0.44
N ILE A 44 0.88 -5.58 -0.72
CA ILE A 44 0.29 -4.27 -0.91
C ILE A 44 -1.21 -4.40 -0.85
N ILE A 45 -1.80 -3.65 0.04
CA ILE A 45 -3.21 -3.73 0.30
C ILE A 45 -3.86 -2.43 -0.11
N TYR A 46 -4.59 -2.48 -1.20
CA TYR A 46 -5.25 -1.31 -1.69
C TYR A 46 -6.63 -1.21 -1.06
N VAL A 47 -6.83 -0.16 -0.30
CA VAL A 47 -8.13 0.12 0.24
C VAL A 47 -9.10 0.46 -0.88
N GLY A 48 -10.05 -0.43 -1.11
CA GLY A 48 -11.04 -0.24 -2.16
C GLY A 48 -12.15 0.68 -1.73
N SER A 49 -12.90 0.24 -0.73
CA SER A 49 -14.02 1.00 -0.22
C SER A 49 -13.63 1.69 1.06
N ALA A 50 -12.78 2.71 0.96
CA ALA A 50 -12.27 3.43 2.13
C ALA A 50 -13.39 3.81 3.09
N GLU A 51 -14.58 4.00 2.55
CA GLU A 51 -15.75 4.35 3.35
C GLU A 51 -16.19 3.20 4.27
N SER A 52 -15.74 1.97 3.98
CA SER A 52 -15.98 0.85 4.85
C SER A 52 -14.65 0.33 5.40
N GLU A 53 -14.60 -0.95 5.74
CA GLU A 53 -13.34 -1.60 6.15
C GLU A 53 -13.37 -3.10 5.88
N GLU A 54 -14.24 -3.48 4.95
CA GLU A 54 -14.43 -4.87 4.52
C GLU A 54 -13.71 -5.22 3.22
N TYR A 55 -13.62 -4.21 2.38
CA TYR A 55 -13.20 -4.29 0.99
C TYR A 55 -11.76 -4.77 0.81
N ASP A 56 -10.88 -4.23 1.67
CA ASP A 56 -9.42 -4.21 1.50
C ASP A 56 -8.89 -5.31 0.57
N GLN A 57 -8.36 -4.86 -0.56
CA GLN A 57 -7.89 -5.74 -1.62
C GLN A 57 -6.39 -5.96 -1.52
N VAL A 58 -5.91 -6.95 -2.26
CA VAL A 58 -4.53 -7.37 -2.19
C VAL A 58 -3.96 -7.38 -3.59
N LEU A 59 -2.95 -6.57 -3.78
CA LEU A 59 -2.40 -6.33 -5.09
C LEU A 59 -1.31 -7.34 -5.43
N ASP A 60 -0.38 -7.54 -4.52
CA ASP A 60 0.69 -8.51 -4.72
C ASP A 60 1.39 -8.77 -3.40
N SER A 61 2.11 -9.86 -3.32
CA SER A 61 2.90 -10.18 -2.16
C SER A 61 4.22 -10.73 -2.63
N VAL A 62 5.27 -10.00 -2.39
CA VAL A 62 6.58 -10.37 -2.88
C VAL A 62 7.35 -11.05 -1.78
N LEU A 63 7.91 -12.19 -2.10
CA LEU A 63 8.64 -12.95 -1.11
C LEU A 63 10.13 -12.74 -1.29
N VAL A 64 10.70 -11.95 -0.41
CA VAL A 64 12.13 -11.74 -0.37
C VAL A 64 12.71 -12.71 0.63
N GLY A 65 13.55 -13.61 0.16
CA GLY A 65 13.96 -14.73 0.97
C GLY A 65 14.82 -14.34 2.13
N PRO A 66 15.45 -15.31 2.80
CA PRO A 66 16.31 -15.00 3.92
C PRO A 66 17.53 -14.25 3.43
N VAL A 67 17.59 -13.01 3.80
CA VAL A 67 18.67 -12.15 3.41
C VAL A 67 19.56 -11.82 4.61
N PRO A 68 20.83 -12.24 4.55
CA PRO A 68 21.77 -12.05 5.65
C PRO A 68 22.27 -10.64 5.78
N ALA A 69 21.42 -9.86 6.37
CA ALA A 69 21.62 -8.43 6.58
C ALA A 69 21.96 -7.68 5.29
N GLY A 70 22.03 -6.37 5.38
CA GLY A 70 22.50 -5.59 4.27
C GLY A 70 21.42 -4.72 3.70
N ARG A 71 21.63 -3.42 3.75
CA ARG A 71 20.75 -2.48 3.11
C ARG A 71 20.81 -2.65 1.60
N HIS A 72 19.64 -2.79 1.01
CA HIS A 72 19.52 -3.06 -0.41
C HIS A 72 18.10 -2.80 -0.87
N MET A 73 17.94 -2.56 -2.16
CA MET A 73 16.65 -2.20 -2.71
C MET A 73 16.11 -3.28 -3.63
N PHE A 74 14.79 -3.44 -3.59
CA PHE A 74 14.07 -4.29 -4.51
C PHE A 74 12.90 -3.52 -5.04
N VAL A 75 12.38 -3.95 -6.14
CA VAL A 75 11.37 -3.20 -6.82
C VAL A 75 10.09 -4.01 -6.99
N PHE A 76 9.02 -3.40 -6.55
CA PHE A 76 7.72 -4.02 -6.37
C PHE A 76 6.77 -3.52 -7.43
N GLN A 77 5.86 -4.37 -7.90
CA GLN A 77 4.79 -3.95 -8.78
C GLN A 77 3.59 -4.85 -8.55
N ALA A 78 2.40 -4.33 -8.79
CA ALA A 78 1.18 -5.10 -8.55
C ALA A 78 0.00 -4.54 -9.33
N ASP A 79 -0.56 -5.35 -10.22
CA ASP A 79 -1.64 -4.90 -11.09
C ASP A 79 -2.91 -4.55 -10.30
N ALA A 80 -3.33 -3.30 -10.52
CA ALA A 80 -4.47 -2.62 -9.89
C ALA A 80 -5.59 -3.52 -9.34
N PRO A 81 -6.20 -3.02 -8.24
CA PRO A 81 -7.27 -3.71 -7.51
C PRO A 81 -8.55 -3.84 -8.33
N ASN A 82 -9.56 -4.46 -7.73
CA ASN A 82 -10.83 -4.63 -8.39
C ASN A 82 -11.55 -3.30 -8.50
N PRO A 83 -11.88 -2.92 -9.73
CA PRO A 83 -12.61 -1.70 -10.00
C PRO A 83 -14.06 -1.80 -9.56
N GLY A 84 -14.44 -2.99 -9.12
CA GLY A 84 -15.78 -3.19 -8.61
C GLY A 84 -15.82 -3.18 -7.10
N LEU A 85 -14.64 -3.16 -6.49
CA LEU A 85 -14.54 -3.16 -5.04
C LEU A 85 -14.36 -1.75 -4.53
N ILE A 86 -14.13 -0.83 -5.44
CA ILE A 86 -14.12 0.58 -5.06
C ILE A 86 -15.48 1.24 -5.31
N PRO A 87 -16.02 1.86 -4.25
CA PRO A 87 -17.21 2.70 -4.35
C PRO A 87 -16.86 4.10 -4.86
N ASP A 88 -17.87 4.81 -5.30
CA ASP A 88 -17.73 6.12 -5.91
C ASP A 88 -16.81 7.04 -5.14
N ALA A 89 -17.10 7.21 -3.86
CA ALA A 89 -16.48 8.25 -3.06
C ALA A 89 -14.98 8.02 -2.90
N ASP A 90 -14.59 6.77 -2.80
CA ASP A 90 -13.22 6.43 -2.51
C ASP A 90 -12.39 6.31 -3.77
N ALA A 91 -13.07 6.19 -4.91
CA ALA A 91 -12.39 6.04 -6.17
C ALA A 91 -11.81 7.34 -6.66
N VAL A 92 -12.60 8.40 -6.59
CA VAL A 92 -12.21 9.68 -7.13
C VAL A 92 -11.70 10.63 -6.04
N GLY A 93 -10.86 10.08 -5.17
CA GLY A 93 -10.43 10.78 -3.97
C GLY A 93 -9.38 10.02 -3.24
N VAL A 94 -9.56 9.89 -1.95
CA VAL A 94 -8.54 9.41 -1.08
C VAL A 94 -8.72 7.96 -0.72
N THR A 95 -7.61 7.26 -0.76
CA THR A 95 -7.55 5.88 -0.38
C THR A 95 -6.15 5.61 0.07
N VAL A 96 -5.93 4.49 0.69
CA VAL A 96 -4.59 4.11 1.10
C VAL A 96 -4.20 2.78 0.51
N VAL A 97 -2.99 2.71 -0.01
CA VAL A 97 -2.43 1.47 -0.43
C VAL A 97 -1.21 1.20 0.45
N LEU A 98 -1.37 0.26 1.38
CA LEU A 98 -0.36 0.02 2.39
C LEU A 98 0.45 -1.22 2.09
N ILE A 99 1.71 -1.22 2.48
CA ILE A 99 2.54 -2.40 2.33
C ILE A 99 2.88 -2.95 3.69
N THR A 100 2.19 -3.99 4.03
CA THR A 100 2.41 -4.67 5.26
C THR A 100 3.23 -5.92 5.02
N CYS A 101 4.44 -5.88 5.48
CA CYS A 101 5.30 -7.04 5.39
C CYS A 101 4.89 -8.07 6.42
N THR A 102 5.14 -9.31 6.11
CA THR A 102 4.72 -10.41 6.92
C THR A 102 5.82 -11.46 6.92
N TYR A 103 6.57 -11.52 7.99
CA TYR A 103 7.64 -12.48 8.08
C TYR A 103 7.28 -13.49 9.17
N ARG A 104 7.22 -14.77 8.81
CA ARG A 104 6.83 -15.83 9.75
C ARG A 104 5.36 -15.73 10.12
N GLY A 105 4.59 -15.09 9.26
CA GLY A 105 3.16 -14.98 9.48
C GLY A 105 2.81 -13.89 10.47
N GLN A 106 3.76 -13.01 10.70
CA GLN A 106 3.58 -11.89 11.60
C GLN A 106 4.01 -10.61 10.87
N GLU A 107 3.10 -9.66 10.79
CA GLU A 107 3.33 -8.45 10.02
C GLU A 107 4.15 -7.43 10.83
N PHE A 108 5.15 -6.80 10.19
CA PHE A 108 6.07 -5.95 10.94
C PHE A 108 6.24 -4.53 10.36
N ILE A 109 5.57 -4.21 9.26
CA ILE A 109 5.52 -2.82 8.81
C ILE A 109 4.31 -2.64 7.93
N ARG A 110 3.90 -1.42 7.77
CA ARG A 110 2.80 -1.07 6.93
C ARG A 110 3.02 0.33 6.39
N VAL A 111 3.40 0.44 5.13
CA VAL A 111 3.52 1.75 4.54
C VAL A 111 2.17 2.14 3.94
N GLY A 112 1.42 2.96 4.66
CA GLY A 112 0.14 3.34 4.16
C GLY A 112 0.22 4.57 3.32
N TYR A 113 0.59 4.35 2.09
CA TYR A 113 0.66 5.41 1.11
C TYR A 113 -0.72 5.85 0.74
N TYR A 114 -1.00 7.10 0.98
CA TYR A 114 -2.24 7.66 0.52
C TYR A 114 -2.20 7.69 -0.99
N VAL A 115 -3.18 7.06 -1.60
CA VAL A 115 -3.33 7.13 -3.02
C VAL A 115 -4.53 8.02 -3.32
N ASN A 116 -4.24 9.15 -3.87
CA ASN A 116 -5.27 10.10 -4.23
C ASN A 116 -5.57 9.96 -5.70
N ASN A 117 -6.77 9.52 -5.99
CA ASN A 117 -7.12 9.23 -7.36
C ASN A 117 -7.87 10.40 -7.96
N GLU A 118 -7.46 10.77 -9.14
CA GLU A 118 -8.03 11.89 -9.84
C GLU A 118 -8.02 11.59 -11.33
N TYR A 119 -9.13 11.85 -11.99
CA TYR A 119 -9.25 11.63 -13.43
C TYR A 119 -8.10 12.23 -14.23
N THR A 120 -7.84 11.60 -15.37
CA THR A 120 -6.74 11.97 -16.24
C THR A 120 -7.22 12.99 -17.23
N GLU A 121 -8.47 12.82 -17.63
CA GLU A 121 -9.07 13.72 -18.56
C GLU A 121 -9.41 15.00 -17.83
N THR A 122 -8.84 16.10 -18.33
CA THR A 122 -8.91 17.40 -17.69
C THR A 122 -10.34 17.77 -17.31
N GLU A 123 -11.29 17.39 -18.16
CA GLU A 123 -12.71 17.69 -17.91
C GLU A 123 -13.19 16.96 -16.67
N LEU A 124 -12.74 15.73 -16.55
CA LEU A 124 -13.15 14.87 -15.48
C LEU A 124 -12.53 15.30 -14.16
N ARG A 125 -11.42 16.01 -14.24
CA ARG A 125 -10.76 16.54 -13.06
C ARG A 125 -11.51 17.78 -12.61
N GLU A 126 -11.99 18.54 -13.58
CA GLU A 126 -12.78 19.73 -13.33
C GLU A 126 -14.05 19.36 -12.59
N ASN A 127 -14.68 18.30 -13.05
CA ASN A 127 -15.96 17.87 -12.49
C ASN A 127 -16.07 16.34 -12.52
N PRO A 128 -15.54 15.69 -11.48
CA PRO A 128 -15.66 14.24 -11.30
C PRO A 128 -17.13 13.79 -11.22
N PRO A 129 -17.57 13.00 -12.20
CA PRO A 129 -18.92 12.44 -12.23
C PRO A 129 -19.14 11.43 -11.12
N VAL A 130 -20.40 11.10 -10.85
CA VAL A 130 -20.72 10.16 -9.77
C VAL A 130 -19.97 8.85 -9.94
N LYS A 131 -20.24 8.16 -11.04
CA LYS A 131 -19.57 6.91 -11.31
C LYS A 131 -18.10 7.10 -11.60
N PRO A 132 -17.28 6.37 -10.85
CA PRO A 132 -15.84 6.36 -10.99
C PRO A 132 -15.40 5.66 -12.26
N ASP A 133 -14.41 6.21 -12.92
CA ASP A 133 -13.83 5.55 -14.07
C ASP A 133 -12.38 5.24 -13.77
N PHE A 134 -12.14 3.98 -13.48
CA PHE A 134 -10.84 3.50 -13.02
C PHE A 134 -9.84 3.50 -14.18
N SER A 135 -10.38 3.57 -15.37
CA SER A 135 -9.58 3.63 -16.59
C SER A 135 -9.19 5.07 -16.89
N LYS A 136 -9.94 6.02 -16.33
CA LYS A 136 -9.61 7.43 -16.49
C LYS A 136 -8.93 7.90 -15.24
N LEU A 137 -8.80 6.98 -14.33
CA LEU A 137 -8.40 7.30 -13.00
C LEU A 137 -6.89 7.35 -12.90
N GLN A 138 -6.40 8.48 -12.46
CA GLN A 138 -4.98 8.69 -12.29
C GLN A 138 -4.66 8.71 -10.81
N ARG A 139 -3.87 7.76 -10.36
CA ARG A 139 -3.63 7.66 -8.94
C ARG A 139 -2.30 8.29 -8.56
N ASN A 140 -2.36 9.30 -7.71
CA ASN A 140 -1.17 9.91 -7.16
C ASN A 140 -0.85 9.29 -5.81
N ILE A 141 0.32 8.71 -5.71
CA ILE A 141 0.74 8.09 -4.47
C ILE A 141 1.44 9.15 -3.63
N LEU A 142 0.75 9.69 -2.64
CA LEU A 142 1.32 10.68 -1.77
C LEU A 142 2.53 10.15 -1.04
N ALA A 143 3.65 10.22 -1.70
CA ALA A 143 4.93 9.96 -1.06
C ALA A 143 5.19 11.00 0.03
N SER A 144 4.42 12.08 -0.01
CA SER A 144 4.41 13.08 1.04
C SER A 144 3.57 12.58 2.22
N ASN A 145 2.73 11.58 1.96
CA ASN A 145 1.84 11.03 2.99
C ASN A 145 2.03 9.51 3.10
N PRO A 146 3.23 9.01 3.45
CA PRO A 146 3.45 7.60 3.66
C PRO A 146 3.24 7.24 5.12
N ARG A 147 2.13 6.60 5.40
CA ARG A 147 1.77 6.28 6.76
C ARG A 147 2.48 5.01 7.23
N VAL A 148 3.73 5.17 7.64
CA VAL A 148 4.53 4.02 8.05
C VAL A 148 4.17 3.56 9.46
N THR A 149 3.63 2.35 9.56
CA THR A 149 3.37 1.72 10.84
C THR A 149 4.13 0.43 10.93
N ARG A 150 5.20 0.42 11.69
CA ARG A 150 6.03 -0.76 11.80
C ARG A 150 5.82 -1.44 13.13
N PHE A 151 5.67 -2.74 13.05
CA PHE A 151 5.37 -3.58 14.22
C PHE A 151 6.59 -4.42 14.57
N HIS A 152 6.56 -5.04 15.73
CA HIS A 152 7.59 -5.98 16.11
C HIS A 152 7.07 -7.41 15.96
N ILE A 153 7.90 -8.31 15.47
CA ILE A 153 7.50 -9.69 15.26
C ILE A 153 8.64 -10.60 15.67
N ASN A 154 8.44 -11.88 15.50
CA ASN A 154 9.37 -12.86 15.99
C ASN A 154 10.23 -13.41 14.89
N TRP A 155 11.26 -12.66 14.57
CA TRP A 155 12.21 -13.07 13.56
C TRP A 155 12.99 -14.26 14.07
N GLU A 156 12.85 -14.52 15.36
CA GLU A 156 13.46 -15.66 15.98
C GLU A 156 12.37 -16.54 16.47
N ASP A 157 12.68 -17.80 16.64
CA ASP A 157 11.66 -18.76 16.97
C ASP A 157 11.35 -18.75 18.46
N ASN A 158 10.73 -17.66 18.89
CA ASN A 158 10.08 -17.55 20.19
C ASN A 158 11.05 -17.91 21.32
N GLY B 1 -21.12 5.37 7.27
CA GLY B 1 -21.27 6.81 7.64
C GLY B 1 -19.96 7.54 7.59
N ALA B 2 -19.35 7.72 8.77
CA ALA B 2 -18.09 8.42 8.93
C ALA B 2 -18.23 9.90 8.59
N MET B 3 -17.12 10.61 8.60
CA MET B 3 -17.10 12.02 8.20
C MET B 3 -16.31 12.15 6.92
N GLY B 4 -15.00 12.05 7.06
CA GLY B 4 -14.14 11.97 5.90
C GLY B 4 -13.47 10.62 5.83
N LYS B 5 -12.64 10.42 4.84
CA LYS B 5 -11.94 9.15 4.69
C LYS B 5 -10.73 9.10 5.61
N ASP B 6 -10.27 10.29 5.99
CA ASP B 6 -9.17 10.47 6.95
C ASP B 6 -9.19 9.39 8.05
N ILE B 7 -10.27 9.36 8.83
CA ILE B 7 -10.38 8.43 9.96
C ILE B 7 -10.50 6.99 9.48
N GLN B 8 -11.16 6.79 8.36
CA GLN B 8 -11.36 5.46 7.80
C GLN B 8 -10.02 4.81 7.44
N LEU B 9 -9.22 5.54 6.67
CA LEU B 9 -7.90 5.06 6.30
C LEU B 9 -7.03 4.96 7.54
N ALA B 10 -7.21 5.89 8.47
CA ALA B 10 -6.50 5.87 9.74
C ALA B 10 -6.78 4.57 10.48
N ARG B 11 -8.03 4.07 10.39
CA ARG B 11 -8.39 2.79 10.99
C ARG B 11 -7.54 1.66 10.42
N ARG B 12 -7.42 1.60 9.10
CA ARG B 12 -6.74 0.48 8.48
C ARG B 12 -5.22 0.57 8.66
N ILE B 13 -4.72 1.75 8.92
CA ILE B 13 -3.32 1.91 9.23
C ILE B 13 -3.09 1.86 10.74
N ARG B 14 -4.20 1.85 11.47
CA ARG B 14 -4.17 1.67 12.91
C ARG B 14 -4.03 0.20 13.25
N GLY B 15 -4.55 -0.65 12.36
CA GLY B 15 -4.53 -2.07 12.61
C GLY B 15 -5.45 -2.86 11.69
N GLU B 16 -5.28 -2.65 10.38
CA GLU B 16 -5.92 -3.53 9.41
C GLU B 16 -5.23 -4.88 9.46
N ARG B 17 -4.00 -4.88 8.99
CA ARG B 17 -3.22 -6.09 8.90
C ARG B 17 -2.75 -6.51 10.28
N ALA B 18 -2.16 -5.56 10.98
CA ALA B 18 -1.73 -5.77 12.34
C ALA B 18 -2.03 -4.51 13.14
N MET A 3 17.30 -7.27 17.18
CA MET A 3 15.84 -7.45 17.37
C MET A 3 15.16 -7.78 16.05
N ALA A 4 15.15 -6.82 15.13
CA ALA A 4 14.50 -7.01 13.84
C ALA A 4 15.53 -7.40 12.80
N LYS A 5 15.14 -8.30 11.91
CA LYS A 5 16.04 -8.81 10.88
C LYS A 5 15.95 -7.97 9.61
N VAL A 6 14.89 -7.18 9.48
CA VAL A 6 14.73 -6.29 8.35
C VAL A 6 14.21 -4.94 8.79
N GLN A 7 14.89 -3.92 8.34
CA GLN A 7 14.46 -2.56 8.49
C GLN A 7 14.36 -1.94 7.12
N VAL A 8 13.15 -1.83 6.59
CA VAL A 8 13.02 -1.18 5.30
C VAL A 8 13.10 0.32 5.54
N ASN A 9 13.93 0.95 4.73
CA ASN A 9 14.41 2.30 5.02
C ASN A 9 13.92 3.26 3.98
N ASN A 10 14.46 3.10 2.78
CA ASN A 10 14.14 3.99 1.69
C ASN A 10 13.01 3.39 0.91
N VAL A 11 12.26 4.25 0.29
CA VAL A 11 11.20 3.81 -0.55
C VAL A 11 11.04 4.76 -1.72
N VAL A 12 11.43 4.31 -2.87
CA VAL A 12 11.27 5.10 -4.06
C VAL A 12 9.95 4.73 -4.72
N VAL A 13 8.91 5.46 -4.38
CA VAL A 13 7.60 5.22 -4.92
C VAL A 13 7.53 5.76 -6.32
N LEU A 14 7.26 4.87 -7.24
CA LEU A 14 7.38 5.12 -8.66
C LEU A 14 6.04 5.30 -9.28
N ASP A 15 5.14 4.47 -8.82
CA ASP A 15 3.75 4.43 -9.24
C ASP A 15 2.98 5.68 -8.83
N ASN A 16 3.67 6.79 -8.92
CA ASN A 16 3.15 8.12 -8.62
C ASN A 16 2.30 8.62 -9.79
N PRO A 17 1.62 9.80 -9.71
CA PRO A 17 0.41 10.05 -10.48
C PRO A 17 0.56 9.73 -11.95
N SER A 18 -0.02 8.60 -12.26
CA SER A 18 -0.09 8.02 -13.58
C SER A 18 -1.42 7.28 -13.68
N PRO A 19 -1.83 6.80 -14.87
CA PRO A 19 -3.06 6.02 -15.04
C PRO A 19 -3.30 5.07 -13.87
N PHE A 20 -4.57 4.92 -13.50
CA PHE A 20 -4.92 4.01 -12.43
C PHE A 20 -4.50 2.59 -12.75
N TYR A 21 -4.50 2.24 -14.03
CA TYR A 21 -4.12 0.92 -14.45
C TYR A 21 -2.60 0.76 -14.37
N ASN A 22 -1.90 1.87 -14.18
CA ASN A 22 -0.49 1.83 -13.85
C ASN A 22 -0.33 1.25 -12.46
N PRO A 23 0.36 0.12 -12.42
CA PRO A 23 0.55 -0.73 -11.22
C PRO A 23 1.26 -0.03 -10.06
N PHE A 24 1.23 -0.69 -8.90
CA PHE A 24 1.90 -0.23 -7.69
C PHE A 24 3.38 -0.52 -7.78
N GLN A 25 4.13 0.50 -8.05
CA GLN A 25 5.58 0.40 -8.13
C GLN A 25 6.23 1.01 -6.88
N PHE A 26 6.80 0.18 -6.03
CA PHE A 26 7.46 0.65 -4.81
C PHE A 26 8.89 0.20 -4.75
N GLU A 27 9.83 1.07 -5.07
CA GLU A 27 11.22 0.66 -5.03
C GLU A 27 11.73 0.84 -3.61
N ILE A 28 11.46 -0.15 -2.78
CA ILE A 28 11.81 -0.07 -1.37
C ILE A 28 13.22 -0.59 -1.11
N THR A 29 13.98 0.22 -0.42
CA THR A 29 15.32 -0.18 -0.01
C THR A 29 15.29 -0.55 1.45
N PHE A 30 15.36 -1.84 1.71
CA PHE A 30 15.35 -2.30 3.05
C PHE A 30 16.66 -2.91 3.39
N GLU A 31 17.09 -2.67 4.58
CA GLU A 31 18.32 -3.21 5.03
C GLU A 31 18.02 -4.39 5.90
N CYS A 32 18.47 -5.54 5.48
CA CYS A 32 18.35 -6.69 6.31
C CYS A 32 19.37 -6.54 7.39
N ILE A 33 18.85 -6.20 8.53
CA ILE A 33 19.66 -5.90 9.66
C ILE A 33 20.28 -7.16 10.18
N GLU A 34 19.58 -8.27 10.00
CA GLU A 34 20.04 -9.54 10.51
C GLU A 34 19.54 -10.65 9.60
N ASP A 35 20.34 -11.68 9.47
CA ASP A 35 20.10 -12.74 8.49
C ASP A 35 18.76 -13.42 8.72
N LEU A 36 18.06 -13.69 7.64
CA LEU A 36 16.70 -14.16 7.69
C LEU A 36 16.69 -15.67 7.61
N SER A 37 15.68 -16.28 8.22
CA SER A 37 15.57 -17.73 8.20
C SER A 37 14.34 -18.17 7.41
N GLU A 38 13.36 -17.28 7.34
CA GLU A 38 12.12 -17.56 6.65
C GLU A 38 11.92 -16.52 5.55
N ASP A 39 10.74 -16.47 4.97
CA ASP A 39 10.45 -15.58 3.87
C ASP A 39 9.82 -14.29 4.40
N LEU A 40 10.30 -13.19 3.87
CA LEU A 40 9.79 -11.88 4.19
C LEU A 40 8.56 -11.62 3.33
N GLU A 41 7.41 -11.41 3.95
CA GLU A 41 6.18 -11.32 3.19
C GLU A 41 5.69 -9.88 3.07
N TRP A 42 6.14 -9.21 2.03
CA TRP A 42 5.69 -7.84 1.79
C TRP A 42 4.37 -7.88 1.09
N LYS A 43 3.46 -7.01 1.44
CA LYS A 43 2.20 -7.00 0.77
C LYS A 43 1.72 -5.59 0.50
N ILE A 44 1.04 -5.42 -0.62
CA ILE A 44 0.41 -4.17 -0.94
C ILE A 44 -1.08 -4.30 -0.69
N ILE A 45 -1.57 -3.53 0.24
CA ILE A 45 -2.96 -3.60 0.61
C ILE A 45 -3.64 -2.30 0.24
N TYR A 46 -4.44 -2.38 -0.79
CA TYR A 46 -5.15 -1.23 -1.29
C TYR A 46 -6.51 -1.14 -0.66
N VAL A 47 -6.73 -0.10 0.11
CA VAL A 47 -8.06 0.16 0.61
C VAL A 47 -9.02 0.33 -0.54
N GLY A 48 -9.87 -0.65 -0.76
CA GLY A 48 -10.95 -0.48 -1.71
C GLY A 48 -12.21 -0.15 -0.96
N SER A 49 -12.04 0.15 0.31
CA SER A 49 -13.15 0.39 1.21
C SER A 49 -12.95 1.65 2.05
N ALA A 50 -12.86 2.78 1.40
CA ALA A 50 -12.98 4.06 2.09
C ALA A 50 -14.45 4.35 2.33
N GLU A 51 -15.29 3.54 1.69
CA GLU A 51 -16.73 3.63 1.85
C GLU A 51 -17.19 2.54 2.81
N SER A 52 -16.69 1.31 2.59
CA SER A 52 -16.99 0.19 3.47
C SER A 52 -15.77 -0.14 4.33
N GLU A 53 -15.39 -1.41 4.46
CA GLU A 53 -14.14 -1.75 5.14
C GLU A 53 -13.55 -3.09 4.69
N GLU A 54 -14.36 -3.96 4.09
CA GLU A 54 -13.90 -5.29 3.75
C GLU A 54 -13.31 -5.32 2.34
N TYR A 55 -13.25 -4.17 1.71
CA TYR A 55 -12.77 -4.08 0.34
C TYR A 55 -11.28 -3.78 0.26
N ASP A 56 -10.60 -3.63 1.40
CA ASP A 56 -9.14 -3.56 1.42
C ASP A 56 -8.54 -4.78 0.69
N GLN A 57 -8.23 -4.60 -0.58
CA GLN A 57 -7.78 -5.69 -1.43
C GLN A 57 -6.26 -5.78 -1.49
N VAL A 58 -5.78 -6.87 -2.06
CA VAL A 58 -4.40 -7.27 -1.97
C VAL A 58 -3.86 -7.49 -3.36
N LEU A 59 -2.87 -6.69 -3.71
CA LEU A 59 -2.37 -6.67 -5.05
C LEU A 59 -1.30 -7.73 -5.24
N ASP A 60 -0.26 -7.67 -4.45
CA ASP A 60 0.78 -8.66 -4.50
C ASP A 60 1.47 -8.76 -3.17
N SER A 61 2.02 -9.92 -2.89
CA SER A 61 2.76 -10.16 -1.69
C SER A 61 4.03 -10.91 -2.07
N VAL A 62 5.14 -10.24 -1.94
CA VAL A 62 6.40 -10.76 -2.44
C VAL A 62 7.19 -11.35 -1.29
N LEU A 63 7.72 -12.53 -1.53
CA LEU A 63 8.43 -13.23 -0.48
C LEU A 63 9.92 -13.17 -0.74
N VAL A 64 10.61 -12.34 0.03
CA VAL A 64 12.06 -12.26 -0.02
C VAL A 64 12.60 -13.24 1.00
N GLY A 65 13.27 -14.28 0.51
CA GLY A 65 13.62 -15.40 1.35
C GLY A 65 14.64 -15.09 2.39
N PRO A 66 15.24 -16.11 3.00
CA PRO A 66 16.26 -15.88 4.01
C PRO A 66 17.49 -15.30 3.36
N VAL A 67 17.75 -14.08 3.73
CA VAL A 67 18.86 -13.34 3.20
C VAL A 67 19.79 -12.92 4.33
N PRO A 68 21.12 -13.09 4.15
CA PRO A 68 22.08 -12.81 5.20
C PRO A 68 22.43 -11.34 5.29
N ALA A 69 21.53 -10.65 5.92
CA ALA A 69 21.57 -9.20 6.09
C ALA A 69 21.80 -8.49 4.76
N GLY A 70 22.01 -7.18 4.85
CA GLY A 70 22.39 -6.41 3.71
C GLY A 70 21.25 -5.56 3.23
N ARG A 71 21.52 -4.32 2.92
CA ARG A 71 20.53 -3.47 2.35
C ARG A 71 20.25 -3.84 0.91
N HIS A 72 19.04 -4.27 0.70
CA HIS A 72 18.56 -4.67 -0.61
C HIS A 72 17.46 -3.72 -1.05
N MET A 73 17.71 -3.03 -2.14
CA MET A 73 16.68 -2.20 -2.74
C MET A 73 15.85 -3.03 -3.70
N PHE A 74 14.68 -3.40 -3.26
CA PHE A 74 13.79 -4.23 -4.03
C PHE A 74 12.60 -3.40 -4.48
N VAL A 75 12.35 -3.44 -5.75
CA VAL A 75 11.31 -2.65 -6.31
C VAL A 75 10.05 -3.48 -6.58
N PHE A 76 9.05 -3.15 -5.79
CA PHE A 76 7.73 -3.74 -5.82
C PHE A 76 6.98 -3.27 -7.06
N GLN A 77 6.20 -4.14 -7.65
CA GLN A 77 5.23 -3.73 -8.66
C GLN A 77 4.08 -4.72 -8.65
N ALA A 78 2.89 -4.23 -8.90
CA ALA A 78 1.69 -5.07 -8.89
C ALA A 78 0.52 -4.33 -9.50
N ASP A 79 -0.23 -4.99 -10.37
CA ASP A 79 -1.36 -4.38 -11.05
C ASP A 79 -2.34 -3.80 -10.03
N ALA A 80 -3.17 -2.88 -10.48
CA ALA A 80 -3.98 -2.05 -9.61
C ALA A 80 -5.17 -2.81 -9.06
N PRO A 81 -5.81 -2.27 -8.02
CA PRO A 81 -6.95 -2.91 -7.37
C PRO A 81 -8.12 -3.12 -8.33
N ASN A 82 -9.02 -3.97 -7.92
CA ASN A 82 -10.18 -4.34 -8.70
C ASN A 82 -11.15 -3.18 -8.82
N PRO A 83 -11.35 -2.71 -10.05
CA PRO A 83 -12.25 -1.60 -10.36
C PRO A 83 -13.69 -1.88 -9.96
N GLY A 84 -14.03 -3.16 -9.85
CA GLY A 84 -15.36 -3.54 -9.45
C GLY A 84 -15.49 -3.62 -7.94
N LEU A 85 -14.38 -3.55 -7.23
CA LEU A 85 -14.39 -3.62 -5.78
C LEU A 85 -14.49 -2.22 -5.19
N ILE A 86 -13.91 -1.24 -5.89
CA ILE A 86 -13.93 0.12 -5.39
C ILE A 86 -15.29 0.78 -5.54
N PRO A 87 -15.83 1.27 -4.43
CA PRO A 87 -17.02 2.11 -4.40
C PRO A 87 -16.71 3.56 -4.78
N ASP A 88 -17.73 4.31 -5.11
CA ASP A 88 -17.61 5.71 -5.54
C ASP A 88 -16.67 6.54 -4.66
N ALA A 89 -16.92 6.56 -3.36
CA ALA A 89 -16.25 7.49 -2.46
C ALA A 89 -14.79 7.11 -2.29
N ASP A 90 -14.46 5.91 -2.71
CA ASP A 90 -13.14 5.35 -2.55
C ASP A 90 -12.31 5.54 -3.82
N ALA A 91 -13.02 5.67 -4.96
CA ALA A 91 -12.36 5.71 -6.26
C ALA A 91 -11.96 7.11 -6.69
N VAL A 92 -12.86 8.06 -6.54
CA VAL A 92 -12.66 9.38 -7.09
C VAL A 92 -12.20 10.40 -6.05
N GLY A 93 -11.19 10.02 -5.30
CA GLY A 93 -10.82 10.76 -4.12
C GLY A 93 -9.62 10.19 -3.43
N VAL A 94 -9.77 9.98 -2.15
CA VAL A 94 -8.66 9.58 -1.30
C VAL A 94 -8.80 8.14 -0.83
N THR A 95 -7.71 7.42 -0.93
CA THR A 95 -7.64 6.04 -0.57
C THR A 95 -6.26 5.79 0.03
N VAL A 96 -6.03 4.62 0.61
CA VAL A 96 -4.71 4.31 1.14
C VAL A 96 -4.22 2.96 0.65
N VAL A 97 -2.91 2.86 0.43
CA VAL A 97 -2.30 1.65 -0.01
C VAL A 97 -1.09 1.39 0.87
N LEU A 98 -1.20 0.39 1.73
CA LEU A 98 -0.16 0.15 2.71
C LEU A 98 0.64 -1.09 2.37
N ILE A 99 1.91 -1.08 2.71
CA ILE A 99 2.75 -2.24 2.52
C ILE A 99 3.18 -2.77 3.85
N THR A 100 2.58 -3.85 4.23
CA THR A 100 2.89 -4.50 5.47
C THR A 100 3.80 -5.67 5.22
N CYS A 101 4.99 -5.59 5.77
CA CYS A 101 5.89 -6.72 5.73
C CYS A 101 5.52 -7.68 6.84
N THR A 102 5.25 -8.90 6.47
CA THR A 102 4.79 -9.91 7.38
C THR A 102 5.86 -10.98 7.49
N TYR A 103 6.35 -11.20 8.67
CA TYR A 103 7.33 -12.26 8.86
C TYR A 103 6.81 -13.23 9.92
N ARG A 104 6.62 -14.46 9.48
CA ARG A 104 6.13 -15.55 10.33
C ARG A 104 4.70 -15.32 10.82
N GLY A 105 3.96 -14.51 10.09
CA GLY A 105 2.55 -14.33 10.39
C GLY A 105 2.27 -13.03 11.12
N GLN A 106 3.32 -12.33 11.50
CA GLN A 106 3.15 -11.02 12.11
C GLN A 106 3.63 -9.94 11.17
N GLU A 107 2.83 -8.90 10.99
CA GLU A 107 3.24 -7.76 10.19
C GLU A 107 4.07 -6.83 11.04
N PHE A 108 5.23 -6.43 10.54
CA PHE A 108 6.17 -5.66 11.33
C PHE A 108 6.44 -4.30 10.71
N ILE A 109 5.79 -3.98 9.61
CA ILE A 109 5.89 -2.65 9.07
C ILE A 109 4.70 -2.40 8.19
N ARG A 110 4.36 -1.16 8.02
CA ARG A 110 3.19 -0.79 7.29
C ARG A 110 3.41 0.57 6.67
N VAL A 111 3.49 0.65 5.36
CA VAL A 111 3.63 1.93 4.72
C VAL A 111 2.29 2.36 4.09
N GLY A 112 1.57 3.21 4.79
CA GLY A 112 0.28 3.64 4.32
C GLY A 112 0.36 4.89 3.53
N TYR A 113 0.59 4.71 2.26
CA TYR A 113 0.53 5.81 1.33
C TYR A 113 -0.89 6.12 1.07
N TYR A 114 -1.15 7.36 0.86
CA TYR A 114 -2.43 7.71 0.37
C TYR A 114 -2.40 7.54 -1.13
N VAL A 115 -3.39 6.89 -1.69
CA VAL A 115 -3.50 6.87 -3.12
C VAL A 115 -4.67 7.73 -3.47
N ASN A 116 -4.37 8.86 -4.06
CA ASN A 116 -5.40 9.82 -4.39
C ASN A 116 -5.76 9.65 -5.85
N ASN A 117 -6.95 9.12 -6.08
CA ASN A 117 -7.36 8.76 -7.40
C ASN A 117 -8.19 9.88 -7.98
N GLU A 118 -7.63 10.54 -8.95
CA GLU A 118 -8.30 11.65 -9.58
C GLU A 118 -8.28 11.42 -11.07
N TYR A 119 -9.41 11.61 -11.69
CA TYR A 119 -9.55 11.49 -13.13
C TYR A 119 -8.40 12.12 -13.91
N THR A 120 -8.23 11.64 -15.14
CA THR A 120 -7.16 12.10 -16.00
C THR A 120 -7.67 13.19 -16.92
N GLU A 121 -8.95 13.09 -17.24
CA GLU A 121 -9.58 14.03 -18.13
C GLU A 121 -10.07 15.23 -17.35
N THR A 122 -9.71 16.45 -17.77
CA THR A 122 -10.01 17.64 -16.98
C THR A 122 -11.45 17.68 -16.51
N GLU A 123 -12.37 17.38 -17.44
CA GLU A 123 -13.81 17.45 -17.17
C GLU A 123 -14.15 16.61 -15.95
N LEU A 124 -13.46 15.51 -15.85
CA LEU A 124 -13.72 14.54 -14.83
C LEU A 124 -13.02 14.90 -13.53
N ARG A 125 -11.93 15.66 -13.63
CA ARG A 125 -11.15 16.07 -12.46
C ARG A 125 -11.88 17.21 -11.78
N GLU A 126 -12.39 18.08 -12.61
CA GLU A 126 -13.07 19.27 -12.17
C GLU A 126 -14.43 18.94 -11.59
N ASN A 127 -15.01 17.89 -12.11
CA ASN A 127 -16.27 17.37 -11.59
C ASN A 127 -16.41 15.88 -11.87
N PRO A 128 -15.95 15.04 -10.93
CA PRO A 128 -16.09 13.59 -11.02
C PRO A 128 -17.54 13.19 -11.19
N PRO A 129 -17.86 12.54 -12.30
CA PRO A 129 -19.19 12.02 -12.55
C PRO A 129 -19.56 11.00 -11.48
N VAL A 130 -20.86 10.90 -11.24
CA VAL A 130 -21.43 10.15 -10.12
C VAL A 130 -20.84 8.75 -10.00
N LYS A 131 -20.43 8.19 -11.13
CA LYS A 131 -19.75 6.92 -11.11
C LYS A 131 -18.34 6.99 -11.66
N PRO A 132 -17.40 6.82 -10.74
CA PRO A 132 -15.97 6.73 -10.99
C PRO A 132 -15.61 5.85 -12.17
N ASP A 133 -14.65 6.29 -12.95
CA ASP A 133 -14.12 5.50 -14.05
C ASP A 133 -12.64 5.26 -13.83
N PHE A 134 -12.29 4.00 -13.65
CA PHE A 134 -10.96 3.61 -13.23
C PHE A 134 -9.97 3.66 -14.39
N SER A 135 -10.51 3.70 -15.58
CA SER A 135 -9.73 3.83 -16.80
C SER A 135 -9.39 5.29 -17.06
N LYS A 136 -10.22 6.19 -16.53
CA LYS A 136 -9.99 7.61 -16.63
C LYS A 136 -9.41 8.09 -15.33
N LEU A 137 -8.99 7.15 -14.53
CA LEU A 137 -8.55 7.45 -13.21
C LEU A 137 -7.03 7.55 -13.18
N GLN A 138 -6.52 8.45 -12.36
CA GLN A 138 -5.10 8.68 -12.22
C GLN A 138 -4.71 8.53 -10.76
N ARG A 139 -3.75 7.68 -10.48
CA ARG A 139 -3.35 7.45 -9.11
C ARG A 139 -2.22 8.39 -8.73
N ASN A 140 -2.54 9.43 -7.96
CA ASN A 140 -1.53 10.28 -7.37
C ASN A 140 -1.16 9.68 -6.05
N ILE A 141 -0.17 8.84 -6.11
CA ILE A 141 0.35 8.16 -4.96
C ILE A 141 1.09 9.16 -4.09
N LEU A 142 0.58 9.38 -2.89
CA LEU A 142 1.13 10.41 -2.02
C LEU A 142 2.39 9.93 -1.35
N ALA A 143 3.44 9.90 -2.13
CA ALA A 143 4.76 9.56 -1.65
C ALA A 143 5.30 10.70 -0.79
N SER A 144 4.71 11.86 -1.00
CA SER A 144 5.00 13.04 -0.19
C SER A 144 4.36 12.92 1.19
N ASN A 145 3.49 11.92 1.35
CA ASN A 145 2.78 11.73 2.60
C ASN A 145 2.67 10.24 2.94
N PRO A 146 3.81 9.57 3.24
CA PRO A 146 3.79 8.15 3.59
C PRO A 146 3.57 7.95 5.08
N ARG A 147 2.37 7.51 5.43
CA ARG A 147 2.04 7.19 6.79
C ARG A 147 2.66 5.83 7.15
N VAL A 148 3.89 5.86 7.63
CA VAL A 148 4.62 4.63 7.91
C VAL A 148 4.49 4.23 9.39
N THR A 149 4.29 2.95 9.61
CA THR A 149 4.16 2.38 10.95
C THR A 149 4.76 1.00 11.01
N ARG A 150 5.90 0.88 11.66
CA ARG A 150 6.49 -0.41 11.85
C ARG A 150 6.13 -0.95 13.22
N PHE A 151 6.08 -2.26 13.30
CA PHE A 151 5.69 -2.95 14.52
C PHE A 151 6.80 -3.91 14.95
N HIS A 152 6.67 -4.44 16.15
CA HIS A 152 7.65 -5.39 16.69
C HIS A 152 7.08 -6.79 16.65
N ILE A 153 7.82 -7.71 16.02
CA ILE A 153 7.37 -9.08 15.87
C ILE A 153 8.51 -10.01 16.16
N ASN A 154 8.21 -11.29 16.19
CA ASN A 154 9.20 -12.31 16.42
C ASN A 154 9.70 -12.85 15.10
N TRP A 155 10.92 -12.50 14.81
CA TRP A 155 11.64 -13.07 13.68
C TRP A 155 12.21 -14.40 14.12
N GLU A 156 11.68 -14.89 15.22
CA GLU A 156 12.14 -16.11 15.84
C GLU A 156 10.97 -17.06 15.94
N ASP A 157 11.12 -18.08 16.76
CA ASP A 157 10.02 -18.96 17.08
C ASP A 157 9.89 -19.07 18.58
N ASN A 158 9.44 -17.98 19.19
CA ASN A 158 9.27 -17.93 20.63
C ASN A 158 7.88 -17.47 21.01
N GLY B 1 -22.47 6.32 8.67
CA GLY B 1 -21.10 5.93 8.27
C GLY B 1 -20.06 6.51 9.21
N ALA B 2 -18.81 6.08 9.05
CA ALA B 2 -17.73 6.57 9.88
C ALA B 2 -17.07 7.79 9.24
N MET B 3 -17.72 8.94 9.38
CA MET B 3 -17.22 10.21 8.84
C MET B 3 -17.04 10.15 7.33
N GLY B 4 -15.83 9.81 6.91
CA GLY B 4 -15.50 9.79 5.50
C GLY B 4 -14.31 8.91 5.21
N LYS B 5 -13.55 9.27 4.19
CA LYS B 5 -12.45 8.45 3.70
C LYS B 5 -11.29 8.46 4.69
N ASP B 6 -10.99 9.67 5.18
CA ASP B 6 -9.82 9.91 6.02
C ASP B 6 -9.70 8.92 7.17
N ILE B 7 -10.75 8.81 7.99
CA ILE B 7 -10.70 7.97 9.18
C ILE B 7 -10.77 6.49 8.80
N GLN B 8 -11.37 6.19 7.66
CA GLN B 8 -11.40 4.82 7.15
C GLN B 8 -9.99 4.36 6.80
N LEU B 9 -9.27 5.23 6.13
CA LEU B 9 -7.89 4.97 5.83
C LEU B 9 -7.10 4.92 7.13
N ALA B 10 -7.40 5.88 8.02
CA ALA B 10 -6.71 6.01 9.29
C ALA B 10 -6.85 4.76 10.16
N ARG B 11 -8.01 4.12 10.16
CA ARG B 11 -8.20 2.92 10.98
C ARG B 11 -7.33 1.77 10.45
N ARG B 12 -7.36 1.55 9.13
CA ARG B 12 -6.55 0.49 8.55
C ARG B 12 -5.08 0.81 8.80
N ILE B 13 -4.80 2.11 8.64
CA ILE B 13 -3.49 2.70 8.85
C ILE B 13 -2.94 2.42 10.25
N ARG B 14 -3.65 2.88 11.27
CA ARG B 14 -3.16 2.82 12.66
C ARG B 14 -2.75 1.41 13.03
N GLY B 15 -3.56 0.45 12.63
CA GLY B 15 -3.22 -0.93 12.91
C GLY B 15 -4.42 -1.80 12.94
N GLU B 16 -5.02 -2.03 11.78
CA GLU B 16 -6.27 -2.78 11.75
C GLU B 16 -6.05 -4.17 11.15
N ARG B 17 -5.02 -4.31 10.33
CA ARG B 17 -4.64 -5.60 9.80
C ARG B 17 -4.07 -6.43 10.93
N ALA B 18 -2.84 -6.09 11.30
CA ALA B 18 -2.15 -6.70 12.42
C ALA B 18 -1.38 -5.63 13.17
N MET A 3 16.26 -5.59 17.35
CA MET A 3 15.31 -6.71 17.49
C MET A 3 15.00 -7.34 16.13
N ALA A 4 14.53 -6.52 15.20
CA ALA A 4 14.08 -7.00 13.91
C ALA A 4 15.22 -7.54 13.06
N LYS A 5 14.88 -8.42 12.12
CA LYS A 5 15.84 -8.97 11.18
C LYS A 5 15.81 -8.17 9.87
N VAL A 6 14.74 -7.42 9.67
CA VAL A 6 14.65 -6.51 8.53
C VAL A 6 14.08 -5.18 8.97
N GLN A 7 14.80 -4.14 8.66
CA GLN A 7 14.35 -2.80 8.85
C GLN A 7 14.24 -2.15 7.49
N VAL A 8 13.05 -2.06 6.94
CA VAL A 8 12.92 -1.38 5.68
C VAL A 8 12.96 0.11 5.93
N ASN A 9 13.73 0.78 5.12
CA ASN A 9 14.13 2.15 5.39
C ASN A 9 13.54 3.06 4.37
N ASN A 10 13.95 2.84 3.13
CA ASN A 10 13.53 3.69 2.07
C ASN A 10 12.46 3.02 1.25
N VAL A 11 11.62 3.81 0.69
CA VAL A 11 10.67 3.34 -0.28
C VAL A 11 10.48 4.42 -1.33
N VAL A 12 11.15 4.26 -2.44
CA VAL A 12 11.03 5.24 -3.48
C VAL A 12 9.98 4.80 -4.46
N VAL A 13 8.78 5.31 -4.25
CA VAL A 13 7.68 5.02 -5.13
C VAL A 13 7.94 5.66 -6.46
N LEU A 14 7.90 4.85 -7.48
CA LEU A 14 8.31 5.25 -8.79
C LEU A 14 7.12 5.66 -9.58
N ASP A 15 6.14 4.78 -9.61
CA ASP A 15 4.88 5.09 -10.23
C ASP A 15 4.09 6.04 -9.36
N ASN A 16 4.49 7.26 -9.45
CA ASN A 16 3.74 8.40 -8.96
C ASN A 16 2.73 8.76 -10.04
N PRO A 17 1.84 9.78 -9.86
CA PRO A 17 0.51 9.75 -10.47
C PRO A 17 0.49 9.39 -11.94
N SER A 18 0.07 8.15 -12.17
CA SER A 18 -0.13 7.61 -13.50
C SER A 18 -1.51 6.93 -13.54
N PRO A 19 -2.00 6.52 -14.72
CA PRO A 19 -3.33 5.89 -14.84
C PRO A 19 -3.53 4.82 -13.78
N PHE A 20 -4.75 4.71 -13.28
CA PHE A 20 -5.08 3.77 -12.24
C PHE A 20 -4.82 2.34 -12.71
N TYR A 21 -5.10 2.04 -13.96
CA TYR A 21 -4.91 0.69 -14.48
C TYR A 21 -3.44 0.44 -14.79
N ASN A 22 -2.62 1.44 -14.56
CA ASN A 22 -1.20 1.26 -14.65
C ASN A 22 -0.72 0.85 -13.27
N PRO A 23 0.08 -0.21 -13.23
CA PRO A 23 0.45 -0.91 -11.98
C PRO A 23 1.25 -0.06 -10.99
N PHE A 24 1.07 -0.37 -9.71
CA PHE A 24 1.78 0.30 -8.64
C PHE A 24 3.25 -0.03 -8.74
N GLN A 25 4.07 0.96 -8.50
CA GLN A 25 5.50 0.80 -8.69
C GLN A 25 6.24 1.37 -7.50
N PHE A 26 6.63 0.50 -6.60
CA PHE A 26 7.42 0.87 -5.44
C PHE A 26 8.85 0.46 -5.67
N GLU A 27 9.77 1.11 -5.00
CA GLU A 27 11.14 0.66 -4.97
C GLU A 27 11.64 0.73 -3.53
N ILE A 28 11.42 -0.36 -2.81
CA ILE A 28 11.75 -0.36 -1.39
C ILE A 28 13.20 -0.76 -1.14
N THR A 29 13.84 0.04 -0.32
CA THR A 29 15.19 -0.24 0.15
C THR A 29 15.14 -0.63 1.61
N PHE A 30 15.36 -1.90 1.90
CA PHE A 30 15.28 -2.34 3.26
C PHE A 30 16.60 -2.91 3.68
N GLU A 31 16.89 -2.75 4.94
CA GLU A 31 18.13 -3.23 5.46
C GLU A 31 17.86 -4.43 6.28
N CYS A 32 18.37 -5.55 5.85
CA CYS A 32 18.26 -6.72 6.65
C CYS A 32 19.21 -6.54 7.77
N ILE A 33 18.64 -6.39 8.92
CA ILE A 33 19.41 -6.09 10.06
C ILE A 33 20.08 -7.35 10.55
N GLU A 34 19.44 -8.50 10.31
CA GLU A 34 19.98 -9.76 10.78
C GLU A 34 19.53 -10.89 9.87
N ASP A 35 20.31 -11.97 9.83
CA ASP A 35 20.08 -13.09 8.92
C ASP A 35 18.63 -13.56 9.01
N LEU A 36 18.00 -13.66 7.85
CA LEU A 36 16.56 -13.91 7.77
C LEU A 36 16.31 -15.41 7.89
N SER A 37 15.19 -15.80 8.49
CA SER A 37 14.95 -17.20 8.79
C SER A 37 13.77 -17.75 7.98
N GLU A 38 12.91 -16.85 7.54
CA GLU A 38 11.70 -17.21 6.82
C GLU A 38 11.65 -16.36 5.55
N ASP A 39 10.50 -16.30 4.89
CA ASP A 39 10.36 -15.43 3.74
C ASP A 39 9.76 -14.12 4.20
N LEU A 40 10.29 -13.04 3.68
CA LEU A 40 9.79 -11.72 3.97
C LEU A 40 8.62 -11.45 3.06
N GLU A 41 7.45 -11.22 3.63
CA GLU A 41 6.24 -11.15 2.80
C GLU A 41 5.75 -9.71 2.65
N TRP A 42 6.25 -9.04 1.64
CA TRP A 42 5.82 -7.68 1.33
C TRP A 42 4.51 -7.75 0.60
N LYS A 43 3.51 -7.08 1.11
CA LYS A 43 2.23 -7.08 0.45
C LYS A 43 1.70 -5.67 0.30
N ILE A 44 1.07 -5.41 -0.82
CA ILE A 44 0.47 -4.10 -1.03
C ILE A 44 -1.03 -4.21 -0.84
N ILE A 45 -1.52 -3.57 0.20
CA ILE A 45 -2.94 -3.63 0.53
C ILE A 45 -3.59 -2.33 0.12
N TYR A 46 -4.34 -2.39 -0.95
CA TYR A 46 -5.06 -1.24 -1.44
C TYR A 46 -6.43 -1.24 -0.81
N VAL A 47 -6.68 -0.26 0.05
CA VAL A 47 -7.99 -0.11 0.64
C VAL A 47 -9.04 -0.04 -0.45
N GLY A 48 -9.84 -1.10 -0.56
CA GLY A 48 -10.85 -1.14 -1.58
C GLY A 48 -11.96 -0.17 -1.28
N SER A 49 -12.40 -0.17 -0.03
CA SER A 49 -13.42 0.76 0.38
C SER A 49 -12.99 1.53 1.62
N ALA A 50 -13.03 2.82 1.50
CA ALA A 50 -13.05 3.71 2.63
C ALA A 50 -14.52 3.93 3.00
N GLU A 51 -15.38 3.28 2.23
CA GLU A 51 -16.81 3.29 2.48
C GLU A 51 -17.17 2.14 3.43
N SER A 52 -16.39 1.05 3.37
CA SER A 52 -16.54 -0.04 4.29
C SER A 52 -15.22 -0.29 5.05
N GLU A 53 -14.52 -1.39 4.73
CA GLU A 53 -13.21 -1.68 5.33
C GLU A 53 -12.64 -2.99 4.78
N GLU A 54 -13.47 -4.02 4.76
CA GLU A 54 -13.01 -5.38 4.41
C GLU A 54 -12.73 -5.51 2.93
N TYR A 55 -12.90 -4.41 2.22
CA TYR A 55 -12.65 -4.40 0.78
C TYR A 55 -11.17 -4.25 0.50
N ASP A 56 -10.37 -3.99 1.54
CA ASP A 56 -8.93 -3.91 1.41
C ASP A 56 -8.40 -5.07 0.55
N GLN A 57 -7.97 -4.72 -0.65
CA GLN A 57 -7.48 -5.68 -1.62
C GLN A 57 -5.98 -5.85 -1.52
N VAL A 58 -5.49 -6.87 -2.22
CA VAL A 58 -4.11 -7.29 -2.14
C VAL A 58 -3.59 -7.44 -3.55
N LEU A 59 -2.69 -6.54 -3.91
CA LEU A 59 -2.20 -6.49 -5.26
C LEU A 59 -1.23 -7.61 -5.51
N ASP A 60 -0.21 -7.69 -4.68
CA ASP A 60 0.75 -8.75 -4.79
C ASP A 60 1.51 -8.90 -3.48
N SER A 61 2.28 -9.96 -3.37
CA SER A 61 3.08 -10.19 -2.21
C SER A 61 4.37 -10.88 -2.62
N VAL A 62 5.47 -10.19 -2.43
CA VAL A 62 6.76 -10.69 -2.88
C VAL A 62 7.49 -11.31 -1.71
N LEU A 63 8.06 -12.47 -1.95
CA LEU A 63 8.71 -13.19 -0.88
C LEU A 63 10.22 -13.09 -1.04
N VAL A 64 10.83 -12.26 -0.22
CA VAL A 64 12.28 -12.15 -0.18
C VAL A 64 12.79 -13.04 0.94
N GLY A 65 13.60 -14.02 0.60
CA GLY A 65 13.89 -15.09 1.51
C GLY A 65 14.92 -14.72 2.54
N PRO A 66 15.50 -15.72 3.18
CA PRO A 66 16.57 -15.49 4.13
C PRO A 66 17.78 -14.89 3.44
N VAL A 67 18.09 -13.70 3.86
CA VAL A 67 19.22 -12.96 3.34
C VAL A 67 20.09 -12.49 4.51
N PRO A 68 21.42 -12.60 4.37
CA PRO A 68 22.34 -12.31 5.47
C PRO A 68 22.63 -10.84 5.66
N ALA A 69 21.67 -10.20 6.24
CA ALA A 69 21.69 -8.75 6.53
C ALA A 69 22.02 -7.91 5.29
N GLY A 70 21.99 -6.59 5.45
CA GLY A 70 22.43 -5.73 4.39
C GLY A 70 21.27 -4.98 3.81
N ARG A 71 21.42 -3.69 3.71
CA ARG A 71 20.40 -2.89 3.07
C ARG A 71 20.54 -2.98 1.57
N HIS A 72 19.44 -3.32 0.95
CA HIS A 72 19.38 -3.50 -0.48
C HIS A 72 17.98 -3.24 -0.97
N MET A 73 17.89 -2.66 -2.13
CA MET A 73 16.61 -2.28 -2.69
C MET A 73 16.04 -3.37 -3.57
N PHE A 74 14.76 -3.62 -3.41
CA PHE A 74 14.01 -4.44 -4.33
C PHE A 74 12.88 -3.60 -4.86
N VAL A 75 12.34 -4.01 -5.97
CA VAL A 75 11.40 -3.17 -6.64
C VAL A 75 10.07 -3.89 -6.82
N PHE A 76 9.01 -3.15 -6.51
CA PHE A 76 7.69 -3.71 -6.29
C PHE A 76 6.71 -3.21 -7.34
N GLN A 77 5.98 -4.10 -7.98
CA GLN A 77 4.98 -3.70 -8.98
C GLN A 77 3.85 -4.71 -9.05
N ALA A 78 2.65 -4.21 -9.26
CA ALA A 78 1.45 -5.02 -9.39
C ALA A 78 0.31 -4.15 -9.89
N ASP A 79 -0.49 -4.66 -10.82
CA ASP A 79 -1.53 -3.86 -11.44
C ASP A 79 -2.69 -3.62 -10.47
N ALA A 80 -3.41 -2.54 -10.74
CA ALA A 80 -4.46 -2.01 -9.90
C ALA A 80 -5.42 -3.04 -9.32
N PRO A 81 -6.05 -2.63 -8.21
CA PRO A 81 -7.08 -3.42 -7.53
C PRO A 81 -8.33 -3.56 -8.38
N ASN A 82 -9.24 -4.40 -7.94
CA ASN A 82 -10.49 -4.64 -8.65
C ASN A 82 -11.35 -3.40 -8.61
N PRO A 83 -11.64 -2.86 -9.80
CA PRO A 83 -12.45 -1.66 -9.96
C PRO A 83 -13.87 -1.84 -9.43
N GLY A 84 -14.32 -3.09 -9.40
CA GLY A 84 -15.63 -3.38 -8.90
C GLY A 84 -15.66 -3.48 -7.39
N LEU A 85 -14.49 -3.51 -6.77
CA LEU A 85 -14.40 -3.60 -5.32
C LEU A 85 -14.32 -2.22 -4.71
N ILE A 86 -13.90 -1.25 -5.50
CA ILE A 86 -13.89 0.13 -5.02
C ILE A 86 -15.26 0.78 -5.21
N PRO A 87 -15.76 1.40 -4.15
CA PRO A 87 -16.94 2.23 -4.21
C PRO A 87 -16.64 3.63 -4.75
N ASP A 88 -17.67 4.31 -5.20
CA ASP A 88 -17.56 5.66 -5.75
C ASP A 88 -16.73 6.60 -4.89
N ALA A 89 -17.06 6.69 -3.61
CA ALA A 89 -16.52 7.73 -2.76
C ALA A 89 -15.02 7.58 -2.59
N ASP A 90 -14.56 6.35 -2.69
CA ASP A 90 -13.18 6.03 -2.42
C ASP A 90 -12.34 5.99 -3.70
N ALA A 91 -13.02 5.85 -4.83
CA ALA A 91 -12.33 5.72 -6.10
C ALA A 91 -11.89 7.06 -6.63
N VAL A 92 -12.79 8.02 -6.62
CA VAL A 92 -12.53 9.33 -7.16
C VAL A 92 -12.10 10.31 -6.07
N GLY A 93 -11.15 9.85 -5.27
CA GLY A 93 -10.83 10.52 -4.02
C GLY A 93 -9.58 9.96 -3.40
N VAL A 94 -9.68 9.63 -2.13
CA VAL A 94 -8.52 9.21 -1.36
C VAL A 94 -8.68 7.80 -0.82
N THR A 95 -7.71 6.97 -1.14
CA THR A 95 -7.63 5.63 -0.62
C THR A 95 -6.21 5.43 -0.11
N VAL A 96 -5.95 4.36 0.59
CA VAL A 96 -4.60 4.11 1.06
C VAL A 96 -4.12 2.74 0.65
N VAL A 97 -2.85 2.65 0.30
CA VAL A 97 -2.28 1.41 -0.08
C VAL A 97 -1.02 1.15 0.75
N LEU A 98 -1.14 0.21 1.67
CA LEU A 98 -0.10 -0.03 2.67
C LEU A 98 0.71 -1.27 2.34
N ILE A 99 2.01 -1.18 2.52
CA ILE A 99 2.86 -2.32 2.27
C ILE A 99 3.24 -2.93 3.60
N THR A 100 2.49 -3.93 3.98
CA THR A 100 2.70 -4.59 5.22
C THR A 100 3.53 -5.82 5.02
N CYS A 101 4.70 -5.81 5.60
CA CYS A 101 5.56 -6.97 5.53
C CYS A 101 5.17 -8.00 6.58
N THR A 102 4.78 -9.15 6.11
CA THR A 102 4.34 -10.23 6.95
C THR A 102 5.48 -11.22 7.14
N TYR A 103 5.98 -11.34 8.34
CA TYR A 103 6.99 -12.32 8.63
C TYR A 103 6.50 -13.22 9.78
N ARG A 104 6.42 -14.51 9.50
CA ARG A 104 5.92 -15.50 10.47
C ARG A 104 4.47 -15.26 10.84
N GLY A 105 3.74 -14.66 9.93
CA GLY A 105 2.31 -14.55 10.07
C GLY A 105 1.89 -13.23 10.68
N GLN A 106 2.87 -12.43 11.09
CA GLN A 106 2.56 -11.11 11.61
C GLN A 106 3.25 -10.04 10.79
N GLU A 107 2.50 -9.00 10.49
CA GLU A 107 3.01 -7.90 9.71
C GLU A 107 3.80 -6.95 10.61
N PHE A 108 5.02 -6.61 10.20
CA PHE A 108 5.91 -5.82 11.02
C PHE A 108 6.15 -4.44 10.45
N ILE A 109 5.51 -4.12 9.33
CA ILE A 109 5.59 -2.78 8.79
C ILE A 109 4.39 -2.53 7.92
N ARG A 110 4.10 -1.27 7.72
CA ARG A 110 2.98 -0.83 6.93
C ARG A 110 3.32 0.51 6.34
N VAL A 111 3.56 0.57 5.05
CA VAL A 111 3.71 1.87 4.43
C VAL A 111 2.38 2.26 3.79
N GLY A 112 1.63 3.08 4.50
CA GLY A 112 0.33 3.47 4.02
C GLY A 112 0.43 4.66 3.13
N TYR A 113 0.81 4.38 1.92
CA TYR A 113 0.86 5.40 0.92
C TYR A 113 -0.54 5.78 0.54
N TYR A 114 -0.85 7.03 0.82
CA TYR A 114 -2.14 7.55 0.48
C TYR A 114 -2.25 7.63 -1.02
N VAL A 115 -3.14 6.88 -1.61
CA VAL A 115 -3.28 6.91 -3.03
C VAL A 115 -4.50 7.74 -3.35
N ASN A 116 -4.24 8.88 -3.91
CA ASN A 116 -5.29 9.79 -4.28
C ASN A 116 -5.60 9.60 -5.74
N ASN A 117 -6.84 9.26 -6.03
CA ASN A 117 -7.21 8.84 -7.35
C ASN A 117 -8.03 9.93 -7.98
N GLU A 118 -7.41 10.55 -8.93
CA GLU A 118 -7.93 11.74 -9.52
C GLU A 118 -7.96 11.54 -11.02
N TYR A 119 -9.13 11.73 -11.60
CA TYR A 119 -9.33 11.62 -13.04
C TYR A 119 -8.21 12.23 -13.88
N THR A 120 -8.06 11.68 -15.07
CA THR A 120 -7.02 12.04 -15.99
C THR A 120 -7.51 13.14 -16.88
N GLU A 121 -8.79 13.07 -17.14
CA GLU A 121 -9.46 14.05 -17.95
C GLU A 121 -9.79 15.26 -17.10
N THR A 122 -9.41 16.43 -17.60
CA THR A 122 -9.56 17.69 -16.88
C THR A 122 -11.00 17.92 -16.46
N GLU A 123 -11.95 17.52 -17.31
CA GLU A 123 -13.37 17.70 -17.02
C GLU A 123 -13.80 16.81 -15.88
N LEU A 124 -13.25 15.62 -15.87
CA LEU A 124 -13.60 14.64 -14.88
C LEU A 124 -13.03 15.04 -13.51
N ARG A 125 -11.96 15.82 -13.51
CA ARG A 125 -11.41 16.35 -12.27
C ARG A 125 -12.31 17.47 -11.77
N GLU A 126 -12.79 18.25 -12.73
CA GLU A 126 -13.70 19.34 -12.46
C GLU A 126 -14.95 18.84 -11.75
N ASN A 127 -15.41 17.66 -12.13
CA ASN A 127 -16.56 17.05 -11.49
C ASN A 127 -16.60 15.54 -11.75
N PRO A 128 -16.11 14.75 -10.77
CA PRO A 128 -16.20 13.30 -10.81
C PRO A 128 -17.64 12.83 -10.97
N PRO A 129 -17.94 12.20 -12.10
CA PRO A 129 -19.26 11.63 -12.34
C PRO A 129 -19.64 10.66 -11.23
N VAL A 130 -20.95 10.53 -11.02
CA VAL A 130 -21.52 9.78 -9.90
C VAL A 130 -20.95 8.38 -9.80
N LYS A 131 -20.45 7.86 -10.92
CA LYS A 131 -19.74 6.60 -10.91
C LYS A 131 -18.36 6.74 -11.51
N PRO A 132 -17.37 6.66 -10.62
CA PRO A 132 -15.95 6.71 -10.94
C PRO A 132 -15.57 5.83 -12.13
N ASP A 133 -14.66 6.33 -12.94
CA ASP A 133 -14.12 5.55 -14.03
C ASP A 133 -12.65 5.29 -13.77
N PHE A 134 -12.32 4.03 -13.57
CA PHE A 134 -11.01 3.64 -13.06
C PHE A 134 -9.94 3.70 -14.16
N SER A 135 -10.40 3.73 -15.39
CA SER A 135 -9.53 3.87 -16.54
C SER A 135 -9.21 5.34 -16.84
N LYS A 136 -10.04 6.23 -16.33
CA LYS A 136 -9.76 7.66 -16.39
C LYS A 136 -9.28 8.09 -15.04
N LEU A 137 -9.11 7.12 -14.20
CA LEU A 137 -8.67 7.38 -12.86
C LEU A 137 -7.16 7.40 -12.86
N GLN A 138 -6.58 8.27 -12.06
CA GLN A 138 -5.14 8.39 -12.01
C GLN A 138 -4.67 8.25 -10.58
N ARG A 139 -3.77 7.31 -10.36
CA ARG A 139 -3.25 7.05 -9.04
C ARG A 139 -2.13 8.02 -8.72
N ASN A 140 -2.42 9.01 -7.90
CA ASN A 140 -1.40 9.91 -7.40
C ASN A 140 -0.99 9.44 -6.02
N ILE A 141 0.16 8.81 -5.96
CA ILE A 141 0.63 8.18 -4.75
C ILE A 141 1.27 9.25 -3.87
N LEU A 142 0.56 9.64 -2.82
CA LEU A 142 1.01 10.70 -1.93
C LEU A 142 2.25 10.27 -1.17
N ALA A 143 3.38 10.58 -1.75
CA ALA A 143 4.67 10.32 -1.16
C ALA A 143 4.94 11.32 -0.05
N SER A 144 4.17 12.40 -0.07
CA SER A 144 4.22 13.41 0.97
C SER A 144 3.48 12.94 2.22
N ASN A 145 2.68 11.90 2.06
CA ASN A 145 1.92 11.34 3.17
C ASN A 145 2.03 9.81 3.17
N PRO A 146 3.23 9.27 3.43
CA PRO A 146 3.43 7.84 3.55
C PRO A 146 3.29 7.39 5.00
N ARG A 147 2.21 6.70 5.29
CA ARG A 147 1.94 6.28 6.65
C ARG A 147 2.82 5.10 7.02
N VAL A 148 4.05 5.40 7.38
CA VAL A 148 5.01 4.40 7.78
C VAL A 148 4.77 3.94 9.21
N THR A 149 4.32 2.72 9.37
CA THR A 149 4.14 2.16 10.69
C THR A 149 4.76 0.78 10.76
N ARG A 150 5.89 0.69 11.45
CA ARG A 150 6.57 -0.56 11.60
C ARG A 150 6.43 -1.06 13.02
N PHE A 151 6.09 -2.33 13.12
CA PHE A 151 5.80 -2.96 14.39
C PHE A 151 6.88 -3.97 14.74
N HIS A 152 6.85 -4.47 15.96
CA HIS A 152 7.82 -5.46 16.41
C HIS A 152 7.18 -6.85 16.41
N ILE A 153 7.71 -7.75 15.59
CA ILE A 153 7.20 -9.11 15.51
C ILE A 153 8.30 -10.09 15.89
N ASN A 154 7.96 -11.36 15.86
CA ASN A 154 8.83 -12.40 16.34
C ASN A 154 9.63 -13.06 15.20
N TRP A 155 10.74 -12.43 14.85
CA TRP A 155 11.61 -12.95 13.80
C TRP A 155 12.29 -14.22 14.26
N GLU A 156 12.14 -14.51 15.55
CA GLU A 156 12.73 -15.66 16.17
C GLU A 156 11.60 -16.49 16.70
N ASP A 157 11.86 -17.75 16.93
CA ASP A 157 10.83 -18.64 17.43
C ASP A 157 10.72 -18.52 18.94
N ASN A 158 10.21 -17.37 19.37
CA ASN A 158 9.97 -17.11 20.78
C ASN A 158 8.87 -16.07 20.94
N GLY B 1 -21.13 7.06 11.27
CA GLY B 1 -20.85 6.50 9.93
C GLY B 1 -19.37 6.57 9.60
N ALA B 2 -19.07 6.70 8.32
CA ALA B 2 -17.69 6.75 7.87
C ALA B 2 -17.36 8.09 7.25
N MET B 3 -17.41 9.14 8.06
CA MET B 3 -17.08 10.47 7.59
C MET B 3 -15.62 10.76 7.78
N GLY B 4 -15.02 11.39 6.79
CA GLY B 4 -13.61 11.65 6.80
C GLY B 4 -12.82 10.46 6.29
N LYS B 5 -12.53 10.47 5.00
CA LYS B 5 -11.77 9.39 4.39
C LYS B 5 -10.39 9.28 5.02
N ASP B 6 -9.91 10.40 5.52
CA ASP B 6 -8.63 10.46 6.23
C ASP B 6 -8.62 9.54 7.45
N ILE B 7 -9.64 9.64 8.30
CA ILE B 7 -9.69 8.82 9.52
C ILE B 7 -10.08 7.38 9.19
N GLN B 8 -10.82 7.23 8.11
CA GLN B 8 -11.13 5.92 7.54
C GLN B 8 -9.84 5.16 7.23
N LEU B 9 -9.07 5.72 6.31
CA LEU B 9 -7.82 5.14 5.90
C LEU B 9 -6.91 5.02 7.11
N ALA B 10 -6.86 6.08 7.92
CA ALA B 10 -6.03 6.10 9.13
C ALA B 10 -6.39 4.97 10.08
N ARG B 11 -7.65 4.55 10.11
CA ARG B 11 -8.01 3.35 10.87
C ARG B 11 -7.14 2.20 10.41
N ARG B 12 -7.13 1.98 9.10
CA ARG B 12 -6.37 0.89 8.51
C ARG B 12 -4.86 1.06 8.76
N ILE B 13 -4.38 2.30 8.68
CA ILE B 13 -2.95 2.56 8.81
C ILE B 13 -2.51 2.88 10.24
N ARG B 14 -3.45 2.74 11.18
CA ARG B 14 -3.12 2.86 12.60
C ARG B 14 -2.94 1.48 13.21
N GLY B 15 -3.78 0.54 12.79
CA GLY B 15 -3.73 -0.80 13.33
C GLY B 15 -4.88 -1.66 12.85
N GLU B 16 -5.03 -1.76 11.54
CA GLU B 16 -6.10 -2.57 10.95
C GLU B 16 -5.53 -3.44 9.84
N ARG B 17 -4.20 -3.38 9.74
CA ARG B 17 -3.40 -4.14 8.76
C ARG B 17 -4.06 -5.45 8.32
N ALA B 18 -4.04 -6.44 9.19
CA ALA B 18 -4.71 -7.70 8.93
C ALA B 18 -4.81 -8.52 10.21
N MET A 3 16.63 -6.80 17.50
CA MET A 3 15.48 -7.74 17.52
C MET A 3 14.98 -8.03 16.11
N ALA A 4 14.50 -7.00 15.44
CA ALA A 4 13.95 -7.15 14.11
C ALA A 4 15.04 -7.43 13.10
N LYS A 5 14.69 -8.13 12.03
CA LYS A 5 15.66 -8.56 11.04
C LYS A 5 15.66 -7.64 9.82
N VAL A 6 14.63 -6.81 9.67
CA VAL A 6 14.51 -5.97 8.50
C VAL A 6 13.77 -4.66 8.77
N GLN A 7 14.29 -3.58 8.20
CA GLN A 7 13.66 -2.27 8.22
C GLN A 7 13.58 -1.72 6.81
N VAL A 8 12.41 -1.51 6.24
CA VAL A 8 12.39 -0.73 5.01
C VAL A 8 12.52 0.71 5.37
N ASN A 9 13.36 1.37 4.64
CA ASN A 9 13.84 2.68 4.99
C ASN A 9 13.50 3.64 3.89
N ASN A 10 14.05 3.38 2.71
CA ASN A 10 13.75 4.21 1.57
C ASN A 10 12.78 3.47 0.67
N VAL A 11 11.53 3.81 0.76
CA VAL A 11 10.60 3.27 -0.17
C VAL A 11 10.41 4.27 -1.30
N VAL A 12 11.13 4.04 -2.38
CA VAL A 12 11.13 4.98 -3.47
C VAL A 12 10.05 4.56 -4.47
N VAL A 13 8.90 5.18 -4.36
CA VAL A 13 7.78 4.81 -5.19
C VAL A 13 8.01 5.31 -6.60
N LEU A 14 7.72 4.46 -7.55
CA LEU A 14 8.02 4.72 -8.94
C LEU A 14 6.74 5.04 -9.65
N ASP A 15 5.77 4.18 -9.41
CA ASP A 15 4.41 4.48 -9.80
C ASP A 15 3.84 5.57 -8.89
N ASN A 16 4.26 6.76 -9.22
CA ASN A 16 3.63 8.00 -8.80
C ASN A 16 2.52 8.31 -9.79
N PRO A 17 1.72 9.39 -9.65
CA PRO A 17 0.38 9.43 -10.26
C PRO A 17 0.38 9.05 -11.73
N SER A 18 -0.08 7.83 -11.95
CA SER A 18 -0.16 7.23 -13.26
C SER A 18 -1.54 6.60 -13.47
N PRO A 19 -1.86 6.15 -14.70
CA PRO A 19 -3.08 5.41 -14.96
C PRO A 19 -3.34 4.37 -13.88
N PHE A 20 -4.57 4.28 -13.43
CA PHE A 20 -4.95 3.38 -12.37
C PHE A 20 -4.68 1.93 -12.78
N TYR A 21 -4.69 1.63 -14.07
CA TYR A 21 -4.49 0.26 -14.52
C TYR A 21 -3.01 -0.12 -14.53
N ASN A 22 -2.14 0.85 -14.30
CA ASN A 22 -0.73 0.56 -14.10
C ASN A 22 -0.57 -0.03 -12.70
N PRO A 23 0.33 -0.99 -12.54
CA PRO A 23 0.55 -1.68 -11.27
C PRO A 23 1.37 -0.88 -10.27
N PHE A 24 0.93 -0.89 -9.00
CA PHE A 24 1.55 -0.11 -7.94
C PHE A 24 3.01 -0.48 -7.81
N GLN A 25 3.83 0.50 -8.06
CA GLN A 25 5.24 0.30 -8.28
C GLN A 25 6.07 0.98 -7.21
N PHE A 26 6.62 0.18 -6.33
CA PHE A 26 7.47 0.67 -5.27
C PHE A 26 8.89 0.24 -5.53
N GLU A 27 9.84 0.98 -5.01
CA GLU A 27 11.21 0.54 -4.96
C GLU A 27 11.63 0.55 -3.50
N ILE A 28 11.37 -0.55 -2.83
CA ILE A 28 11.62 -0.61 -1.40
C ILE A 28 13.06 -0.92 -1.07
N THR A 29 13.65 -0.05 -0.30
CA THR A 29 14.99 -0.27 0.21
C THR A 29 14.92 -0.60 1.66
N PHE A 30 15.15 -1.84 1.99
CA PHE A 30 15.20 -2.23 3.36
C PHE A 30 16.56 -2.68 3.74
N GLU A 31 16.87 -2.39 4.94
CA GLU A 31 18.11 -2.75 5.50
C GLU A 31 17.86 -3.95 6.34
N CYS A 32 18.40 -5.06 5.93
CA CYS A 32 18.29 -6.20 6.75
C CYS A 32 19.18 -5.98 7.91
N ILE A 33 18.53 -5.79 9.00
CA ILE A 33 19.20 -5.58 10.24
C ILE A 33 19.82 -6.88 10.66
N GLU A 34 19.17 -7.97 10.30
CA GLU A 34 19.67 -9.28 10.58
C GLU A 34 19.32 -10.24 9.43
N ASP A 35 20.12 -11.28 9.29
CA ASP A 35 19.92 -12.27 8.25
C ASP A 35 18.61 -13.03 8.46
N LEU A 36 17.84 -13.16 7.40
CA LEU A 36 16.53 -13.80 7.48
C LEU A 36 16.68 -15.32 7.38
N SER A 37 15.67 -16.04 7.86
CA SER A 37 15.67 -17.50 7.77
C SER A 37 14.57 -17.98 6.84
N GLU A 38 13.57 -17.12 6.64
CA GLU A 38 12.42 -17.44 5.81
C GLU A 38 12.27 -16.35 4.75
N ASP A 39 11.14 -16.34 4.05
CA ASP A 39 10.91 -15.36 3.02
C ASP A 39 10.22 -14.15 3.63
N LEU A 40 10.48 -13.01 3.05
CA LEU A 40 9.95 -11.75 3.51
C LEU A 40 8.72 -11.39 2.72
N GLU A 41 7.60 -11.18 3.40
CA GLU A 41 6.32 -11.06 2.71
C GLU A 41 5.80 -9.62 2.71
N TRP A 42 6.14 -8.89 1.66
CA TRP A 42 5.65 -7.51 1.51
C TRP A 42 4.33 -7.54 0.78
N LYS A 43 3.35 -6.90 1.35
CA LYS A 43 2.04 -6.94 0.78
C LYS A 43 1.51 -5.55 0.50
N ILE A 44 0.84 -5.41 -0.62
CA ILE A 44 0.23 -4.15 -0.98
C ILE A 44 -1.26 -4.24 -0.76
N ILE A 45 -1.70 -3.55 0.28
CA ILE A 45 -3.08 -3.61 0.71
C ILE A 45 -3.80 -2.38 0.25
N TYR A 46 -4.73 -2.55 -0.66
CA TYR A 46 -5.48 -1.45 -1.18
C TYR A 46 -6.79 -1.35 -0.45
N VAL A 47 -6.96 -0.29 0.29
CA VAL A 47 -8.23 -0.02 0.94
C VAL A 47 -9.33 0.09 -0.12
N GLY A 48 -10.11 -0.98 -0.22
CA GLY A 48 -11.13 -1.08 -1.23
C GLY A 48 -12.15 0.03 -1.13
N SER A 49 -12.62 0.32 0.07
CA SER A 49 -13.52 1.40 0.26
C SER A 49 -13.08 2.23 1.45
N ALA A 50 -13.11 3.53 1.27
CA ALA A 50 -12.91 4.46 2.36
C ALA A 50 -14.24 4.65 3.06
N GLU A 51 -15.28 4.14 2.42
CA GLU A 51 -16.61 4.09 2.97
C GLU A 51 -16.74 2.85 3.86
N SER A 52 -16.02 1.79 3.48
CA SER A 52 -15.82 0.67 4.37
C SER A 52 -14.44 0.07 4.17
N GLU A 53 -13.66 0.15 5.24
CA GLU A 53 -12.28 -0.30 5.26
C GLU A 53 -12.21 -1.81 5.08
N GLU A 54 -13.36 -2.44 5.27
CA GLU A 54 -13.50 -3.88 5.20
C GLU A 54 -13.25 -4.40 3.79
N TYR A 55 -13.15 -3.47 2.84
CA TYR A 55 -12.89 -3.82 1.45
C TYR A 55 -11.39 -3.85 1.15
N ASP A 56 -10.56 -3.69 2.18
CA ASP A 56 -9.11 -3.74 2.03
C ASP A 56 -8.68 -5.05 1.33
N GLN A 57 -8.35 -4.92 0.05
CA GLN A 57 -7.95 -6.06 -0.74
C GLN A 57 -6.43 -6.11 -0.90
N VAL A 58 -5.95 -7.24 -1.38
CA VAL A 58 -4.54 -7.50 -1.52
C VAL A 58 -4.20 -7.65 -2.99
N LEU A 59 -3.28 -6.82 -3.43
CA LEU A 59 -2.86 -6.80 -4.80
C LEU A 59 -1.82 -7.89 -5.06
N ASP A 60 -0.69 -7.77 -4.37
CA ASP A 60 0.38 -8.76 -4.47
C ASP A 60 1.09 -8.87 -3.14
N SER A 61 1.84 -9.94 -2.98
CA SER A 61 2.70 -10.11 -1.85
C SER A 61 4.00 -10.69 -2.35
N VAL A 62 5.07 -9.95 -2.19
CA VAL A 62 6.34 -10.32 -2.77
C VAL A 62 7.21 -10.96 -1.73
N LEU A 63 7.78 -12.09 -2.08
CA LEU A 63 8.61 -12.80 -1.16
C LEU A 63 10.09 -12.58 -1.50
N VAL A 64 10.73 -11.74 -0.71
CA VAL A 64 12.16 -11.55 -0.79
C VAL A 64 12.80 -12.47 0.23
N GLY A 65 13.72 -13.32 -0.20
CA GLY A 65 14.11 -14.45 0.61
C GLY A 65 14.94 -14.07 1.80
N PRO A 66 15.57 -15.05 2.43
CA PRO A 66 16.48 -14.76 3.52
C PRO A 66 17.61 -13.90 3.01
N VAL A 67 17.68 -12.69 3.51
CA VAL A 67 18.65 -11.73 3.05
C VAL A 67 19.60 -11.35 4.18
N PRO A 68 20.90 -11.59 3.97
CA PRO A 68 21.93 -11.23 4.94
C PRO A 68 21.92 -9.74 5.20
N ALA A 69 21.92 -9.37 6.48
CA ALA A 69 21.89 -7.97 6.90
C ALA A 69 22.66 -7.06 5.97
N GLY A 70 22.03 -5.97 5.60
CA GLY A 70 22.59 -5.11 4.61
C GLY A 70 21.51 -4.29 3.96
N ARG A 71 21.60 -3.00 4.09
CA ARG A 71 20.64 -2.12 3.50
C ARG A 71 20.68 -2.19 1.99
N HIS A 72 19.58 -2.68 1.44
CA HIS A 72 19.50 -2.99 0.01
C HIS A 72 18.07 -2.80 -0.51
N MET A 73 17.96 -2.57 -1.81
CA MET A 73 16.67 -2.29 -2.43
C MET A 73 16.15 -3.48 -3.25
N PHE A 74 14.83 -3.54 -3.34
CA PHE A 74 14.11 -4.46 -4.21
C PHE A 74 12.93 -3.71 -4.78
N VAL A 75 12.38 -4.20 -5.86
CA VAL A 75 11.35 -3.45 -6.53
C VAL A 75 10.03 -4.20 -6.53
N PHE A 76 8.99 -3.44 -6.26
CA PHE A 76 7.67 -3.96 -6.00
C PHE A 76 6.70 -3.43 -7.05
N GLN A 77 5.84 -4.30 -7.52
CA GLN A 77 4.75 -3.87 -8.40
C GLN A 77 3.56 -4.77 -8.15
N ALA A 78 2.38 -4.25 -8.37
CA ALA A 78 1.15 -5.00 -8.14
C ALA A 78 -0.01 -4.42 -8.92
N ASP A 79 -0.62 -5.23 -9.78
CA ASP A 79 -1.67 -4.74 -10.68
C ASP A 79 -2.83 -4.16 -9.90
N ALA A 80 -3.57 -3.28 -10.55
CA ALA A 80 -4.57 -2.47 -9.91
C ALA A 80 -5.58 -3.29 -9.14
N PRO A 81 -6.13 -2.68 -8.09
CA PRO A 81 -7.16 -3.30 -7.27
C PRO A 81 -8.44 -3.46 -8.07
N ASN A 82 -9.32 -4.31 -7.59
CA ASN A 82 -10.57 -4.58 -8.29
C ASN A 82 -11.40 -3.33 -8.44
N PRO A 83 -11.66 -2.96 -9.68
CA PRO A 83 -12.52 -1.82 -10.00
C PRO A 83 -13.96 -2.11 -9.60
N GLY A 84 -14.21 -3.35 -9.19
CA GLY A 84 -15.50 -3.74 -8.71
C GLY A 84 -15.55 -3.78 -7.19
N LEU A 85 -14.43 -3.44 -6.54
CA LEU A 85 -14.40 -3.43 -5.09
C LEU A 85 -14.40 -2.00 -4.57
N ILE A 86 -13.87 -1.07 -5.37
CA ILE A 86 -13.95 0.33 -5.00
C ILE A 86 -15.31 0.91 -5.35
N PRO A 87 -15.95 1.56 -4.38
CA PRO A 87 -17.17 2.29 -4.64
C PRO A 87 -16.88 3.67 -5.22
N ASP A 88 -17.87 4.28 -5.84
CA ASP A 88 -17.75 5.63 -6.39
C ASP A 88 -17.10 6.60 -5.43
N ALA A 89 -17.59 6.58 -4.20
CA ALA A 89 -17.23 7.57 -3.21
C ALA A 89 -15.72 7.62 -3.02
N ASP A 90 -15.11 6.45 -3.08
CA ASP A 90 -13.70 6.33 -2.76
C ASP A 90 -12.84 6.12 -4.00
N ALA A 91 -13.47 5.90 -5.14
CA ALA A 91 -12.74 5.61 -6.37
C ALA A 91 -12.09 6.85 -6.93
N VAL A 92 -12.84 7.92 -6.93
CA VAL A 92 -12.41 9.15 -7.52
C VAL A 92 -11.90 10.14 -6.46
N GLY A 93 -11.07 9.61 -5.57
CA GLY A 93 -10.62 10.34 -4.40
C GLY A 93 -9.57 9.58 -3.63
N VAL A 94 -9.69 9.62 -2.30
CA VAL A 94 -8.64 9.16 -1.44
C VAL A 94 -8.88 7.76 -0.89
N THR A 95 -7.80 7.01 -0.86
CA THR A 95 -7.73 5.72 -0.22
C THR A 95 -6.29 5.44 0.08
N VAL A 96 -6.03 4.42 0.83
CA VAL A 96 -4.67 4.15 1.28
C VAL A 96 -4.20 2.78 0.83
N VAL A 97 -2.98 2.75 0.30
CA VAL A 97 -2.35 1.51 -0.06
C VAL A 97 -1.09 1.35 0.79
N LEU A 98 -1.15 0.44 1.74
CA LEU A 98 -0.04 0.24 2.66
C LEU A 98 0.69 -1.03 2.34
N ILE A 99 1.99 -1.06 2.64
CA ILE A 99 2.78 -2.24 2.46
C ILE A 99 3.14 -2.79 3.81
N THR A 100 2.42 -3.80 4.20
CA THR A 100 2.66 -4.46 5.44
C THR A 100 3.49 -5.68 5.18
N CYS A 101 4.68 -5.71 5.71
CA CYS A 101 5.46 -6.91 5.61
C CYS A 101 4.99 -7.91 6.63
N THR A 102 5.30 -9.15 6.38
CA THR A 102 4.75 -10.24 7.10
C THR A 102 5.81 -11.33 7.14
N TYR A 103 6.34 -11.59 8.30
CA TYR A 103 7.35 -12.60 8.42
C TYR A 103 6.88 -13.63 9.44
N ARG A 104 6.75 -14.87 8.97
CA ARG A 104 6.31 -16.00 9.78
C ARG A 104 4.90 -15.80 10.30
N GLY A 105 4.08 -15.13 9.50
CA GLY A 105 2.66 -15.05 9.78
C GLY A 105 2.29 -13.84 10.61
N GLN A 106 3.23 -12.93 10.81
CA GLN A 106 2.93 -11.70 11.51
C GLN A 106 3.49 -10.50 10.77
N GLU A 107 2.66 -9.48 10.62
CA GLU A 107 3.02 -8.27 9.91
C GLU A 107 3.83 -7.35 10.82
N PHE A 108 4.95 -6.84 10.30
CA PHE A 108 5.89 -6.08 11.12
C PHE A 108 6.19 -4.69 10.58
N ILE A 109 5.58 -4.30 9.48
CA ILE A 109 5.76 -2.97 9.00
C ILE A 109 4.59 -2.60 8.13
N ARG A 110 4.38 -1.33 7.94
CA ARG A 110 3.26 -0.84 7.19
C ARG A 110 3.60 0.51 6.59
N VAL A 111 3.85 0.56 5.29
CA VAL A 111 4.05 1.85 4.65
C VAL A 111 2.71 2.30 4.06
N GLY A 112 2.04 3.21 4.74
CA GLY A 112 0.75 3.62 4.28
C GLY A 112 0.83 4.79 3.34
N TYR A 113 0.69 4.47 2.08
CA TYR A 113 0.74 5.47 1.03
C TYR A 113 -0.65 5.87 0.61
N TYR A 114 -0.93 7.14 0.73
CA TYR A 114 -2.20 7.67 0.29
C TYR A 114 -2.31 7.62 -1.21
N VAL A 115 -3.23 6.85 -1.72
CA VAL A 115 -3.45 6.81 -3.14
C VAL A 115 -4.66 7.65 -3.46
N ASN A 116 -4.38 8.76 -4.08
CA ASN A 116 -5.39 9.69 -4.50
C ASN A 116 -5.75 9.46 -5.96
N ASN A 117 -6.89 8.83 -6.19
CA ASN A 117 -7.28 8.48 -7.54
C ASN A 117 -8.05 9.63 -8.14
N GLU A 118 -7.45 10.29 -9.09
CA GLU A 118 -8.07 11.44 -9.70
C GLU A 118 -8.09 11.23 -11.19
N TYR A 119 -9.24 11.43 -11.78
CA TYR A 119 -9.40 11.37 -13.23
C TYR A 119 -8.23 11.96 -14.00
N THR A 120 -8.01 11.41 -15.18
CA THR A 120 -6.88 11.75 -16.01
C THR A 120 -7.22 12.97 -16.79
N GLU A 121 -8.48 13.02 -17.14
CA GLU A 121 -9.01 14.14 -17.85
C GLU A 121 -9.42 15.21 -16.85
N THR A 122 -8.81 16.37 -16.95
CA THR A 122 -9.02 17.46 -16.00
C THR A 122 -10.49 17.81 -15.86
N GLU A 123 -11.26 17.66 -16.93
CA GLU A 123 -12.68 17.96 -16.90
C GLU A 123 -13.41 16.95 -16.05
N LEU A 124 -12.90 15.73 -16.06
CA LEU A 124 -13.45 14.67 -15.24
C LEU A 124 -13.07 14.89 -13.78
N ARG A 125 -11.96 15.57 -13.54
CA ARG A 125 -11.53 15.89 -12.19
C ARG A 125 -12.40 16.99 -11.64
N GLU A 126 -12.71 17.92 -12.53
CA GLU A 126 -13.61 19.02 -12.20
C GLU A 126 -14.97 18.51 -11.74
N ASN A 127 -15.44 17.47 -12.41
CA ASN A 127 -16.73 16.89 -12.07
C ASN A 127 -16.73 15.39 -12.31
N PRO A 128 -16.28 14.63 -11.29
CA PRO A 128 -16.29 13.16 -11.34
C PRO A 128 -17.68 12.63 -11.57
N PRO A 129 -17.89 12.00 -12.72
CA PRO A 129 -19.16 11.35 -13.03
C PRO A 129 -19.52 10.35 -11.94
N VAL A 130 -20.80 10.29 -11.62
CA VAL A 130 -21.31 9.52 -10.48
C VAL A 130 -20.87 8.05 -10.50
N LYS A 131 -20.35 7.61 -11.63
CA LYS A 131 -19.68 6.35 -11.69
C LYS A 131 -18.27 6.47 -12.25
N PRO A 132 -17.33 6.49 -11.31
CA PRO A 132 -15.90 6.60 -11.55
C PRO A 132 -15.42 5.72 -12.68
N ASP A 133 -14.44 6.21 -13.42
CA ASP A 133 -13.83 5.44 -14.48
C ASP A 133 -12.40 5.14 -14.11
N PHE A 134 -12.12 3.88 -13.85
CA PHE A 134 -10.85 3.44 -13.28
C PHE A 134 -9.75 3.45 -14.36
N SER A 135 -10.19 3.62 -15.57
CA SER A 135 -9.32 3.70 -16.74
C SER A 135 -8.93 5.16 -17.00
N LYS A 136 -9.86 6.07 -16.73
CA LYS A 136 -9.59 7.50 -16.76
C LYS A 136 -9.20 7.93 -15.38
N LEU A 137 -8.84 6.96 -14.60
CA LEU A 137 -8.50 7.19 -13.25
C LEU A 137 -6.99 7.20 -13.11
N GLN A 138 -6.49 8.24 -12.48
CA GLN A 138 -5.06 8.42 -12.34
C GLN A 138 -4.71 8.48 -10.86
N ARG A 139 -4.03 7.47 -10.38
CA ARG A 139 -3.75 7.38 -8.96
C ARG A 139 -2.43 8.06 -8.60
N ASN A 140 -2.52 9.14 -7.84
CA ASN A 140 -1.35 9.80 -7.30
C ASN A 140 -1.01 9.20 -5.95
N ILE A 141 0.10 8.53 -5.92
CA ILE A 141 0.58 7.93 -4.71
C ILE A 141 1.34 8.99 -3.91
N LEU A 142 0.70 9.50 -2.87
CA LEU A 142 1.26 10.57 -2.06
C LEU A 142 2.52 10.12 -1.36
N ALA A 143 3.63 10.25 -2.05
CA ALA A 143 4.93 9.89 -1.52
C ALA A 143 5.39 10.95 -0.54
N SER A 144 4.68 12.07 -0.56
CA SER A 144 4.91 13.14 0.39
C SER A 144 4.25 12.81 1.73
N ASN A 145 3.55 11.68 1.80
CA ASN A 145 2.93 11.23 3.03
C ASN A 145 2.99 9.71 3.15
N PRO A 146 4.18 9.13 3.40
CA PRO A 146 4.33 7.70 3.61
C PRO A 146 4.20 7.35 5.09
N ARG A 147 3.08 6.77 5.45
CA ARG A 147 2.81 6.45 6.82
C ARG A 147 3.48 5.15 7.21
N VAL A 148 4.76 5.22 7.53
CA VAL A 148 5.52 4.06 7.94
C VAL A 148 5.21 3.70 9.39
N THR A 149 4.93 2.43 9.64
CA THR A 149 4.67 1.95 10.98
C THR A 149 5.07 0.49 11.10
N ARG A 150 6.11 0.27 11.86
CA ARG A 150 6.69 -1.03 12.00
C ARG A 150 6.40 -1.60 13.38
N PHE A 151 6.09 -2.87 13.37
CA PHE A 151 5.72 -3.59 14.57
C PHE A 151 6.75 -4.69 14.84
N HIS A 152 6.68 -5.29 16.01
CA HIS A 152 7.67 -6.28 16.43
C HIS A 152 7.10 -7.69 16.28
N ILE A 153 7.78 -8.54 15.51
CA ILE A 153 7.29 -9.89 15.26
C ILE A 153 8.36 -10.92 15.52
N ASN A 154 8.00 -12.16 15.25
CA ASN A 154 8.80 -13.32 15.60
C ASN A 154 9.63 -13.82 14.41
N TRP A 155 10.78 -13.22 14.20
CA TRP A 155 11.64 -13.62 13.11
C TRP A 155 12.24 -15.00 13.37
N GLU A 156 12.01 -15.49 14.55
CA GLU A 156 12.45 -16.80 14.97
C GLU A 156 11.27 -17.47 15.59
N ASP A 157 11.26 -18.78 15.57
CA ASP A 157 10.12 -19.54 16.04
C ASP A 157 10.05 -19.53 17.57
N ASN A 158 9.71 -18.37 18.10
CA ASN A 158 9.45 -18.21 19.52
C ASN A 158 7.97 -17.95 19.75
N GLY B 1 -21.39 4.01 8.39
CA GLY B 1 -20.80 4.70 7.22
C GLY B 1 -19.73 5.69 7.64
N ALA B 2 -18.92 6.10 6.69
CA ALA B 2 -17.84 7.04 6.95
C ALA B 2 -17.98 8.29 6.08
N MET B 3 -18.41 8.07 4.83
CA MET B 3 -18.56 9.15 3.85
C MET B 3 -17.22 9.75 3.48
N GLY B 4 -16.68 10.58 4.37
CA GLY B 4 -15.37 11.16 4.17
C GLY B 4 -14.28 10.13 4.35
N LYS B 5 -13.15 10.34 3.69
CA LYS B 5 -12.11 9.33 3.64
C LYS B 5 -11.22 9.45 4.87
N ASP B 6 -11.01 10.69 5.27
CA ASP B 6 -10.22 11.07 6.47
C ASP B 6 -10.25 10.04 7.61
N ILE B 7 -11.43 9.53 7.97
CA ILE B 7 -11.55 8.66 9.13
C ILE B 7 -10.96 7.29 8.83
N GLN B 8 -11.20 6.84 7.62
CA GLN B 8 -10.75 5.53 7.19
C GLN B 8 -9.24 5.50 7.15
N LEU B 9 -8.70 6.64 6.73
CA LEU B 9 -7.27 6.83 6.62
C LEU B 9 -6.63 6.64 7.99
N ALA B 10 -7.18 7.31 8.98
CA ALA B 10 -6.64 7.28 10.33
C ALA B 10 -6.70 5.87 10.92
N ARG B 11 -7.80 5.16 10.72
CA ARG B 11 -7.95 3.81 11.27
C ARG B 11 -6.82 2.87 10.81
N ARG B 12 -6.79 2.61 9.51
CA ARG B 12 -5.83 1.66 8.96
C ARG B 12 -4.41 2.11 9.23
N ILE B 13 -4.26 3.43 9.31
CA ILE B 13 -2.97 4.06 9.47
C ILE B 13 -2.57 4.21 10.95
N ARG B 14 -3.50 3.89 11.86
CA ARG B 14 -3.13 3.74 13.26
C ARG B 14 -2.45 2.39 13.45
N GLY B 15 -2.95 1.40 12.71
CA GLY B 15 -2.32 0.08 12.75
C GLY B 15 -3.33 -1.03 12.72
N GLU B 16 -4.05 -1.14 11.61
CA GLU B 16 -5.06 -2.18 11.48
C GLU B 16 -4.46 -3.53 11.11
N ARG B 17 -3.50 -3.53 10.19
CA ARG B 17 -2.88 -4.72 9.64
C ARG B 17 -3.88 -5.61 8.92
N ALA B 18 -3.50 -5.93 7.72
CA ALA B 18 -4.33 -6.71 6.81
C ALA B 18 -3.78 -8.13 6.64
#